data_8GK0
#
_entry.id   8GK0
#
_cell.length_a   1.00
_cell.length_b   1.00
_cell.length_c   1.00
_cell.angle_alpha   90.00
_cell.angle_beta   90.00
_cell.angle_gamma   90.00
#
_symmetry.space_group_name_H-M   'P 1'
#
loop_
_entity.id
_entity.type
_entity.pdbx_description
1 polymer 'Efflux pump membrane transporter'
2 non-polymer 'ERYTHROMYCIN A'
#
_entity_poly.entity_id   1
_entity_poly.type   'polypeptide(L)'
_entity_poly.pdbx_seq_one_letter_code
;MFSKFFIERPIFASVVAIIISIAGIIGLANLPVEQYPSLTPPTVQVSATYTGADAQTIASTVATPIEDAINGVDNMIYMD
STSSPGQMKLTVYFNIGTDPDQAAIDVNNRISAATAKLPEAVKKLGVTVRKSSSTILEVVSVYSEDSSMNDIDIYNYVSL
NILDELKRIPGVGDASAIGNKNYSMRIWLEPDLLNKFGVTANDVINAVNDQNAQYATGKIGEEPVVNKSPQVISITMQGR
LQTPQEFENIILRVNEDKSFLRIKDVAKVEIGAEQYNSTGRLNTSAAVPIIINLQSGANAVNTAKLINEKMQELSKNFPQ
GLKYQIPYDTTIFVKASIKEVIKTFVEALALVLVVMYLFLKNFKSTIIPMIAVPVSLLGTFAVLYVLGFSINLLTLFALV
LAIGIVVDDAIIVVENIDRILHEDSNISVKDAAIKAMNEVSSPVISIVLVLCAVFIPVSFISGFVGEIQRQFALTLAISV
AISGFVALTLTPSLSALFLTRNESKPFYFIQKFNDFFDWSTSVFSSGVAYILKRTIRFVLVFCIMIGFIAYLFKIVPSSL
VPSEDQGVIMSIINLPSGSSIHRTIEEVDTINKNATQMKEISSSVSLIGFDLFTSSLKENAAAVFFILKDWSQREASSDQ
IIAQLFGQYAADRNALSYFLNLPPIPGLSLTGGFEMYAQNKSGKDYDAIQQDVNKMLELARTRKELANVRTTLDTSFPQY
KLIIDRDKMKYYNLNMQDVFNTISATIGTYYVNDFPMLGKNFQVNIRALGDFRNTQDALKNIYIRSSDNKMIPLNSFLTL
VRSAGPDDVKRFNLFPAALIQGDPAPGYTSGQAIDAIAEVAKQSLGDEYSIAWSGSAYQEVSSKGAGAYAFVLGMIFVFL
ILAAQYERWLMPLAVITAVPFAVFGSILLVALRGFDNDIYFQTGLLLLIGLSAKNAILIIEFAMEERLKKGKSIFEAAIN
AAKLRFRPIIMTSLAFTFGVLPMIFATGAGSASRHSLGTGLIGGMIAASTLAIFFVPLFFYLLENFNEWLDKKRGKVHE
;
_entity_poly.pdbx_strand_id   B,A,C
#
# COMPACT_ATOMS: atom_id res chain seq x y z
N MET A 1 13.60 9.78 44.30
CA MET A 1 14.96 10.24 44.03
C MET A 1 15.14 10.58 42.56
N PHE A 2 14.10 10.29 41.76
CA PHE A 2 14.11 10.67 40.35
C PHE A 2 14.25 12.18 40.25
N SER A 3 13.39 12.92 40.94
CA SER A 3 13.42 14.37 40.89
C SER A 3 14.64 14.93 41.60
N LYS A 4 15.05 14.30 42.71
CA LYS A 4 16.20 14.80 43.47
C LYS A 4 17.45 14.81 42.61
N PHE A 5 17.64 13.79 41.77
CA PHE A 5 18.87 13.68 40.99
C PHE A 5 19.01 14.85 40.01
N PHE A 6 17.90 15.33 39.45
CA PHE A 6 17.98 16.43 38.49
C PHE A 6 18.26 17.76 39.18
N ILE A 7 17.76 17.95 40.41
CA ILE A 7 17.98 19.21 41.10
C ILE A 7 19.46 19.37 41.46
N GLU A 8 20.13 18.26 41.77
CA GLU A 8 21.56 18.31 42.03
C GLU A 8 22.32 18.71 40.76
N ARG A 9 21.79 18.34 39.61
CA ARG A 9 22.41 18.62 38.32
C ARG A 9 21.52 19.55 37.51
N PRO A 10 21.55 20.86 37.77
CA PRO A 10 20.67 21.77 37.00
C PRO A 10 20.96 21.75 35.51
N ILE A 11 22.21 21.50 35.13
CA ILE A 11 22.56 21.46 33.72
C ILE A 11 21.85 20.29 33.03
N PHE A 12 21.69 19.17 33.74
CA PHE A 12 20.98 18.04 33.15
C PHE A 12 19.54 18.38 32.85
N ALA A 13 18.84 18.99 33.82
CA ALA A 13 17.45 19.39 33.58
C ALA A 13 17.36 20.41 32.46
N SER A 14 18.26 21.39 32.45
CA SER A 14 18.23 22.41 31.41
C SER A 14 18.46 21.79 30.03
N VAL A 15 19.41 20.87 29.93
CA VAL A 15 19.71 20.27 28.62
C VAL A 15 18.55 19.39 28.17
N VAL A 16 17.88 18.71 29.10
CA VAL A 16 16.67 17.98 28.74
C VAL A 16 15.62 18.95 28.21
N ALA A 17 15.51 20.11 28.85
CA ALA A 17 14.56 21.13 28.39
C ALA A 17 14.87 21.57 26.97
N ILE A 18 16.12 21.88 26.68
CA ILE A 18 16.47 22.37 25.34
C ILE A 18 16.28 21.26 24.31
N ILE A 19 16.63 20.02 24.66
CA ILE A 19 16.41 18.92 23.73
C ILE A 19 14.93 18.78 23.40
N ILE A 20 14.07 18.84 24.42
CA ILE A 20 12.63 18.73 24.19
C ILE A 20 12.15 19.90 23.34
N SER A 21 12.65 21.11 23.61
CA SER A 21 12.21 22.28 22.86
C SER A 21 12.60 22.19 21.39
N ILE A 22 13.82 21.75 21.10
CA ILE A 22 14.24 21.61 19.71
C ILE A 22 13.48 20.49 19.01
N ALA A 23 13.21 19.40 19.73
CA ALA A 23 12.38 18.34 19.15
C ALA A 23 10.99 18.87 18.81
N GLY A 24 10.42 19.69 19.68
CA GLY A 24 9.11 20.27 19.41
C GLY A 24 9.13 21.24 18.24
N ILE A 25 10.20 22.02 18.12
CA ILE A 25 10.33 22.92 16.98
C ILE A 25 10.40 22.13 15.68
N ILE A 26 11.17 21.04 15.70
CA ILE A 26 11.26 20.18 14.51
C ILE A 26 9.89 19.59 14.18
N GLY A 27 9.18 19.13 15.20
CA GLY A 27 7.85 18.59 14.97
C GLY A 27 6.90 19.61 14.38
N LEU A 28 6.90 20.83 14.92
CA LEU A 28 6.01 21.87 14.41
C LEU A 28 6.36 22.23 12.98
N ALA A 29 7.66 22.26 12.65
CA ALA A 29 8.06 22.53 11.28
C ALA A 29 7.58 21.41 10.35
N ASN A 30 7.70 20.16 10.79
CA ASN A 30 7.40 19.04 9.90
C ASN A 30 5.90 18.83 9.73
N LEU A 31 5.13 19.00 10.80
CA LEU A 31 3.72 18.66 10.75
C LEU A 31 2.96 19.57 9.79
N PRO A 32 2.00 19.04 9.04
CA PRO A 32 1.08 19.90 8.30
C PRO A 32 0.04 20.51 9.22
N VAL A 33 -0.52 21.63 8.79
CA VAL A 33 -1.62 22.29 9.48
C VAL A 33 -2.87 22.14 8.62
N GLU A 34 -4.01 21.95 9.28
CA GLU A 34 -5.25 21.60 8.61
C GLU A 34 -6.43 22.23 9.33
N GLN A 35 -7.52 22.45 8.58
CA GLN A 35 -8.66 23.18 9.14
C GLN A 35 -9.32 22.39 10.27
N TYR A 36 -9.96 21.29 9.94
CA TYR A 36 -10.70 20.45 10.87
C TYR A 36 -10.26 19.01 10.68
N PRO A 37 -10.45 18.16 11.71
CA PRO A 37 -10.17 16.73 11.53
C PRO A 37 -10.90 16.18 10.31
N SER A 38 -10.12 15.61 9.39
CA SER A 38 -10.62 15.25 8.07
C SER A 38 -11.65 14.14 8.18
N LEU A 39 -12.93 14.48 7.95
CA LEU A 39 -14.01 13.51 7.93
C LEU A 39 -14.67 13.40 6.57
N THR A 40 -14.17 14.08 5.55
CA THR A 40 -14.71 13.91 4.22
C THR A 40 -14.38 12.50 3.72
N PRO A 41 -15.40 11.72 3.37
CA PRO A 41 -15.15 10.37 2.87
C PRO A 41 -14.31 10.42 1.61
N PRO A 42 -13.31 9.56 1.48
CA PRO A 42 -12.48 9.57 0.27
C PRO A 42 -13.33 9.31 -0.97
N THR A 43 -13.06 10.08 -2.02
CA THR A 43 -13.89 10.08 -3.21
C THR A 43 -13.03 9.78 -4.43
N VAL A 44 -13.63 9.09 -5.39
CA VAL A 44 -13.01 8.83 -6.69
C VAL A 44 -13.98 9.31 -7.76
N GLN A 45 -13.48 10.16 -8.65
CA GLN A 45 -14.30 10.80 -9.68
C GLN A 45 -14.08 10.13 -11.01
N VAL A 46 -15.17 9.77 -11.69
CA VAL A 46 -15.13 9.14 -13.00
C VAL A 46 -15.84 10.08 -13.97
N SER A 47 -15.16 10.46 -15.04
CA SER A 47 -15.68 11.40 -16.01
C SER A 47 -15.58 10.82 -17.42
N ALA A 48 -16.69 10.87 -18.16
CA ALA A 48 -16.73 10.45 -19.54
C ALA A 48 -17.49 11.49 -20.35
N THR A 49 -17.10 11.66 -21.61
CA THR A 49 -17.67 12.68 -22.47
C THR A 49 -18.22 12.03 -23.73
N TYR A 50 -19.52 12.19 -23.95
CA TYR A 50 -20.20 11.72 -25.15
C TYR A 50 -20.76 12.97 -25.83
N THR A 51 -19.97 13.56 -26.72
CA THR A 51 -20.32 14.84 -27.32
C THR A 51 -21.59 14.72 -28.15
N GLY A 52 -22.43 15.75 -28.07
CA GLY A 52 -23.67 15.78 -28.83
C GLY A 52 -24.66 14.69 -28.48
N ALA A 53 -24.72 14.29 -27.22
CA ALA A 53 -25.63 13.25 -26.76
C ALA A 53 -26.53 13.81 -25.66
N ASP A 54 -27.82 13.53 -25.76
CA ASP A 54 -28.76 13.94 -24.74
C ASP A 54 -28.48 13.23 -23.42
N ALA A 55 -29.13 13.71 -22.35
CA ALA A 55 -28.89 13.16 -21.02
C ALA A 55 -29.31 11.71 -20.91
N GLN A 56 -30.47 11.36 -21.49
CA GLN A 56 -30.98 9.99 -21.35
C GLN A 56 -30.06 8.98 -22.00
N THR A 57 -29.56 9.28 -23.20
CA THR A 57 -28.65 8.35 -23.87
C THR A 57 -27.37 8.17 -23.08
N ILE A 58 -26.83 9.25 -22.53
CA ILE A 58 -25.64 9.14 -21.70
C ILE A 58 -25.91 8.26 -20.49
N ALA A 59 -26.99 8.55 -19.76
CA ALA A 59 -27.33 7.76 -18.58
C ALA A 59 -27.59 6.30 -18.91
N SER A 60 -28.05 5.99 -20.12
CA SER A 60 -28.36 4.61 -20.48
C SER A 60 -27.15 3.85 -21.01
N THR A 61 -26.22 4.54 -21.68
CA THR A 61 -25.14 3.84 -22.36
C THR A 61 -23.80 3.99 -21.64
N VAL A 62 -23.48 5.20 -21.16
CA VAL A 62 -22.18 5.43 -20.56
C VAL A 62 -22.21 5.14 -19.07
N ALA A 63 -23.28 5.57 -18.39
CA ALA A 63 -23.34 5.51 -16.94
C ALA A 63 -23.63 4.11 -16.41
N THR A 64 -24.67 3.46 -16.92
CA THR A 64 -25.08 2.17 -16.37
C THR A 64 -24.00 1.10 -16.46
N PRO A 65 -23.32 0.89 -17.59
CA PRO A 65 -22.23 -0.11 -17.58
C PRO A 65 -21.12 0.22 -16.62
N ILE A 66 -20.66 1.47 -16.61
CA ILE A 66 -19.57 1.85 -15.72
C ILE A 66 -19.98 1.66 -14.26
N GLU A 67 -21.16 2.18 -13.89
CA GLU A 67 -21.58 2.14 -12.50
C GLU A 67 -21.94 0.73 -12.05
N ASP A 68 -22.34 -0.15 -12.96
CA ASP A 68 -22.54 -1.55 -12.57
C ASP A 68 -21.21 -2.27 -12.46
N ALA A 69 -20.19 -1.81 -13.21
CA ALA A 69 -18.85 -2.37 -13.08
C ALA A 69 -18.19 -1.97 -11.77
N ILE A 70 -18.46 -0.77 -11.26
CA ILE A 70 -17.85 -0.36 -10.00
C ILE A 70 -18.85 -0.54 -8.86
N ASN A 71 -19.79 -1.46 -9.05
CA ASN A 71 -20.77 -1.72 -8.00
C ASN A 71 -20.17 -2.56 -6.88
N GLY A 72 -18.98 -3.12 -7.09
CA GLY A 72 -18.40 -3.99 -6.10
C GLY A 72 -17.01 -3.60 -5.63
N VAL A 73 -16.72 -2.30 -5.60
CA VAL A 73 -15.42 -1.85 -5.14
C VAL A 73 -15.29 -2.11 -3.64
N ASP A 74 -14.07 -2.40 -3.20
CA ASP A 74 -13.82 -2.64 -1.79
C ASP A 74 -14.02 -1.36 -0.99
N ASN A 75 -14.76 -1.46 0.11
CA ASN A 75 -14.98 -0.34 1.03
C ASN A 75 -15.60 0.87 0.32
N MET A 76 -16.45 0.61 -0.66
CA MET A 76 -17.21 1.66 -1.33
C MET A 76 -18.57 1.73 -0.67
N ILE A 77 -18.94 2.91 -0.19
CA ILE A 77 -20.13 3.03 0.65
C ILE A 77 -21.35 3.39 -0.19
N TYR A 78 -21.24 4.44 -1.01
CA TYR A 78 -22.29 4.76 -1.97
C TYR A 78 -21.66 5.48 -3.15
N MET A 79 -22.35 5.45 -4.28
CA MET A 79 -21.89 6.09 -5.50
C MET A 79 -22.98 7.00 -6.04
N ASP A 80 -22.57 8.09 -6.67
CA ASP A 80 -23.49 9.08 -7.22
C ASP A 80 -23.06 9.39 -8.64
N SER A 81 -24.01 9.36 -9.57
CA SER A 81 -23.75 9.63 -10.97
C SER A 81 -24.70 10.70 -11.47
N THR A 82 -24.15 11.72 -12.10
CA THR A 82 -24.94 12.78 -12.74
C THR A 82 -24.66 12.76 -14.23
N SER A 83 -25.72 12.74 -15.03
CA SER A 83 -25.62 12.70 -16.48
C SER A 83 -26.18 14.00 -17.04
N SER A 84 -25.39 14.68 -17.86
CA SER A 84 -25.75 15.94 -18.49
C SER A 84 -25.49 15.81 -19.98
N PRO A 85 -26.19 16.60 -20.80
CA PRO A 85 -25.96 16.51 -22.25
C PRO A 85 -24.51 16.76 -22.60
N GLY A 86 -23.84 15.72 -23.09
CA GLY A 86 -22.46 15.81 -23.52
C GLY A 86 -21.44 15.27 -22.54
N GLN A 87 -21.81 15.05 -21.28
CA GLN A 87 -20.85 14.63 -20.29
C GLN A 87 -21.50 13.76 -19.24
N MET A 88 -20.69 12.88 -18.64
CA MET A 88 -21.13 12.09 -17.49
C MET A 88 -20.08 12.26 -16.39
N LYS A 89 -20.54 12.53 -15.18
CA LYS A 89 -19.67 12.58 -14.01
C LYS A 89 -20.22 11.65 -12.95
N LEU A 90 -19.39 10.71 -12.50
CA LEU A 90 -19.78 9.73 -11.50
C LEU A 90 -18.78 9.79 -10.35
N THR A 91 -19.29 10.00 -9.14
CA THR A 91 -18.45 10.09 -7.95
C THR A 91 -18.74 8.89 -7.06
N VAL A 92 -17.69 8.17 -6.68
CA VAL A 92 -17.79 7.00 -5.82
C VAL A 92 -17.21 7.36 -4.46
N TYR A 93 -18.01 7.15 -3.42
CA TYR A 93 -17.59 7.45 -2.06
C TYR A 93 -17.11 6.19 -1.37
N PHE A 94 -16.27 6.37 -0.35
CA PHE A 94 -15.64 5.25 0.33
C PHE A 94 -15.72 5.46 1.84
N ASN A 95 -15.53 4.37 2.58
CA ASN A 95 -15.53 4.44 4.03
C ASN A 95 -14.35 5.27 4.52
N ILE A 96 -14.53 5.89 5.69
CA ILE A 96 -13.45 6.70 6.26
C ILE A 96 -12.27 5.80 6.60
N GLY A 97 -11.07 6.25 6.21
CA GLY A 97 -9.86 5.53 6.52
C GLY A 97 -9.29 4.69 5.38
N THR A 98 -10.06 4.46 4.32
CA THR A 98 -9.53 3.72 3.18
C THR A 98 -8.42 4.53 2.50
N ASP A 99 -7.45 3.84 1.95
CA ASP A 99 -6.39 4.50 1.22
C ASP A 99 -6.94 5.05 -0.09
N PRO A 100 -6.89 6.37 -0.32
CA PRO A 100 -7.46 6.91 -1.57
C PRO A 100 -6.81 6.35 -2.82
N ASP A 101 -5.50 6.12 -2.79
CA ASP A 101 -4.83 5.52 -3.93
C ASP A 101 -5.32 4.11 -4.20
N GLN A 102 -5.46 3.30 -3.15
CA GLN A 102 -5.96 1.94 -3.33
C GLN A 102 -7.39 1.96 -3.86
N ALA A 103 -8.22 2.86 -3.34
CA ALA A 103 -9.59 2.97 -3.84
C ALA A 103 -9.61 3.34 -5.31
N ALA A 104 -8.76 4.28 -5.71
CA ALA A 104 -8.69 4.66 -7.12
C ALA A 104 -8.24 3.48 -7.98
N ILE A 105 -7.25 2.72 -7.51
CA ILE A 105 -6.78 1.58 -8.30
C ILE A 105 -7.87 0.53 -8.46
N ASP A 106 -8.60 0.24 -7.38
CA ASP A 106 -9.71 -0.71 -7.49
C ASP A 106 -10.79 -0.20 -8.43
N VAL A 107 -11.10 1.10 -8.37
CA VAL A 107 -12.11 1.64 -9.26
C VAL A 107 -11.69 1.50 -10.71
N ASN A 108 -10.43 1.81 -11.02
CA ASN A 108 -9.96 1.67 -12.40
C ASN A 108 -9.95 0.22 -12.84
N ASN A 109 -9.55 -0.68 -11.93
CA ASN A 109 -9.54 -2.11 -12.25
C ASN A 109 -10.94 -2.59 -12.60
N ARG A 110 -11.94 -2.18 -11.84
CA ARG A 110 -13.30 -2.60 -12.13
C ARG A 110 -13.85 -1.91 -13.38
N ILE A 111 -13.42 -0.68 -13.64
CA ILE A 111 -13.89 0.06 -14.80
C ILE A 111 -13.33 -0.50 -16.10
N SER A 112 -12.11 -1.05 -16.08
CA SER A 112 -11.44 -1.48 -17.30
C SER A 112 -12.32 -2.39 -18.14
N ALA A 113 -13.09 -3.27 -17.49
CA ALA A 113 -13.98 -4.16 -18.23
C ALA A 113 -15.09 -3.39 -18.92
N ALA A 114 -15.68 -2.40 -18.25
CA ALA A 114 -16.85 -1.72 -18.79
C ALA A 114 -16.48 -0.74 -19.91
N THR A 115 -15.20 -0.42 -20.06
CA THR A 115 -14.80 0.54 -21.09
C THR A 115 -15.08 0.00 -22.49
N ALA A 116 -15.02 -1.32 -22.65
CA ALA A 116 -15.29 -1.92 -23.96
C ALA A 116 -16.74 -1.71 -24.37
N LYS A 117 -17.68 -1.84 -23.43
CA LYS A 117 -19.09 -1.74 -23.76
C LYS A 117 -19.51 -0.30 -24.06
N LEU A 118 -18.66 0.68 -23.74
CA LEU A 118 -18.99 2.06 -23.98
C LEU A 118 -18.99 2.34 -25.49
N PRO A 119 -19.73 3.35 -25.93
CA PRO A 119 -19.73 3.71 -27.36
C PRO A 119 -18.34 4.14 -27.82
N GLU A 120 -18.17 4.15 -29.15
CA GLU A 120 -16.86 4.44 -29.72
C GLU A 120 -16.41 5.87 -29.42
N ALA A 121 -17.34 6.82 -29.51
CA ALA A 121 -16.98 8.22 -29.25
C ALA A 121 -16.54 8.42 -27.80
N VAL A 122 -17.22 7.75 -26.87
CA VAL A 122 -16.91 7.92 -25.46
C VAL A 122 -15.50 7.45 -25.16
N LYS A 123 -15.13 6.27 -25.65
CA LYS A 123 -13.78 5.77 -25.42
C LYS A 123 -12.75 6.55 -26.22
N LYS A 124 -13.12 7.05 -27.40
CA LYS A 124 -12.21 7.89 -28.17
C LYS A 124 -11.86 9.15 -27.40
N LEU A 125 -12.85 9.78 -26.76
CA LEU A 125 -12.53 10.89 -25.86
C LEU A 125 -11.82 10.42 -24.61
N GLY A 126 -12.13 9.21 -24.15
CA GLY A 126 -11.45 8.64 -23.02
C GLY A 126 -12.23 8.86 -21.73
N VAL A 127 -12.05 7.92 -20.79
CA VAL A 127 -12.66 7.99 -19.47
C VAL A 127 -11.57 8.29 -18.46
N THR A 128 -11.71 9.41 -17.75
CA THR A 128 -10.72 9.85 -16.77
C THR A 128 -11.21 9.53 -15.38
N VAL A 129 -10.39 8.83 -14.61
CA VAL A 129 -10.70 8.50 -13.23
C VAL A 129 -9.63 9.16 -12.35
N ARG A 130 -10.08 10.07 -11.48
CA ARG A 130 -9.18 10.81 -10.60
C ARG A 130 -9.61 10.63 -9.15
N LYS A 131 -8.82 11.19 -8.25
CA LYS A 131 -9.10 11.16 -6.82
C LYS A 131 -9.66 12.49 -6.32
N SER A 132 -10.13 13.34 -7.22
CA SER A 132 -10.61 14.65 -6.83
C SER A 132 -11.89 14.55 -6.00
N SER A 133 -12.07 15.51 -5.08
CA SER A 133 -13.26 15.51 -4.25
C SER A 133 -14.41 16.28 -4.91
N SER A 134 -14.17 16.88 -6.07
CA SER A 134 -15.11 17.72 -6.80
C SER A 134 -15.51 18.96 -6.01
N THR A 135 -14.78 19.28 -4.95
CA THR A 135 -15.01 20.49 -4.18
C THR A 135 -13.90 21.49 -4.53
N ILE A 136 -14.29 22.69 -4.92
CA ILE A 136 -13.33 23.67 -5.41
C ILE A 136 -12.45 24.12 -4.25
N LEU A 137 -11.16 23.76 -4.31
CA LEU A 137 -10.21 24.22 -3.30
C LEU A 137 -9.93 25.70 -3.47
N GLU A 138 -9.73 26.15 -4.70
CA GLU A 138 -9.50 27.57 -4.98
C GLU A 138 -9.76 27.84 -6.45
N VAL A 139 -9.99 29.11 -6.76
CA VAL A 139 -10.22 29.57 -8.14
C VAL A 139 -9.13 30.58 -8.48
N VAL A 140 -8.41 30.32 -9.56
CA VAL A 140 -7.38 31.22 -10.08
C VAL A 140 -7.88 31.79 -11.39
N SER A 141 -7.93 33.12 -11.48
CA SER A 141 -8.43 33.82 -12.65
C SER A 141 -7.28 34.54 -13.33
N VAL A 142 -7.09 34.29 -14.62
CA VAL A 142 -6.06 34.93 -15.41
C VAL A 142 -6.73 35.93 -16.33
N TYR A 143 -6.48 37.22 -16.11
CA TYR A 143 -7.15 38.29 -16.83
C TYR A 143 -6.13 39.18 -17.50
N SER A 144 -6.45 39.64 -18.71
CA SER A 144 -5.56 40.51 -19.47
C SER A 144 -5.93 41.96 -19.20
N GLU A 145 -5.00 42.70 -18.58
CA GLU A 145 -5.25 44.10 -18.27
C GLU A 145 -5.29 44.95 -19.53
N ASP A 146 -4.32 44.76 -20.43
CA ASP A 146 -4.24 45.58 -21.63
C ASP A 146 -5.35 45.23 -22.62
N SER A 147 -6.03 44.10 -22.40
CA SER A 147 -7.14 43.60 -23.22
C SER A 147 -6.71 43.35 -24.66
N SER A 148 -5.40 43.23 -24.92
CA SER A 148 -4.93 42.90 -26.26
C SER A 148 -5.02 41.41 -26.56
N MET A 149 -5.40 40.59 -25.58
CA MET A 149 -5.44 39.14 -25.71
C MET A 149 -6.87 38.66 -25.57
N ASN A 150 -7.38 38.01 -26.61
CA ASN A 150 -8.77 37.57 -26.63
C ASN A 150 -8.96 36.37 -25.72
N ASP A 151 -10.23 36.13 -25.37
CA ASP A 151 -10.57 35.10 -24.39
C ASP A 151 -10.11 33.71 -24.84
N ILE A 152 -10.31 33.39 -26.12
CA ILE A 152 -9.89 32.09 -26.63
C ILE A 152 -8.38 31.93 -26.52
N ASP A 153 -7.62 32.96 -26.90
CA ASP A 153 -6.17 32.84 -26.84
C ASP A 153 -5.68 32.78 -25.40
N ILE A 154 -6.34 33.51 -24.49
CA ILE A 154 -6.01 33.39 -23.07
C ILE A 154 -6.22 31.96 -22.59
N TYR A 155 -7.37 31.37 -22.95
CA TYR A 155 -7.64 30.00 -22.51
C TYR A 155 -6.61 29.04 -23.08
N ASN A 156 -6.24 29.20 -24.35
CA ASN A 156 -5.28 28.30 -24.96
C ASN A 156 -3.91 28.45 -24.31
N TYR A 157 -3.48 29.69 -24.07
CA TYR A 157 -2.25 29.91 -23.31
C TYR A 157 -2.31 29.19 -21.99
N VAL A 158 -3.41 29.36 -21.25
CA VAL A 158 -3.51 28.75 -19.93
C VAL A 158 -3.41 27.23 -20.03
N SER A 159 -4.20 26.62 -20.90
CA SER A 159 -4.23 25.18 -21.05
C SER A 159 -2.90 24.61 -21.53
N LEU A 160 -2.08 25.40 -22.23
CA LEU A 160 -0.76 24.93 -22.64
C LEU A 160 0.31 25.12 -21.57
N ASN A 161 0.30 26.26 -20.88
CA ASN A 161 1.40 26.59 -19.98
C ASN A 161 1.06 26.33 -18.53
N ILE A 162 -0.03 26.93 -18.05
CA ILE A 162 -0.35 26.98 -16.64
C ILE A 162 -0.98 25.68 -16.14
N LEU A 163 -1.96 25.16 -16.89
CA LEU A 163 -2.72 24.02 -16.41
C LEU A 163 -1.86 22.78 -16.27
N ASP A 164 -1.00 22.52 -17.26
CA ASP A 164 -0.15 21.34 -17.22
C ASP A 164 0.80 21.41 -16.03
N GLU A 165 1.41 22.57 -15.79
CA GLU A 165 2.29 22.72 -14.64
C GLU A 165 1.53 22.58 -13.33
N LEU A 166 0.31 23.10 -13.28
CA LEU A 166 -0.49 22.99 -12.06
C LEU A 166 -0.84 21.54 -11.76
N LYS A 167 -1.15 20.75 -12.79
CA LYS A 167 -1.48 19.34 -12.57
C LYS A 167 -0.31 18.55 -12.02
N ARG A 168 0.93 19.01 -12.24
CA ARG A 168 2.09 18.32 -11.66
C ARG A 168 2.25 18.63 -10.18
N ILE A 169 1.62 19.69 -9.69
CA ILE A 169 1.80 20.07 -8.28
C ILE A 169 1.14 19.02 -7.39
N PRO A 170 1.86 18.47 -6.41
CA PRO A 170 1.26 17.47 -5.53
C PRO A 170 0.12 18.06 -4.71
N GLY A 171 -0.88 17.23 -4.44
CA GLY A 171 -2.07 17.67 -3.74
C GLY A 171 -3.15 18.25 -4.63
N VAL A 172 -2.90 18.37 -5.93
CA VAL A 172 -3.89 18.87 -6.88
C VAL A 172 -4.51 17.67 -7.57
N GLY A 173 -5.71 17.27 -7.15
CA GLY A 173 -6.36 16.13 -7.77
C GLY A 173 -6.73 16.39 -9.22
N ASP A 174 -7.29 17.56 -9.51
CA ASP A 174 -7.62 17.93 -10.87
C ASP A 174 -7.75 19.45 -10.96
N ALA A 175 -7.22 20.02 -12.04
CA ALA A 175 -7.31 21.45 -12.29
C ALA A 175 -7.86 21.64 -13.70
N SER A 176 -8.88 22.47 -13.83
CA SER A 176 -9.53 22.71 -15.12
C SER A 176 -9.93 24.17 -15.22
N ALA A 177 -10.20 24.61 -16.43
CA ALA A 177 -10.66 25.97 -16.68
C ALA A 177 -12.10 25.96 -17.17
N ILE A 178 -12.87 26.98 -16.79
CA ILE A 178 -14.30 26.99 -17.03
C ILE A 178 -14.60 27.02 -18.52
N GLY A 179 -13.87 27.84 -19.28
CA GLY A 179 -14.25 28.12 -20.66
C GLY A 179 -14.29 26.89 -21.55
N ASN A 180 -13.31 26.00 -21.41
CA ASN A 180 -13.15 24.85 -22.30
C ASN A 180 -13.03 25.29 -23.76
N LYS A 181 -12.47 26.48 -23.98
CA LYS A 181 -12.40 27.08 -25.31
C LYS A 181 -11.04 26.80 -25.96
N ASN A 182 -10.72 25.52 -26.07
CA ASN A 182 -9.46 25.09 -26.65
C ASN A 182 -9.44 25.34 -28.15
N TYR A 183 -8.23 25.46 -28.70
CA TYR A 183 -8.09 25.65 -30.13
C TYR A 183 -8.61 24.43 -30.88
N SER A 184 -9.31 24.69 -32.00
CA SER A 184 -9.84 23.63 -32.84
C SER A 184 -10.27 24.20 -34.18
N MET A 185 -9.84 23.55 -35.25
CA MET A 185 -10.35 23.90 -36.57
C MET A 185 -11.86 23.67 -36.63
N ARG A 186 -12.59 24.72 -36.99
CA ARG A 186 -14.04 24.65 -37.13
C ARG A 186 -14.39 24.74 -38.61
N ILE A 187 -15.01 23.69 -39.14
CA ILE A 187 -15.46 23.68 -40.52
C ILE A 187 -16.95 23.99 -40.50
N TRP A 188 -17.29 25.27 -40.66
CA TRP A 188 -18.67 25.72 -40.60
C TRP A 188 -19.34 25.41 -41.93
N LEU A 189 -20.13 24.34 -41.97
CA LEU A 189 -20.81 23.93 -43.18
C LEU A 189 -22.00 24.84 -43.45
N GLU A 190 -22.24 25.14 -44.71
CA GLU A 190 -23.41 25.90 -45.11
C GLU A 190 -24.38 24.95 -45.81
N PRO A 191 -25.48 24.54 -45.17
CA PRO A 191 -26.37 23.55 -45.80
C PRO A 191 -26.94 24.02 -47.13
N ASP A 192 -27.18 25.32 -47.29
CA ASP A 192 -27.65 25.81 -48.58
C ASP A 192 -26.61 25.61 -49.67
N LEU A 193 -25.33 25.79 -49.35
CA LEU A 193 -24.27 25.50 -50.30
C LEU A 193 -23.97 24.01 -50.42
N LEU A 194 -24.23 23.22 -49.37
CA LEU A 194 -24.02 21.79 -49.43
C LEU A 194 -25.04 21.09 -50.33
N ASN A 195 -26.32 21.48 -50.22
CA ASN A 195 -27.34 20.89 -51.07
C ASN A 195 -27.22 21.36 -52.51
N LYS A 196 -26.66 22.56 -52.73
CA LYS A 196 -26.48 23.06 -54.08
C LYS A 196 -25.47 22.22 -54.86
N PHE A 197 -24.35 21.87 -54.23
CA PHE A 197 -23.31 21.09 -54.88
C PHE A 197 -23.52 19.59 -54.77
N GLY A 198 -24.55 19.15 -54.07
CA GLY A 198 -24.81 17.73 -53.95
C GLY A 198 -23.78 16.95 -53.17
N VAL A 199 -23.29 17.51 -52.06
CA VAL A 199 -22.37 16.82 -51.16
C VAL A 199 -22.94 16.90 -49.75
N THR A 200 -22.94 15.78 -49.05
CA THR A 200 -23.50 15.74 -47.70
C THR A 200 -22.40 15.96 -46.66
N ALA A 201 -22.83 16.07 -45.40
CA ALA A 201 -21.87 16.20 -44.31
C ALA A 201 -21.04 14.94 -44.16
N ASN A 202 -21.60 13.79 -44.54
CA ASN A 202 -20.82 12.55 -44.52
C ASN A 202 -19.65 12.62 -45.49
N ASP A 203 -19.87 13.21 -46.67
CA ASP A 203 -18.78 13.39 -47.62
C ASP A 203 -17.71 14.33 -47.10
N VAL A 204 -18.06 15.28 -46.24
CA VAL A 204 -17.07 16.14 -45.61
C VAL A 204 -16.30 15.37 -44.54
N ILE A 205 -17.01 14.58 -43.73
CA ILE A 205 -16.36 13.81 -42.67
C ILE A 205 -15.37 12.83 -43.27
N ASN A 206 -15.78 12.11 -44.32
CA ASN A 206 -14.89 11.14 -44.95
C ASN A 206 -13.66 11.83 -45.53
N ALA A 207 -13.85 12.97 -46.20
CA ALA A 207 -12.72 13.67 -46.80
C ALA A 207 -11.74 14.14 -45.74
N VAL A 208 -12.24 14.77 -44.66
CA VAL A 208 -11.36 15.24 -43.61
C VAL A 208 -10.64 14.09 -42.91
N ASN A 209 -11.35 12.99 -42.64
CA ASN A 209 -10.73 11.83 -42.00
C ASN A 209 -9.65 11.20 -42.87
N ASP A 210 -9.91 11.07 -44.18
CA ASP A 210 -8.97 10.40 -45.06
C ASP A 210 -7.75 11.27 -45.32
N GLN A 211 -7.95 12.56 -45.61
CA GLN A 211 -6.85 13.39 -46.08
C GLN A 211 -6.05 13.97 -44.91
N ASN A 212 -6.72 14.47 -43.88
CA ASN A 212 -6.04 15.08 -42.75
C ASN A 212 -5.62 14.03 -41.72
N ALA A 213 -4.69 13.18 -42.13
CA ALA A 213 -4.17 12.13 -41.26
C ALA A 213 -2.73 11.83 -41.64
N GLN A 214 -2.00 11.27 -40.68
CA GLN A 214 -0.61 10.87 -40.88
C GLN A 214 -0.50 9.35 -40.78
N TYR A 215 0.13 8.75 -41.78
CA TYR A 215 0.24 7.31 -41.90
C TYR A 215 1.71 6.88 -41.78
N ALA A 216 1.95 5.59 -41.99
CA ALA A 216 3.27 4.99 -41.80
C ALA A 216 3.94 4.73 -43.14
N THR A 217 5.20 5.16 -43.26
CA THR A 217 6.00 4.94 -44.46
C THR A 217 7.35 4.37 -44.08
N GLY A 218 7.73 3.27 -44.71
CA GLY A 218 8.94 2.57 -44.31
C GLY A 218 10.19 3.23 -44.87
N LYS A 219 11.34 2.79 -44.33
CA LYS A 219 12.62 3.29 -44.78
C LYS A 219 12.99 2.66 -46.13
N ILE A 220 13.81 3.37 -46.91
CA ILE A 220 14.08 2.94 -48.28
C ILE A 220 15.05 1.76 -48.28
N GLY A 221 16.26 1.95 -47.78
CA GLY A 221 17.24 0.90 -47.81
C GLY A 221 17.25 0.08 -46.53
N GLU A 222 16.59 -1.06 -46.54
CA GLU A 222 16.48 -1.90 -45.35
C GLU A 222 16.74 -3.34 -45.72
N GLU A 223 17.31 -4.08 -44.77
CA GLU A 223 17.57 -5.50 -44.91
C GLU A 223 16.27 -6.30 -44.75
N PRO A 224 16.17 -7.50 -45.34
CA PRO A 224 17.16 -8.20 -46.15
C PRO A 224 17.22 -7.71 -47.58
N VAL A 225 18.38 -7.26 -48.04
CA VAL A 225 18.56 -6.75 -49.40
C VAL A 225 19.81 -7.40 -49.98
N VAL A 226 19.73 -7.83 -51.24
CA VAL A 226 20.87 -8.46 -51.89
C VAL A 226 21.76 -7.43 -52.56
N ASN A 227 21.21 -6.27 -52.92
CA ASN A 227 21.98 -5.16 -53.46
C ASN A 227 22.01 -4.05 -52.43
N LYS A 228 23.01 -4.09 -51.55
CA LYS A 228 23.04 -3.28 -50.35
C LYS A 228 23.44 -1.85 -50.70
N SER A 229 22.56 -0.90 -50.41
CA SER A 229 22.84 0.50 -50.66
C SER A 229 23.81 1.05 -49.62
N PRO A 230 24.61 2.06 -49.99
CA PRO A 230 25.55 2.63 -49.02
C PRO A 230 24.88 3.22 -47.79
N GLN A 231 23.69 3.81 -47.94
CA GLN A 231 23.04 4.52 -46.86
C GLN A 231 21.61 4.03 -46.67
N VAL A 232 21.12 4.19 -45.45
CA VAL A 232 19.74 3.86 -45.11
C VAL A 232 18.97 5.15 -44.92
N ILE A 233 17.91 5.34 -45.72
CA ILE A 233 17.18 6.59 -45.80
C ILE A 233 15.78 6.36 -45.26
N SER A 234 15.38 7.15 -44.27
CA SER A 234 14.00 7.11 -43.80
C SER A 234 13.11 7.94 -44.71
N ILE A 235 11.80 7.70 -44.60
CA ILE A 235 10.79 8.43 -45.36
C ILE A 235 9.90 9.19 -44.39
N THR A 236 9.78 10.50 -44.60
CA THR A 236 8.98 11.37 -43.75
C THR A 236 7.87 12.00 -44.57
N MET A 237 6.66 11.98 -44.05
CA MET A 237 5.51 12.58 -44.71
C MET A 237 4.79 13.50 -43.75
N GLN A 238 4.00 14.42 -44.32
CA GLN A 238 3.12 15.29 -43.54
C GLN A 238 1.76 15.31 -44.21
N GLY A 239 0.80 14.63 -43.59
CA GLY A 239 -0.54 14.58 -44.13
C GLY A 239 -1.54 15.33 -43.28
N ARG A 240 -1.12 15.77 -42.11
CA ARG A 240 -1.97 16.52 -41.20
C ARG A 240 -1.79 18.02 -41.48
N LEU A 241 -2.80 18.64 -42.05
CA LEU A 241 -2.70 20.04 -42.46
C LEU A 241 -2.67 20.95 -41.24
N GLN A 242 -1.92 22.06 -41.34
CA GLN A 242 -1.78 22.97 -40.21
C GLN A 242 -2.63 24.22 -40.37
N THR A 243 -2.59 24.83 -41.55
CA THR A 243 -3.25 26.12 -41.75
C THR A 243 -4.65 25.95 -42.30
N PRO A 244 -5.56 26.90 -42.02
CA PRO A 244 -6.90 26.82 -42.62
C PRO A 244 -6.89 26.82 -44.13
N GLN A 245 -5.94 27.51 -44.76
CA GLN A 245 -5.85 27.49 -46.22
C GLN A 245 -5.58 26.11 -46.76
N GLU A 246 -4.89 25.25 -46.01
CA GLU A 246 -4.74 23.86 -46.44
C GLU A 246 -6.01 23.07 -46.23
N PHE A 247 -6.77 23.40 -45.19
CA PHE A 247 -8.01 22.67 -44.91
C PHE A 247 -9.09 22.97 -45.96
N GLU A 248 -9.18 24.23 -46.40
CA GLU A 248 -10.20 24.55 -47.40
C GLU A 248 -9.88 23.98 -48.77
N ASN A 249 -8.63 23.55 -49.00
CA ASN A 249 -8.27 22.95 -50.27
C ASN A 249 -8.54 21.45 -50.32
N ILE A 250 -9.09 20.88 -49.24
CA ILE A 250 -9.43 19.47 -49.25
C ILE A 250 -10.49 19.20 -50.32
N ILE A 251 -10.26 18.18 -51.13
CA ILE A 251 -11.09 17.89 -52.30
C ILE A 251 -12.15 16.87 -51.88
N LEU A 252 -13.40 17.32 -51.81
CA LEU A 252 -14.50 16.40 -51.53
C LEU A 252 -14.81 15.52 -52.74
N ARG A 253 -14.86 16.11 -53.93
CA ARG A 253 -15.29 15.39 -55.11
C ARG A 253 -14.65 16.03 -56.34
N VAL A 254 -14.38 15.20 -57.34
CA VAL A 254 -13.83 15.64 -58.61
C VAL A 254 -14.94 15.63 -59.65
N ASN A 255 -15.17 16.78 -60.28
CA ASN A 255 -16.23 16.89 -61.27
C ASN A 255 -15.89 16.06 -62.51
N GLU A 256 -16.82 16.07 -63.48
CA GLU A 256 -16.60 15.30 -64.71
C GLU A 256 -15.39 15.83 -65.48
N ASP A 257 -15.11 17.12 -65.36
CA ASP A 257 -13.88 17.68 -65.90
C ASP A 257 -12.84 17.80 -64.79
N LYS A 258 -11.69 18.40 -65.11
CA LYS A 258 -10.61 18.54 -64.15
C LYS A 258 -10.83 19.76 -63.24
N SER A 259 -12.01 19.79 -62.63
CA SER A 259 -12.38 20.82 -61.67
C SER A 259 -12.68 20.16 -60.34
N PHE A 260 -12.04 20.63 -59.29
CA PHE A 260 -12.11 20.02 -57.96
C PHE A 260 -13.09 20.80 -57.09
N LEU A 261 -14.11 20.11 -56.59
CA LEU A 261 -14.94 20.67 -55.54
C LEU A 261 -14.21 20.57 -54.21
N ARG A 262 -14.17 21.68 -53.48
CA ARG A 262 -13.37 21.77 -52.27
C ARG A 262 -14.21 22.33 -51.12
N ILE A 263 -13.67 22.18 -49.91
CA ILE A 263 -14.41 22.56 -48.71
C ILE A 263 -14.71 24.06 -48.71
N LYS A 264 -13.85 24.87 -49.33
CA LYS A 264 -14.08 26.31 -49.35
C LYS A 264 -15.39 26.64 -50.04
N ASP A 265 -15.75 25.88 -51.09
CA ASP A 265 -16.99 26.15 -51.80
C ASP A 265 -18.21 25.85 -50.95
N VAL A 266 -18.13 24.81 -50.12
CA VAL A 266 -19.30 24.37 -49.36
C VAL A 266 -19.23 24.69 -47.88
N ALA A 267 -18.12 25.24 -47.40
CA ALA A 267 -18.00 25.50 -45.97
C ALA A 267 -17.00 26.63 -45.74
N LYS A 268 -17.05 27.18 -44.53
CA LYS A 268 -16.14 28.22 -44.10
C LYS A 268 -15.26 27.67 -42.99
N VAL A 269 -13.94 27.77 -43.16
CA VAL A 269 -12.97 27.16 -42.27
C VAL A 269 -12.24 28.26 -41.51
N GLU A 270 -12.15 28.10 -40.19
CA GLU A 270 -11.43 29.04 -39.34
C GLU A 270 -11.01 28.32 -38.07
N ILE A 271 -10.04 28.91 -37.38
CA ILE A 271 -9.56 28.36 -36.10
C ILE A 271 -10.39 28.98 -34.99
N GLY A 272 -11.27 28.18 -34.40
CA GLY A 272 -12.13 28.65 -33.34
C GLY A 272 -12.02 27.83 -32.08
N ALA A 273 -12.86 28.16 -31.09
CA ALA A 273 -12.84 27.44 -29.82
C ALA A 273 -13.48 26.07 -29.97
N GLU A 274 -13.07 25.15 -29.09
CA GLU A 274 -13.69 23.82 -29.07
C GLU A 274 -15.15 23.90 -28.69
N GLN A 275 -15.48 24.71 -27.69
CA GLN A 275 -16.85 24.91 -27.26
C GLN A 275 -17.07 26.38 -26.95
N TYR A 276 -18.21 26.92 -27.38
CA TYR A 276 -18.63 28.26 -27.02
C TYR A 276 -19.69 28.23 -25.92
N ASN A 277 -19.74 27.15 -25.15
CA ASN A 277 -20.81 26.96 -24.18
C ASN A 277 -20.64 27.86 -22.97
N SER A 278 -19.42 27.96 -22.43
CA SER A 278 -19.18 28.60 -21.15
C SER A 278 -18.36 29.88 -21.32
N THR A 279 -18.26 30.64 -20.24
CA THR A 279 -17.48 31.86 -20.21
C THR A 279 -17.09 32.14 -18.76
N GLY A 280 -15.88 32.68 -18.58
CA GLY A 280 -15.41 33.05 -17.26
C GLY A 280 -15.22 34.54 -17.12
N ARG A 281 -15.78 35.12 -16.06
CA ARG A 281 -15.72 36.56 -15.84
C ARG A 281 -15.18 36.85 -14.45
N LEU A 282 -14.24 37.78 -14.37
CA LEU A 282 -13.69 38.26 -13.10
C LEU A 282 -13.99 39.76 -13.01
N ASN A 283 -14.70 40.15 -11.96
CA ASN A 283 -15.14 41.55 -11.77
C ASN A 283 -15.87 41.95 -13.04
N THR A 284 -15.43 43.00 -13.74
CA THR A 284 -16.00 43.36 -15.04
C THR A 284 -15.13 42.89 -16.20
N SER A 285 -14.09 42.12 -15.93
CA SER A 285 -13.16 41.67 -16.96
C SER A 285 -13.47 40.24 -17.39
N ALA A 286 -12.83 39.82 -18.47
CA ALA A 286 -12.95 38.46 -18.97
C ALA A 286 -11.69 37.69 -18.61
N ALA A 287 -11.85 36.61 -17.84
CA ALA A 287 -10.72 35.84 -17.35
C ALA A 287 -11.13 34.38 -17.24
N VAL A 288 -10.26 33.49 -17.71
CA VAL A 288 -10.54 32.06 -17.56
C VAL A 288 -10.26 31.65 -16.11
N PRO A 289 -11.24 31.11 -15.40
CA PRO A 289 -11.01 30.73 -14.00
C PRO A 289 -10.46 29.32 -13.89
N ILE A 290 -9.45 29.13 -13.03
CA ILE A 290 -8.84 27.83 -12.84
C ILE A 290 -9.36 27.25 -11.53
N ILE A 291 -10.25 26.26 -11.63
CA ILE A 291 -10.80 25.59 -10.46
C ILE A 291 -9.91 24.41 -10.13
N ILE A 292 -9.42 24.36 -8.89
CA ILE A 292 -8.52 23.31 -8.43
C ILE A 292 -9.28 22.43 -7.44
N ASN A 293 -9.32 21.13 -7.72
CA ASN A 293 -9.97 20.17 -6.84
C ASN A 293 -8.94 19.44 -6.02
N LEU A 294 -9.14 19.45 -4.70
CA LEU A 294 -8.20 18.82 -3.78
C LEU A 294 -8.21 17.31 -3.95
N GLN A 295 -7.02 16.73 -4.07
CA GLN A 295 -6.90 15.27 -4.09
C GLN A 295 -7.32 14.71 -2.74
N SER A 296 -7.96 13.54 -2.78
CA SER A 296 -8.45 12.93 -1.55
C SER A 296 -7.30 12.64 -0.59
N GLY A 297 -7.51 13.02 0.67
CA GLY A 297 -6.48 12.81 1.68
C GLY A 297 -5.21 13.59 1.47
N ALA A 298 -5.33 14.86 1.08
CA ALA A 298 -4.20 15.74 0.89
C ALA A 298 -4.44 17.05 1.63
N ASN A 299 -3.38 17.58 2.24
CA ASN A 299 -3.53 18.80 3.04
C ASN A 299 -3.87 19.98 2.14
N ALA A 300 -4.90 20.73 2.53
CA ALA A 300 -5.40 21.82 1.69
C ALA A 300 -4.44 22.99 1.67
N VAL A 301 -3.95 23.40 2.84
CA VAL A 301 -3.13 24.62 2.91
C VAL A 301 -1.79 24.41 2.24
N ASN A 302 -1.23 23.20 2.35
CA ASN A 302 0.04 22.91 1.68
C ASN A 302 -0.13 22.97 0.17
N THR A 303 -1.22 22.41 -0.34
CA THR A 303 -1.50 22.50 -1.78
C THR A 303 -1.70 23.94 -2.21
N ALA A 304 -2.40 24.74 -1.40
CA ALA A 304 -2.61 26.14 -1.74
C ALA A 304 -1.30 26.90 -1.79
N LYS A 305 -0.42 26.66 -0.81
CA LYS A 305 0.89 27.33 -0.81
C LYS A 305 1.73 26.92 -2.00
N LEU A 306 1.76 25.64 -2.34
CA LEU A 306 2.51 25.20 -3.52
C LEU A 306 1.95 25.83 -4.79
N ILE A 307 0.61 25.91 -4.89
CA ILE A 307 -0.01 26.50 -6.07
C ILE A 307 0.34 27.97 -6.17
N ASN A 308 0.34 28.69 -5.04
CA ASN A 308 0.70 30.10 -5.07
C ASN A 308 2.15 30.29 -5.50
N GLU A 309 3.06 29.46 -4.97
CA GLU A 309 4.46 29.57 -5.38
C GLU A 309 4.61 29.31 -6.88
N LYS A 310 3.98 28.25 -7.38
CA LYS A 310 4.07 27.95 -8.80
C LYS A 310 3.40 29.05 -9.64
N MET A 311 2.37 29.68 -9.08
CA MET A 311 1.73 30.80 -9.77
C MET A 311 2.69 31.96 -9.92
N GLN A 312 3.46 32.26 -8.87
CA GLN A 312 4.48 33.30 -8.99
C GLN A 312 5.52 32.92 -10.04
N GLU A 313 5.99 31.67 -10.01
CA GLU A 313 6.99 31.25 -10.98
C GLU A 313 6.50 31.36 -12.41
N LEU A 314 5.24 30.96 -12.65
CA LEU A 314 4.69 31.07 -13.99
C LEU A 314 4.43 32.52 -14.38
N SER A 315 4.08 33.36 -13.39
CA SER A 315 3.88 34.77 -13.67
C SER A 315 5.20 35.46 -14.02
N LYS A 316 6.33 34.89 -13.60
CA LYS A 316 7.61 35.41 -14.04
C LYS A 316 7.74 35.38 -15.55
N ASN A 317 7.14 34.38 -16.20
CA ASN A 317 7.21 34.25 -17.65
C ASN A 317 5.94 34.72 -18.36
N PHE A 318 5.05 35.42 -17.66
CA PHE A 318 3.86 35.93 -18.31
C PHE A 318 4.24 37.02 -19.31
N PRO A 319 3.69 36.97 -20.53
CA PRO A 319 3.93 38.06 -21.48
C PRO A 319 3.24 39.34 -21.04
N GLN A 320 3.47 40.40 -21.83
CA GLN A 320 2.93 41.71 -21.49
C GLN A 320 1.40 41.69 -21.47
N GLY A 321 0.82 42.44 -20.54
CA GLY A 321 -0.62 42.61 -20.49
C GLY A 321 -1.39 41.52 -19.79
N LEU A 322 -0.73 40.54 -19.20
CA LEU A 322 -1.41 39.45 -18.51
C LEU A 322 -1.07 39.47 -17.02
N LYS A 323 -2.04 39.05 -16.21
CA LYS A 323 -1.88 39.02 -14.77
C LYS A 323 -2.74 37.90 -14.20
N TYR A 324 -2.40 37.46 -13.00
CA TYR A 324 -3.13 36.41 -12.30
C TYR A 324 -3.55 36.90 -10.93
N GLN A 325 -4.73 36.46 -10.49
CA GLN A 325 -5.27 36.82 -9.19
C GLN A 325 -6.13 35.67 -8.68
N ILE A 326 -6.05 35.40 -7.38
CA ILE A 326 -6.79 34.29 -6.78
C ILE A 326 -7.88 34.87 -5.87
N PRO A 327 -9.10 35.06 -6.38
CA PRO A 327 -10.15 35.63 -5.53
C PRO A 327 -10.60 34.68 -4.42
N TYR A 328 -10.94 33.45 -4.79
CA TYR A 328 -11.54 32.51 -3.86
C TYR A 328 -10.50 31.47 -3.44
N ASP A 329 -10.15 31.49 -2.16
CA ASP A 329 -9.25 30.50 -1.57
C ASP A 329 -9.84 30.05 -0.24
N THR A 330 -10.08 28.75 -0.11
CA THR A 330 -10.68 28.24 1.12
C THR A 330 -9.66 28.18 2.25
N THR A 331 -8.37 28.27 1.93
CA THR A 331 -7.33 28.10 2.94
C THR A 331 -6.89 29.41 3.58
N ILE A 332 -7.17 30.56 2.96
CA ILE A 332 -6.77 31.82 3.58
C ILE A 332 -7.56 32.06 4.86
N PHE A 333 -8.85 31.71 4.87
CA PHE A 333 -9.63 31.85 6.09
C PHE A 333 -9.11 30.93 7.18
N VAL A 334 -8.70 29.72 6.82
CA VAL A 334 -8.14 28.79 7.79
C VAL A 334 -6.82 29.32 8.35
N LYS A 335 -5.96 29.86 7.48
CA LYS A 335 -4.71 30.44 7.94
C LYS A 335 -4.94 31.63 8.87
N ALA A 336 -5.91 32.48 8.53
CA ALA A 336 -6.25 33.60 9.40
C ALA A 336 -6.78 33.11 10.74
N SER A 337 -7.59 32.04 10.73
CA SER A 337 -8.06 31.48 11.98
C SER A 337 -6.91 30.97 12.84
N ILE A 338 -5.95 30.27 12.22
CA ILE A 338 -4.81 29.76 12.97
C ILE A 338 -3.98 30.91 13.53
N LYS A 339 -3.77 31.96 12.73
CA LYS A 339 -3.02 33.12 13.20
C LYS A 339 -3.72 33.78 14.39
N GLU A 340 -5.04 33.90 14.31
CA GLU A 340 -5.76 34.54 15.41
C GLU A 340 -5.75 33.66 16.66
N VAL A 341 -5.77 32.33 16.47
CA VAL A 341 -5.66 31.42 17.61
C VAL A 341 -4.31 31.55 18.30
N ILE A 342 -3.23 31.58 17.54
CA ILE A 342 -1.92 31.70 18.19
C ILE A 342 -1.76 33.07 18.82
N LYS A 343 -2.41 34.10 18.24
CA LYS A 343 -2.46 35.40 18.89
C LYS A 343 -3.17 35.31 20.24
N THR A 344 -4.31 34.61 20.29
CA THR A 344 -5.02 34.42 21.54
C THR A 344 -4.15 33.68 22.55
N PHE A 345 -3.38 32.71 22.07
CA PHE A 345 -2.44 31.99 22.93
C PHE A 345 -1.40 32.94 23.54
N VAL A 346 -0.84 33.82 22.71
CA VAL A 346 0.15 34.78 23.21
C VAL A 346 -0.48 35.70 24.25
N GLU A 347 -1.69 36.18 23.98
CA GLU A 347 -2.41 37.01 24.94
C GLU A 347 -2.67 36.28 26.25
N ALA A 348 -3.02 35.00 26.20
CA ALA A 348 -3.21 34.20 27.41
C ALA A 348 -1.91 34.07 28.20
N LEU A 349 -0.80 33.78 27.51
CA LEU A 349 0.47 33.59 28.19
C LEU A 349 0.91 34.86 28.89
N ALA A 350 0.77 36.01 28.21
CA ALA A 350 1.17 37.27 28.81
C ALA A 350 0.36 37.57 30.07
N LEU A 351 -0.95 37.34 30.01
CA LEU A 351 -1.80 37.65 31.15
C LEU A 351 -1.55 36.68 32.30
N VAL A 352 -1.23 35.42 32.00
CA VAL A 352 -0.87 34.48 33.08
C VAL A 352 0.44 34.90 33.73
N LEU A 353 1.40 35.39 32.92
CA LEU A 353 2.63 35.91 33.49
C LEU A 353 2.35 37.08 34.42
N VAL A 354 1.46 37.98 34.00
CA VAL A 354 1.07 39.10 34.87
C VAL A 354 0.43 38.59 36.15
N VAL A 355 -0.44 37.58 36.04
CA VAL A 355 -1.10 37.02 37.21
C VAL A 355 -0.10 36.51 38.22
N MET A 356 0.85 35.69 37.77
CA MET A 356 1.71 35.05 38.74
C MET A 356 2.91 35.91 39.12
N TYR A 357 3.15 37.02 38.43
CA TYR A 357 3.98 38.08 38.99
C TYR A 357 3.25 38.87 40.07
N LEU A 358 1.95 39.14 39.88
CA LEU A 358 1.18 39.84 40.89
C LEU A 358 1.15 39.04 42.18
N PHE A 359 0.85 37.74 42.08
CA PHE A 359 0.73 36.93 43.28
C PHE A 359 2.10 36.67 43.91
N LEU A 360 3.12 36.46 43.10
CA LEU A 360 4.45 36.07 43.57
C LEU A 360 5.43 37.16 43.14
N LYS A 361 6.01 37.83 44.14
CA LYS A 361 6.67 39.13 43.95
C LYS A 361 7.87 39.11 43.00
N ASN A 362 8.80 38.18 43.22
CA ASN A 362 10.09 38.25 42.53
C ASN A 362 9.95 37.94 41.05
N PHE A 363 10.82 38.56 40.24
CA PHE A 363 10.77 38.35 38.79
C PHE A 363 11.47 37.06 38.38
N LYS A 364 12.49 36.63 39.13
CA LYS A 364 13.07 35.31 38.87
C LYS A 364 12.05 34.21 39.13
N SER A 365 11.33 34.32 40.24
CA SER A 365 10.22 33.39 40.50
C SER A 365 9.14 33.55 39.44
N THR A 366 9.12 34.68 38.74
CA THR A 366 8.17 34.88 37.65
C THR A 366 8.59 34.11 36.39
N ILE A 367 9.88 34.19 36.03
CA ILE A 367 10.35 33.48 34.84
C ILE A 367 10.39 31.98 35.10
N ILE A 368 10.40 31.58 36.39
CA ILE A 368 10.53 30.16 36.71
C ILE A 368 9.51 29.29 35.99
N PRO A 369 8.20 29.61 35.98
CA PRO A 369 7.29 28.81 35.13
C PRO A 369 7.16 29.35 33.72
N MET A 370 7.55 30.60 33.51
CA MET A 370 7.49 31.19 32.17
C MET A 370 8.34 30.40 31.20
N ILE A 371 9.44 29.81 31.69
CA ILE A 371 10.28 28.97 30.84
C ILE A 371 9.76 27.54 30.82
N ALA A 372 9.05 27.12 31.87
CA ALA A 372 8.53 25.76 31.92
C ALA A 372 7.38 25.55 30.95
N VAL A 373 6.61 26.62 30.68
CA VAL A 373 5.46 26.48 29.78
C VAL A 373 5.88 26.07 28.37
N PRO A 374 6.77 26.81 27.66
CA PRO A 374 7.08 26.45 26.28
C PRO A 374 7.72 25.08 26.14
N VAL A 375 8.50 24.65 27.13
CA VAL A 375 9.17 23.36 27.02
C VAL A 375 8.15 22.24 26.92
N SER A 376 7.18 22.22 27.84
CA SER A 376 6.15 21.20 27.80
C SER A 376 5.28 21.34 26.56
N LEU A 377 4.95 22.58 26.19
CA LEU A 377 4.00 22.74 25.09
C LEU A 377 4.67 22.54 23.73
N LEU A 378 6.00 22.46 23.70
CA LEU A 378 6.69 22.04 22.49
C LEU A 378 6.97 20.55 22.50
N GLY A 379 7.17 19.95 23.68
CA GLY A 379 7.18 18.50 23.76
C GLY A 379 5.87 17.92 23.28
N THR A 380 4.76 18.62 23.56
CA THR A 380 3.47 18.22 23.02
C THR A 380 3.48 18.24 21.49
N PHE A 381 4.08 19.28 20.90
CA PHE A 381 4.20 19.33 19.44
C PHE A 381 5.02 18.14 18.93
N ALA A 382 6.11 17.82 19.62
CA ALA A 382 6.97 16.73 19.17
C ALA A 382 6.23 15.40 19.19
N VAL A 383 5.52 15.10 20.29
CA VAL A 383 4.80 13.83 20.37
C VAL A 383 3.64 13.82 19.38
N LEU A 384 3.00 14.98 19.16
CA LEU A 384 1.97 15.08 18.14
C LEU A 384 2.50 14.72 16.77
N TYR A 385 3.70 15.21 16.44
CA TYR A 385 4.33 14.80 15.19
C TYR A 385 4.64 13.30 15.19
N VAL A 386 5.04 12.76 16.33
CA VAL A 386 5.30 11.32 16.42
C VAL A 386 4.02 10.53 16.14
N LEU A 387 2.90 10.96 16.73
CA LEU A 387 1.64 10.25 16.52
C LEU A 387 1.10 10.47 15.12
N GLY A 388 1.67 11.42 14.37
CA GLY A 388 1.18 11.73 13.05
C GLY A 388 -0.07 12.56 13.01
N PHE A 389 -0.49 13.11 14.15
CA PHE A 389 -1.69 13.95 14.22
C PHE A 389 -1.35 15.33 13.69
N SER A 390 -1.93 15.68 12.54
CA SER A 390 -1.73 17.03 12.03
C SER A 390 -2.55 17.97 12.89
N ILE A 391 -1.97 19.09 13.27
CA ILE A 391 -2.63 20.05 14.14
C ILE A 391 -3.72 20.77 13.34
N ASN A 392 -4.82 21.08 14.01
CA ASN A 392 -5.98 21.73 13.45
C ASN A 392 -6.41 22.84 14.41
N LEU A 393 -7.61 23.37 14.20
CA LEU A 393 -8.17 24.26 15.22
C LEU A 393 -8.31 23.54 16.55
N LEU A 394 -8.98 22.38 16.55
CA LEU A 394 -9.28 21.69 17.80
C LEU A 394 -8.02 21.44 18.62
N THR A 395 -6.92 21.05 17.96
CA THR A 395 -5.66 20.86 18.67
C THR A 395 -5.12 22.18 19.25
N LEU A 396 -5.19 23.28 18.49
CA LEU A 396 -4.68 24.54 18.99
C LEU A 396 -5.52 25.06 20.16
N PHE A 397 -6.84 24.93 20.07
CA PHE A 397 -7.70 25.23 21.20
C PHE A 397 -7.40 24.33 22.39
N ALA A 398 -7.09 23.05 22.15
CA ALA A 398 -6.65 22.18 23.23
C ALA A 398 -5.36 22.69 23.87
N LEU A 399 -4.49 23.29 23.06
CA LEU A 399 -3.23 23.80 23.61
C LEU A 399 -3.45 25.05 24.46
N VAL A 400 -4.27 25.98 23.97
CA VAL A 400 -4.57 27.17 24.77
C VAL A 400 -5.50 26.79 25.93
N LEU A 401 -6.02 25.56 25.90
CA LEU A 401 -6.76 25.06 27.03
C LEU A 401 -5.82 24.45 28.08
N ALA A 402 -4.78 23.75 27.61
CA ALA A 402 -3.86 23.07 28.51
C ALA A 402 -2.73 23.97 28.98
N ILE A 403 -2.65 25.21 28.48
CA ILE A 403 -1.70 26.15 29.07
C ILE A 403 -2.01 26.34 30.54
N GLY A 404 -3.28 26.23 30.91
CA GLY A 404 -3.63 26.24 32.33
C GLY A 404 -3.05 25.06 33.08
N ILE A 405 -3.06 23.88 32.46
CA ILE A 405 -2.54 22.69 33.13
C ILE A 405 -1.03 22.76 33.25
N VAL A 406 -0.37 23.36 32.26
CA VAL A 406 1.09 23.39 32.28
C VAL A 406 1.61 24.38 33.32
N VAL A 407 0.95 25.53 33.47
CA VAL A 407 1.34 26.42 34.55
C VAL A 407 0.97 25.79 35.89
N ASP A 408 -0.15 25.04 35.93
CA ASP A 408 -0.71 24.57 37.20
C ASP A 408 0.35 23.88 38.05
N ASP A 409 0.93 22.79 37.53
CA ASP A 409 1.94 22.05 38.27
C ASP A 409 3.13 22.93 38.60
N ALA A 410 3.49 23.82 37.68
CA ALA A 410 4.59 24.75 37.94
C ALA A 410 4.28 25.66 39.12
N ILE A 411 3.06 26.20 39.19
CA ILE A 411 2.68 27.00 40.35
C ILE A 411 2.71 26.19 41.63
N ILE A 412 2.21 24.95 41.60
CA ILE A 412 2.28 24.10 42.78
C ILE A 412 3.72 23.98 43.26
N VAL A 413 4.64 23.68 42.32
CA VAL A 413 6.03 23.46 42.71
C VAL A 413 6.63 24.73 43.30
N VAL A 414 6.50 25.85 42.60
CA VAL A 414 7.19 27.07 43.05
C VAL A 414 6.58 27.57 44.34
N GLU A 415 5.25 27.46 44.48
CA GLU A 415 4.59 27.92 45.69
C GLU A 415 4.97 27.05 46.88
N ASN A 416 5.10 25.74 46.68
CA ASN A 416 5.52 24.89 47.78
C ASN A 416 6.96 25.17 48.21
N ILE A 417 7.88 25.35 47.26
CA ILE A 417 9.23 25.73 47.67
C ILE A 417 9.22 27.10 48.35
N ASP A 418 8.34 28.01 47.91
CA ASP A 418 8.27 29.32 48.53
C ASP A 418 7.79 29.21 49.98
N ARG A 419 6.77 28.38 50.23
CA ARG A 419 6.29 28.23 51.60
C ARG A 419 7.30 27.50 52.46
N ILE A 420 8.11 26.63 51.87
CA ILE A 420 9.21 26.03 52.62
C ILE A 420 10.26 27.09 52.98
N LEU A 421 10.57 27.97 52.03
CA LEU A 421 11.52 29.05 52.30
C LEU A 421 11.04 29.94 53.44
N HIS A 422 9.77 30.35 53.39
CA HIS A 422 9.26 31.25 54.42
C HIS A 422 9.05 30.54 55.75
N GLU A 423 8.72 29.25 55.74
CA GLU A 423 8.47 28.53 56.98
C GLU A 423 9.77 28.22 57.72
N ASP A 424 10.80 27.78 57.00
CA ASP A 424 12.03 27.29 57.60
C ASP A 424 13.15 28.30 57.35
N SER A 425 13.89 28.64 58.39
CA SER A 425 15.00 29.57 58.28
C SER A 425 16.32 28.82 58.14
N ASN A 426 17.34 29.56 57.68
CA ASN A 426 18.68 29.01 57.48
C ASN A 426 18.64 27.79 56.57
N ILE A 427 17.93 27.92 55.46
CA ILE A 427 17.67 26.79 54.57
C ILE A 427 18.13 27.17 53.16
N SER A 428 18.91 26.30 52.53
CA SER A 428 19.31 26.51 51.15
C SER A 428 18.13 26.27 50.21
N VAL A 429 18.15 26.98 49.07
CA VAL A 429 17.09 26.87 48.09
C VAL A 429 17.03 25.45 47.53
N LYS A 430 18.18 24.88 47.20
CA LYS A 430 18.23 23.52 46.65
C LYS A 430 17.60 22.52 47.62
N ASP A 431 18.02 22.58 48.89
CA ASP A 431 17.54 21.66 49.92
C ASP A 431 16.06 21.90 50.26
N ALA A 432 15.64 23.16 50.26
CA ALA A 432 14.23 23.44 50.48
C ALA A 432 13.38 22.83 49.38
N ALA A 433 13.81 22.98 48.12
CA ALA A 433 13.11 22.34 47.02
C ALA A 433 13.18 20.81 47.12
N ILE A 434 14.27 20.27 47.67
CA ILE A 434 14.30 18.85 48.02
C ILE A 434 13.09 18.46 48.85
N LYS A 435 12.87 19.15 49.98
CA LYS A 435 11.73 18.73 50.82
C LYS A 435 10.39 19.03 50.15
N ALA A 436 10.30 20.15 49.43
CA ALA A 436 9.04 20.48 48.77
C ALA A 436 8.66 19.40 47.76
N MET A 437 9.63 18.95 46.97
CA MET A 437 9.36 17.93 45.97
C MET A 437 9.17 16.57 46.62
N ASN A 438 9.89 16.29 47.71
CA ASN A 438 9.60 15.08 48.48
C ASN A 438 8.18 15.07 49.03
N GLU A 439 7.64 16.25 49.32
CA GLU A 439 6.25 16.37 49.74
C GLU A 439 5.29 16.14 48.58
N VAL A 440 5.59 16.71 47.41
CA VAL A 440 4.62 16.72 46.31
C VAL A 440 4.97 15.77 45.17
N SER A 441 5.83 14.77 45.42
CA SER A 441 6.18 13.84 44.35
C SER A 441 4.99 12.95 43.97
N SER A 442 4.49 12.16 44.91
CA SER A 442 3.34 11.29 44.66
C SER A 442 2.11 12.05 44.16
N PRO A 443 1.72 13.19 44.75
CA PRO A 443 0.51 13.85 44.25
C PRO A 443 0.55 14.21 42.77
N VAL A 444 1.66 14.76 42.26
CA VAL A 444 1.67 15.17 40.86
C VAL A 444 1.60 13.98 39.92
N ILE A 445 2.22 12.86 40.29
CA ILE A 445 2.11 11.68 39.43
C ILE A 445 0.68 11.13 39.47
N SER A 446 0.02 11.17 40.63
CA SER A 446 -1.38 10.76 40.67
C SER A 446 -2.25 11.67 39.81
N ILE A 447 -1.99 12.98 39.85
CA ILE A 447 -2.81 13.91 39.10
C ILE A 447 -2.79 13.59 37.62
N VAL A 448 -1.61 13.34 37.09
CA VAL A 448 -1.49 13.03 35.68
C VAL A 448 -2.35 11.83 35.35
N LEU A 449 -2.32 10.83 36.22
CA LEU A 449 -3.07 9.61 35.95
C LEU A 449 -4.55 9.89 35.74
N VAL A 450 -5.17 10.57 36.70
CA VAL A 450 -6.60 10.85 36.60
C VAL A 450 -6.92 11.73 35.40
N LEU A 451 -6.09 12.73 35.16
CA LEU A 451 -6.33 13.62 34.03
C LEU A 451 -6.32 12.83 32.75
N CYS A 452 -5.33 11.97 32.57
CA CYS A 452 -5.27 11.14 31.38
C CYS A 452 -6.47 10.23 31.37
N ALA A 453 -6.80 9.68 32.53
CA ALA A 453 -7.91 8.73 32.62
C ALA A 453 -9.23 9.40 32.32
N VAL A 454 -9.24 10.72 32.18
CA VAL A 454 -10.47 11.40 31.82
C VAL A 454 -10.45 11.84 30.36
N PHE A 455 -9.27 11.87 29.77
CA PHE A 455 -9.15 12.31 28.38
C PHE A 455 -9.11 11.16 27.40
N ILE A 456 -8.24 10.19 27.62
CA ILE A 456 -8.09 9.09 26.66
C ILE A 456 -9.34 8.21 26.49
N PRO A 457 -10.06 7.92 27.58
CA PRO A 457 -11.19 7.01 27.36
C PRO A 457 -12.16 7.56 26.35
N VAL A 458 -12.57 8.82 26.52
CA VAL A 458 -13.56 9.40 25.63
C VAL A 458 -13.03 9.56 24.21
N SER A 459 -11.72 9.36 24.03
CA SER A 459 -11.13 9.59 22.72
C SER A 459 -11.69 8.63 21.67
N PHE A 460 -12.07 7.41 22.10
CA PHE A 460 -12.49 6.40 21.13
C PHE A 460 -13.98 6.49 20.83
N ILE A 461 -14.69 7.44 21.42
CA ILE A 461 -16.12 7.60 21.19
C ILE A 461 -16.39 7.94 19.73
N PHE A 464 -17.90 9.29 14.67
CA PHE A 464 -18.01 10.64 14.10
C PHE A 464 -17.57 11.69 15.12
N VAL A 465 -18.02 11.51 16.36
CA VAL A 465 -17.72 12.48 17.42
C VAL A 465 -16.39 12.21 18.10
N GLY A 466 -15.87 10.98 18.02
CA GLY A 466 -14.66 10.65 18.74
C GLY A 466 -13.43 11.32 18.15
N GLU A 467 -13.17 11.08 16.87
CA GLU A 467 -11.92 11.49 16.25
C GLU A 467 -11.76 13.01 16.24
N ILE A 468 -12.87 13.75 16.12
CA ILE A 468 -12.78 15.21 16.17
C ILE A 468 -12.34 15.65 17.56
N GLN A 469 -12.78 14.94 18.61
CA GLN A 469 -12.28 15.23 19.95
C GLN A 469 -11.13 14.32 20.35
N ARG A 470 -10.88 13.26 19.58
CA ARG A 470 -9.66 12.48 19.74
C ARG A 470 -8.45 13.37 19.47
N GLN A 471 -8.54 14.17 18.40
CA GLN A 471 -7.51 15.16 18.14
C GLN A 471 -7.44 16.18 19.27
N PHE A 472 -8.53 16.34 20.02
CA PHE A 472 -8.52 17.22 21.18
C PHE A 472 -8.02 16.47 22.40
N ALA A 473 -8.66 15.34 22.73
CA ALA A 473 -8.44 14.68 24.01
C ALA A 473 -6.99 14.20 24.18
N LEU A 474 -6.39 13.64 23.13
CA LEU A 474 -5.03 13.13 23.26
C LEU A 474 -4.04 14.24 23.59
N THR A 475 -4.12 15.38 22.92
CA THR A 475 -3.12 16.42 23.15
C THR A 475 -3.15 16.91 24.59
N LEU A 476 -4.34 17.01 25.18
CA LEU A 476 -4.41 17.24 26.63
C LEU A 476 -3.82 16.06 27.39
N ALA A 477 -4.13 14.83 26.95
CA ALA A 477 -3.62 13.66 27.65
C ALA A 477 -2.11 13.63 27.66
N ILE A 478 -1.47 14.04 26.55
CA ILE A 478 -0.02 14.12 26.53
C ILE A 478 0.45 15.41 27.22
N SER A 479 -0.26 16.51 27.01
CA SER A 479 0.19 17.79 27.57
C SER A 479 0.40 17.69 29.07
N VAL A 480 -0.44 16.92 29.76
CA VAL A 480 -0.24 16.70 31.19
C VAL A 480 0.96 15.79 31.43
N ALA A 481 1.32 14.97 30.44
CA ALA A 481 2.43 14.05 30.62
C ALA A 481 3.77 14.77 30.65
N ILE A 482 4.03 15.63 29.67
CA ILE A 482 5.27 16.41 29.69
C ILE A 482 5.23 17.43 30.82
N SER A 483 4.07 18.02 31.09
CA SER A 483 3.97 18.96 32.19
C SER A 483 4.28 18.28 33.51
N GLY A 484 3.77 17.05 33.71
CA GLY A 484 4.19 16.27 34.87
C GLY A 484 5.66 15.95 34.83
N PHE A 485 6.19 15.64 33.64
CA PHE A 485 7.63 15.45 33.48
C PHE A 485 8.37 16.74 33.84
N VAL A 486 7.90 17.87 33.31
CA VAL A 486 8.54 19.15 33.59
C VAL A 486 8.39 19.52 35.07
N ALA A 487 7.21 19.29 35.63
CA ALA A 487 6.99 19.62 37.04
C ALA A 487 7.88 18.78 37.94
N LEU A 488 8.04 17.49 37.62
CA LEU A 488 8.87 16.62 38.45
C LEU A 488 10.34 16.95 38.30
N THR A 489 10.76 17.36 37.10
CA THR A 489 12.17 17.48 36.77
C THR A 489 12.59 18.93 36.51
N LEU A 490 11.97 19.59 35.54
CA LEU A 490 12.43 20.92 35.16
C LEU A 490 12.19 21.95 36.26
N THR A 491 10.96 22.01 36.77
CA THR A 491 10.61 23.08 37.71
C THR A 491 11.46 23.08 38.96
N PRO A 492 11.67 21.96 39.67
CA PRO A 492 12.52 22.03 40.87
C PRO A 492 13.94 22.45 40.59
N SER A 493 14.51 22.01 39.48
CA SER A 493 15.91 22.33 39.19
C SER A 493 16.11 23.80 38.90
N LEU A 494 15.28 24.36 38.01
CA LEU A 494 15.35 25.80 37.75
C LEU A 494 14.97 26.62 38.97
N SER A 495 14.02 26.13 39.77
CA SER A 495 13.68 26.82 41.01
C SER A 495 14.88 26.87 41.95
N ALA A 496 15.61 25.76 42.06
CA ALA A 496 16.81 25.75 42.89
C ALA A 496 17.89 26.68 42.32
N LEU A 497 17.79 27.01 41.03
CA LEU A 497 18.78 27.89 40.42
C LEU A 497 18.54 29.34 40.79
N PHE A 498 17.37 29.89 40.42
CA PHE A 498 17.04 31.29 40.68
C PHE A 498 15.71 31.38 41.43
N LEU A 499 15.78 31.29 42.75
CA LEU A 499 14.66 31.58 43.63
C LEU A 499 15.15 32.48 44.74
N THR A 500 14.45 33.59 44.97
CA THR A 500 14.90 34.57 45.94
C THR A 500 14.74 34.04 47.36
N ARG A 501 15.80 34.18 48.15
CA ARG A 501 15.78 33.86 49.57
C ARG A 501 15.72 35.15 50.37
N ASN A 502 14.80 35.21 51.33
CA ASN A 502 14.46 36.46 52.02
C ASN A 502 14.07 37.52 50.99
N GLU A 503 12.99 37.25 50.27
CA GLU A 503 12.64 37.97 49.06
C GLU A 503 12.45 39.47 49.29
N SER A 504 11.58 39.82 50.24
CA SER A 504 11.19 41.21 50.51
C SER A 504 10.67 41.78 49.19
N LYS A 505 11.24 42.87 48.66
CA LYS A 505 10.84 43.48 47.39
C LYS A 505 9.35 43.77 47.37
N PRO A 506 8.85 44.63 48.25
CA PRO A 506 7.40 44.81 48.34
C PRO A 506 6.91 45.94 47.43
N PHE A 507 5.73 45.74 46.86
CA PHE A 507 5.01 46.77 46.13
C PHE A 507 3.63 46.91 46.74
N TYR A 508 3.22 48.14 47.04
CA TYR A 508 1.99 48.37 47.78
C TYR A 508 0.77 47.88 47.00
N PHE A 509 0.79 48.01 45.67
CA PHE A 509 -0.32 47.53 44.87
C PHE A 509 -0.46 46.01 44.97
N ILE A 510 0.65 45.29 44.81
CA ILE A 510 0.59 43.83 44.87
C ILE A 510 0.40 43.37 46.31
N GLN A 511 0.92 44.12 47.28
CA GLN A 511 0.75 43.75 48.68
C GLN A 511 -0.71 43.89 49.11
N LYS A 512 -1.40 44.93 48.63
CA LYS A 512 -2.80 45.10 48.98
C LYS A 512 -3.64 43.93 48.48
N PHE A 513 -3.27 43.35 47.35
CA PHE A 513 -3.93 42.14 46.87
C PHE A 513 -3.72 40.99 47.85
N ASN A 514 -2.50 40.87 48.40
CA ASN A 514 -2.21 39.78 49.31
C ASN A 514 -3.03 39.86 50.59
N ASP A 515 -3.19 41.07 51.13
CA ASP A 515 -4.02 41.23 52.33
C ASP A 515 -5.50 40.99 52.00
N PHE A 516 -5.96 41.53 50.87
CA PHE A 516 -7.29 41.20 50.39
C PHE A 516 -7.45 39.70 50.19
N PHE A 517 -6.40 39.05 49.68
CA PHE A 517 -6.46 37.62 49.43
C PHE A 517 -6.55 36.83 50.74
N ASP A 518 -5.81 37.25 51.75
CA ASP A 518 -5.89 36.59 53.05
C ASP A 518 -7.24 36.82 53.72
N TRP A 519 -7.81 38.01 53.58
CA TRP A 519 -9.16 38.26 54.08
C TRP A 519 -10.17 37.38 53.37
N SER A 520 -10.00 37.21 52.05
CA SER A 520 -10.86 36.29 51.30
C SER A 520 -10.70 34.86 51.81
N THR A 521 -9.48 34.47 52.15
CA THR A 521 -9.25 33.15 52.74
C THR A 521 -9.97 33.00 54.07
N SER A 522 -9.95 34.05 54.90
CA SER A 522 -10.67 33.99 56.17
C SER A 522 -12.18 33.86 55.96
N VAL A 523 -12.72 34.61 55.00
CA VAL A 523 -14.13 34.49 54.67
C VAL A 523 -14.43 33.09 54.14
N PHE A 524 -13.50 32.52 53.38
CA PHE A 524 -13.63 31.15 52.91
C PHE A 524 -13.70 30.18 54.09
N SER A 525 -12.85 30.39 55.09
CA SER A 525 -12.88 29.52 56.27
C SER A 525 -14.21 29.62 56.99
N SER A 526 -14.72 30.85 57.15
CA SER A 526 -16.03 31.01 57.80
C SER A 526 -17.14 30.33 56.99
N GLY A 527 -17.11 30.49 55.67
CA GLY A 527 -18.12 29.86 54.84
C GLY A 527 -18.07 28.35 54.88
N VAL A 528 -16.87 27.77 54.83
CA VAL A 528 -16.76 26.32 54.86
C VAL A 528 -17.14 25.77 56.23
N ALA A 529 -16.87 26.54 57.30
CA ALA A 529 -17.35 26.14 58.61
C ALA A 529 -18.88 26.12 58.64
N TYR A 530 -19.51 27.14 58.06
CA TYR A 530 -20.96 27.16 57.97
C TYR A 530 -21.47 25.97 57.16
N ILE A 531 -20.77 25.62 56.09
CA ILE A 531 -21.15 24.45 55.28
C ILE A 531 -21.09 23.18 56.12
N LEU A 532 -19.99 23.01 56.86
CA LEU A 532 -19.81 21.81 57.66
C LEU A 532 -20.88 21.71 58.75
N LYS A 533 -21.27 22.85 59.33
CA LYS A 533 -22.31 22.83 60.35
C LYS A 533 -23.64 22.32 59.78
N ARG A 534 -24.00 22.76 58.58
CA ARG A 534 -25.23 22.31 57.93
C ARG A 534 -24.91 21.10 57.05
N THR A 535 -24.89 19.93 57.70
CA THR A 535 -24.52 18.70 57.02
C THR A 535 -25.56 18.28 55.98
N ILE A 536 -26.83 18.52 56.25
CA ILE A 536 -27.91 18.04 55.39
C ILE A 536 -28.25 19.06 54.31
N ARG A 537 -28.25 20.34 54.67
CA ARG A 537 -28.70 21.38 53.75
C ARG A 537 -27.85 21.42 52.50
N PHE A 538 -26.53 21.27 52.64
CA PHE A 538 -25.66 21.46 51.49
C PHE A 538 -25.62 20.22 50.60
N VAL A 539 -25.80 19.02 51.16
CA VAL A 539 -25.92 17.85 50.29
C VAL A 539 -27.25 17.90 49.54
N LEU A 540 -28.31 18.37 50.19
CA LEU A 540 -29.53 18.63 49.44
C LEU A 540 -29.33 19.67 48.35
N VAL A 541 -28.57 20.72 48.64
CA VAL A 541 -28.24 21.72 47.63
C VAL A 541 -27.49 21.08 46.47
N PHE A 542 -26.61 20.13 46.78
CA PHE A 542 -25.87 19.42 45.73
C PHE A 542 -26.80 18.61 44.84
N CYS A 543 -27.74 17.88 45.44
CA CYS A 543 -28.69 17.12 44.62
C CYS A 543 -29.55 18.05 43.77
N ILE A 544 -29.98 19.17 44.35
CA ILE A 544 -30.72 20.18 43.60
C ILE A 544 -29.88 20.71 42.44
N MET A 545 -28.59 20.89 42.68
CA MET A 545 -27.66 21.38 41.66
C MET A 545 -27.57 20.38 40.52
N ILE A 546 -27.52 19.09 40.85
CA ILE A 546 -27.56 18.04 39.84
C ILE A 546 -28.84 18.17 39.01
N GLY A 547 -29.95 18.47 39.68
CA GLY A 547 -31.20 18.66 38.96
C GLY A 547 -31.14 19.81 37.96
N PHE A 548 -30.63 20.97 38.40
CA PHE A 548 -30.36 22.05 37.45
C PHE A 548 -29.45 21.61 36.30
N ILE A 549 -28.49 20.73 36.55
CA ILE A 549 -27.62 20.29 35.46
C ILE A 549 -28.44 19.65 34.35
N ALA A 550 -29.32 18.72 34.71
CA ALA A 550 -30.15 18.04 33.70
C ALA A 550 -31.10 19.02 33.03
N TYR A 551 -31.75 19.90 33.81
CA TYR A 551 -32.67 20.88 33.23
C TYR A 551 -31.95 21.75 32.21
N LEU A 552 -30.77 22.24 32.58
CA LEU A 552 -30.03 23.18 31.75
C LEU A 552 -29.49 22.50 30.50
N PHE A 553 -29.07 21.24 30.62
CA PHE A 553 -28.68 20.49 29.44
C PHE A 553 -29.87 20.29 28.50
N LYS A 554 -31.04 20.01 29.06
CA LYS A 554 -32.22 19.76 28.23
C LYS A 554 -32.61 21.00 27.44
N ILE A 555 -32.62 22.17 28.09
CA ILE A 555 -33.18 23.35 27.42
C ILE A 555 -32.24 23.86 26.33
N VAL A 556 -30.93 23.74 26.53
CA VAL A 556 -29.97 24.41 25.63
C VAL A 556 -30.03 23.76 24.25
N PRO A 557 -29.99 24.54 23.18
CA PRO A 557 -29.89 23.94 21.84
C PRO A 557 -28.53 23.30 21.61
N SER A 558 -28.51 22.33 20.68
CA SER A 558 -27.30 21.59 20.37
C SER A 558 -27.04 21.65 18.87
N SER A 559 -25.85 22.09 18.49
CA SER A 559 -25.39 22.06 17.11
C SER A 559 -23.95 21.62 17.09
N LEU A 560 -23.56 20.86 16.06
CA LEU A 560 -22.21 20.33 16.00
C LEU A 560 -21.17 21.44 15.88
N VAL A 561 -21.34 22.33 14.91
CA VAL A 561 -20.41 23.44 14.70
C VAL A 561 -21.20 24.74 14.57
N PRO A 562 -20.90 25.76 15.37
CA PRO A 562 -21.52 27.08 15.15
C PRO A 562 -21.07 27.67 13.83
N SER A 563 -21.94 28.46 13.21
CA SER A 563 -21.61 29.10 11.95
C SER A 563 -20.76 30.35 12.19
N GLU A 564 -19.71 30.50 11.39
CA GLU A 564 -18.81 31.63 11.52
C GLU A 564 -18.59 32.25 10.15
N ASP A 565 -18.37 33.57 10.14
CA ASP A 565 -18.10 34.27 8.90
C ASP A 565 -16.73 33.87 8.35
N GLN A 566 -16.66 33.70 7.03
CA GLN A 566 -15.43 33.31 6.36
C GLN A 566 -15.01 34.31 5.30
N GLY A 567 -15.81 35.34 5.04
CA GLY A 567 -15.46 36.32 4.03
C GLY A 567 -15.70 35.90 2.60
N VAL A 568 -16.39 34.78 2.38
CA VAL A 568 -16.69 34.29 1.03
C VAL A 568 -18.18 34.02 0.96
N ILE A 569 -18.84 34.56 -0.06
CA ILE A 569 -20.25 34.33 -0.29
C ILE A 569 -20.42 33.71 -1.68
N MET A 570 -21.18 32.62 -1.74
CA MET A 570 -21.46 31.92 -2.99
C MET A 570 -22.84 32.31 -3.47
N SER A 571 -22.92 32.75 -4.72
CA SER A 571 -24.18 33.13 -5.35
C SER A 571 -24.39 32.24 -6.56
N ILE A 572 -25.26 31.25 -6.42
CA ILE A 572 -25.60 30.35 -7.54
C ILE A 572 -26.78 30.98 -8.25
N ILE A 573 -26.49 31.59 -9.40
CA ILE A 573 -27.54 32.26 -10.18
C ILE A 573 -28.16 31.26 -11.13
N ASN A 574 -29.48 31.10 -11.04
CA ASN A 574 -30.20 30.18 -11.88
C ASN A 574 -31.26 30.94 -12.67
N LEU A 575 -31.05 31.06 -13.97
CA LEU A 575 -32.00 31.69 -14.88
C LEU A 575 -33.13 30.71 -15.16
N PRO A 576 -34.16 31.08 -15.93
CA PRO A 576 -35.13 30.08 -16.38
C PRO A 576 -34.45 28.90 -17.05
N SER A 577 -35.15 27.76 -17.04
CA SER A 577 -34.52 26.50 -17.42
C SER A 577 -33.93 26.55 -18.83
N GLY A 578 -34.73 26.98 -19.81
CA GLY A 578 -34.28 26.92 -21.19
C GLY A 578 -33.36 28.06 -21.60
N SER A 579 -33.09 29.01 -20.71
CA SER A 579 -32.36 30.21 -21.07
C SER A 579 -30.99 29.87 -21.64
N SER A 580 -30.63 30.58 -22.70
CA SER A 580 -29.37 30.35 -23.41
C SER A 580 -28.23 31.08 -22.69
N ILE A 581 -27.03 31.04 -23.28
CA ILE A 581 -25.86 31.55 -22.59
C ILE A 581 -25.85 33.07 -22.54
N HIS A 582 -26.36 33.74 -23.58
CA HIS A 582 -26.22 35.20 -23.64
C HIS A 582 -27.06 35.88 -22.57
N ARG A 583 -28.25 35.35 -22.27
CA ARG A 583 -29.05 35.90 -21.19
C ARG A 583 -28.35 35.75 -19.85
N THR A 584 -27.74 34.58 -19.61
CA THR A 584 -26.98 34.38 -18.39
C THR A 584 -25.81 35.34 -18.30
N ILE A 585 -25.11 35.56 -19.42
CA ILE A 585 -23.98 36.48 -19.42
C ILE A 585 -24.44 37.90 -19.10
N GLU A 586 -25.56 38.33 -19.69
CA GLU A 586 -26.06 39.67 -19.40
C GLU A 586 -26.45 39.81 -17.94
N GLU A 587 -27.13 38.81 -17.38
CA GLU A 587 -27.54 38.90 -15.98
C GLU A 587 -26.34 38.87 -15.04
N VAL A 588 -25.33 38.07 -15.38
CA VAL A 588 -24.13 38.02 -14.55
C VAL A 588 -23.38 39.35 -14.62
N ASP A 589 -23.34 39.96 -15.81
CA ASP A 589 -22.75 41.30 -15.92
C ASP A 589 -23.51 42.29 -15.06
N THR A 590 -24.83 42.23 -15.07
CA THR A 590 -25.63 43.15 -14.27
C THR A 590 -25.36 42.97 -12.78
N ILE A 591 -25.33 41.73 -12.30
CA ILE A 591 -25.14 41.50 -10.87
C ILE A 591 -23.72 41.87 -10.46
N ASN A 592 -22.73 41.61 -11.32
CA ASN A 592 -21.36 42.00 -11.01
C ASN A 592 -21.23 43.52 -10.95
N LYS A 593 -21.87 44.23 -11.89
CA LYS A 593 -21.85 45.69 -11.84
C LYS A 593 -22.52 46.19 -10.57
N ASN A 594 -23.61 45.56 -10.15
CA ASN A 594 -24.25 45.93 -8.89
C ASN A 594 -23.32 45.70 -7.70
N ALA A 595 -22.56 44.61 -7.73
CA ALA A 595 -21.68 44.30 -6.61
C ALA A 595 -20.48 45.23 -6.53
N THR A 596 -20.07 45.81 -7.67
CA THR A 596 -18.91 46.71 -7.66
C THR A 596 -19.17 47.95 -6.82
N GLN A 597 -20.42 48.41 -6.78
CA GLN A 597 -20.74 49.59 -5.99
C GLN A 597 -20.59 49.32 -4.50
N MET A 598 -20.85 48.08 -4.07
CA MET A 598 -20.76 47.74 -2.66
C MET A 598 -19.32 47.81 -2.18
N LYS A 599 -19.12 48.44 -1.02
CA LYS A 599 -17.76 48.64 -0.52
C LYS A 599 -17.17 47.34 0.03
N GLU A 600 -17.98 46.56 0.76
CA GLU A 600 -17.45 45.38 1.44
C GLU A 600 -16.95 44.33 0.44
N ILE A 601 -17.55 44.29 -0.74
CA ILE A 601 -17.20 43.27 -1.74
C ILE A 601 -15.93 43.77 -2.44
N SER A 602 -14.80 43.15 -2.14
CA SER A 602 -13.54 43.59 -2.72
C SER A 602 -13.41 43.15 -4.17
N SER A 603 -13.80 41.90 -4.47
CA SER A 603 -13.69 41.36 -5.81
C SER A 603 -14.70 40.24 -5.98
N SER A 604 -14.97 39.89 -7.24
CA SER A 604 -15.93 38.85 -7.56
C SER A 604 -15.48 38.09 -8.79
N VAL A 605 -15.40 36.77 -8.67
CA VAL A 605 -15.12 35.88 -9.80
C VAL A 605 -16.39 35.10 -10.10
N SER A 606 -16.82 35.13 -11.35
CA SER A 606 -18.08 34.53 -11.75
C SER A 606 -17.82 33.44 -12.80
N LEU A 607 -18.45 32.29 -12.62
CA LEU A 607 -18.42 31.21 -13.59
C LEU A 607 -19.76 31.19 -14.32
N ILE A 608 -19.73 31.54 -15.60
CA ILE A 608 -20.94 31.61 -16.43
C ILE A 608 -21.06 30.33 -17.21
N GLY A 609 -22.26 29.75 -17.23
CA GLY A 609 -22.48 28.49 -17.91
C GLY A 609 -22.08 27.27 -17.12
N PHE A 610 -21.60 27.45 -15.89
CA PHE A 610 -21.16 26.35 -15.04
C PHE A 610 -21.98 26.38 -13.75
N ASP A 611 -22.46 25.21 -13.34
CA ASP A 611 -23.22 25.08 -12.10
C ASP A 611 -22.41 24.25 -11.12
N LEU A 612 -22.68 24.42 -9.82
CA LEU A 612 -21.83 23.82 -8.81
C LEU A 612 -22.38 22.49 -8.32
N PHE A 613 -23.71 22.38 -8.21
CA PHE A 613 -24.27 21.23 -7.50
C PHE A 613 -24.23 19.95 -8.33
N THR A 614 -24.00 20.06 -9.64
CA THR A 614 -23.64 18.88 -10.43
C THR A 614 -22.24 18.96 -11.03
N SER A 615 -21.59 20.12 -10.95
CA SER A 615 -20.24 20.32 -11.52
C SER A 615 -20.23 20.01 -13.01
N SER A 616 -21.23 20.50 -13.74
CA SER A 616 -21.31 20.34 -15.18
C SER A 616 -21.54 21.69 -15.82
N LEU A 617 -21.63 21.70 -17.16
CA LEU A 617 -21.83 22.92 -17.92
C LEU A 617 -23.30 23.06 -18.28
N LYS A 618 -23.99 24.00 -17.65
CA LYS A 618 -25.38 24.31 -17.95
C LYS A 618 -25.48 25.80 -18.27
N GLU A 619 -26.08 26.12 -19.41
CA GLU A 619 -26.07 27.50 -19.87
C GLU A 619 -26.91 28.41 -18.97
N ASN A 620 -28.00 27.88 -18.42
CA ASN A 620 -28.90 28.71 -17.63
C ASN A 620 -28.28 29.09 -16.29
N ALA A 621 -27.42 28.24 -15.75
CA ALA A 621 -26.91 28.42 -14.40
C ALA A 621 -25.56 29.15 -14.40
N ALA A 622 -25.32 29.88 -13.32
CA ALA A 622 -24.05 30.56 -13.10
C ALA A 622 -23.76 30.57 -11.61
N ALA A 623 -22.48 30.68 -11.25
CA ALA A 623 -22.04 30.65 -9.87
C ALA A 623 -21.03 31.77 -9.64
N VAL A 624 -21.51 32.86 -9.03
CA VAL A 624 -20.64 34.00 -8.77
C VAL A 624 -20.11 33.94 -7.35
N PHE A 625 -18.79 33.98 -7.21
CA PHE A 625 -18.13 34.06 -5.91
C PHE A 625 -17.92 35.52 -5.55
N PHE A 626 -18.43 35.94 -4.40
CA PHE A 626 -18.21 37.29 -3.88
C PHE A 626 -17.21 37.21 -2.75
N ILE A 627 -16.03 37.78 -2.96
CA ILE A 627 -14.96 37.75 -1.96
C ILE A 627 -15.07 39.03 -1.12
N LEU A 628 -15.25 38.84 0.18
CA LEU A 628 -15.49 39.94 1.10
C LEU A 628 -14.15 40.54 1.56
N LYS A 629 -14.25 41.71 2.20
CA LYS A 629 -13.09 42.36 2.76
C LYS A 629 -12.65 41.67 4.05
N ASP A 630 -11.54 42.14 4.60
CA ASP A 630 -11.04 41.63 5.87
C ASP A 630 -12.09 41.84 6.96
N TRP A 631 -12.27 40.82 7.81
CA TRP A 631 -13.28 40.92 8.86
C TRP A 631 -13.03 42.12 9.76
N SER A 632 -11.75 42.41 10.04
CA SER A 632 -11.42 43.59 10.83
C SER A 632 -11.80 44.88 10.10
N GLN A 633 -11.57 44.93 8.79
CA GLN A 633 -11.85 46.14 8.03
C GLN A 633 -13.34 46.47 8.02
N ARG A 634 -14.17 45.49 7.70
CA ARG A 634 -15.61 45.71 7.56
C ARG A 634 -16.31 45.18 8.81
N GLU A 635 -16.96 46.09 9.55
CA GLU A 635 -17.79 45.68 10.67
C GLU A 635 -18.99 44.87 10.22
N ALA A 636 -19.48 45.10 9.01
CA ALA A 636 -20.65 44.39 8.51
C ALA A 636 -20.39 42.90 8.48
N SER A 637 -21.23 42.14 9.18
CA SER A 637 -21.16 40.70 9.14
C SER A 637 -21.57 40.20 7.75
N SER A 638 -21.36 38.90 7.52
CA SER A 638 -21.72 38.34 6.23
C SER A 638 -23.22 38.44 5.98
N ASP A 639 -24.03 38.29 7.03
CA ASP A 639 -25.47 38.13 6.86
C ASP A 639 -26.13 39.40 6.30
N GLN A 640 -25.74 40.57 6.80
CA GLN A 640 -26.33 41.80 6.29
C GLN A 640 -25.93 42.01 4.83
N ILE A 641 -24.71 41.60 4.46
CA ILE A 641 -24.30 41.69 3.06
C ILE A 641 -25.05 40.70 2.18
N ILE A 642 -25.36 39.49 2.67
CA ILE A 642 -26.25 38.61 1.92
C ILE A 642 -27.62 39.24 1.74
N ALA A 643 -28.12 39.93 2.77
CA ALA A 643 -29.37 40.67 2.60
C ALA A 643 -29.24 41.73 1.51
N GLN A 644 -28.09 42.41 1.49
CA GLN A 644 -27.85 43.43 0.48
C GLN A 644 -27.84 42.84 -0.93
N LEU A 645 -27.18 41.68 -1.09
CA LEU A 645 -27.16 41.02 -2.40
C LEU A 645 -28.56 40.53 -2.77
N PHE A 646 -29.35 40.12 -1.79
CA PHE A 646 -30.75 39.77 -2.05
C PHE A 646 -31.51 40.95 -2.60
N GLY A 647 -31.30 42.14 -2.02
CA GLY A 647 -31.92 43.34 -2.56
C GLY A 647 -31.29 43.86 -3.83
N GLN A 648 -30.09 43.39 -4.16
CA GLN A 648 -29.36 43.91 -5.31
C GLN A 648 -30.09 43.71 -6.63
N TYR A 649 -30.58 42.48 -6.88
CA TYR A 649 -31.14 42.13 -8.19
C TYR A 649 -32.61 41.75 -8.04
N ALA A 650 -33.47 42.77 -8.06
CA ALA A 650 -34.92 42.63 -8.24
C ALA A 650 -35.53 41.57 -7.32
N ALA A 651 -34.86 41.27 -6.20
CA ALA A 651 -35.30 40.26 -5.23
C ALA A 651 -35.55 38.95 -5.99
N ASP A 652 -36.72 38.32 -5.84
CA ASP A 652 -36.95 37.02 -6.48
C ASP A 652 -37.22 37.17 -7.97
N ARG A 653 -37.58 38.37 -8.42
CA ARG A 653 -37.98 38.56 -9.80
C ARG A 653 -36.78 38.48 -10.74
N ASN A 654 -36.97 37.81 -11.88
CA ASN A 654 -36.07 37.72 -13.03
C ASN A 654 -34.87 36.81 -12.78
N ALA A 655 -34.67 36.29 -11.57
CA ALA A 655 -33.53 35.42 -11.30
C ALA A 655 -33.81 34.64 -10.02
N LEU A 656 -33.11 33.51 -9.90
CA LEU A 656 -33.17 32.67 -8.70
C LEU A 656 -31.75 32.51 -8.18
N SER A 657 -31.46 33.14 -7.05
CA SER A 657 -30.11 33.17 -6.50
C SER A 657 -30.14 32.68 -5.06
N TYR A 658 -29.29 31.71 -4.75
CA TYR A 658 -29.11 31.21 -3.39
C TYR A 658 -27.80 31.76 -2.86
N PHE A 659 -27.82 32.97 -2.33
CA PHE A 659 -26.63 33.57 -1.75
C PHE A 659 -26.30 32.83 -0.46
N LEU A 660 -25.33 31.91 -0.52
CA LEU A 660 -24.98 31.06 0.61
C LEU A 660 -23.63 31.51 1.18
N ASN A 661 -23.61 31.82 2.47
CA ASN A 661 -22.35 32.19 3.12
C ASN A 661 -21.42 31.00 3.24
N LEU A 662 -21.97 29.82 3.49
CA LEU A 662 -21.15 28.63 3.64
C LEU A 662 -20.46 28.31 2.33
N PRO A 663 -19.18 27.88 2.36
CA PRO A 663 -18.43 27.56 1.14
C PRO A 663 -18.59 26.09 0.74
N SER A 669 -16.76 18.71 5.69
CA SER A 669 -16.40 19.94 6.40
C SER A 669 -17.49 20.34 7.38
N LEU A 670 -18.02 21.55 7.20
CA LEU A 670 -19.12 22.01 8.06
C LEU A 670 -20.35 21.12 7.90
N THR A 671 -20.72 20.80 6.66
CA THR A 671 -21.82 19.89 6.35
C THR A 671 -23.10 20.29 7.07
N GLY A 672 -23.48 21.56 6.96
CA GLY A 672 -24.68 22.04 7.63
C GLY A 672 -25.97 21.35 7.21
N GLY A 673 -26.38 21.53 5.97
CA GLY A 673 -27.63 20.94 5.50
C GLY A 673 -27.55 19.49 5.11
N PHE A 674 -28.57 18.71 5.46
CA PHE A 674 -28.58 17.29 5.13
C PHE A 674 -29.01 17.08 3.70
N GLU A 675 -28.34 16.19 2.98
CA GLU A 675 -28.75 15.88 1.62
C GLU A 675 -29.37 14.48 1.61
N MET A 676 -30.39 14.31 0.77
CA MET A 676 -31.24 13.13 0.82
C MET A 676 -31.53 12.65 -0.59
N TYR A 677 -31.51 11.33 -0.78
CA TYR A 677 -31.73 10.71 -2.07
C TYR A 677 -32.92 9.76 -2.01
N ALA A 678 -33.83 9.90 -2.97
CA ALA A 678 -35.02 9.06 -3.04
C ALA A 678 -34.92 8.17 -4.27
N GLN A 679 -34.34 7.00 -4.09
CA GLN A 679 -34.19 6.05 -5.19
C GLN A 679 -35.55 5.44 -5.54
N ASN A 680 -35.89 5.45 -6.83
CA ASN A 680 -37.14 4.88 -7.31
C ASN A 680 -36.85 3.47 -7.85
N LYS A 681 -37.25 2.46 -7.09
CA LYS A 681 -37.09 1.08 -7.54
C LYS A 681 -37.88 0.82 -8.81
N SER A 682 -39.13 1.30 -8.86
CA SER A 682 -39.94 1.13 -10.06
C SER A 682 -39.34 1.91 -11.23
N GLY A 683 -38.93 3.15 -10.99
CA GLY A 683 -38.33 3.95 -12.05
C GLY A 683 -39.25 4.18 -13.23
N LYS A 684 -40.51 4.50 -12.96
CA LYS A 684 -41.50 4.62 -14.03
C LYS A 684 -41.14 5.73 -15.00
N ASP A 685 -41.19 6.99 -14.54
CA ASP A 685 -40.88 8.14 -15.37
C ASP A 685 -40.30 9.23 -14.49
N TYR A 686 -39.36 9.99 -15.06
CA TYR A 686 -38.83 11.14 -14.34
C TYR A 686 -39.89 12.21 -14.14
N ASP A 687 -40.82 12.32 -15.09
CA ASP A 687 -41.94 13.25 -14.92
C ASP A 687 -42.81 12.85 -13.73
N ALA A 688 -43.11 11.56 -13.60
CA ALA A 688 -43.89 11.09 -12.45
C ALA A 688 -43.11 11.22 -11.16
N ILE A 689 -41.79 10.98 -11.21
CA ILE A 689 -40.96 11.19 -10.04
C ILE A 689 -41.02 12.65 -9.61
N GLN A 690 -41.09 13.58 -10.57
CA GLN A 690 -41.22 14.99 -10.23
C GLN A 690 -42.49 15.25 -9.45
N GLN A 691 -43.61 14.68 -9.89
CA GLN A 691 -44.88 14.89 -9.19
C GLN A 691 -44.86 14.28 -7.80
N ASP A 692 -44.26 13.10 -7.67
CA ASP A 692 -44.17 12.48 -6.36
C ASP A 692 -43.32 13.34 -5.43
N VAL A 693 -42.16 13.77 -5.91
CA VAL A 693 -41.30 14.62 -5.11
C VAL A 693 -42.04 15.89 -4.71
N ASN A 694 -42.85 16.46 -5.60
CA ASN A 694 -43.66 17.62 -5.26
C ASN A 694 -44.68 17.31 -4.18
N LYS A 695 -45.34 16.15 -4.23
CA LYS A 695 -46.27 15.78 -3.17
C LYS A 695 -45.56 15.66 -1.83
N MET A 696 -44.40 14.99 -1.83
CA MET A 696 -43.60 14.93 -0.61
C MET A 696 -43.22 16.32 -0.14
N LEU A 697 -42.93 17.22 -1.09
CA LEU A 697 -42.55 18.59 -0.74
C LEU A 697 -43.71 19.33 -0.07
N GLU A 698 -44.93 19.17 -0.60
CA GLU A 698 -46.07 19.81 0.05
C GLU A 698 -46.29 19.25 1.45
N LEU A 699 -46.20 17.93 1.60
CA LEU A 699 -46.46 17.37 2.93
C LEU A 699 -45.38 17.77 3.92
N ALA A 700 -44.14 17.96 3.46
CA ALA A 700 -43.06 18.43 4.33
C ALA A 700 -43.02 19.94 4.45
N ARG A 701 -43.82 20.67 3.66
CA ARG A 701 -43.87 22.11 3.80
C ARG A 701 -44.43 22.54 5.16
N THR A 702 -45.04 21.60 5.88
CA THR A 702 -45.43 21.87 7.26
C THR A 702 -44.22 22.30 8.09
N ARG A 703 -43.05 21.75 7.79
CA ARG A 703 -41.79 22.14 8.41
C ARG A 703 -41.86 21.99 9.93
N LYS A 704 -42.28 20.80 10.39
CA LYS A 704 -42.38 20.56 11.82
C LYS A 704 -41.02 20.72 12.50
N GLU A 705 -40.02 20.04 11.96
CA GLU A 705 -38.67 20.21 12.48
C GLU A 705 -37.70 19.97 11.34
N LEU A 706 -38.11 20.32 10.12
CA LEU A 706 -37.27 20.07 8.95
C LEU A 706 -36.99 21.33 8.15
N ALA A 707 -37.36 22.49 8.69
CA ALA A 707 -37.09 23.76 8.03
C ALA A 707 -37.49 23.75 6.56
N ASN A 708 -36.64 24.33 5.70
CA ASN A 708 -36.96 24.42 4.28
C ASN A 708 -36.17 23.35 3.54
N VAL A 709 -36.86 22.56 2.71
CA VAL A 709 -36.25 21.51 1.91
C VAL A 709 -36.57 21.80 0.44
N ARG A 710 -35.60 21.57 -0.43
CA ARG A 710 -35.74 21.78 -1.87
C ARG A 710 -35.15 20.59 -2.62
N THR A 711 -35.66 20.37 -3.82
CA THR A 711 -35.14 19.29 -4.66
C THR A 711 -34.35 19.87 -5.83
N THR A 712 -33.33 19.12 -6.26
CA THR A 712 -32.53 19.48 -7.41
C THR A 712 -33.12 18.96 -8.71
N LEU A 713 -34.21 18.19 -8.64
CA LEU A 713 -34.82 17.58 -9.81
C LEU A 713 -35.68 18.61 -10.53
N ASP A 714 -35.31 18.93 -11.77
CA ASP A 714 -36.09 19.82 -12.62
C ASP A 714 -36.28 19.15 -13.97
N THR A 715 -37.52 18.78 -14.29
CA THR A 715 -37.84 18.19 -15.57
C THR A 715 -38.45 19.19 -16.55
N SER A 716 -38.56 20.45 -16.15
CA SER A 716 -39.13 21.49 -17.01
C SER A 716 -38.07 22.14 -17.87
N PHE A 717 -37.29 21.32 -18.56
CA PHE A 717 -36.23 21.75 -19.45
C PHE A 717 -36.66 21.53 -20.89
N PRO A 718 -36.75 22.59 -21.71
CA PRO A 718 -37.23 22.41 -23.08
C PRO A 718 -36.37 21.44 -23.86
N GLN A 719 -37.02 20.50 -24.55
CA GLN A 719 -36.34 19.48 -25.32
C GLN A 719 -37.13 19.17 -26.58
N TYR A 720 -36.44 18.68 -27.59
CA TYR A 720 -37.06 18.20 -28.81
C TYR A 720 -36.84 16.71 -28.93
N LYS A 721 -37.90 16.00 -29.28
CA LYS A 721 -37.86 14.54 -29.45
C LYS A 721 -37.86 14.21 -30.92
N LEU A 722 -36.84 13.47 -31.36
CA LEU A 722 -36.74 13.05 -32.76
C LEU A 722 -37.61 11.82 -32.99
N ILE A 723 -38.71 12.01 -33.69
CA ILE A 723 -39.60 10.91 -34.08
C ILE A 723 -39.10 10.37 -35.41
N ILE A 724 -38.56 9.16 -35.39
CA ILE A 724 -37.96 8.53 -36.56
C ILE A 724 -39.01 7.66 -37.22
N ASP A 725 -39.33 7.96 -38.48
CA ASP A 725 -40.21 7.11 -39.26
C ASP A 725 -39.35 6.08 -39.98
N ARG A 726 -39.13 4.94 -39.31
CA ARG A 726 -38.21 3.92 -39.83
C ARG A 726 -38.68 3.34 -41.16
N ASP A 727 -39.99 3.20 -41.36
CA ASP A 727 -40.49 2.73 -42.65
C ASP A 727 -40.10 3.68 -43.77
N LYS A 728 -40.35 4.97 -43.59
CA LYS A 728 -39.97 5.96 -44.60
C LYS A 728 -38.47 5.99 -44.80
N MET A 729 -37.70 5.91 -43.70
CA MET A 729 -36.25 5.97 -43.80
C MET A 729 -35.70 4.80 -44.61
N LYS A 730 -36.19 3.58 -44.33
CA LYS A 730 -35.70 2.43 -45.08
C LYS A 730 -36.25 2.42 -46.50
N TYR A 731 -37.38 3.08 -46.72
CA TYR A 731 -37.87 3.22 -48.09
C TYR A 731 -36.94 4.09 -48.92
N TYR A 732 -36.32 5.08 -48.30
CA TYR A 732 -35.35 5.93 -48.97
C TYR A 732 -33.95 5.32 -48.99
N ASN A 733 -33.79 4.09 -48.52
CA ASN A 733 -32.49 3.40 -48.53
C ASN A 733 -31.46 4.15 -47.70
N LEU A 734 -31.85 4.56 -46.50
CA LEU A 734 -30.98 5.29 -45.58
C LEU A 734 -30.72 4.45 -44.34
N ASN A 735 -29.45 4.39 -43.93
CA ASN A 735 -29.06 3.71 -42.71
C ASN A 735 -29.15 4.67 -41.52
N MET A 736 -29.52 4.14 -40.37
CA MET A 736 -29.60 4.95 -39.15
C MET A 736 -28.27 5.63 -38.86
N GLN A 737 -27.17 4.87 -38.98
CA GLN A 737 -25.86 5.40 -38.63
C GLN A 737 -25.51 6.61 -39.48
N ASP A 738 -25.75 6.54 -40.79
CA ASP A 738 -25.46 7.66 -41.67
C ASP A 738 -26.35 8.87 -41.40
N VAL A 739 -27.64 8.65 -41.16
CA VAL A 739 -28.54 9.77 -40.89
C VAL A 739 -28.11 10.50 -39.62
N PHE A 740 -27.86 9.75 -38.55
CA PHE A 740 -27.45 10.40 -37.31
C PHE A 740 -26.03 10.95 -37.39
N ASN A 741 -25.17 10.38 -38.24
CA ASN A 741 -23.86 10.98 -38.49
C ASN A 741 -24.01 12.35 -39.15
N THR A 742 -24.91 12.45 -40.13
CA THR A 742 -25.16 13.74 -40.76
C THR A 742 -25.74 14.73 -39.77
N ILE A 743 -26.66 14.28 -38.90
CA ILE A 743 -27.23 15.16 -37.89
C ILE A 743 -26.14 15.66 -36.95
N SER A 744 -25.29 14.74 -36.45
CA SER A 744 -24.23 15.14 -35.54
C SER A 744 -23.17 16.00 -36.22
N ALA A 745 -23.04 15.92 -37.55
CA ALA A 745 -22.10 16.76 -38.26
C ALA A 745 -22.67 18.13 -38.60
N THR A 746 -24.00 18.26 -38.67
CA THR A 746 -24.62 19.54 -38.99
C THR A 746 -25.12 20.25 -37.73
N ILE A 747 -26.00 19.63 -36.95
CA ILE A 747 -26.52 20.28 -35.76
C ILE A 747 -25.50 20.26 -34.63
N GLY A 748 -25.00 19.08 -34.29
CA GLY A 748 -24.00 18.97 -33.25
C GLY A 748 -22.60 19.14 -33.79
N THR A 749 -21.63 18.88 -32.91
CA THR A 749 -20.22 18.95 -33.27
C THR A 749 -19.68 17.54 -33.44
N TYR A 750 -19.02 17.30 -34.57
CA TYR A 750 -18.42 16.01 -34.87
C TYR A 750 -16.90 16.16 -34.86
N TYR A 751 -16.24 15.38 -34.01
CA TYR A 751 -14.79 15.45 -33.84
C TYR A 751 -14.17 14.39 -34.74
N VAL A 752 -13.65 14.81 -35.89
CA VAL A 752 -13.11 13.86 -36.87
C VAL A 752 -11.74 13.36 -36.43
N ASN A 753 -10.77 14.26 -36.29
CA ASN A 753 -9.42 13.88 -35.87
C ASN A 753 -8.70 15.14 -35.40
N ASP A 754 -7.39 15.03 -35.23
CA ASP A 754 -6.58 16.10 -34.66
C ASP A 754 -5.64 16.68 -35.71
N PHE A 755 -5.44 17.99 -35.66
CA PHE A 755 -4.46 18.69 -36.47
C PHE A 755 -3.34 19.21 -35.59
N PRO A 756 -2.11 19.34 -36.11
CA PRO A 756 -0.99 19.78 -35.26
C PRO A 756 -0.86 21.29 -35.20
N MET A 757 -0.77 21.82 -33.98
CA MET A 757 -0.57 23.25 -33.77
C MET A 757 0.15 23.46 -32.45
N LEU A 758 1.20 24.28 -32.48
CA LEU A 758 1.97 24.63 -31.30
C LEU A 758 2.53 23.39 -30.59
N GLY A 759 2.85 22.36 -31.36
CA GLY A 759 3.36 21.11 -30.83
C GLY A 759 2.29 20.13 -30.39
N LYS A 760 1.25 20.63 -29.71
CA LYS A 760 0.17 19.78 -29.25
C LYS A 760 -0.75 19.42 -30.41
N ASN A 761 -1.68 18.51 -30.14
CA ASN A 761 -2.71 18.12 -31.09
C ASN A 761 -4.05 18.72 -30.66
N PHE A 762 -4.71 19.40 -31.58
CA PHE A 762 -5.99 20.04 -31.32
C PHE A 762 -7.06 19.44 -32.22
N GLN A 763 -8.27 19.35 -31.71
CA GLN A 763 -9.34 18.65 -32.43
C GLN A 763 -9.77 19.43 -33.67
N VAL A 764 -10.40 18.71 -34.59
CA VAL A 764 -11.07 19.32 -35.74
C VAL A 764 -12.55 18.99 -35.60
N ASN A 765 -13.38 20.02 -35.48
CA ASN A 765 -14.81 19.85 -35.22
C ASN A 765 -15.61 20.40 -36.39
N ILE A 766 -16.62 19.65 -36.80
CA ILE A 766 -17.45 19.98 -37.95
C ILE A 766 -18.85 20.32 -37.44
N ARG A 767 -19.37 21.46 -37.86
CA ARG A 767 -20.71 21.88 -37.49
C ARG A 767 -21.26 22.82 -38.54
N ALA A 768 -22.58 22.89 -38.63
CA ALA A 768 -23.21 23.84 -39.53
C ALA A 768 -23.19 25.23 -38.92
N LEU A 769 -23.50 26.23 -39.75
CA LEU A 769 -23.53 27.60 -39.27
C LEU A 769 -24.65 27.77 -38.25
N GLY A 770 -24.45 28.69 -37.30
CA GLY A 770 -25.39 28.84 -36.22
C GLY A 770 -26.79 29.23 -36.69
N ASP A 771 -26.87 29.92 -37.83
CA ASP A 771 -28.16 30.36 -38.34
C ASP A 771 -29.04 29.19 -38.75
N PHE A 772 -28.44 28.17 -39.36
CA PHE A 772 -29.24 27.08 -39.94
C PHE A 772 -29.75 26.13 -38.86
N ARG A 773 -28.97 25.89 -37.82
CA ARG A 773 -29.41 25.04 -36.71
C ARG A 773 -30.16 25.81 -35.64
N ASN A 774 -30.35 27.12 -35.82
CA ASN A 774 -31.01 27.93 -34.81
C ASN A 774 -32.49 27.58 -34.69
N THR A 775 -33.19 27.50 -35.82
CA THR A 775 -34.64 27.33 -35.79
C THR A 775 -35.00 25.90 -35.42
N GLN A 776 -36.27 25.71 -35.05
CA GLN A 776 -36.79 24.37 -34.82
C GLN A 776 -36.80 23.55 -36.10
N ASP A 777 -37.21 24.18 -37.21
CA ASP A 777 -37.27 23.50 -38.51
C ASP A 777 -35.89 23.50 -39.19
N ALA A 778 -34.90 22.98 -38.45
CA ALA A 778 -33.58 22.84 -39.02
C ALA A 778 -33.51 21.70 -40.02
N LEU A 779 -34.28 20.63 -39.79
CA LEU A 779 -34.17 19.43 -40.61
C LEU A 779 -34.55 19.66 -42.06
N LYS A 780 -35.29 20.72 -42.36
CA LYS A 780 -35.68 20.99 -43.74
C LYS A 780 -34.50 21.42 -44.61
N ASN A 781 -33.35 21.73 -44.01
CA ASN A 781 -32.23 22.24 -44.80
C ASN A 781 -31.18 21.17 -45.05
N ILE A 782 -30.95 20.28 -44.08
CA ILE A 782 -29.95 19.24 -44.27
C ILE A 782 -30.48 18.18 -45.23
N TYR A 783 -29.61 17.74 -46.15
CA TYR A 783 -29.95 16.70 -47.12
C TYR A 783 -28.94 15.58 -46.99
N ILE A 784 -29.40 14.34 -47.11
CA ILE A 784 -28.55 13.17 -47.03
C ILE A 784 -28.73 12.35 -48.31
N ARG A 785 -27.60 11.95 -48.90
CA ARG A 785 -27.65 11.15 -50.12
C ARG A 785 -27.88 9.68 -49.79
N SER A 786 -28.76 9.04 -50.56
CA SER A 786 -29.13 7.66 -50.33
C SER A 786 -28.12 6.73 -50.99
N SER A 787 -28.46 5.44 -51.07
CA SER A 787 -27.67 4.52 -51.86
C SER A 787 -27.68 4.95 -53.33
N ASP A 788 -28.83 5.35 -53.84
CA ASP A 788 -28.91 6.01 -55.12
C ASP A 788 -28.47 7.47 -54.99
N ASN A 789 -28.32 8.13 -56.14
CA ASN A 789 -27.80 9.49 -56.15
C ASN A 789 -28.80 10.51 -55.61
N LYS A 790 -30.04 10.11 -55.37
CA LYS A 790 -31.06 11.05 -54.91
C LYS A 790 -30.72 11.60 -53.54
N MET A 791 -31.00 12.88 -53.33
CA MET A 791 -30.81 13.55 -52.06
C MET A 791 -32.14 13.60 -51.31
N ILE A 792 -32.13 13.14 -50.07
CA ILE A 792 -33.33 13.03 -49.25
C ILE A 792 -33.27 14.07 -48.14
N PRO A 793 -34.20 15.01 -48.08
CA PRO A 793 -34.22 15.95 -46.96
C PRO A 793 -34.53 15.23 -45.66
N LEU A 794 -34.00 15.78 -44.56
CA LEU A 794 -34.17 15.11 -43.27
C LEU A 794 -35.59 15.22 -42.76
N ASN A 795 -36.34 16.21 -43.22
CA ASN A 795 -37.70 16.41 -42.71
C ASN A 795 -38.66 15.33 -43.20
N SER A 796 -38.30 14.66 -44.29
CA SER A 796 -39.21 13.68 -44.89
C SER A 796 -39.49 12.52 -43.94
N PHE A 797 -38.47 12.01 -43.26
CA PHE A 797 -38.62 10.87 -42.37
C PHE A 797 -38.34 11.19 -40.92
N LEU A 798 -37.90 12.39 -40.60
CA LEU A 798 -37.64 12.82 -39.24
C LEU A 798 -38.43 14.08 -38.95
N THR A 799 -38.95 14.18 -37.73
CA THR A 799 -39.64 15.38 -37.27
C THR A 799 -39.25 15.66 -35.83
N LEU A 800 -39.35 16.93 -35.45
CA LEU A 800 -38.98 17.39 -34.12
C LEU A 800 -40.24 17.77 -33.36
N VAL A 801 -40.41 17.19 -32.17
CA VAL A 801 -41.61 17.40 -31.35
C VAL A 801 -41.19 18.03 -30.04
N ARG A 802 -41.87 19.10 -29.66
CA ARG A 802 -41.57 19.78 -28.41
C ARG A 802 -41.84 18.86 -27.22
N SER A 803 -40.94 18.88 -26.25
CA SER A 803 -41.08 18.05 -25.07
C SER A 803 -40.32 18.68 -23.91
N ALA A 804 -40.61 18.21 -22.70
CA ALA A 804 -39.93 18.66 -21.49
C ALA A 804 -39.31 17.45 -20.81
N GLY A 805 -37.98 17.43 -20.74
CA GLY A 805 -37.27 16.36 -20.09
C GLY A 805 -36.11 16.90 -19.27
N PRO A 806 -35.72 16.17 -18.22
CA PRO A 806 -34.70 16.70 -17.32
C PRO A 806 -33.35 16.79 -18.00
N ASP A 807 -32.67 17.92 -17.80
CA ASP A 807 -31.33 18.08 -18.36
C ASP A 807 -30.32 17.22 -17.63
N ASP A 808 -30.50 17.06 -16.33
CA ASP A 808 -29.63 16.21 -15.52
C ASP A 808 -30.40 14.96 -15.13
N VAL A 809 -29.79 13.80 -15.40
CA VAL A 809 -30.29 12.52 -14.94
C VAL A 809 -29.37 12.04 -13.83
N LYS A 810 -29.91 11.92 -12.62
CA LYS A 810 -29.14 11.56 -11.44
C LYS A 810 -29.47 10.15 -11.03
N ARG A 811 -28.44 9.32 -10.86
CA ARG A 811 -28.58 7.95 -10.39
C ARG A 811 -27.78 7.78 -9.11
N PHE A 812 -28.43 7.29 -8.06
CA PHE A 812 -27.79 7.04 -6.78
C PHE A 812 -27.89 5.56 -6.47
N ASN A 813 -26.74 4.91 -6.29
CA ASN A 813 -26.67 3.48 -5.96
C ASN A 813 -27.47 2.63 -6.95
N LEU A 814 -27.13 2.77 -8.22
CA LEU A 814 -27.66 1.97 -9.32
C LEU A 814 -29.14 2.23 -9.60
N PHE A 815 -29.74 3.25 -8.99
CA PHE A 815 -31.15 3.53 -9.23
C PHE A 815 -31.35 5.02 -9.48
N PRO A 816 -32.28 5.38 -10.35
CA PRO A 816 -32.62 6.80 -10.52
C PRO A 816 -33.15 7.39 -9.22
N ALA A 817 -32.77 8.64 -8.96
CA ALA A 817 -33.13 9.27 -7.70
C ALA A 817 -33.13 10.78 -7.87
N ALA A 818 -33.79 11.45 -6.92
CA ALA A 818 -33.83 12.90 -6.85
C ALA A 818 -33.25 13.36 -5.51
N LEU A 819 -32.39 14.38 -5.57
CA LEU A 819 -31.64 14.85 -4.42
C LEU A 819 -32.47 15.90 -3.69
N ILE A 820 -32.53 15.78 -2.36
CA ILE A 820 -33.34 16.64 -1.52
C ILE A 820 -32.43 17.32 -0.51
N GLN A 821 -32.15 18.60 -0.74
CA GLN A 821 -31.27 19.33 0.17
C GLN A 821 -32.11 20.11 1.15
N GLY A 822 -31.99 19.78 2.43
CA GLY A 822 -32.80 20.45 3.43
C GLY A 822 -32.06 20.89 4.66
N ASP A 823 -32.57 21.92 5.32
CA ASP A 823 -31.95 22.38 6.55
C ASP A 823 -32.52 21.54 7.67
N PRO A 824 -31.75 21.39 8.75
CA PRO A 824 -32.24 20.49 9.80
C PRO A 824 -33.60 20.93 10.30
N ALA A 825 -33.71 22.13 10.85
CA ALA A 825 -34.96 22.57 11.44
C ALA A 825 -34.95 24.05 11.75
N PRO A 826 -36.11 24.60 12.11
CA PRO A 826 -36.13 26.00 12.53
C PRO A 826 -35.27 26.18 13.76
N GLY A 827 -35.38 25.27 14.73
CA GLY A 827 -34.57 25.33 15.92
C GLY A 827 -34.29 23.97 16.51
N TYR A 828 -34.78 22.93 15.86
CA TYR A 828 -34.58 21.57 16.36
C TYR A 828 -33.22 21.04 15.99
N THR A 829 -32.85 19.90 16.56
CA THR A 829 -31.54 19.32 16.28
C THR A 829 -31.43 18.83 14.86
N SER A 830 -30.29 18.22 14.52
CA SER A 830 -30.15 17.66 13.19
C SER A 830 -30.72 16.26 13.17
N GLY A 831 -30.36 15.45 14.15
CA GLY A 831 -30.82 14.07 14.14
C GLY A 831 -32.33 13.96 14.11
N GLN A 832 -33.01 14.77 14.93
CA GLN A 832 -34.47 14.79 14.87
C GLN A 832 -34.95 15.27 13.51
N ALA A 833 -34.20 16.17 12.90
CA ALA A 833 -34.55 16.62 11.56
C ALA A 833 -34.52 15.44 10.61
N ILE A 834 -33.42 14.71 10.62
CA ILE A 834 -33.27 13.59 9.69
C ILE A 834 -34.34 12.53 9.96
N ASP A 835 -34.68 12.30 11.23
CA ASP A 835 -35.78 11.39 11.53
C ASP A 835 -37.09 11.89 10.93
N ALA A 836 -37.35 13.18 11.06
CA ALA A 836 -38.58 13.75 10.53
C ALA A 836 -38.65 13.66 9.01
N ILE A 837 -37.54 13.95 8.33
CA ILE A 837 -37.55 13.89 6.88
C ILE A 837 -37.68 12.44 6.41
N ALA A 838 -37.03 11.51 7.13
CA ALA A 838 -37.23 10.10 6.82
C ALA A 838 -38.68 9.68 6.96
N GLU A 839 -39.34 10.09 8.06
CA GLU A 839 -40.75 9.78 8.24
C GLU A 839 -41.65 10.39 7.17
N VAL A 840 -41.46 11.66 6.83
CA VAL A 840 -42.33 12.29 5.85
C VAL A 840 -42.12 11.66 4.47
N ALA A 841 -40.88 11.35 4.12
CA ALA A 841 -40.63 10.67 2.85
C ALA A 841 -41.25 9.27 2.86
N LYS A 842 -41.14 8.56 3.97
CA LYS A 842 -41.68 7.20 4.04
C LYS A 842 -43.19 7.20 3.91
N GLN A 843 -43.87 8.14 4.58
CA GLN A 843 -45.33 8.18 4.50
C GLN A 843 -45.81 8.70 3.15
N SER A 844 -45.17 9.75 2.62
CA SER A 844 -45.65 10.35 1.38
C SER A 844 -45.41 9.44 0.18
N LEU A 845 -44.20 8.87 0.08
CA LEU A 845 -43.84 8.15 -1.13
C LEU A 845 -44.51 6.79 -1.20
N GLY A 846 -45.04 6.31 -0.07
CA GLY A 846 -45.78 5.07 -0.05
C GLY A 846 -44.95 3.81 -0.19
N ASP A 847 -43.67 3.85 0.18
CA ASP A 847 -42.72 2.75 0.14
C ASP A 847 -42.42 2.29 -1.28
N GLU A 848 -42.85 3.03 -2.30
CA GLU A 848 -42.48 2.73 -3.68
C GLU A 848 -41.05 3.15 -4.01
N TYR A 849 -40.46 3.93 -3.10
CA TYR A 849 -39.11 4.43 -3.30
C TYR A 849 -38.18 4.06 -2.17
N SER A 850 -36.95 3.68 -2.50
CA SER A 850 -35.94 3.32 -1.51
C SER A 850 -35.22 4.59 -1.08
N ILE A 851 -35.19 4.84 0.22
CA ILE A 851 -34.67 6.09 0.75
C ILE A 851 -33.22 5.89 1.16
N ALA A 852 -32.34 6.78 0.68
CA ALA A 852 -30.92 6.71 0.99
C ALA A 852 -30.42 8.10 1.38
N TRP A 853 -29.41 8.12 2.24
CA TRP A 853 -28.82 9.35 2.74
C TRP A 853 -27.39 9.44 2.26
N SER A 854 -26.85 10.65 2.22
CA SER A 854 -25.48 10.89 1.77
C SER A 854 -24.76 11.86 2.70
N GLY A 855 -23.43 11.77 2.69
CA GLY A 855 -22.58 12.70 3.39
C GLY A 855 -22.85 12.85 4.87
N SER A 856 -23.23 14.06 5.28
CA SER A 856 -23.47 14.34 6.70
C SER A 856 -24.61 13.48 7.24
N ALA A 857 -25.66 13.30 6.44
CA ALA A 857 -26.78 12.48 6.88
C ALA A 857 -26.34 11.05 7.12
N TYR A 858 -25.53 10.48 6.22
CA TYR A 858 -25.07 9.12 6.42
C TYR A 858 -24.11 9.03 7.60
N GLN A 859 -23.30 10.07 7.82
CA GLN A 859 -22.44 10.08 9.00
C GLN A 859 -23.26 10.07 10.28
N GLU A 860 -24.35 10.85 10.31
CA GLU A 860 -25.22 10.85 11.47
C GLU A 860 -25.87 9.48 11.67
N VAL A 861 -26.34 8.86 10.57
CA VAL A 861 -26.96 7.55 10.69
C VAL A 861 -25.96 6.49 11.15
N SER A 862 -24.71 6.54 10.68
CA SER A 862 -23.67 5.61 11.07
C SER A 862 -23.09 5.92 12.44
N SER A 863 -23.37 7.09 13.00
CA SER A 863 -22.93 7.40 14.36
C SER A 863 -23.52 6.41 15.36
N LYS A 864 -24.64 5.79 15.01
CA LYS A 864 -25.29 4.70 15.76
C LYS A 864 -25.81 5.15 17.13
N GLY A 865 -25.62 6.41 17.48
CA GLY A 865 -26.05 6.88 18.80
C GLY A 865 -25.33 6.23 19.95
N ALA A 866 -24.00 6.08 19.83
CA ALA A 866 -23.21 5.49 20.90
C ALA A 866 -23.29 6.36 22.14
N GLY A 867 -23.57 5.72 23.28
CA GLY A 867 -23.73 6.46 24.51
C GLY A 867 -22.41 6.96 25.07
N ALA A 868 -22.51 7.79 26.11
CA ALA A 868 -21.34 8.32 26.79
C ALA A 868 -20.82 7.31 27.82
N TYR A 869 -20.61 6.08 27.34
CA TYR A 869 -20.06 5.04 28.20
C TYR A 869 -18.66 5.39 28.67
N ALA A 870 -17.84 5.95 27.80
CA ALA A 870 -16.50 6.38 28.19
C ALA A 870 -16.51 7.52 29.20
N PHE A 871 -17.52 8.39 29.15
CA PHE A 871 -17.64 9.46 30.13
C PHE A 871 -17.96 8.97 31.53
N VAL A 872 -18.31 7.69 31.69
CA VAL A 872 -18.47 7.08 33.00
C VAL A 872 -17.31 6.13 33.30
N LEU A 873 -16.76 5.49 32.26
CA LEU A 873 -15.56 4.68 32.44
C LEU A 873 -14.40 5.53 32.93
N GLY A 874 -14.30 6.77 32.45
CA GLY A 874 -13.30 7.67 32.98
C GLY A 874 -13.46 7.92 34.47
N MET A 875 -14.69 8.14 34.91
CA MET A 875 -14.93 8.36 36.34
C MET A 875 -14.62 7.12 37.16
N ILE A 876 -14.97 5.93 36.65
CA ILE A 876 -14.67 4.73 37.42
C ILE A 876 -13.16 4.49 37.48
N PHE A 877 -12.43 4.78 36.39
CA PHE A 877 -10.98 4.68 36.43
C PHE A 877 -10.38 5.69 37.40
N VAL A 878 -10.94 6.90 37.44
CA VAL A 878 -10.49 7.92 38.39
C VAL A 878 -10.73 7.43 39.81
N PHE A 879 -11.90 6.86 40.07
CA PHE A 879 -12.22 6.31 41.38
C PHE A 879 -11.19 5.25 41.79
N LEU A 880 -10.89 4.32 40.89
CA LEU A 880 -9.93 3.27 41.19
C LEU A 880 -8.54 3.84 41.46
N ILE A 881 -8.08 4.75 40.60
CA ILE A 881 -6.73 5.28 40.73
C ILE A 881 -6.57 6.03 42.04
N LEU A 882 -7.54 6.87 42.37
CA LEU A 882 -7.42 7.68 43.57
C LEU A 882 -7.70 6.85 44.82
N ALA A 883 -8.44 5.76 44.70
CA ALA A 883 -8.54 4.81 45.81
C ALA A 883 -7.19 4.16 46.07
N ALA A 884 -6.46 3.82 45.00
CA ALA A 884 -5.13 3.26 45.17
C ALA A 884 -4.18 4.27 45.80
N GLN A 885 -4.21 5.51 45.33
CA GLN A 885 -3.30 6.53 45.86
C GLN A 885 -3.65 6.89 47.29
N TYR A 886 -4.93 7.01 47.61
CA TYR A 886 -5.36 7.44 48.93
C TYR A 886 -5.32 6.31 49.95
N GLU A 887 -5.20 5.06 49.49
CA GLU A 887 -5.17 3.86 50.31
C GLU A 887 -6.51 3.59 50.99
N ARG A 888 -7.57 4.30 50.61
CA ARG A 888 -8.91 4.08 51.16
C ARG A 888 -9.91 4.04 50.02
N TRP A 889 -10.84 3.08 50.08
CA TRP A 889 -11.80 2.92 49.00
C TRP A 889 -12.84 4.01 48.99
N LEU A 890 -13.31 4.43 50.16
CA LEU A 890 -14.40 5.41 50.22
C LEU A 890 -13.93 6.79 49.77
N MET A 891 -12.65 7.08 49.96
CA MET A 891 -12.19 8.46 49.95
C MET A 891 -12.33 9.16 48.59
N PRO A 892 -11.96 8.56 47.45
CA PRO A 892 -12.06 9.29 46.16
C PRO A 892 -13.48 9.69 45.76
N LEU A 893 -14.51 9.23 46.48
CA LEU A 893 -15.87 9.67 46.19
C LEU A 893 -15.98 11.18 46.32
N ALA A 894 -15.15 11.78 47.17
CA ALA A 894 -15.17 13.24 47.33
C ALA A 894 -14.85 13.94 46.02
N VAL A 895 -13.76 13.54 45.36
CA VAL A 895 -13.40 14.17 44.09
C VAL A 895 -14.38 13.76 42.99
N ILE A 896 -14.84 12.50 43.01
CA ILE A 896 -15.77 12.06 41.98
C ILE A 896 -17.10 12.81 42.07
N THR A 897 -17.43 13.34 43.25
CA THR A 897 -18.60 14.20 43.39
C THR A 897 -18.26 15.68 43.19
N ALA A 898 -17.00 16.07 43.41
CA ALA A 898 -16.61 17.45 43.14
C ALA A 898 -16.52 17.73 41.64
N VAL A 899 -16.41 16.68 40.84
CA VAL A 899 -16.29 16.85 39.39
C VAL A 899 -17.44 17.65 38.78
N PRO A 900 -18.71 17.30 39.00
CA PRO A 900 -19.80 17.93 38.22
C PRO A 900 -20.02 19.41 38.46
N PHE A 901 -19.28 20.07 39.37
CA PHE A 901 -19.49 21.49 39.58
C PHE A 901 -19.13 22.32 38.34
N ALA A 902 -17.98 22.00 37.73
CA ALA A 902 -17.61 22.64 36.48
C ALA A 902 -18.60 22.32 35.36
N VAL A 903 -19.12 21.10 35.33
CA VAL A 903 -20.16 20.77 34.37
C VAL A 903 -21.35 21.70 34.54
N PHE A 904 -21.81 21.87 35.78
CA PHE A 904 -22.95 22.75 36.03
C PHE A 904 -22.66 24.16 35.55
N GLY A 905 -21.50 24.70 35.92
CA GLY A 905 -21.18 26.06 35.55
C GLY A 905 -21.12 26.28 34.06
N SER A 906 -20.47 25.34 33.36
CA SER A 906 -20.33 25.45 31.92
C SER A 906 -21.69 25.43 31.25
N ILE A 907 -22.51 24.43 31.58
CA ILE A 907 -23.85 24.38 31.01
C ILE A 907 -24.63 25.64 31.37
N LEU A 908 -24.45 26.14 32.59
CA LEU A 908 -25.22 27.29 33.05
C LEU A 908 -24.96 28.51 32.19
N LEU A 909 -23.69 28.88 32.02
CA LEU A 909 -23.45 30.13 31.32
C LEU A 909 -23.56 29.95 29.80
N VAL A 910 -23.33 28.74 29.29
CA VAL A 910 -23.56 28.54 27.86
C VAL A 910 -25.04 28.63 27.54
N ALA A 911 -25.90 28.15 28.45
CA ALA A 911 -27.33 28.25 28.24
C ALA A 911 -27.82 29.68 28.43
N LEU A 912 -27.26 30.39 29.41
CA LEU A 912 -27.63 31.79 29.61
C LEU A 912 -27.24 32.63 28.40
N ARG A 913 -26.04 32.40 27.85
CA ARG A 913 -25.61 33.12 26.66
C ARG A 913 -26.38 32.66 25.43
N GLY A 914 -26.99 31.48 25.49
CA GLY A 914 -27.73 30.93 24.37
C GLY A 914 -26.88 30.22 23.34
N PHE A 915 -25.57 30.07 23.58
CA PHE A 915 -24.71 29.38 22.64
C PHE A 915 -25.08 27.90 22.56
N ASP A 916 -24.99 27.34 21.36
CA ASP A 916 -25.36 25.95 21.14
C ASP A 916 -24.37 25.01 21.81
N ASN A 917 -24.87 23.88 22.29
CA ASN A 917 -24.02 22.82 22.80
C ASN A 917 -23.29 22.16 21.63
N ASP A 918 -21.98 22.31 21.60
CA ASP A 918 -21.19 21.90 20.44
C ASP A 918 -20.05 20.99 20.90
N ILE A 919 -19.20 20.61 19.95
CA ILE A 919 -18.05 19.78 20.26
C ILE A 919 -17.06 20.54 21.13
N TYR A 920 -16.88 21.84 20.86
CA TYR A 920 -16.01 22.65 21.71
C TYR A 920 -16.51 22.67 23.15
N PHE A 921 -17.84 22.72 23.35
CA PHE A 921 -18.36 22.68 24.70
C PHE A 921 -17.99 21.38 25.40
N GLN A 922 -18.12 20.25 24.68
CA GLN A 922 -17.76 18.97 25.28
C GLN A 922 -16.28 18.88 25.60
N THR A 923 -15.43 19.42 24.72
CA THR A 923 -13.99 19.39 24.95
C THR A 923 -13.60 20.24 26.16
N GLY A 924 -14.11 21.48 26.20
CA GLY A 924 -13.91 22.30 27.38
C GLY A 924 -14.44 21.64 28.63
N LEU A 925 -15.59 20.96 28.53
CA LEU A 925 -16.16 20.24 29.65
C LEU A 925 -15.20 19.14 30.13
N LEU A 926 -14.58 18.43 29.19
CA LEU A 926 -13.59 17.43 29.56
C LEU A 926 -12.48 18.04 30.40
N LEU A 927 -11.90 19.15 29.94
CA LEU A 927 -10.78 19.68 30.69
C LEU A 927 -11.24 20.30 32.01
N LEU A 928 -12.46 20.85 32.05
CA LEU A 928 -13.00 21.36 33.30
C LEU A 928 -13.20 20.24 34.32
N ILE A 929 -13.69 19.08 33.85
CA ILE A 929 -13.81 17.91 34.71
C ILE A 929 -12.45 17.54 35.29
N GLY A 930 -11.44 17.45 34.43
CA GLY A 930 -10.11 17.10 34.91
C GLY A 930 -9.55 18.12 35.87
N LEU A 931 -9.78 19.40 35.60
CA LEU A 931 -9.33 20.49 36.45
C LEU A 931 -9.95 20.41 37.84
N SER A 932 -11.28 20.25 37.89
CA SER A 932 -11.94 20.13 39.18
C SER A 932 -11.46 18.90 39.93
N ALA A 933 -11.25 17.80 39.20
CA ALA A 933 -10.74 16.59 39.84
C ALA A 933 -9.37 16.83 40.46
N LYS A 934 -8.47 17.52 39.75
CA LYS A 934 -7.13 17.72 40.27
C LYS A 934 -7.13 18.66 41.47
N ASN A 935 -7.95 19.72 41.42
CA ASN A 935 -8.05 20.61 42.58
C ASN A 935 -8.59 19.86 43.79
N ALA A 936 -9.63 19.06 43.60
CA ALA A 936 -10.16 18.26 44.70
C ALA A 936 -9.11 17.27 45.21
N ILE A 937 -8.32 16.72 44.30
CA ILE A 937 -7.27 15.78 44.71
C ILE A 937 -6.26 16.46 45.60
N LEU A 938 -5.82 17.67 45.23
CA LEU A 938 -4.89 18.40 46.07
C LEU A 938 -5.49 18.67 47.45
N ILE A 939 -6.73 19.16 47.49
CA ILE A 939 -7.36 19.45 48.77
C ILE A 939 -7.43 18.19 49.62
N ILE A 940 -7.88 17.08 49.03
CA ILE A 940 -8.15 15.87 49.80
C ILE A 940 -6.85 15.23 50.27
N GLU A 941 -5.82 15.22 49.42
CA GLU A 941 -4.53 14.66 49.82
C GLU A 941 -3.93 15.46 50.96
N PHE A 942 -3.99 16.80 50.89
CA PHE A 942 -3.47 17.58 51.99
C PHE A 942 -4.33 17.43 53.24
N ALA A 943 -5.63 17.16 53.07
CA ALA A 943 -6.48 16.88 54.21
C ALA A 943 -6.02 15.62 54.94
N MET A 944 -5.76 14.56 54.17
CA MET A 944 -5.24 13.33 54.79
C MET A 944 -3.89 13.58 55.44
N GLU A 945 -3.01 14.32 54.77
CA GLU A 945 -1.69 14.58 55.34
C GLU A 945 -1.80 15.35 56.65
N GLU A 946 -2.67 16.35 56.71
CA GLU A 946 -2.83 17.12 57.94
C GLU A 946 -3.47 16.28 59.04
N ARG A 947 -4.42 15.42 58.68
CA ARG A 947 -4.99 14.51 59.68
C ARG A 947 -3.95 13.51 60.17
N LEU A 948 -2.89 13.28 59.39
CA LEU A 948 -1.82 12.40 59.84
C LEU A 948 -0.82 13.15 60.74
N LYS A 949 -0.32 14.29 60.28
CA LYS A 949 0.70 15.01 61.02
C LYS A 949 0.16 15.56 62.34
N LYS A 950 -1.06 16.09 62.31
CA LYS A 950 -1.68 16.69 63.48
C LYS A 950 -2.93 15.93 63.86
N GLY A 951 -3.04 15.57 65.13
CA GLY A 951 -4.28 14.99 65.64
C GLY A 951 -5.40 15.99 65.53
N LYS A 952 -6.40 15.67 64.71
CA LYS A 952 -7.45 16.62 64.39
C LYS A 952 -8.80 15.92 64.41
N SER A 953 -9.84 16.72 64.68
CA SER A 953 -11.19 16.25 64.43
C SER A 953 -11.48 16.33 62.94
N ILE A 954 -12.55 15.64 62.52
CA ILE A 954 -12.96 15.70 61.12
C ILE A 954 -13.32 17.13 60.73
N PHE A 955 -14.07 17.81 61.60
CA PHE A 955 -14.38 19.23 61.40
C PHE A 955 -13.12 20.06 61.22
N GLU A 956 -12.19 19.95 62.18
CA GLU A 956 -11.02 20.81 62.19
C GLU A 956 -10.07 20.48 61.04
N ALA A 957 -9.85 19.19 60.79
CA ALA A 957 -8.99 18.82 59.66
C ALA A 957 -9.59 19.30 58.35
N ALA A 958 -10.91 19.11 58.17
CA ALA A 958 -11.56 19.51 56.93
C ALA A 958 -11.45 21.02 56.70
N ILE A 959 -11.69 21.82 57.73
CA ILE A 959 -11.62 23.27 57.56
C ILE A 959 -10.18 23.74 57.40
N ASN A 960 -9.24 23.18 58.16
CA ASN A 960 -7.86 23.65 58.12
C ASN A 960 -7.19 23.29 56.80
N ALA A 961 -7.43 22.08 56.30
CA ALA A 961 -6.86 21.72 55.00
C ALA A 961 -7.42 22.62 53.90
N ALA A 962 -8.72 22.92 53.97
CA ALA A 962 -9.32 23.83 53.00
C ALA A 962 -8.65 25.20 53.06
N LYS A 963 -8.46 25.72 54.28
CA LYS A 963 -7.85 27.04 54.42
C LYS A 963 -6.42 27.04 53.91
N LEU A 964 -5.67 25.97 54.15
CA LEU A 964 -4.26 25.95 53.75
C LEU A 964 -4.11 25.74 52.24
N ARG A 965 -4.98 24.93 51.64
CA ARG A 965 -4.92 24.65 50.20
C ARG A 965 -5.78 25.61 49.39
N PHE A 966 -6.27 26.67 50.01
CA PHE A 966 -7.10 27.65 49.32
C PHE A 966 -6.31 28.51 48.34
N ARG A 967 -5.13 28.95 48.72
CA ARG A 967 -4.34 29.86 47.86
C ARG A 967 -4.00 29.34 46.47
N PRO A 968 -3.44 28.13 46.38
CA PRO A 968 -3.00 27.69 45.05
C PRO A 968 -4.14 27.74 44.07
N ILE A 969 -5.30 27.21 44.45
CA ILE A 969 -6.43 27.16 43.54
C ILE A 969 -6.78 28.55 43.06
N ILE A 970 -6.82 29.51 43.97
CA ILE A 970 -7.20 30.86 43.60
C ILE A 970 -6.27 31.37 42.52
N MET A 971 -4.97 31.25 42.76
CA MET A 971 -4.00 31.76 41.80
C MET A 971 -4.20 31.08 40.47
N THR A 972 -4.32 29.76 40.48
CA THR A 972 -4.45 29.03 39.23
C THR A 972 -5.71 29.45 38.50
N SER A 973 -6.82 29.53 39.22
CA SER A 973 -8.07 29.88 38.57
C SER A 973 -7.91 31.23 37.92
N LEU A 974 -7.41 32.19 38.67
CA LEU A 974 -7.25 33.52 38.14
C LEU A 974 -6.41 33.44 36.89
N ALA A 975 -5.39 32.59 36.92
CA ALA A 975 -4.50 32.47 35.78
C ALA A 975 -5.27 32.15 34.50
N PHE A 976 -5.98 31.01 34.48
CA PHE A 976 -6.65 30.63 33.25
C PHE A 976 -7.94 31.42 32.99
N THR A 977 -8.58 31.89 34.05
CA THR A 977 -9.76 32.72 33.84
C THR A 977 -9.31 33.87 32.96
N PHE A 978 -8.21 34.48 33.34
CA PHE A 978 -7.68 35.58 32.55
C PHE A 978 -7.12 35.05 31.25
N GLY A 979 -6.36 33.97 31.33
CA GLY A 979 -5.82 33.39 30.12
C GLY A 979 -6.87 33.19 29.04
N VAL A 980 -8.05 32.69 29.41
CA VAL A 980 -9.11 32.49 28.41
C VAL A 980 -10.06 33.67 28.30
N LEU A 981 -9.83 34.75 29.05
CA LEU A 981 -10.64 35.95 28.88
C LEU A 981 -10.60 36.53 27.47
N PRO A 982 -9.46 36.64 26.78
CA PRO A 982 -9.52 37.12 25.39
C PRO A 982 -10.36 36.22 24.48
N MET A 983 -10.50 34.95 24.82
CA MET A 983 -11.23 34.01 23.98
C MET A 983 -12.70 34.40 23.85
N ILE A 984 -13.32 34.78 24.96
CA ILE A 984 -14.73 35.21 24.93
C ILE A 984 -14.90 36.55 24.23
N PHE A 985 -13.90 37.42 24.34
CA PHE A 985 -13.97 38.76 23.76
C PHE A 985 -13.34 38.83 22.38
N ALA A 986 -12.88 37.71 21.83
CA ALA A 986 -12.18 37.72 20.56
C ALA A 986 -13.16 37.93 19.41
N THR A 987 -12.74 38.74 18.43
CA THR A 987 -13.49 38.98 17.22
C THR A 987 -12.54 38.87 16.02
N GLY A 988 -13.01 38.22 14.97
CA GLY A 988 -12.21 38.04 13.77
C GLY A 988 -12.61 36.75 13.08
N ALA A 989 -11.65 36.18 12.36
CA ALA A 989 -11.91 34.96 11.60
C ALA A 989 -12.15 33.79 12.55
N GLY A 990 -13.20 33.02 12.28
CA GLY A 990 -13.54 31.87 13.11
C GLY A 990 -13.82 32.22 14.55
N SER A 991 -14.56 33.29 14.79
CA SER A 991 -14.78 33.80 16.14
C SER A 991 -15.85 33.04 16.91
N ALA A 992 -16.95 32.64 16.27
CA ALA A 992 -18.10 32.13 17.00
C ALA A 992 -17.75 30.87 17.80
N SER A 993 -16.91 30.00 17.24
CA SER A 993 -16.44 28.84 17.99
C SER A 993 -15.70 29.28 19.25
N ARG A 994 -14.88 30.32 19.15
CA ARG A 994 -14.16 30.83 20.30
C ARG A 994 -15.11 31.42 21.34
N HIS A 995 -16.12 32.15 20.90
CA HIS A 995 -17.12 32.67 21.84
C HIS A 995 -17.81 31.53 22.58
N SER A 996 -18.20 30.48 21.87
CA SER A 996 -18.87 29.36 22.54
C SER A 996 -17.93 28.66 23.52
N LEU A 997 -16.69 28.40 23.08
CA LEU A 997 -15.73 27.73 23.95
C LEU A 997 -15.45 28.57 25.19
N GLY A 998 -15.21 29.87 25.02
CA GLY A 998 -14.97 30.74 26.15
C GLY A 998 -16.17 30.82 27.07
N THR A 999 -17.37 30.76 26.49
CA THR A 999 -18.58 30.76 27.32
C THR A 999 -18.61 29.55 28.25
N GLY A 1000 -18.45 28.36 27.68
CA GLY A 1000 -18.44 27.15 28.51
C GLY A 1000 -17.30 27.18 29.51
N LEU A 1001 -16.13 27.64 29.06
CA LEU A 1001 -14.97 27.77 29.93
C LEU A 1001 -15.26 28.65 31.13
N ILE A 1002 -15.68 29.90 30.88
CA ILE A 1002 -15.90 30.85 31.97
C ILE A 1002 -16.94 30.31 32.93
N GLY A 1003 -18.03 29.74 32.40
CA GLY A 1003 -19.07 29.23 33.27
C GLY A 1003 -18.55 28.15 34.22
N GLY A 1004 -18.07 27.05 33.65
CA GLY A 1004 -17.62 25.95 34.49
C GLY A 1004 -16.43 26.32 35.35
N MET A 1005 -15.64 27.29 34.89
CA MET A 1005 -14.40 27.64 35.58
C MET A 1005 -14.66 28.55 36.77
N ILE A 1006 -15.61 29.48 36.63
CA ILE A 1006 -16.05 30.24 37.80
C ILE A 1006 -16.74 29.31 38.79
N ALA A 1007 -17.51 28.34 38.27
CA ALA A 1007 -18.13 27.36 39.17
C ALA A 1007 -17.08 26.58 39.95
N ALA A 1008 -16.02 26.12 39.28
CA ALA A 1008 -14.96 25.39 39.96
C ALA A 1008 -14.22 26.28 40.95
N SER A 1009 -13.99 27.55 40.58
CA SER A 1009 -13.32 28.48 41.48
C SER A 1009 -14.13 28.70 42.75
N THR A 1010 -15.46 28.82 42.64
CA THR A 1010 -16.27 29.19 43.79
C THR A 1010 -16.74 28.00 44.59
N LEU A 1011 -17.50 27.10 43.96
CA LEU A 1011 -18.27 26.12 44.71
C LEU A 1011 -17.42 24.91 45.11
N ALA A 1012 -16.47 24.51 44.27
CA ALA A 1012 -15.70 23.29 44.53
C ALA A 1012 -14.85 23.43 45.79
N ILE A 1013 -14.19 24.58 45.96
CA ILE A 1013 -13.35 24.78 47.13
C ILE A 1013 -14.20 24.79 48.40
N PHE A 1014 -15.42 25.30 48.31
CA PHE A 1014 -16.33 25.23 49.44
C PHE A 1014 -16.73 23.79 49.74
N PHE A 1015 -17.01 23.00 48.71
CA PHE A 1015 -17.74 21.74 48.92
C PHE A 1015 -16.80 20.58 49.21
N VAL A 1016 -15.58 20.59 48.67
CA VAL A 1016 -14.69 19.43 48.85
C VAL A 1016 -14.39 19.14 50.31
N PRO A 1017 -14.07 20.14 51.16
CA PRO A 1017 -13.91 19.81 52.59
C PRO A 1017 -15.14 19.17 53.20
N LEU A 1018 -16.34 19.59 52.78
CA LEU A 1018 -17.55 18.96 53.28
C LEU A 1018 -17.58 17.48 52.92
N PHE A 1019 -17.23 17.14 51.69
CA PHE A 1019 -17.20 15.74 51.28
C PHE A 1019 -16.17 14.96 52.09
N PHE A 1020 -15.00 15.55 52.32
CA PHE A 1020 -14.01 14.93 53.18
C PHE A 1020 -14.59 14.64 54.56
N TYR A 1021 -15.33 15.62 55.10
CA TYR A 1021 -15.92 15.45 56.42
C TYR A 1021 -16.92 14.30 56.43
N LEU A 1022 -17.80 14.24 55.42
CA LEU A 1022 -18.80 13.17 55.40
C LEU A 1022 -18.15 11.80 55.29
N LEU A 1023 -17.18 11.65 54.40
CA LEU A 1023 -16.54 10.35 54.22
C LEU A 1023 -15.76 9.93 55.47
N GLU A 1024 -15.04 10.86 56.09
CA GLU A 1024 -14.30 10.50 57.30
C GLU A 1024 -15.23 10.19 58.45
N ASN A 1025 -16.37 10.91 58.55
CA ASN A 1025 -17.36 10.59 59.57
C ASN A 1025 -17.96 9.21 59.35
N PHE A 1026 -18.27 8.87 58.11
CA PHE A 1026 -18.82 7.55 57.82
C PHE A 1026 -17.80 6.47 58.14
N ASN A 1027 -16.52 6.72 57.86
CA ASN A 1027 -15.48 5.78 58.27
C ASN A 1027 -15.42 5.65 59.78
N GLU A 1028 -15.55 6.76 60.50
CA GLU A 1028 -15.50 6.72 61.95
C GLU A 1028 -16.66 5.89 62.52
N TRP A 1029 -17.85 6.05 61.94
CA TRP A 1029 -18.97 5.19 62.32
C TRP A 1029 -18.68 3.74 61.98
N LEU A 1030 -18.04 3.50 60.82
CA LEU A 1030 -17.71 2.14 60.42
C LEU A 1030 -16.69 1.51 61.36
N ASP A 1031 -15.76 2.32 61.88
CA ASP A 1031 -14.72 1.78 62.74
C ASP A 1031 -15.31 1.17 64.02
N LYS A 1032 -16.29 1.83 64.61
CA LYS A 1032 -16.91 1.32 65.82
C LYS A 1032 -18.32 0.81 65.53
N MET B 1 11.65 -6.93 47.84
CA MET B 1 10.75 -6.00 48.49
C MET B 1 9.66 -5.53 47.53
N PHE B 2 9.74 -6.00 46.28
CA PHE B 2 8.73 -5.62 45.29
C PHE B 2 7.35 -6.12 45.68
N SER B 3 7.27 -7.36 46.15
CA SER B 3 6.01 -7.88 46.66
C SER B 3 5.70 -7.33 48.05
N LYS B 4 6.73 -7.06 48.84
CA LYS B 4 6.50 -6.44 50.15
C LYS B 4 5.92 -5.04 49.99
N PHE B 5 6.12 -4.43 48.82
CA PHE B 5 5.44 -3.19 48.50
C PHE B 5 3.92 -3.41 48.44
N PHE B 6 3.50 -4.50 47.83
CA PHE B 6 2.07 -4.72 47.63
C PHE B 6 1.40 -5.25 48.89
N ILE B 7 2.13 -6.04 49.70
CA ILE B 7 1.50 -6.66 50.87
C ILE B 7 1.06 -5.59 51.86
N GLU B 8 1.83 -4.51 51.96
CA GLU B 8 1.50 -3.44 52.91
C GLU B 8 0.24 -2.70 52.48
N ARG B 9 -0.02 -2.63 51.17
CA ARG B 9 -1.15 -1.91 50.60
C ARG B 9 -2.00 -2.84 49.75
N PRO B 10 -2.96 -3.56 50.35
CA PRO B 10 -3.85 -4.40 49.55
C PRO B 10 -4.70 -3.61 48.56
N ILE B 11 -5.04 -2.38 48.89
CA ILE B 11 -5.88 -1.57 48.00
C ILE B 11 -5.20 -1.35 46.67
N PHE B 12 -3.88 -1.14 46.69
CA PHE B 12 -3.14 -0.94 45.44
C PHE B 12 -3.20 -2.17 44.55
N ALA B 13 -3.01 -3.36 45.12
CA ALA B 13 -3.11 -4.58 44.32
C ALA B 13 -4.52 -4.79 43.80
N SER B 14 -5.52 -4.55 44.65
CA SER B 14 -6.90 -4.71 44.21
C SER B 14 -7.22 -3.76 43.06
N VAL B 15 -6.73 -2.53 43.14
CA VAL B 15 -7.05 -1.53 42.13
C VAL B 15 -6.46 -1.93 40.78
N VAL B 16 -5.20 -2.37 40.76
CA VAL B 16 -4.60 -2.76 39.49
C VAL B 16 -5.26 -4.01 38.95
N ALA B 17 -5.67 -4.94 39.83
CA ALA B 17 -6.38 -6.12 39.35
C ALA B 17 -7.70 -5.74 38.70
N ILE B 18 -8.47 -4.85 39.33
CA ILE B 18 -9.75 -4.44 38.76
C ILE B 18 -9.52 -3.65 37.47
N ILE B 19 -8.45 -2.86 37.40
CA ILE B 19 -8.14 -2.13 36.17
C ILE B 19 -7.85 -3.10 35.05
N ILE B 20 -7.07 -4.14 35.33
CA ILE B 20 -6.78 -5.15 34.31
C ILE B 20 -8.06 -5.84 33.86
N SER B 21 -8.93 -6.16 34.82
CA SER B 21 -10.19 -6.83 34.48
C SER B 21 -11.08 -5.94 33.61
N ILE B 22 -11.15 -4.65 33.93
CA ILE B 22 -11.98 -3.74 33.16
C ILE B 22 -11.43 -3.56 31.75
N ALA B 23 -10.11 -3.41 31.64
CA ALA B 23 -9.49 -3.32 30.32
C ALA B 23 -9.75 -4.58 29.50
N GLY B 24 -9.71 -5.74 30.15
CA GLY B 24 -10.01 -6.97 29.44
C GLY B 24 -11.46 -7.08 29.03
N ILE B 25 -12.38 -6.57 29.85
CA ILE B 25 -13.77 -6.55 29.47
C ILE B 25 -13.97 -5.66 28.25
N ILE B 26 -13.31 -4.51 28.21
CA ILE B 26 -13.36 -3.65 27.04
C ILE B 26 -12.81 -4.37 25.81
N GLY B 27 -11.68 -5.05 25.97
CA GLY B 27 -11.11 -5.79 24.85
C GLY B 27 -12.04 -6.88 24.35
N LEU B 28 -12.70 -7.60 25.27
CA LEU B 28 -13.70 -8.58 24.88
C LEU B 28 -14.84 -7.93 24.11
N ALA B 29 -15.31 -6.77 24.58
CA ALA B 29 -16.37 -6.06 23.89
C ALA B 29 -15.97 -5.56 22.52
N ASN B 30 -14.68 -5.36 22.28
CA ASN B 30 -14.22 -4.82 21.00
C ASN B 30 -13.58 -5.85 20.08
N LEU B 31 -13.14 -6.98 20.60
CA LEU B 31 -12.40 -7.93 19.78
C LEU B 31 -13.34 -8.66 18.83
N PRO B 32 -13.02 -8.71 17.54
CA PRO B 32 -13.82 -9.48 16.60
C PRO B 32 -13.70 -10.98 16.87
N VAL B 33 -14.66 -11.75 16.40
CA VAL B 33 -14.62 -13.20 16.60
C VAL B 33 -14.63 -13.97 15.28
N GLU B 34 -13.72 -14.94 15.15
CA GLU B 34 -13.66 -15.75 13.93
C GLU B 34 -13.35 -17.19 14.29
N GLN B 35 -13.47 -18.09 13.33
CA GLN B 35 -13.19 -19.50 13.58
C GLN B 35 -11.70 -19.75 13.69
N TYR B 36 -10.94 -19.33 12.70
CA TYR B 36 -9.51 -19.54 12.71
C TYR B 36 -8.79 -18.33 12.12
N PRO B 37 -7.55 -18.10 12.56
CA PRO B 37 -6.82 -16.93 12.06
C PRO B 37 -6.63 -17.04 10.57
N SER B 38 -6.35 -15.94 9.91
CA SER B 38 -6.10 -15.98 8.48
C SER B 38 -5.18 -17.13 8.18
N LEU B 39 -5.67 -18.12 7.45
CA LEU B 39 -4.85 -19.28 7.12
C LEU B 39 -5.02 -19.57 5.64
N THR B 40 -5.88 -18.80 4.99
CA THR B 40 -6.13 -19.00 3.57
C THR B 40 -5.17 -18.20 2.70
N PRO B 41 -4.48 -18.88 1.77
CA PRO B 41 -3.57 -18.18 0.87
C PRO B 41 -4.33 -17.19 -0.01
N PRO B 42 -3.99 -15.90 0.08
CA PRO B 42 -4.65 -14.93 -0.81
C PRO B 42 -4.56 -15.37 -2.27
N THR B 43 -5.62 -15.04 -3.01
CA THR B 43 -5.72 -15.43 -4.41
C THR B 43 -5.94 -14.19 -5.28
N VAL B 44 -5.27 -14.18 -6.44
CA VAL B 44 -5.48 -13.17 -7.46
C VAL B 44 -5.94 -13.88 -8.72
N GLN B 45 -7.12 -13.52 -9.20
CA GLN B 45 -7.74 -14.20 -10.33
C GLN B 45 -7.63 -13.33 -11.58
N VAL B 46 -7.08 -13.89 -12.64
CA VAL B 46 -6.88 -13.19 -13.91
C VAL B 46 -7.76 -13.87 -14.95
N SER B 47 -8.59 -13.08 -15.64
CA SER B 47 -9.50 -13.59 -16.64
C SER B 47 -9.16 -12.98 -17.99
N ALA B 48 -8.99 -13.84 -19.00
CA ALA B 48 -8.75 -13.41 -20.36
C ALA B 48 -9.74 -14.12 -21.28
N THR B 49 -10.13 -13.45 -22.35
CA THR B 49 -11.14 -13.95 -23.26
C THR B 49 -10.60 -14.00 -24.67
N TYR B 50 -10.63 -15.20 -25.26
CA TYR B 50 -10.35 -15.41 -26.67
C TYR B 50 -11.62 -15.97 -27.31
N THR B 51 -12.25 -15.17 -28.16
CA THR B 51 -13.52 -15.57 -28.75
C THR B 51 -13.30 -16.79 -29.66
N GLY B 52 -14.23 -17.75 -29.58
CA GLY B 52 -14.26 -18.88 -30.48
C GLY B 52 -13.20 -19.94 -30.25
N ALA B 53 -12.09 -19.61 -29.58
CA ALA B 53 -10.97 -20.54 -29.51
C ALA B 53 -11.29 -21.73 -28.60
N ASP B 54 -10.66 -22.86 -28.90
CA ASP B 54 -10.87 -24.08 -28.13
C ASP B 54 -10.05 -24.06 -26.85
N ALA B 55 -10.31 -25.06 -26.00
CA ALA B 55 -9.61 -25.12 -24.71
C ALA B 55 -8.11 -25.30 -24.89
N GLN B 56 -7.71 -26.26 -25.73
CA GLN B 56 -6.28 -26.46 -25.97
C GLN B 56 -5.65 -25.24 -26.64
N THR B 57 -6.35 -24.67 -27.62
CA THR B 57 -5.84 -23.48 -28.30
C THR B 57 -5.71 -22.31 -27.34
N ILE B 58 -6.71 -22.12 -26.47
CA ILE B 58 -6.62 -21.06 -25.47
C ILE B 58 -5.44 -21.29 -24.55
N ALA B 59 -5.29 -22.52 -24.04
CA ALA B 59 -4.20 -22.81 -23.12
C ALA B 59 -2.84 -22.55 -23.76
N SER B 60 -2.68 -22.93 -25.03
CA SER B 60 -1.41 -22.74 -25.71
C SER B 60 -1.14 -21.30 -26.09
N THR B 61 -2.17 -20.53 -26.45
CA THR B 61 -1.96 -19.23 -27.04
C THR B 61 -2.08 -18.08 -26.04
N VAL B 62 -2.98 -18.20 -25.07
CA VAL B 62 -3.23 -17.13 -24.11
C VAL B 62 -2.66 -17.45 -22.73
N ALA B 63 -2.94 -18.65 -22.21
CA ALA B 63 -2.55 -18.95 -20.83
C ALA B 63 -1.04 -18.91 -20.67
N THR B 64 -0.30 -19.62 -21.51
CA THR B 64 1.15 -19.69 -21.35
C THR B 64 1.82 -18.33 -21.46
N PRO B 65 1.52 -17.47 -22.44
CA PRO B 65 2.10 -16.11 -22.40
C PRO B 65 1.72 -15.34 -21.15
N ILE B 66 0.51 -15.54 -20.63
CA ILE B 66 0.16 -14.93 -19.34
C ILE B 66 0.91 -15.64 -18.22
N GLU B 67 1.00 -16.96 -18.28
CA GLU B 67 1.55 -17.73 -17.16
C GLU B 67 3.02 -17.37 -16.92
N ASP B 68 3.81 -17.24 -17.98
CA ASP B 68 5.23 -16.93 -17.79
C ASP B 68 5.43 -15.53 -17.22
N ALA B 69 4.52 -14.60 -17.54
CA ALA B 69 4.64 -13.25 -17.00
C ALA B 69 4.41 -13.22 -15.50
N ILE B 70 3.38 -13.94 -15.03
CA ILE B 70 3.05 -13.92 -13.60
C ILE B 70 4.12 -14.65 -12.80
N ASN B 71 4.77 -15.63 -13.41
CA ASN B 71 5.76 -16.42 -12.70
C ASN B 71 6.89 -15.54 -12.18
N GLY B 72 7.15 -15.62 -10.88
CA GLY B 72 8.14 -14.79 -10.23
C GLY B 72 7.59 -13.63 -9.43
N VAL B 73 6.27 -13.50 -9.33
CA VAL B 73 5.69 -12.44 -8.50
C VAL B 73 6.03 -12.69 -7.04
N ASP B 74 6.30 -11.61 -6.31
CA ASP B 74 6.71 -11.71 -4.91
C ASP B 74 5.67 -12.45 -4.09
N ASN B 75 6.15 -13.37 -3.25
CA ASN B 75 5.30 -14.11 -2.31
C ASN B 75 4.18 -14.87 -3.03
N MET B 76 4.53 -15.51 -4.14
CA MET B 76 3.59 -16.35 -4.87
C MET B 76 3.99 -17.81 -4.65
N ILE B 77 3.02 -18.64 -4.27
CA ILE B 77 3.31 -20.03 -3.93
C ILE B 77 3.08 -20.94 -5.14
N TYR B 78 1.89 -20.90 -5.72
CA TYR B 78 1.58 -21.68 -6.91
C TYR B 78 0.39 -21.05 -7.61
N MET B 79 0.20 -21.43 -8.87
CA MET B 79 -0.83 -20.85 -9.71
C MET B 79 -1.35 -21.89 -10.69
N ASP B 80 -2.66 -21.86 -10.93
CA ASP B 80 -3.31 -22.79 -11.85
C ASP B 80 -4.19 -22.02 -12.81
N SER B 81 -4.31 -22.51 -14.04
CA SER B 81 -5.13 -21.89 -15.06
C SER B 81 -6.01 -22.96 -15.71
N THR B 82 -7.30 -22.66 -15.84
CA THR B 82 -8.26 -23.55 -16.48
C THR B 82 -8.71 -22.91 -17.78
N SER B 83 -8.57 -23.64 -18.88
CA SER B 83 -8.93 -23.14 -20.20
C SER B 83 -10.24 -23.77 -20.64
N SER B 84 -11.21 -22.94 -20.96
CA SER B 84 -12.54 -23.34 -21.38
C SER B 84 -12.83 -22.71 -22.73
N PRO B 85 -13.79 -23.24 -23.47
CA PRO B 85 -14.12 -22.65 -24.78
C PRO B 85 -14.50 -21.18 -24.65
N GLY B 86 -13.63 -20.31 -25.17
CA GLY B 86 -13.87 -18.89 -25.15
C GLY B 86 -13.46 -18.17 -23.87
N GLN B 87 -13.02 -18.89 -22.85
CA GLN B 87 -12.67 -18.27 -21.57
C GLN B 87 -11.35 -18.83 -21.08
N MET B 88 -10.55 -17.98 -20.45
CA MET B 88 -9.34 -18.40 -19.76
C MET B 88 -9.43 -17.91 -18.32
N LYS B 89 -9.32 -18.84 -17.38
CA LYS B 89 -9.42 -18.53 -15.96
C LYS B 89 -8.13 -18.97 -15.27
N LEU B 90 -7.38 -18.00 -14.76
CA LEU B 90 -6.10 -18.27 -14.09
C LEU B 90 -6.15 -17.68 -12.69
N THR B 91 -5.76 -18.48 -11.70
CA THR B 91 -5.75 -18.08 -10.31
C THR B 91 -4.33 -18.17 -9.77
N VAL B 92 -3.86 -17.09 -9.15
CA VAL B 92 -2.54 -17.02 -8.56
C VAL B 92 -2.68 -17.01 -7.05
N TYR B 93 -2.18 -18.06 -6.41
CA TYR B 93 -2.17 -18.14 -4.96
C TYR B 93 -0.90 -17.47 -4.41
N PHE B 94 -0.97 -17.03 -3.17
CA PHE B 94 0.10 -16.24 -2.59
C PHE B 94 0.43 -16.75 -1.19
N ASN B 95 1.60 -16.37 -0.69
CA ASN B 95 2.00 -16.78 0.65
C ASN B 95 1.03 -16.27 1.69
N ILE B 96 0.80 -17.06 2.72
CA ILE B 96 -0.09 -16.61 3.79
C ILE B 96 0.45 -15.32 4.38
N GLY B 97 -0.43 -14.35 4.59
CA GLY B 97 -0.01 -13.08 5.16
C GLY B 97 0.17 -12.00 4.13
N THR B 98 0.45 -12.40 2.90
CA THR B 98 0.66 -11.42 1.83
C THR B 98 -0.59 -10.58 1.64
N ASP B 99 -0.42 -9.28 1.54
CA ASP B 99 -1.55 -8.39 1.32
C ASP B 99 -2.08 -8.58 -0.10
N PRO B 100 -3.33 -8.99 -0.27
CA PRO B 100 -3.86 -9.16 -1.63
C PRO B 100 -3.91 -7.89 -2.44
N ASP B 101 -4.04 -6.72 -1.79
CA ASP B 101 -4.10 -5.47 -2.53
C ASP B 101 -2.82 -5.23 -3.32
N GLN B 102 -1.67 -5.48 -2.71
CA GLN B 102 -0.39 -5.34 -3.40
C GLN B 102 -0.13 -6.51 -4.35
N ALA B 103 -0.64 -7.70 -4.03
CA ALA B 103 -0.49 -8.83 -4.93
C ALA B 103 -1.17 -8.58 -6.27
N ALA B 104 -2.40 -8.05 -6.22
CA ALA B 104 -3.09 -7.69 -7.46
C ALA B 104 -2.32 -6.63 -8.22
N ILE B 105 -1.71 -5.68 -7.52
CA ILE B 105 -0.92 -4.64 -8.17
C ILE B 105 0.26 -5.25 -8.90
N ASP B 106 0.96 -6.19 -8.24
CA ASP B 106 2.11 -6.83 -8.88
C ASP B 106 1.68 -7.63 -10.10
N VAL B 107 0.57 -8.36 -9.99
CA VAL B 107 0.09 -9.14 -11.14
C VAL B 107 -0.27 -8.22 -12.30
N ASN B 108 -0.98 -7.13 -12.01
CA ASN B 108 -1.37 -6.20 -13.08
C ASN B 108 -0.15 -5.56 -13.72
N ASN B 109 0.85 -5.19 -12.92
CA ASN B 109 2.07 -4.60 -13.47
C ASN B 109 2.81 -5.60 -14.36
N ARG B 110 2.85 -6.87 -13.95
CA ARG B 110 3.55 -7.86 -14.78
C ARG B 110 2.82 -8.10 -16.09
N ILE B 111 1.48 -8.15 -16.05
CA ILE B 111 0.73 -8.27 -17.30
C ILE B 111 0.96 -7.05 -18.18
N SER B 112 1.06 -5.87 -17.57
CA SER B 112 1.38 -4.67 -18.32
C SER B 112 2.73 -4.78 -19.00
N ALA B 113 3.74 -5.26 -18.27
CA ALA B 113 5.07 -5.40 -18.84
C ALA B 113 5.11 -6.42 -19.96
N ALA B 114 4.29 -7.47 -19.89
CA ALA B 114 4.30 -8.52 -20.89
C ALA B 114 3.25 -8.32 -21.98
N THR B 115 2.51 -7.21 -21.94
CA THR B 115 1.46 -6.93 -22.93
C THR B 115 1.92 -7.22 -24.36
N ALA B 116 3.19 -6.99 -24.67
CA ALA B 116 3.68 -7.23 -26.01
C ALA B 116 3.60 -8.71 -26.38
N LYS B 117 3.66 -9.60 -25.38
CA LYS B 117 3.66 -11.03 -25.66
C LYS B 117 2.25 -11.56 -25.90
N LEU B 118 1.23 -10.81 -25.50
CA LEU B 118 -0.14 -11.31 -25.58
C LEU B 118 -0.62 -11.41 -27.02
N PRO B 119 -1.52 -12.34 -27.31
CA PRO B 119 -2.19 -12.35 -28.62
C PRO B 119 -3.13 -11.17 -28.76
N GLU B 120 -3.46 -10.84 -30.01
CA GLU B 120 -4.18 -9.61 -30.31
C GLU B 120 -5.62 -9.64 -29.76
N ALA B 121 -6.26 -10.81 -29.76
CA ALA B 121 -7.65 -10.88 -29.32
C ALA B 121 -7.79 -10.52 -27.85
N VAL B 122 -6.91 -11.05 -27.00
CA VAL B 122 -6.99 -10.77 -25.58
C VAL B 122 -6.47 -9.37 -25.28
N LYS B 123 -5.79 -8.75 -26.24
CA LYS B 123 -5.48 -7.33 -26.12
C LYS B 123 -6.70 -6.48 -26.45
N LYS B 124 -7.49 -6.90 -27.44
CA LYS B 124 -8.72 -6.18 -27.77
C LYS B 124 -9.72 -6.26 -26.62
N LEU B 125 -9.92 -7.46 -26.07
CA LEU B 125 -10.79 -7.64 -24.92
C LEU B 125 -9.90 -7.60 -23.67
N GLY B 126 -9.98 -6.49 -22.94
CA GLY B 126 -8.99 -6.23 -21.90
C GLY B 126 -8.96 -7.34 -20.85
N VAL B 127 -7.74 -7.78 -20.53
CA VAL B 127 -7.54 -8.77 -19.48
C VAL B 127 -7.86 -8.15 -18.13
N THR B 128 -8.64 -8.85 -17.32
CA THR B 128 -9.10 -8.34 -16.03
C THR B 128 -8.39 -9.07 -14.91
N VAL B 129 -7.82 -8.31 -13.97
CA VAL B 129 -7.15 -8.86 -12.80
C VAL B 129 -7.92 -8.40 -11.56
N ARG B 130 -8.54 -9.35 -10.86
CA ARG B 130 -9.35 -9.03 -9.70
C ARG B 130 -9.06 -10.02 -8.59
N LYS B 131 -9.14 -9.54 -7.35
CA LYS B 131 -9.02 -10.42 -6.20
C LYS B 131 -10.21 -11.38 -6.14
N SER B 132 -9.94 -12.61 -5.71
CA SER B 132 -10.97 -13.63 -5.62
C SER B 132 -10.82 -14.38 -4.31
N SER B 133 -11.87 -15.12 -3.95
CA SER B 133 -11.87 -15.94 -2.75
C SER B 133 -12.54 -17.26 -3.07
N SER B 134 -11.86 -18.37 -2.75
CA SER B 134 -12.45 -19.68 -2.98
C SER B 134 -13.53 -20.00 -1.96
N THR B 135 -13.55 -19.26 -0.85
CA THR B 135 -14.49 -19.54 0.22
C THR B 135 -15.93 -19.28 -0.22
N ILE B 136 -16.81 -20.21 0.13
CA ILE B 136 -18.25 -20.03 -0.03
C ILE B 136 -18.80 -19.74 1.37
N LEU B 137 -19.01 -18.45 1.66
CA LEU B 137 -19.51 -18.08 2.98
C LEU B 137 -20.89 -18.66 3.23
N GLU B 138 -21.80 -18.51 2.26
CA GLU B 138 -23.12 -19.11 2.35
C GLU B 138 -23.74 -19.17 0.97
N VAL B 139 -24.80 -19.94 0.85
CA VAL B 139 -25.58 -20.06 -0.39
C VAL B 139 -26.99 -19.56 -0.10
N VAL B 140 -27.42 -18.55 -0.86
CA VAL B 140 -28.76 -17.99 -0.73
C VAL B 140 -29.60 -18.46 -1.90
N SER B 141 -30.73 -19.07 -1.61
CA SER B 141 -31.62 -19.61 -2.62
C SER B 141 -32.94 -18.84 -2.58
N VAL B 142 -33.37 -18.33 -3.72
CA VAL B 142 -34.63 -17.61 -3.87
C VAL B 142 -35.57 -18.45 -4.72
N TYR B 143 -36.76 -18.73 -4.19
CA TYR B 143 -37.73 -19.58 -4.88
C TYR B 143 -39.11 -18.96 -4.81
N SER B 144 -39.94 -19.31 -5.78
CA SER B 144 -41.31 -18.82 -5.86
C SER B 144 -42.22 -19.84 -5.20
N GLU B 145 -42.84 -19.44 -4.08
CA GLU B 145 -43.73 -20.34 -3.36
C GLU B 145 -44.96 -20.69 -4.21
N ASP B 146 -45.54 -19.69 -4.88
CA ASP B 146 -46.71 -19.94 -5.71
C ASP B 146 -46.37 -20.64 -7.01
N SER B 147 -45.08 -20.76 -7.34
CA SER B 147 -44.59 -21.34 -8.59
C SER B 147 -45.06 -20.58 -9.81
N SER B 148 -45.59 -19.37 -9.64
CA SER B 148 -46.07 -18.57 -10.76
C SER B 148 -44.95 -17.89 -11.53
N MET B 149 -43.73 -17.89 -10.99
CA MET B 149 -42.58 -17.28 -11.65
C MET B 149 -41.62 -18.36 -12.09
N ASN B 150 -41.31 -18.37 -13.38
CA ASN B 150 -40.31 -19.30 -13.90
C ASN B 150 -38.91 -18.86 -13.46
N ASP B 151 -37.95 -19.77 -13.63
CA ASP B 151 -36.61 -19.52 -13.12
C ASP B 151 -35.98 -18.27 -13.73
N ILE B 152 -36.33 -17.96 -14.98
CA ILE B 152 -35.76 -16.79 -15.64
C ILE B 152 -36.18 -15.51 -14.93
N ASP B 153 -37.47 -15.40 -14.59
CA ASP B 153 -37.94 -14.22 -13.89
C ASP B 153 -37.31 -14.09 -12.51
N ILE B 154 -37.19 -15.20 -11.78
CA ILE B 154 -36.56 -15.15 -10.47
C ILE B 154 -35.11 -14.71 -10.59
N TYR B 155 -34.38 -15.27 -11.56
CA TYR B 155 -32.98 -14.89 -11.75
C TYR B 155 -32.85 -13.42 -12.11
N ASN B 156 -33.72 -12.93 -12.99
CA ASN B 156 -33.63 -11.54 -13.42
C ASN B 156 -33.97 -10.59 -12.28
N TYR B 157 -35.00 -10.92 -11.50
CA TYR B 157 -35.33 -10.10 -10.32
C TYR B 157 -34.18 -10.10 -9.33
N VAL B 158 -33.57 -11.26 -9.11
CA VAL B 158 -32.43 -11.34 -8.19
C VAL B 158 -31.30 -10.46 -8.66
N SER B 159 -30.91 -10.60 -9.94
CA SER B 159 -29.80 -9.81 -10.47
C SER B 159 -30.12 -8.32 -10.44
N LEU B 160 -31.39 -7.96 -10.63
CA LEU B 160 -31.76 -6.55 -10.64
C LEU B 160 -31.68 -5.95 -9.24
N ASN B 161 -32.21 -6.65 -8.23
CA ASN B 161 -32.38 -6.04 -6.92
C ASN B 161 -31.44 -6.62 -5.87
N ILE B 162 -31.44 -7.94 -5.67
CA ILE B 162 -30.76 -8.53 -4.53
C ILE B 162 -29.25 -8.45 -4.70
N LEU B 163 -28.77 -8.75 -5.92
CA LEU B 163 -27.34 -8.94 -6.13
C LEU B 163 -26.56 -7.65 -5.90
N ASP B 164 -27.09 -6.52 -6.35
CA ASP B 164 -26.37 -5.26 -6.18
C ASP B 164 -26.15 -4.94 -4.70
N GLU B 165 -27.21 -5.05 -3.90
CA GLU B 165 -27.11 -4.75 -2.48
C GLU B 165 -26.29 -5.77 -1.71
N LEU B 166 -26.31 -7.04 -2.13
CA LEU B 166 -25.40 -8.00 -1.52
C LEU B 166 -23.94 -7.74 -1.88
N LYS B 167 -23.68 -7.32 -3.12
CA LYS B 167 -22.31 -6.99 -3.51
C LYS B 167 -21.80 -5.78 -2.73
N ARG B 168 -22.66 -4.77 -2.54
CA ARG B 168 -22.23 -3.57 -1.85
C ARG B 168 -21.98 -3.80 -0.36
N ILE B 169 -22.51 -4.87 0.21
CA ILE B 169 -22.35 -5.16 1.63
C ILE B 169 -20.87 -5.39 1.92
N PRO B 170 -20.31 -4.79 2.97
CA PRO B 170 -18.89 -4.99 3.27
C PRO B 170 -18.58 -6.44 3.56
N GLY B 171 -17.41 -6.88 3.09
CA GLY B 171 -16.95 -8.24 3.30
C GLY B 171 -17.46 -9.26 2.30
N VAL B 172 -18.29 -8.85 1.35
CA VAL B 172 -18.78 -9.75 0.31
C VAL B 172 -17.90 -9.54 -0.91
N GLY B 173 -16.96 -10.46 -1.12
CA GLY B 173 -16.07 -10.33 -2.26
C GLY B 173 -16.80 -10.46 -3.59
N ASP B 174 -17.74 -11.40 -3.68
CA ASP B 174 -18.50 -11.60 -4.90
C ASP B 174 -19.80 -12.31 -4.57
N ALA B 175 -20.92 -11.75 -5.04
CA ALA B 175 -22.23 -12.38 -4.92
C ALA B 175 -22.74 -12.66 -6.32
N SER B 176 -22.75 -13.94 -6.70
CA SER B 176 -23.12 -14.36 -8.05
C SER B 176 -24.17 -15.45 -7.99
N ALA B 177 -25.00 -15.51 -9.02
CA ALA B 177 -26.07 -16.50 -9.12
C ALA B 177 -25.83 -17.40 -10.32
N ILE B 178 -25.94 -18.72 -10.10
CA ILE B 178 -25.72 -19.68 -11.17
C ILE B 178 -26.83 -19.60 -12.21
N GLY B 179 -26.45 -19.66 -13.47
CA GLY B 179 -27.38 -19.74 -14.58
C GLY B 179 -27.14 -18.72 -15.68
N ASN B 180 -26.77 -17.49 -15.30
CA ASN B 180 -26.65 -16.39 -16.26
C ASN B 180 -27.92 -16.30 -17.09
N LYS B 181 -29.07 -16.52 -16.45
CA LYS B 181 -30.35 -16.58 -17.15
C LYS B 181 -30.99 -15.18 -17.16
N ASN B 182 -30.19 -14.21 -17.58
CA ASN B 182 -30.62 -12.83 -17.66
C ASN B 182 -31.48 -12.64 -18.91
N TYR B 183 -32.34 -11.63 -18.85
CA TYR B 183 -33.18 -11.31 -20.00
C TYR B 183 -32.33 -11.00 -21.22
N SER B 184 -32.75 -11.54 -22.36
CA SER B 184 -32.08 -11.30 -23.63
C SER B 184 -33.10 -11.37 -24.74
N MET B 185 -32.97 -10.46 -25.71
CA MET B 185 -33.92 -10.38 -26.81
C MET B 185 -33.55 -11.42 -27.87
N ARG B 186 -33.86 -12.67 -27.54
CA ARG B 186 -33.50 -13.78 -28.41
C ARG B 186 -34.26 -13.69 -29.73
N ILE B 187 -33.51 -13.63 -30.84
CA ILE B 187 -34.09 -13.62 -32.16
C ILE B 187 -33.88 -14.99 -32.79
N TRP B 188 -34.86 -15.88 -32.64
CA TRP B 188 -34.74 -17.21 -33.20
C TRP B 188 -35.02 -17.19 -34.69
N LEU B 189 -34.11 -17.79 -35.46
CA LEU B 189 -34.17 -17.75 -36.91
C LEU B 189 -34.74 -19.05 -37.45
N GLU B 190 -35.50 -18.94 -38.54
CA GLU B 190 -36.02 -20.11 -39.22
C GLU B 190 -35.22 -20.33 -40.50
N PRO B 191 -34.39 -21.38 -40.58
CA PRO B 191 -33.56 -21.56 -41.78
C PRO B 191 -34.37 -21.71 -43.06
N ASP B 192 -35.52 -22.38 -43.00
CA ASP B 192 -36.32 -22.57 -44.21
C ASP B 192 -36.88 -21.24 -44.71
N LEU B 193 -37.46 -20.43 -43.82
CA LEU B 193 -37.97 -19.13 -44.21
C LEU B 193 -36.86 -18.22 -44.71
N LEU B 194 -35.72 -18.24 -44.01
CA LEU B 194 -34.58 -17.41 -44.41
C LEU B 194 -34.10 -17.79 -45.80
N ASN B 195 -34.01 -19.09 -46.10
CA ASN B 195 -33.63 -19.53 -47.43
C ASN B 195 -34.67 -19.14 -48.46
N LYS B 196 -35.96 -19.27 -48.13
CA LYS B 196 -37.03 -18.95 -49.07
C LYS B 196 -37.03 -17.48 -49.45
N PHE B 197 -36.86 -16.59 -48.49
CA PHE B 197 -36.94 -15.16 -48.76
C PHE B 197 -35.64 -14.58 -49.31
N GLY B 198 -34.59 -15.38 -49.44
CA GLY B 198 -33.33 -14.88 -49.95
C GLY B 198 -32.52 -14.07 -48.99
N VAL B 199 -32.91 -14.00 -47.72
CA VAL B 199 -32.14 -13.28 -46.72
C VAL B 199 -31.10 -14.21 -46.10
N THR B 200 -29.99 -13.64 -45.67
CA THR B 200 -28.93 -14.36 -44.97
C THR B 200 -28.88 -13.90 -43.53
N ALA B 201 -28.19 -14.68 -42.70
CA ALA B 201 -28.03 -14.31 -41.30
C ALA B 201 -27.28 -12.98 -41.16
N ASN B 202 -26.22 -12.82 -41.95
CA ASN B 202 -25.42 -11.59 -41.87
C ASN B 202 -26.28 -10.36 -42.12
N ASP B 203 -27.27 -10.47 -42.99
CA ASP B 203 -28.19 -9.36 -43.19
C ASP B 203 -28.97 -9.05 -41.91
N VAL B 204 -29.39 -10.09 -41.20
CA VAL B 204 -30.10 -9.88 -39.93
C VAL B 204 -29.20 -9.20 -38.91
N ILE B 205 -27.95 -9.65 -38.81
CA ILE B 205 -27.02 -9.03 -37.87
C ILE B 205 -26.79 -7.57 -38.23
N ASN B 206 -26.61 -7.29 -39.52
CA ASN B 206 -26.41 -5.90 -39.95
C ASN B 206 -27.63 -5.05 -39.61
N ALA B 207 -28.84 -5.55 -39.86
CA ALA B 207 -30.03 -4.79 -39.57
C ALA B 207 -30.16 -4.50 -38.07
N VAL B 208 -29.89 -5.51 -37.23
CA VAL B 208 -29.99 -5.30 -35.79
C VAL B 208 -28.92 -4.33 -35.31
N ASN B 209 -27.70 -4.45 -35.83
CA ASN B 209 -26.62 -3.57 -35.43
C ASN B 209 -26.90 -2.13 -35.85
N ASP B 210 -27.56 -1.94 -36.99
CA ASP B 210 -27.79 -0.60 -37.50
C ASP B 210 -28.98 0.06 -36.83
N GLN B 211 -30.14 -0.60 -36.87
CA GLN B 211 -31.37 0.06 -36.46
C GLN B 211 -31.48 0.15 -34.94
N ASN B 212 -30.97 -0.84 -34.22
CA ASN B 212 -31.11 -0.88 -32.76
C ASN B 212 -29.86 -0.26 -32.11
N ALA B 213 -29.86 1.05 -32.04
CA ALA B 213 -28.78 1.79 -31.40
C ALA B 213 -29.25 3.19 -31.04
N GLN B 214 -28.59 3.80 -30.06
CA GLN B 214 -28.83 5.18 -29.68
C GLN B 214 -27.63 6.02 -30.08
N TYR B 215 -27.83 6.91 -31.05
CA TYR B 215 -26.76 7.72 -31.59
C TYR B 215 -26.76 9.11 -30.92
N ALA B 216 -25.95 10.03 -31.45
CA ALA B 216 -25.73 11.33 -30.85
C ALA B 216 -26.40 12.42 -31.68
N THR B 217 -27.11 13.32 -31.01
CA THR B 217 -27.77 14.45 -31.65
C THR B 217 -27.47 15.73 -30.86
N GLY B 218 -26.98 16.75 -31.56
CA GLY B 218 -26.56 17.97 -30.89
C GLY B 218 -27.73 18.83 -30.45
N LYS B 219 -27.40 19.92 -29.76
CA LYS B 219 -28.41 20.84 -29.24
C LYS B 219 -28.79 21.87 -30.30
N ILE B 220 -30.02 22.36 -30.23
CA ILE B 220 -30.50 23.36 -31.18
C ILE B 220 -30.35 24.75 -30.58
N GLY B 221 -29.89 25.70 -31.40
CA GLY B 221 -29.74 27.07 -30.94
C GLY B 221 -28.47 27.33 -30.17
N GLU B 222 -27.50 26.44 -30.23
CA GLU B 222 -26.25 26.58 -29.52
C GLU B 222 -25.33 27.57 -30.23
N GLU B 223 -24.49 28.24 -29.45
CA GLU B 223 -23.56 29.22 -30.00
C GLU B 223 -22.55 28.54 -30.92
N PRO B 224 -21.97 29.29 -31.89
CA PRO B 224 -22.14 30.72 -32.16
C PRO B 224 -23.22 31.01 -33.18
N VAL B 225 -24.24 31.79 -32.81
CA VAL B 225 -25.32 32.17 -33.71
C VAL B 225 -25.28 33.68 -33.92
N VAL B 226 -25.45 34.11 -35.17
CA VAL B 226 -25.47 35.54 -35.45
C VAL B 226 -26.76 36.17 -34.94
N ASN B 227 -27.82 35.38 -34.85
CA ASN B 227 -29.10 35.82 -34.29
C ASN B 227 -29.39 34.98 -33.05
N LYS B 228 -29.31 35.61 -31.88
CA LYS B 228 -29.47 34.89 -30.63
C LYS B 228 -30.88 34.33 -30.50
N SER B 229 -30.95 33.12 -29.96
CA SER B 229 -32.21 32.44 -29.64
C SER B 229 -32.50 32.57 -28.15
N PRO B 230 -33.76 32.84 -27.78
CA PRO B 230 -34.08 32.96 -26.35
C PRO B 230 -33.82 31.69 -25.56
N GLN B 231 -33.93 30.52 -26.19
CA GLN B 231 -33.79 29.26 -25.49
C GLN B 231 -32.92 28.30 -26.29
N VAL B 232 -32.21 27.43 -25.58
CA VAL B 232 -31.40 26.37 -26.18
C VAL B 232 -32.10 25.05 -25.90
N ILE B 233 -32.31 24.26 -26.95
CA ILE B 233 -33.11 23.04 -26.88
C ILE B 233 -32.22 21.87 -27.27
N SER B 234 -32.18 20.84 -26.43
CA SER B 234 -31.40 19.65 -26.73
C SER B 234 -32.28 18.61 -27.39
N ILE B 235 -31.74 17.94 -28.40
CA ILE B 235 -32.46 16.94 -29.17
C ILE B 235 -32.33 15.60 -28.47
N THR B 236 -33.45 14.91 -28.26
CA THR B 236 -33.47 13.59 -27.68
C THR B 236 -34.04 12.59 -28.68
N MET B 237 -33.55 11.34 -28.58
CA MET B 237 -33.95 10.29 -29.49
C MET B 237 -33.88 8.95 -28.78
N GLN B 238 -34.69 8.00 -29.26
CA GLN B 238 -34.72 6.65 -28.73
C GLN B 238 -34.69 5.68 -29.90
N GLY B 239 -33.50 5.20 -30.23
CA GLY B 239 -33.33 4.28 -31.35
C GLY B 239 -33.18 2.84 -30.91
N ARG B 240 -33.15 2.61 -29.60
CA ARG B 240 -33.03 1.25 -29.07
C ARG B 240 -34.42 0.74 -28.77
N LEU B 241 -34.87 -0.23 -29.58
CA LEU B 241 -36.20 -0.80 -29.40
C LEU B 241 -36.28 -1.58 -28.09
N GLN B 242 -37.43 -1.51 -27.44
CA GLN B 242 -37.61 -2.12 -26.13
C GLN B 242 -38.59 -3.30 -26.13
N THR B 243 -39.44 -3.42 -27.13
CA THR B 243 -40.45 -4.47 -27.11
C THR B 243 -40.21 -5.48 -28.23
N PRO B 244 -40.63 -6.73 -28.05
CA PRO B 244 -40.50 -7.72 -29.13
C PRO B 244 -41.21 -7.32 -30.40
N GLN B 245 -42.35 -6.63 -30.30
CA GLN B 245 -43.03 -6.14 -31.49
C GLN B 245 -42.20 -5.13 -32.27
N GLU B 246 -41.37 -4.34 -31.57
CA GLU B 246 -40.49 -3.41 -32.26
C GLU B 246 -39.33 -4.13 -32.93
N PHE B 247 -38.77 -5.15 -32.26
CA PHE B 247 -37.69 -5.91 -32.87
C PHE B 247 -38.18 -6.71 -34.07
N GLU B 248 -39.44 -7.17 -34.04
CA GLU B 248 -40.00 -7.83 -35.21
C GLU B 248 -40.13 -6.86 -36.38
N ASN B 249 -40.42 -5.59 -36.09
CA ASN B 249 -40.63 -4.59 -37.14
C ASN B 249 -39.32 -3.91 -37.49
N ILE B 250 -38.35 -4.73 -37.91
CA ILE B 250 -37.08 -4.25 -38.43
C ILE B 250 -36.99 -4.59 -39.90
N ILE B 251 -36.77 -3.58 -40.74
CA ILE B 251 -36.85 -3.72 -42.18
C ILE B 251 -35.52 -4.24 -42.70
N LEU B 252 -35.57 -5.33 -43.48
CA LEU B 252 -34.37 -5.84 -44.11
C LEU B 252 -34.27 -5.37 -45.55
N ARG B 253 -35.31 -5.59 -46.35
CA ARG B 253 -35.34 -5.20 -47.74
C ARG B 253 -36.61 -4.42 -48.03
N VAL B 254 -36.55 -3.56 -49.05
CA VAL B 254 -37.70 -2.75 -49.40
C VAL B 254 -38.62 -3.50 -50.36
N ASN B 255 -38.06 -4.43 -51.13
CA ASN B 255 -38.73 -5.28 -52.12
C ASN B 255 -39.15 -4.51 -53.36
N GLU B 256 -38.88 -3.20 -53.43
CA GLU B 256 -39.07 -2.30 -54.57
C GLU B 256 -40.55 -1.97 -54.76
N ASP B 257 -41.46 -2.72 -54.13
CA ASP B 257 -42.89 -2.45 -54.24
C ASP B 257 -43.45 -1.79 -53.00
N LYS B 258 -42.60 -1.18 -52.17
CA LYS B 258 -42.95 -0.55 -50.91
C LYS B 258 -43.57 -1.53 -49.92
N SER B 259 -43.34 -2.83 -50.10
CA SER B 259 -43.76 -3.85 -49.15
C SER B 259 -42.53 -4.36 -48.43
N PHE B 260 -42.29 -3.82 -47.23
CA PHE B 260 -41.06 -4.12 -46.51
C PHE B 260 -41.01 -5.59 -46.10
N LEU B 261 -39.80 -6.13 -46.08
CA LEU B 261 -39.54 -7.46 -45.55
C LEU B 261 -38.96 -7.32 -44.17
N ARG B 262 -39.70 -7.76 -43.15
CA ARG B 262 -39.38 -7.51 -41.76
C ARG B 262 -38.81 -8.76 -41.11
N ILE B 263 -38.18 -8.55 -39.95
CA ILE B 263 -37.61 -9.66 -39.19
C ILE B 263 -38.70 -10.64 -38.80
N LYS B 264 -39.91 -10.15 -38.53
CA LYS B 264 -41.03 -11.01 -38.18
C LYS B 264 -41.29 -12.06 -39.26
N ASP B 265 -41.06 -11.70 -40.52
CA ASP B 265 -41.34 -12.62 -41.62
C ASP B 265 -40.34 -13.77 -41.64
N VAL B 266 -39.08 -13.50 -41.31
CA VAL B 266 -38.03 -14.52 -41.44
C VAL B 266 -37.55 -15.05 -40.10
N ALA B 267 -38.07 -14.57 -38.99
CA ALA B 267 -37.59 -15.00 -37.69
C ALA B 267 -38.69 -14.82 -36.65
N LYS B 268 -38.52 -15.50 -35.51
CA LYS B 268 -39.42 -15.39 -34.38
C LYS B 268 -38.67 -14.75 -33.21
N VAL B 269 -39.25 -13.68 -32.67
CA VAL B 269 -38.60 -12.89 -31.63
C VAL B 269 -39.33 -13.10 -30.31
N GLU B 270 -38.54 -13.28 -29.25
CA GLU B 270 -39.09 -13.48 -27.92
C GLU B 270 -38.04 -13.03 -26.90
N ILE B 271 -38.50 -12.75 -25.69
CA ILE B 271 -37.62 -12.39 -24.58
C ILE B 271 -37.33 -13.65 -23.79
N GLY B 272 -36.06 -14.04 -23.74
CA GLY B 272 -35.67 -15.26 -23.08
C GLY B 272 -34.33 -15.11 -22.39
N ALA B 273 -33.97 -16.14 -21.63
CA ALA B 273 -32.72 -16.13 -20.89
C ALA B 273 -31.53 -16.12 -21.84
N GLU B 274 -30.48 -15.39 -21.45
CA GLU B 274 -29.26 -15.35 -22.25
C GLU B 274 -28.60 -16.73 -22.31
N GLN B 275 -28.57 -17.44 -21.19
CA GLN B 275 -27.98 -18.78 -21.13
C GLN B 275 -28.93 -19.69 -20.36
N TYR B 276 -29.34 -20.78 -20.96
CA TYR B 276 -30.20 -21.68 -20.23
C TYR B 276 -29.46 -22.89 -19.73
N ASN B 277 -30.17 -23.97 -19.48
CA ASN B 277 -29.60 -25.26 -19.07
C ASN B 277 -28.66 -25.16 -17.88
N SER B 278 -28.96 -24.28 -16.93
CA SER B 278 -28.16 -24.17 -15.72
C SER B 278 -29.09 -23.95 -14.52
N THR B 279 -30.17 -24.71 -14.44
CA THR B 279 -31.15 -24.53 -13.37
C THR B 279 -30.59 -25.01 -12.03
N GLY B 280 -31.20 -24.51 -10.97
CA GLY B 280 -30.86 -24.92 -9.61
C GLY B 280 -32.09 -25.36 -8.86
N ARG B 281 -31.88 -26.17 -7.83
CA ARG B 281 -32.98 -26.74 -7.05
C ARG B 281 -32.70 -26.59 -5.56
N LEU B 282 -33.77 -26.43 -4.79
CA LEU B 282 -33.72 -26.40 -3.33
C LEU B 282 -34.84 -27.27 -2.80
N ASN B 283 -34.48 -28.37 -2.13
CA ASN B 283 -35.46 -29.29 -1.54
C ASN B 283 -36.48 -29.74 -2.58
N THR B 284 -35.98 -30.15 -3.75
CA THR B 284 -36.81 -30.59 -4.87
C THR B 284 -37.78 -29.49 -5.30
N SER B 285 -37.36 -28.23 -5.22
CA SER B 285 -38.13 -27.10 -5.69
C SER B 285 -37.22 -26.15 -6.44
N ALA B 286 -37.72 -25.57 -7.53
CA ALA B 286 -36.90 -24.71 -8.36
C ALA B 286 -36.49 -23.45 -7.61
N ALA B 287 -35.22 -23.10 -7.71
CA ALA B 287 -34.69 -21.91 -7.05
C ALA B 287 -33.41 -21.48 -7.74
N VAL B 288 -32.98 -20.26 -7.47
CA VAL B 288 -31.75 -19.70 -7.99
C VAL B 288 -30.74 -19.62 -6.85
N PRO B 289 -29.61 -20.31 -6.94
CA PRO B 289 -28.63 -20.27 -5.84
C PRO B 289 -27.69 -19.08 -5.93
N ILE B 290 -27.64 -18.27 -4.87
CA ILE B 290 -26.74 -17.12 -4.81
C ILE B 290 -25.58 -17.48 -3.91
N ILE B 291 -24.43 -17.77 -4.50
CA ILE B 291 -23.22 -18.02 -3.73
C ILE B 291 -22.57 -16.70 -3.36
N ILE B 292 -22.30 -16.52 -2.07
CA ILE B 292 -21.66 -15.31 -1.56
C ILE B 292 -20.25 -15.69 -1.13
N ASN B 293 -19.26 -15.06 -1.73
CA ASN B 293 -17.86 -15.34 -1.45
C ASN B 293 -17.34 -14.33 -0.44
N LEU B 294 -16.84 -14.83 0.69
CA LEU B 294 -16.35 -13.95 1.73
C LEU B 294 -15.07 -13.23 1.28
N GLN B 295 -15.03 -11.93 1.49
CA GLN B 295 -13.86 -11.15 1.13
C GLN B 295 -12.64 -11.61 1.92
N SER B 296 -11.48 -11.56 1.29
CA SER B 296 -10.24 -11.93 1.97
C SER B 296 -9.99 -10.99 3.15
N GLY B 297 -9.66 -11.58 4.29
CA GLY B 297 -9.43 -10.79 5.49
C GLY B 297 -10.67 -10.08 6.00
N ALA B 298 -11.82 -10.75 5.95
CA ALA B 298 -13.08 -10.20 6.43
C ALA B 298 -13.74 -11.19 7.37
N ASN B 299 -14.37 -10.68 8.42
CA ASN B 299 -15.01 -11.54 9.40
C ASN B 299 -16.23 -12.22 8.80
N ALA B 300 -16.32 -13.54 8.98
CA ALA B 300 -17.39 -14.31 8.36
C ALA B 300 -18.73 -14.07 9.06
N VAL B 301 -18.73 -14.06 10.39
CA VAL B 301 -20.00 -14.00 11.13
C VAL B 301 -20.67 -12.64 10.95
N ASN B 302 -19.88 -11.57 11.00
CA ASN B 302 -20.46 -10.24 10.79
C ASN B 302 -21.03 -10.10 9.38
N THR B 303 -20.32 -10.62 8.38
CA THR B 303 -20.82 -10.57 7.01
C THR B 303 -22.10 -11.38 6.88
N ALA B 304 -22.17 -12.55 7.50
CA ALA B 304 -23.40 -13.34 7.45
C ALA B 304 -24.55 -12.61 8.12
N LYS B 305 -24.31 -11.97 9.26
CA LYS B 305 -25.37 -11.20 9.91
C LYS B 305 -25.82 -10.03 9.04
N LEU B 306 -24.89 -9.34 8.40
CA LEU B 306 -25.26 -8.25 7.51
C LEU B 306 -26.09 -8.75 6.35
N ILE B 307 -25.71 -9.89 5.77
CA ILE B 307 -26.49 -10.49 4.68
C ILE B 307 -27.89 -10.84 5.18
N ASN B 308 -27.99 -11.37 6.40
CA ASN B 308 -29.30 -11.75 6.93
C ASN B 308 -30.20 -10.54 7.07
N GLU B 309 -29.71 -9.46 7.69
CA GLU B 309 -30.53 -8.26 7.83
C GLU B 309 -30.89 -7.66 6.48
N LYS B 310 -29.91 -7.59 5.56
CA LYS B 310 -30.19 -7.01 4.25
C LYS B 310 -31.23 -7.83 3.51
N MET B 311 -31.15 -9.16 3.60
CA MET B 311 -32.09 -10.00 2.89
C MET B 311 -33.48 -9.92 3.52
N GLN B 312 -33.56 -9.76 4.84
CA GLN B 312 -34.86 -9.53 5.45
C GLN B 312 -35.46 -8.20 4.98
N GLU B 313 -34.64 -7.16 4.92
CA GLU B 313 -35.12 -5.86 4.45
C GLU B 313 -35.61 -5.96 3.01
N LEU B 314 -34.90 -6.71 2.17
CA LEU B 314 -35.33 -6.89 0.79
C LEU B 314 -36.60 -7.74 0.71
N SER B 315 -36.69 -8.78 1.53
CA SER B 315 -37.87 -9.62 1.54
C SER B 315 -39.11 -8.85 2.00
N LYS B 316 -38.90 -7.76 2.74
CA LYS B 316 -40.00 -6.85 3.04
C LYS B 316 -40.71 -6.41 1.76
N ASN B 317 -39.94 -6.18 0.69
CA ASN B 317 -40.47 -5.71 -0.58
C ASN B 317 -40.55 -6.82 -1.63
N PHE B 318 -40.43 -8.08 -1.24
CA PHE B 318 -40.46 -9.16 -2.20
C PHE B 318 -41.83 -9.23 -2.89
N PRO B 319 -41.88 -9.55 -4.18
CA PRO B 319 -43.16 -9.79 -4.84
C PRO B 319 -43.88 -10.97 -4.19
N GLN B 320 -45.21 -10.92 -4.23
CA GLN B 320 -46.01 -11.93 -3.56
C GLN B 320 -45.70 -13.31 -4.09
N GLY B 321 -45.58 -14.28 -3.18
CA GLY B 321 -45.26 -15.65 -3.55
C GLY B 321 -43.79 -15.95 -3.67
N LEU B 322 -42.92 -15.00 -3.37
CA LEU B 322 -41.48 -15.21 -3.43
C LEU B 322 -40.91 -15.21 -2.02
N LYS B 323 -40.18 -16.28 -1.68
CA LYS B 323 -39.57 -16.42 -0.38
C LYS B 323 -38.11 -16.82 -0.55
N TYR B 324 -37.29 -16.38 0.40
CA TYR B 324 -35.85 -16.63 0.39
C TYR B 324 -35.49 -17.56 1.54
N GLN B 325 -34.43 -18.33 1.36
CA GLN B 325 -33.89 -19.19 2.40
C GLN B 325 -32.38 -19.28 2.24
N ILE B 326 -31.69 -19.30 3.37
CA ILE B 326 -30.25 -19.52 3.38
C ILE B 326 -29.98 -20.91 3.93
N PRO B 327 -29.97 -21.94 3.07
CA PRO B 327 -29.78 -23.30 3.61
C PRO B 327 -28.36 -23.55 4.11
N TYR B 328 -27.36 -23.29 3.28
CA TYR B 328 -25.97 -23.62 3.61
C TYR B 328 -25.28 -22.33 4.05
N ASP B 329 -24.75 -22.36 5.27
CA ASP B 329 -24.09 -21.20 5.86
C ASP B 329 -22.94 -21.68 6.71
N THR B 330 -21.72 -21.21 6.41
CA THR B 330 -20.58 -21.60 7.21
C THR B 330 -20.61 -20.99 8.60
N THR B 331 -21.45 -19.97 8.79
CA THR B 331 -21.48 -19.26 10.06
C THR B 331 -22.11 -20.10 11.16
N ILE B 332 -23.10 -20.94 10.83
CA ILE B 332 -23.77 -21.73 11.86
C ILE B 332 -22.80 -22.68 12.54
N PHE B 333 -21.91 -23.29 11.76
CA PHE B 333 -20.90 -24.17 12.33
C PHE B 333 -19.95 -23.38 13.23
N VAL B 334 -19.58 -22.17 12.79
CA VAL B 334 -18.67 -21.34 13.60
C VAL B 334 -19.31 -21.02 14.94
N LYS B 335 -20.58 -20.60 14.92
CA LYS B 335 -21.26 -20.25 16.15
C LYS B 335 -21.43 -21.47 17.05
N ALA B 336 -21.78 -22.62 16.48
CA ALA B 336 -21.92 -23.83 17.28
C ALA B 336 -20.61 -24.21 17.93
N SER B 337 -19.51 -24.15 17.18
CA SER B 337 -18.21 -24.49 17.72
C SER B 337 -17.79 -23.52 18.82
N ILE B 338 -18.07 -22.23 18.63
CA ILE B 338 -17.70 -21.23 19.64
C ILE B 338 -18.48 -21.48 20.92
N LYS B 339 -19.78 -21.74 20.80
CA LYS B 339 -20.60 -22.03 21.98
C LYS B 339 -20.11 -23.30 22.68
N GLU B 340 -19.76 -24.31 21.90
CA GLU B 340 -19.27 -25.56 22.49
C GLU B 340 -17.96 -25.35 23.24
N VAL B 341 -17.02 -24.62 22.65
CA VAL B 341 -15.75 -24.40 23.33
C VAL B 341 -15.93 -23.50 24.55
N ILE B 342 -16.91 -22.59 24.52
CA ILE B 342 -17.21 -21.83 25.73
C ILE B 342 -17.77 -22.73 26.83
N LYS B 343 -18.63 -23.69 26.48
CA LYS B 343 -19.13 -24.62 27.49
C LYS B 343 -17.99 -25.47 28.05
N THR B 344 -17.07 -25.89 27.18
CA THR B 344 -15.90 -26.63 27.65
C THR B 344 -15.04 -25.78 28.58
N PHE B 345 -14.90 -24.50 28.27
CA PHE B 345 -14.21 -23.56 29.15
C PHE B 345 -14.86 -23.53 30.53
N VAL B 346 -16.20 -23.44 30.56
CA VAL B 346 -16.92 -23.41 31.83
C VAL B 346 -16.72 -24.70 32.60
N GLU B 347 -16.78 -25.85 31.90
CA GLU B 347 -16.57 -27.13 32.57
C GLU B 347 -15.17 -27.23 33.16
N ALA B 348 -14.16 -26.77 32.41
CA ALA B 348 -12.80 -26.79 32.90
C ALA B 348 -12.65 -25.89 34.13
N LEU B 349 -13.29 -24.72 34.10
CA LEU B 349 -13.25 -23.84 35.27
C LEU B 349 -13.86 -24.51 36.48
N ALA B 350 -15.00 -25.18 36.31
CA ALA B 350 -15.63 -25.88 37.43
C ALA B 350 -14.75 -27.01 37.96
N LEU B 351 -14.12 -27.77 37.06
CA LEU B 351 -13.30 -28.89 37.50
C LEU B 351 -12.05 -28.42 38.23
N VAL B 352 -11.38 -27.38 37.71
CA VAL B 352 -10.21 -26.85 38.42
C VAL B 352 -10.63 -26.23 39.74
N LEU B 353 -11.83 -25.63 39.79
CA LEU B 353 -12.35 -25.12 41.05
C LEU B 353 -12.51 -26.23 42.08
N VAL B 354 -13.09 -27.36 41.67
CA VAL B 354 -13.30 -28.44 42.63
C VAL B 354 -11.96 -29.04 43.06
N VAL B 355 -11.00 -29.14 42.14
CA VAL B 355 -9.72 -29.74 42.53
C VAL B 355 -8.96 -28.83 43.48
N MET B 356 -8.99 -27.52 43.24
CA MET B 356 -8.30 -26.63 44.17
C MET B 356 -9.03 -26.44 45.49
N TYR B 357 -10.36 -26.58 45.50
CA TYR B 357 -11.04 -26.65 46.80
C TYR B 357 -10.68 -27.93 47.53
N LEU B 358 -10.53 -29.03 46.80
CA LEU B 358 -10.11 -30.28 47.41
C LEU B 358 -8.76 -30.13 48.07
N PHE B 359 -7.83 -29.45 47.39
CA PHE B 359 -6.46 -29.38 47.92
C PHE B 359 -6.31 -28.30 48.98
N LEU B 360 -7.00 -27.18 48.83
CA LEU B 360 -6.81 -26.07 49.77
C LEU B 360 -7.71 -26.15 50.99
N LYS B 361 -8.65 -27.09 51.02
CA LYS B 361 -9.43 -27.46 52.21
C LYS B 361 -10.07 -26.24 52.90
N ASN B 362 -10.27 -25.15 52.17
CA ASN B 362 -10.87 -23.96 52.76
C ASN B 362 -11.43 -23.07 51.66
N PHE B 363 -12.63 -22.54 51.89
CA PHE B 363 -13.24 -21.63 50.92
C PHE B 363 -12.40 -20.37 50.75
N LYS B 364 -11.94 -19.79 51.86
CA LYS B 364 -11.09 -18.61 51.78
C LYS B 364 -9.78 -18.92 51.05
N SER B 365 -9.17 -20.07 51.37
CA SER B 365 -7.94 -20.45 50.69
C SER B 365 -8.21 -20.82 49.23
N THR B 366 -9.45 -21.16 48.89
CA THR B 366 -9.77 -21.53 47.52
C THR B 366 -10.03 -20.30 46.66
N ILE B 367 -10.65 -19.27 47.24
CA ILE B 367 -11.08 -18.12 46.43
C ILE B 367 -9.88 -17.24 46.07
N ILE B 368 -8.80 -17.34 46.84
CA ILE B 368 -7.61 -16.52 46.54
C ILE B 368 -6.99 -16.88 45.20
N PRO B 369 -6.71 -18.15 44.88
CA PRO B 369 -6.24 -18.45 43.51
C PRO B 369 -7.33 -18.28 42.47
N MET B 370 -8.61 -18.25 42.87
CA MET B 370 -9.68 -18.06 41.91
C MET B 370 -9.57 -16.69 41.22
N ILE B 371 -9.26 -15.65 41.99
CA ILE B 371 -9.21 -14.30 41.45
C ILE B 371 -8.15 -14.19 40.36
N ALA B 372 -7.13 -15.04 40.40
CA ALA B 372 -6.10 -15.01 39.36
C ALA B 372 -6.68 -15.36 38.01
N VAL B 373 -7.76 -16.15 37.97
CA VAL B 373 -8.34 -16.55 36.70
C VAL B 373 -8.92 -15.37 35.93
N PRO B 374 -9.90 -14.61 36.45
CA PRO B 374 -10.46 -13.52 35.63
C PRO B 374 -9.44 -12.45 35.29
N VAL B 375 -8.61 -12.03 36.25
CA VAL B 375 -7.67 -10.95 35.98
C VAL B 375 -6.75 -11.32 34.83
N SER B 376 -6.18 -12.53 34.87
CA SER B 376 -5.26 -12.96 33.82
C SER B 376 -5.97 -13.18 32.50
N LEU B 377 -7.16 -13.81 32.53
CA LEU B 377 -7.88 -14.10 31.30
C LEU B 377 -8.28 -12.81 30.56
N LEU B 378 -8.93 -11.88 31.27
CA LEU B 378 -9.29 -10.63 30.61
C LEU B 378 -8.06 -9.79 30.29
N GLY B 379 -6.99 -9.86 31.08
CA GLY B 379 -5.77 -9.17 30.70
C GLY B 379 -5.23 -9.68 29.38
N THR B 380 -5.27 -11.00 29.18
CA THR B 380 -4.88 -11.57 27.89
C THR B 380 -5.79 -11.08 26.78
N PHE B 381 -7.11 -11.01 27.05
CA PHE B 381 -8.01 -10.45 26.05
C PHE B 381 -7.64 -9.02 25.68
N ALA B 382 -7.33 -8.20 26.68
CA ALA B 382 -6.97 -6.81 26.42
C ALA B 382 -5.70 -6.71 25.59
N VAL B 383 -4.71 -7.55 25.92
CA VAL B 383 -3.45 -7.54 25.16
C VAL B 383 -3.71 -7.99 23.72
N LEU B 384 -4.60 -8.97 23.53
CA LEU B 384 -4.97 -9.37 22.17
C LEU B 384 -5.61 -8.22 21.42
N TYR B 385 -6.49 -7.46 22.09
CA TYR B 385 -7.11 -6.31 21.43
C TYR B 385 -6.06 -5.27 21.05
N VAL B 386 -5.12 -4.99 21.95
CA VAL B 386 -4.08 -4.00 21.64
C VAL B 386 -3.24 -4.46 20.46
N LEU B 387 -2.84 -5.72 20.45
CA LEU B 387 -2.10 -6.25 19.30
C LEU B 387 -2.99 -6.40 18.08
N GLY B 388 -4.31 -6.35 18.29
CA GLY B 388 -5.25 -6.41 17.18
C GLY B 388 -5.59 -7.79 16.68
N PHE B 389 -5.04 -8.84 17.28
CA PHE B 389 -5.35 -10.19 16.85
C PHE B 389 -6.66 -10.64 17.48
N SER B 390 -7.64 -10.90 16.62
CA SER B 390 -8.99 -11.23 17.06
C SER B 390 -9.06 -12.61 17.68
N ILE B 391 -10.12 -12.85 18.46
CA ILE B 391 -10.32 -14.14 19.09
C ILE B 391 -10.76 -15.15 18.04
N ASN B 392 -10.31 -16.39 18.18
CA ASN B 392 -10.66 -17.47 17.29
C ASN B 392 -10.75 -18.77 18.08
N LEU B 393 -10.92 -19.88 17.35
CA LEU B 393 -10.96 -21.18 18.01
C LEU B 393 -9.64 -21.50 18.68
N LEU B 394 -8.52 -21.19 18.04
CA LEU B 394 -7.21 -21.47 18.63
C LEU B 394 -7.00 -20.70 19.92
N THR B 395 -7.38 -19.41 19.92
CA THR B 395 -7.25 -18.61 21.14
C THR B 395 -8.11 -19.17 22.26
N LEU B 396 -9.33 -19.59 21.95
CA LEU B 396 -10.20 -20.15 22.98
C LEU B 396 -9.68 -21.49 23.50
N PHE B 397 -9.12 -22.31 22.61
CA PHE B 397 -8.48 -23.53 23.05
C PHE B 397 -7.33 -23.23 24.01
N ALA B 398 -6.46 -22.30 23.62
CA ALA B 398 -5.36 -21.91 24.51
C ALA B 398 -5.88 -21.37 25.82
N LEU B 399 -7.03 -20.69 25.79
CA LEU B 399 -7.62 -20.15 27.00
C LEU B 399 -8.05 -21.29 27.94
N VAL B 400 -8.71 -22.30 27.38
CA VAL B 400 -9.14 -23.45 28.17
C VAL B 400 -7.92 -24.14 28.77
N LEU B 401 -6.83 -24.26 28.00
CA LEU B 401 -5.62 -24.84 28.57
C LEU B 401 -5.04 -23.95 29.67
N ALA B 402 -5.13 -22.63 29.49
CA ALA B 402 -4.52 -21.71 30.44
C ALA B 402 -5.36 -21.55 31.69
N ILE B 403 -6.57 -22.12 31.70
CA ILE B 403 -7.39 -22.11 32.92
C ILE B 403 -6.60 -22.68 34.09
N GLY B 404 -5.98 -23.84 33.88
CA GLY B 404 -5.16 -24.42 34.94
C GLY B 404 -3.79 -23.79 35.02
N ILE B 405 -3.37 -23.11 33.96
CA ILE B 405 -2.05 -22.48 33.94
C ILE B 405 -2.01 -21.27 34.86
N VAL B 406 -3.05 -20.44 34.82
CA VAL B 406 -3.03 -19.19 35.56
C VAL B 406 -3.04 -19.40 37.07
N VAL B 407 -3.47 -20.58 37.55
CA VAL B 407 -3.61 -20.80 38.97
C VAL B 407 -2.37 -21.39 39.62
N ASP B 408 -1.44 -21.94 38.84
CA ASP B 408 -0.30 -22.64 39.45
C ASP B 408 0.55 -21.71 40.30
N ASP B 409 0.79 -20.49 39.83
CA ASP B 409 1.60 -19.56 40.60
C ASP B 409 0.93 -19.20 41.92
N ALA B 410 -0.35 -18.83 41.87
CA ALA B 410 -1.09 -18.55 43.09
C ALA B 410 -1.23 -19.80 43.94
N ILE B 411 -1.29 -20.98 43.29
CA ILE B 411 -1.34 -22.23 44.04
C ILE B 411 -0.08 -22.39 44.88
N ILE B 412 1.09 -22.21 44.26
CA ILE B 412 2.35 -22.32 44.99
C ILE B 412 2.40 -21.31 46.12
N VAL B 413 2.03 -20.06 45.81
CA VAL B 413 2.05 -19.01 46.83
C VAL B 413 1.21 -19.40 48.03
N VAL B 414 -0.09 -19.60 47.81
CA VAL B 414 -1.02 -19.84 48.91
C VAL B 414 -0.64 -21.11 49.67
N GLU B 415 -0.18 -22.15 48.96
CA GLU B 415 0.28 -23.35 49.65
C GLU B 415 1.45 -23.05 50.56
N ASN B 416 2.36 -22.17 50.12
CA ASN B 416 3.51 -21.86 50.96
C ASN B 416 3.11 -21.04 52.19
N ILE B 417 2.17 -20.08 52.06
CA ILE B 417 1.70 -19.40 53.26
C ILE B 417 1.00 -20.38 54.20
N ASP B 418 0.20 -21.30 53.66
CA ASP B 418 -0.47 -22.26 54.53
C ASP B 418 0.54 -23.14 55.27
N ARG B 419 1.57 -23.61 54.56
CA ARG B 419 2.59 -24.44 55.18
C ARG B 419 3.35 -23.68 56.25
N ILE B 420 3.73 -22.44 55.98
CA ILE B 420 4.54 -21.69 56.95
C ILE B 420 3.67 -21.22 58.11
N LEU B 421 2.36 -21.08 57.89
CA LEU B 421 1.46 -20.75 58.98
C LEU B 421 1.26 -21.93 59.91
N HIS B 422 1.04 -23.12 59.33
CA HIS B 422 0.83 -24.30 60.17
C HIS B 422 2.13 -24.76 60.83
N GLU B 423 3.28 -24.42 60.24
CA GLU B 423 4.55 -24.82 60.84
C GLU B 423 4.89 -23.96 62.05
N ASP B 424 4.67 -22.66 61.97
CA ASP B 424 5.03 -21.72 63.04
C ASP B 424 3.77 -21.02 63.53
N SER B 425 3.48 -21.16 64.82
CA SER B 425 2.28 -20.55 65.38
C SER B 425 2.48 -19.05 65.62
N ASN B 426 3.69 -18.65 66.04
CA ASN B 426 3.92 -17.26 66.42
C ASN B 426 3.90 -16.33 65.21
N ILE B 427 4.14 -16.86 64.01
CA ILE B 427 4.21 -16.01 62.83
C ILE B 427 2.82 -15.53 62.46
N SER B 428 2.68 -14.22 62.28
CA SER B 428 1.41 -13.63 61.89
C SER B 428 1.12 -13.91 60.41
N VAL B 429 -0.12 -13.64 60.00
CA VAL B 429 -0.53 -13.92 58.63
C VAL B 429 0.27 -13.08 57.64
N LYS B 430 0.48 -11.80 57.95
CA LYS B 430 1.26 -10.95 57.04
C LYS B 430 2.73 -11.35 57.05
N ASP B 431 3.27 -11.67 58.23
CA ASP B 431 4.63 -12.16 58.31
C ASP B 431 4.79 -13.48 57.55
N ALA B 432 3.81 -14.36 57.68
CA ALA B 432 3.82 -15.60 56.91
C ALA B 432 3.78 -15.31 55.42
N ALA B 433 2.97 -14.34 55.01
CA ALA B 433 2.86 -13.99 53.60
C ALA B 433 4.20 -13.52 53.06
N ILE B 434 4.85 -12.60 53.76
CA ILE B 434 6.13 -12.08 53.25
C ILE B 434 7.20 -13.15 53.28
N LYS B 435 7.20 -14.00 54.32
CA LYS B 435 8.18 -15.07 54.38
C LYS B 435 8.01 -16.05 53.23
N ALA B 436 6.77 -16.49 52.98
CA ALA B 436 6.51 -17.39 51.87
C ALA B 436 6.84 -16.73 50.54
N MET B 437 6.61 -15.42 50.43
CA MET B 437 6.92 -14.71 49.20
C MET B 437 8.42 -14.71 48.93
N ASN B 438 9.24 -14.42 49.94
CA ASN B 438 10.68 -14.45 49.68
C ASN B 438 11.17 -15.88 49.52
N GLU B 439 10.40 -16.86 50.00
CA GLU B 439 10.76 -18.25 49.74
C GLU B 439 10.53 -18.63 48.28
N VAL B 440 9.37 -18.29 47.73
CA VAL B 440 8.97 -18.81 46.42
C VAL B 440 8.90 -17.71 45.36
N SER B 441 9.58 -16.59 45.55
CA SER B 441 9.65 -15.59 44.50
C SER B 441 10.36 -16.14 43.26
N SER B 442 11.51 -16.77 43.45
CA SER B 442 12.28 -17.26 42.31
C SER B 442 11.56 -18.35 41.52
N PRO B 443 10.92 -19.36 42.12
CA PRO B 443 10.23 -20.37 41.30
C PRO B 443 9.13 -19.79 40.43
N VAL B 444 8.33 -18.85 40.93
CA VAL B 444 7.25 -18.27 40.14
C VAL B 444 7.81 -17.49 38.96
N ILE B 445 8.85 -16.69 39.21
CA ILE B 445 9.52 -15.97 38.13
C ILE B 445 10.08 -16.94 37.11
N SER B 446 10.61 -18.07 37.59
CA SER B 446 11.16 -19.07 36.67
C SER B 446 10.06 -19.65 35.78
N ILE B 447 8.91 -19.98 36.36
CA ILE B 447 7.80 -20.50 35.57
C ILE B 447 7.36 -19.47 34.53
N VAL B 448 7.21 -18.22 34.95
CA VAL B 448 6.75 -17.18 34.02
C VAL B 448 7.75 -17.00 32.88
N LEU B 449 9.04 -16.91 33.21
CA LEU B 449 10.06 -16.71 32.19
C LEU B 449 10.13 -17.90 31.25
N VAL B 450 10.03 -19.11 31.80
CA VAL B 450 10.09 -20.32 30.97
C VAL B 450 8.92 -20.37 30.00
N LEU B 451 7.72 -20.11 30.50
CA LEU B 451 6.55 -20.26 29.65
C LEU B 451 6.39 -19.09 28.69
N CYS B 452 7.10 -17.99 28.96
CA CYS B 452 7.20 -16.93 27.96
C CYS B 452 8.28 -17.25 26.93
N ALA B 453 9.33 -17.96 27.35
CA ALA B 453 10.44 -18.26 26.44
C ALA B 453 10.09 -19.39 25.48
N VAL B 454 9.23 -20.31 25.91
CA VAL B 454 8.80 -21.39 25.02
C VAL B 454 8.20 -20.79 23.74
N PHE B 455 7.45 -19.71 23.89
CA PHE B 455 6.70 -19.12 22.80
C PHE B 455 7.40 -17.93 22.15
N ILE B 456 8.65 -17.65 22.53
CA ILE B 456 9.40 -16.59 21.85
C ILE B 456 9.63 -16.89 20.38
N PRO B 457 10.13 -18.06 19.98
CA PRO B 457 10.52 -18.22 18.57
C PRO B 457 9.36 -18.50 17.64
N VAL B 458 8.30 -19.17 18.11
CA VAL B 458 7.14 -19.43 17.27
C VAL B 458 6.50 -18.12 16.83
N SER B 459 6.64 -17.06 17.62
CA SER B 459 6.10 -15.76 17.25
C SER B 459 6.70 -15.25 15.94
N PHE B 460 8.00 -15.46 15.73
CA PHE B 460 8.62 -14.98 14.50
C PHE B 460 8.70 -16.05 13.42
N ILE B 461 8.30 -17.29 13.70
CA ILE B 461 8.20 -18.29 12.65
C ILE B 461 6.93 -18.04 11.85
N SER B 462 7.07 -18.01 10.53
CA SER B 462 5.98 -17.67 9.62
C SER B 462 5.58 -18.89 8.81
N GLY B 463 4.29 -18.99 8.51
CA GLY B 463 3.77 -20.12 7.75
C GLY B 463 2.38 -20.45 8.23
N PHE B 464 1.84 -21.53 7.66
CA PHE B 464 0.54 -22.02 8.11
C PHE B 464 0.62 -22.56 9.52
N VAL B 465 1.58 -23.45 9.78
CA VAL B 465 1.76 -24.01 11.11
C VAL B 465 2.19 -22.93 12.09
N GLY B 466 3.05 -22.02 11.64
CA GLY B 466 3.45 -20.90 12.49
C GLY B 466 2.28 -20.01 12.87
N GLU B 467 1.41 -19.70 11.92
CA GLU B 467 0.22 -18.91 12.21
C GLU B 467 -0.73 -19.63 13.15
N ILE B 468 -0.91 -20.93 12.98
CA ILE B 468 -1.78 -21.69 13.88
C ILE B 468 -1.20 -21.67 15.28
N GLN B 469 0.11 -21.90 15.39
CA GLN B 469 0.76 -21.97 16.69
C GLN B 469 0.85 -20.62 17.38
N ARG B 470 0.87 -19.55 16.60
CA ARG B 470 1.04 -18.22 17.18
C ARG B 470 -0.11 -17.84 18.10
N GLN B 471 -1.32 -18.18 17.72
CA GLN B 471 -2.47 -17.83 18.52
C GLN B 471 -2.31 -18.41 19.91
N PHE B 472 -2.04 -19.71 19.98
CA PHE B 472 -1.88 -20.36 21.26
C PHE B 472 -0.75 -19.71 22.03
N ALA B 473 0.38 -19.51 21.38
CA ALA B 473 1.54 -18.97 22.06
C ALA B 473 1.24 -17.62 22.67
N LEU B 474 0.71 -16.70 21.87
CA LEU B 474 0.45 -15.37 22.37
C LEU B 474 -0.48 -15.43 23.56
N THR B 475 -1.58 -16.15 23.41
CA THR B 475 -2.55 -16.25 24.48
C THR B 475 -1.91 -16.80 25.73
N LEU B 476 -1.29 -17.96 25.63
CA LEU B 476 -0.69 -18.59 26.79
C LEU B 476 0.41 -17.73 27.38
N ALA B 477 1.21 -17.10 26.51
CA ALA B 477 2.33 -16.31 27.00
C ALA B 477 1.88 -15.20 27.92
N ILE B 478 0.98 -14.35 27.44
CA ILE B 478 0.51 -13.25 28.25
C ILE B 478 -0.19 -13.83 29.46
N SER B 479 -1.07 -14.78 29.23
CA SER B 479 -1.78 -15.42 30.33
C SER B 479 -0.84 -15.73 31.48
N VAL B 480 0.28 -16.39 31.18
CA VAL B 480 1.27 -16.72 32.21
C VAL B 480 1.85 -15.45 32.82
N ALA B 481 2.16 -14.46 31.99
CA ALA B 481 2.80 -13.25 32.51
C ALA B 481 1.90 -12.52 33.51
N ILE B 482 0.64 -12.31 33.14
CA ILE B 482 -0.26 -11.60 34.04
C ILE B 482 -0.56 -12.45 35.27
N SER B 483 -0.72 -13.76 35.10
CA SER B 483 -0.96 -14.61 36.27
C SER B 483 0.23 -14.56 37.23
N GLY B 484 1.44 -14.54 36.69
CA GLY B 484 2.61 -14.43 37.54
C GLY B 484 2.70 -13.11 38.27
N PHE B 485 2.41 -12.02 37.55
CA PHE B 485 2.41 -10.71 38.22
C PHE B 485 1.36 -10.69 39.32
N VAL B 486 0.19 -11.28 39.07
CA VAL B 486 -0.86 -11.33 40.07
C VAL B 486 -0.39 -12.15 41.28
N ALA B 487 0.26 -13.28 41.02
CA ALA B 487 0.77 -14.09 42.13
C ALA B 487 1.85 -13.36 42.92
N LEU B 488 2.61 -12.49 42.26
CA LEU B 488 3.59 -11.69 42.99
C LEU B 488 2.93 -10.64 43.85
N THR B 489 1.90 -9.96 43.33
CA THR B 489 1.37 -8.77 43.98
C THR B 489 0.10 -9.04 44.79
N LEU B 490 -0.96 -9.53 44.15
CA LEU B 490 -2.28 -9.54 44.77
C LEU B 490 -2.39 -10.61 45.85
N THR B 491 -2.08 -11.86 45.51
CA THR B 491 -2.41 -12.96 46.41
C THR B 491 -1.81 -12.85 47.81
N PRO B 492 -0.56 -12.37 48.00
CA PRO B 492 -0.13 -12.17 49.40
C PRO B 492 -1.00 -11.16 50.14
N SER B 493 -1.44 -10.11 49.44
CA SER B 493 -2.26 -9.08 50.08
C SER B 493 -3.60 -9.64 50.52
N LEU B 494 -4.28 -10.38 49.65
CA LEU B 494 -5.56 -10.98 50.03
C LEU B 494 -5.36 -12.05 51.09
N SER B 495 -4.27 -12.81 51.02
CA SER B 495 -4.02 -13.83 52.02
C SER B 495 -3.84 -13.22 53.40
N ALA B 496 -3.08 -12.13 53.50
CA ALA B 496 -2.93 -11.45 54.79
C ALA B 496 -4.25 -10.82 55.22
N LEU B 497 -4.99 -10.25 54.25
CA LEU B 497 -6.21 -9.53 54.58
C LEU B 497 -7.32 -10.50 55.00
N PHE B 498 -7.49 -11.60 54.28
CA PHE B 498 -8.62 -12.49 54.47
C PHE B 498 -8.27 -13.76 55.23
N LEU B 499 -7.24 -14.48 54.81
CA LEU B 499 -6.91 -15.75 55.43
C LEU B 499 -6.48 -15.55 56.88
N THR B 500 -7.03 -16.38 57.77
CA THR B 500 -6.73 -16.30 59.19
C THR B 500 -6.12 -17.62 59.64
N ARG B 501 -5.40 -17.55 60.76
CA ARG B 501 -4.79 -18.75 61.34
C ARG B 501 -5.85 -19.78 61.68
N ASN B 502 -6.91 -19.34 62.35
CA ASN B 502 -8.02 -20.24 62.64
C ASN B 502 -8.86 -20.47 61.39
N GLU B 503 -9.17 -21.73 61.12
CA GLU B 503 -9.94 -22.11 59.94
C GLU B 503 -10.99 -23.13 60.34
N SER B 504 -12.03 -23.21 59.52
CA SER B 504 -13.07 -24.21 59.73
C SER B 504 -12.49 -25.61 59.60
N LYS B 505 -12.97 -26.53 60.41
CA LYS B 505 -12.48 -27.89 60.38
C LYS B 505 -12.80 -28.52 59.03
N PRO B 506 -11.81 -29.07 58.32
CA PRO B 506 -12.07 -29.65 57.01
C PRO B 506 -13.03 -30.84 57.09
N PHE B 507 -13.80 -31.02 56.02
CA PHE B 507 -14.74 -32.12 55.95
C PHE B 507 -13.99 -33.45 55.93
N TYR B 508 -14.70 -34.52 56.29
CA TYR B 508 -14.06 -35.82 56.42
C TYR B 508 -13.50 -36.29 55.08
N PHE B 509 -14.29 -36.20 54.01
CA PHE B 509 -13.77 -36.58 52.70
C PHE B 509 -12.69 -35.60 52.24
N ILE B 510 -12.79 -34.34 52.66
CA ILE B 510 -11.69 -33.40 52.42
C ILE B 510 -10.47 -33.82 53.19
N GLN B 511 -10.64 -34.21 54.46
CA GLN B 511 -9.51 -34.57 55.29
C GLN B 511 -8.89 -35.89 54.86
N LYS B 512 -9.73 -36.87 54.49
CA LYS B 512 -9.22 -38.16 54.06
C LYS B 512 -8.38 -38.04 52.80
N PHE B 513 -8.81 -37.19 51.87
CA PHE B 513 -8.01 -36.95 50.67
C PHE B 513 -6.65 -36.36 51.03
N ASN B 514 -6.61 -35.50 52.04
CA ASN B 514 -5.34 -34.92 52.47
C ASN B 514 -4.44 -35.96 53.12
N ASP B 515 -5.03 -36.89 53.87
CA ASP B 515 -4.24 -37.97 54.46
C ASP B 515 -3.67 -38.88 53.40
N PHE B 516 -4.48 -39.20 52.37
CA PHE B 516 -3.96 -39.96 51.23
C PHE B 516 -2.84 -39.19 50.54
N PHE B 517 -2.98 -37.87 50.47
CA PHE B 517 -1.91 -37.05 49.87
C PHE B 517 -0.64 -37.13 50.70
N ASP B 518 -0.76 -37.10 52.02
CA ASP B 518 0.42 -37.21 52.88
C ASP B 518 1.10 -38.56 52.69
N TRP B 519 0.31 -39.63 52.64
CA TRP B 519 0.88 -40.96 52.41
C TRP B 519 1.54 -41.05 51.05
N SER B 520 0.95 -40.45 50.02
CA SER B 520 1.57 -40.43 48.71
C SER B 520 2.86 -39.63 48.74
N THR B 521 2.90 -38.55 49.52
CA THR B 521 4.13 -37.78 49.66
C THR B 521 5.23 -38.62 50.30
N SER B 522 4.90 -39.36 51.35
CA SER B 522 5.89 -40.25 51.98
C SER B 522 6.36 -41.32 51.01
N VAL B 523 5.44 -41.90 50.24
CA VAL B 523 5.80 -42.91 49.26
C VAL B 523 6.72 -42.31 48.20
N PHE B 524 6.41 -41.09 47.76
CA PHE B 524 7.26 -40.44 46.77
C PHE B 524 8.65 -40.17 47.32
N SER B 525 8.74 -39.77 48.59
CA SER B 525 10.05 -39.54 49.20
C SER B 525 10.86 -40.83 49.27
N SER B 526 10.23 -41.93 49.68
CA SER B 526 10.92 -43.21 49.72
C SER B 526 11.35 -43.64 48.33
N GLY B 527 10.48 -43.45 47.34
CA GLY B 527 10.83 -43.81 45.97
C GLY B 527 11.97 -42.96 45.42
N VAL B 528 12.00 -41.68 45.78
CA VAL B 528 13.09 -40.82 45.34
C VAL B 528 14.39 -41.26 45.99
N ALA B 529 14.35 -41.66 47.26
CA ALA B 529 15.54 -42.21 47.90
C ALA B 529 16.02 -43.47 47.19
N TYR B 530 15.09 -44.37 46.83
CA TYR B 530 15.45 -45.56 46.08
C TYR B 530 16.08 -45.21 44.74
N ILE B 531 15.49 -44.25 44.02
CA ILE B 531 16.02 -43.78 42.74
C ILE B 531 17.43 -43.24 42.93
N LEU B 532 17.64 -42.45 43.98
CA LEU B 532 18.93 -41.86 44.25
C LEU B 532 19.98 -42.92 44.55
N LYS B 533 19.61 -43.93 45.32
CA LYS B 533 20.56 -45.00 45.63
C LYS B 533 20.92 -45.79 44.37
N ARG B 534 19.95 -46.05 43.50
CA ARG B 534 20.22 -46.79 42.26
C ARG B 534 20.20 -45.85 41.06
N THR B 535 21.40 -45.49 40.60
CA THR B 535 21.50 -44.46 39.57
C THR B 535 21.59 -45.06 38.18
N ILE B 536 22.48 -46.04 37.98
CA ILE B 536 22.78 -46.52 36.64
C ILE B 536 21.61 -47.28 36.02
N ARG B 537 20.89 -48.08 36.81
CA ARG B 537 19.74 -48.81 36.27
C ARG B 537 18.69 -47.85 35.75
N PHE B 538 18.44 -46.77 36.48
CA PHE B 538 17.38 -45.85 36.09
C PHE B 538 17.84 -44.88 35.01
N VAL B 539 19.14 -44.61 34.88
CA VAL B 539 19.60 -43.88 33.71
C VAL B 539 19.48 -44.75 32.46
N LEU B 540 19.70 -46.06 32.61
CA LEU B 540 19.43 -46.97 31.50
C LEU B 540 17.94 -46.97 31.15
N VAL B 541 17.08 -46.95 32.17
CA VAL B 541 15.64 -46.85 31.93
C VAL B 541 15.31 -45.57 31.17
N PHE B 542 15.97 -44.47 31.54
CA PHE B 542 15.82 -43.21 30.82
C PHE B 542 16.14 -43.37 29.34
N CYS B 543 17.28 -44.00 29.04
CA CYS B 543 17.66 -44.22 27.65
C CYS B 543 16.66 -45.12 26.90
N ILE B 544 16.19 -46.18 27.56
CA ILE B 544 15.23 -47.08 26.92
C ILE B 544 13.93 -46.34 26.63
N MET B 545 13.50 -45.46 27.54
CA MET B 545 12.26 -44.72 27.27
C MET B 545 12.48 -43.73 26.14
N ILE B 546 13.70 -43.18 26.01
CA ILE B 546 14.00 -42.35 24.85
C ILE B 546 13.84 -43.15 23.56
N GLY B 547 14.37 -44.36 23.53
CA GLY B 547 14.16 -45.22 22.37
C GLY B 547 12.69 -45.49 22.11
N PHE B 548 11.92 -45.69 23.18
CA PHE B 548 10.48 -45.89 23.04
C PHE B 548 9.82 -44.66 22.43
N ILE B 549 10.25 -43.47 22.83
CA ILE B 549 9.73 -42.23 22.24
C ILE B 549 10.00 -42.22 20.75
N ALA B 550 11.22 -42.57 20.36
CA ALA B 550 11.55 -42.59 18.93
C ALA B 550 10.66 -43.57 18.17
N TYR B 551 10.49 -44.78 18.70
CA TYR B 551 9.66 -45.77 18.02
C TYR B 551 8.20 -45.32 17.94
N LEU B 552 7.68 -44.75 19.02
CA LEU B 552 6.29 -44.30 19.01
C LEU B 552 6.09 -43.14 18.04
N PHE B 553 7.06 -42.23 17.96
CA PHE B 553 6.96 -41.18 16.96
C PHE B 553 7.02 -41.75 15.55
N LYS B 554 7.74 -42.86 15.37
CA LYS B 554 7.71 -43.54 14.07
C LYS B 554 6.34 -44.13 13.76
N ILE B 555 5.69 -44.76 14.74
CA ILE B 555 4.50 -45.57 14.47
C ILE B 555 3.27 -44.69 14.26
N VAL B 556 3.31 -43.45 14.74
CA VAL B 556 2.16 -42.55 14.75
C VAL B 556 2.08 -41.85 13.40
N PRO B 557 0.95 -41.93 12.69
CA PRO B 557 0.82 -41.21 11.42
C PRO B 557 0.68 -39.71 11.63
N SER B 558 0.74 -38.97 10.52
CA SER B 558 0.73 -37.51 10.55
C SER B 558 -0.41 -36.97 9.69
N SER B 559 -0.90 -35.80 10.06
CA SER B 559 -1.93 -35.09 9.31
C SER B 559 -1.83 -33.60 9.60
N LEU B 560 -2.52 -32.80 8.79
CA LEU B 560 -2.47 -31.35 8.96
C LEU B 560 -3.40 -30.90 10.08
N VAL B 561 -4.70 -31.11 9.91
CA VAL B 561 -5.72 -30.72 10.87
C VAL B 561 -6.77 -31.83 10.89
N PRO B 562 -7.23 -32.27 12.05
CA PRO B 562 -8.21 -33.36 12.10
C PRO B 562 -9.48 -32.99 11.34
N SER B 563 -10.03 -33.97 10.63
CA SER B 563 -11.27 -33.76 9.89
C SER B 563 -12.42 -33.59 10.88
N GLU B 564 -13.25 -32.58 10.64
CA GLU B 564 -14.30 -32.21 11.57
C GLU B 564 -15.66 -32.35 10.91
N ASP B 565 -16.64 -32.71 11.74
CA ASP B 565 -18.03 -32.84 11.29
C ASP B 565 -18.65 -31.45 11.23
N GLN B 566 -18.77 -30.89 10.03
CA GLN B 566 -19.27 -29.54 9.86
C GLN B 566 -20.78 -29.48 9.69
N GLY B 567 -21.46 -30.62 9.73
CA GLY B 567 -22.91 -30.64 9.70
C GLY B 567 -23.52 -30.55 8.32
N VAL B 568 -22.71 -30.41 7.27
CA VAL B 568 -23.19 -30.33 5.90
C VAL B 568 -22.28 -31.18 5.03
N ILE B 569 -22.77 -31.61 3.87
CA ILE B 569 -22.08 -32.56 3.00
C ILE B 569 -22.23 -32.12 1.55
N MET B 570 -21.14 -32.19 0.79
CA MET B 570 -21.16 -31.94 -0.64
C MET B 570 -21.31 -33.26 -1.37
N SER B 571 -22.00 -33.24 -2.51
CA SER B 571 -22.06 -34.37 -3.42
C SER B 571 -21.70 -33.89 -4.82
N ILE B 572 -20.51 -34.26 -5.29
CA ILE B 572 -20.06 -33.89 -6.63
C ILE B 572 -20.56 -34.97 -7.59
N ILE B 573 -21.35 -34.55 -8.58
CA ILE B 573 -22.01 -35.47 -9.49
C ILE B 573 -21.51 -35.18 -10.89
N ASN B 574 -20.80 -36.14 -11.48
CA ASN B 574 -20.27 -36.03 -12.83
C ASN B 574 -20.93 -37.09 -13.70
N LEU B 575 -21.58 -36.63 -14.77
CA LEU B 575 -22.20 -37.51 -15.76
C LEU B 575 -21.18 -37.78 -16.85
N PRO B 576 -21.48 -38.63 -17.84
CA PRO B 576 -20.59 -38.75 -19.00
C PRO B 576 -20.34 -37.40 -19.66
N SER B 577 -19.28 -37.33 -20.45
CA SER B 577 -18.91 -36.06 -21.08
C SER B 577 -20.03 -35.38 -21.85
N GLY B 578 -20.74 -36.11 -22.68
CA GLY B 578 -21.75 -35.48 -23.52
C GLY B 578 -23.15 -35.38 -22.94
N SER B 579 -23.34 -35.82 -21.70
CA SER B 579 -24.68 -35.83 -21.14
C SER B 579 -25.34 -34.48 -21.25
N SER B 580 -26.59 -34.45 -21.73
CA SER B 580 -27.32 -33.20 -21.86
C SER B 580 -27.95 -32.82 -20.53
N ILE B 581 -28.23 -31.55 -20.33
CA ILE B 581 -28.76 -31.11 -19.05
C ILE B 581 -29.91 -31.99 -18.57
N HIS B 582 -30.76 -32.45 -19.46
CA HIS B 582 -31.90 -33.23 -19.02
C HIS B 582 -31.46 -34.41 -18.17
N ARG B 583 -30.48 -35.17 -18.66
CA ARG B 583 -30.01 -36.36 -17.97
C ARG B 583 -29.19 -36.02 -16.74
N THR B 584 -28.70 -34.80 -16.61
CA THR B 584 -28.12 -34.35 -15.35
C THR B 584 -29.20 -34.00 -14.33
N ILE B 585 -30.25 -33.32 -14.79
CA ILE B 585 -31.34 -32.94 -13.89
C ILE B 585 -32.03 -34.18 -13.34
N GLU B 586 -32.31 -35.16 -14.21
CA GLU B 586 -32.98 -36.38 -13.75
C GLU B 586 -32.14 -37.10 -12.70
N GLU B 587 -30.85 -37.22 -12.95
CA GLU B 587 -29.97 -37.99 -12.09
C GLU B 587 -29.74 -37.28 -10.76
N VAL B 588 -29.59 -35.96 -10.79
CA VAL B 588 -29.49 -35.18 -9.55
C VAL B 588 -30.79 -35.26 -8.76
N ASP B 589 -31.94 -35.18 -9.43
CA ASP B 589 -33.22 -35.29 -8.74
C ASP B 589 -33.37 -36.65 -8.09
N THR B 590 -32.92 -37.71 -8.77
CA THR B 590 -32.97 -39.04 -8.18
C THR B 590 -32.10 -39.12 -6.93
N ILE B 591 -30.90 -38.53 -6.99
CA ILE B 591 -30.05 -38.48 -5.79
C ILE B 591 -30.76 -37.73 -4.67
N ASN B 592 -31.35 -36.58 -4.97
CA ASN B 592 -32.00 -35.78 -3.94
C ASN B 592 -33.18 -36.52 -3.33
N LYS B 593 -33.94 -37.25 -4.14
CA LYS B 593 -35.06 -38.01 -3.63
C LYS B 593 -34.60 -39.14 -2.73
N ASN B 594 -33.52 -39.84 -3.13
CA ASN B 594 -33.03 -40.95 -2.30
C ASN B 594 -32.44 -40.45 -0.99
N ALA B 595 -31.66 -39.37 -1.03
CA ALA B 595 -30.97 -38.91 0.16
C ALA B 595 -31.89 -38.19 1.13
N THR B 596 -32.96 -37.56 0.63
CA THR B 596 -33.89 -36.87 1.51
C THR B 596 -34.57 -37.85 2.48
N GLN B 597 -34.85 -39.07 2.01
CA GLN B 597 -35.48 -40.08 2.86
C GLN B 597 -34.65 -40.42 4.09
N MET B 598 -33.35 -40.17 4.06
CA MET B 598 -32.51 -40.41 5.23
C MET B 598 -32.89 -39.45 6.36
N LYS B 599 -32.77 -39.92 7.60
CA LYS B 599 -33.18 -39.13 8.75
C LYS B 599 -32.26 -37.93 8.96
N GLU B 600 -30.96 -38.14 8.80
CA GLU B 600 -30.00 -37.10 9.17
C GLU B 600 -30.05 -35.91 8.23
N ILE B 601 -30.11 -36.14 6.93
CA ILE B 601 -30.16 -35.05 5.96
C ILE B 601 -31.53 -34.41 6.00
N SER B 602 -31.56 -33.08 6.18
CA SER B 602 -32.80 -32.33 6.31
C SER B 602 -33.14 -31.53 5.05
N SER B 603 -32.23 -30.67 4.62
CA SER B 603 -32.43 -29.86 3.43
C SER B 603 -31.23 -30.05 2.50
N SER B 604 -31.48 -29.95 1.20
CA SER B 604 -30.45 -30.20 0.19
C SER B 604 -30.56 -29.15 -0.92
N VAL B 605 -29.77 -28.08 -0.80
CA VAL B 605 -29.65 -27.13 -1.89
C VAL B 605 -28.82 -27.79 -2.99
N SER B 606 -29.25 -27.63 -4.24
CA SER B 606 -28.66 -28.35 -5.35
C SER B 606 -28.32 -27.37 -6.48
N LEU B 607 -27.10 -27.49 -6.99
CA LEU B 607 -26.66 -26.72 -8.14
C LEU B 607 -26.47 -27.66 -9.32
N ILE B 608 -27.28 -27.49 -10.35
CA ILE B 608 -27.26 -28.37 -11.52
C ILE B 608 -26.72 -27.59 -12.70
N GLY B 609 -25.86 -28.23 -13.48
CA GLY B 609 -25.21 -27.55 -14.59
C GLY B 609 -24.04 -26.69 -14.20
N PHE B 610 -23.60 -26.75 -12.95
CA PHE B 610 -22.50 -25.94 -12.45
C PHE B 610 -21.46 -26.85 -11.83
N ASP B 611 -20.19 -26.54 -12.08
CA ASP B 611 -19.07 -27.29 -11.53
C ASP B 611 -18.33 -26.41 -10.54
N LEU B 612 -18.26 -26.83 -9.28
CA LEU B 612 -17.64 -26.01 -8.25
C LEU B 612 -16.14 -25.85 -8.48
N PHE B 613 -15.46 -26.93 -8.86
CA PHE B 613 -14.00 -26.92 -8.88
C PHE B 613 -13.47 -25.94 -9.92
N THR B 614 -14.08 -25.90 -11.10
CA THR B 614 -13.72 -24.94 -12.12
C THR B 614 -14.51 -23.65 -12.04
N SER B 615 -15.50 -23.58 -11.14
CA SER B 615 -16.37 -22.40 -10.98
C SER B 615 -16.95 -21.96 -12.31
N SER B 616 -17.37 -22.93 -13.13
CA SER B 616 -17.89 -22.66 -14.45
C SER B 616 -19.12 -23.52 -14.69
N LEU B 617 -19.94 -23.09 -15.64
CA LEU B 617 -21.19 -23.79 -15.96
C LEU B 617 -20.88 -24.93 -16.91
N LYS B 618 -21.03 -26.17 -16.43
CA LYS B 618 -20.81 -27.36 -17.23
C LYS B 618 -22.05 -28.24 -17.12
N GLU B 619 -22.57 -28.67 -18.28
CA GLU B 619 -23.86 -29.36 -18.30
C GLU B 619 -23.81 -30.69 -17.57
N ASN B 620 -22.74 -31.47 -17.78
CA ASN B 620 -22.70 -32.80 -17.20
C ASN B 620 -22.47 -32.76 -15.69
N ALA B 621 -21.66 -31.83 -15.23
CA ALA B 621 -21.32 -31.74 -13.81
C ALA B 621 -22.43 -31.05 -13.03
N ALA B 622 -22.57 -31.46 -11.77
CA ALA B 622 -23.53 -30.86 -10.87
C ALA B 622 -23.11 -31.14 -9.43
N ALA B 623 -23.34 -30.18 -8.55
CA ALA B 623 -22.97 -30.27 -7.14
C ALA B 623 -24.20 -30.06 -6.28
N VAL B 624 -24.34 -30.89 -5.25
CA VAL B 624 -25.46 -30.81 -4.31
C VAL B 624 -24.90 -30.77 -2.89
N PHE B 625 -25.40 -29.82 -2.10
CA PHE B 625 -25.04 -29.72 -0.69
C PHE B 625 -26.11 -30.43 0.14
N PHE B 626 -25.70 -31.46 0.87
CA PHE B 626 -26.58 -32.16 1.80
C PHE B 626 -26.34 -31.61 3.20
N ILE B 627 -27.41 -31.15 3.84
CA ILE B 627 -27.32 -30.45 5.11
C ILE B 627 -27.86 -31.36 6.20
N LEU B 628 -26.98 -31.79 7.11
CA LEU B 628 -27.39 -32.69 8.18
C LEU B 628 -28.12 -31.91 9.27
N LYS B 629 -28.83 -32.65 10.12
CA LYS B 629 -29.53 -32.05 11.25
C LYS B 629 -28.52 -31.49 12.25
N ASP B 630 -29.05 -30.84 13.29
CA ASP B 630 -28.20 -30.34 14.36
C ASP B 630 -27.56 -31.50 15.09
N TRP B 631 -26.33 -31.29 15.57
CA TRP B 631 -25.51 -32.38 16.07
C TRP B 631 -26.20 -33.17 17.17
N SER B 632 -27.00 -32.50 18.00
CA SER B 632 -27.65 -33.19 19.11
C SER B 632 -28.69 -34.18 18.60
N GLN B 633 -29.49 -33.80 17.60
CA GLN B 633 -30.57 -34.67 17.14
C GLN B 633 -30.03 -35.87 16.37
N ARG B 634 -29.08 -35.65 15.46
CA ARG B 634 -28.56 -36.73 14.64
C ARG B 634 -27.74 -37.70 15.50
N GLU B 635 -27.78 -38.97 15.13
CA GLU B 635 -27.04 -40.01 15.83
C GLU B 635 -25.79 -40.44 15.10
N ALA B 636 -25.83 -40.49 13.77
CA ALA B 636 -24.68 -40.91 12.97
C ALA B 636 -23.83 -39.71 12.58
N SER B 637 -22.52 -39.90 12.61
CA SER B 637 -21.60 -38.84 12.22
C SER B 637 -21.65 -38.63 10.71
N SER B 638 -20.91 -37.62 10.25
CA SER B 638 -20.91 -37.29 8.83
C SER B 638 -20.30 -38.43 8.00
N ASP B 639 -19.24 -39.05 8.51
CA ASP B 639 -18.58 -40.12 7.75
C ASP B 639 -19.49 -41.34 7.59
N GLN B 640 -20.27 -41.65 8.61
CA GLN B 640 -21.21 -42.77 8.50
C GLN B 640 -22.28 -42.46 7.44
N ILE B 641 -22.76 -41.22 7.40
CA ILE B 641 -23.70 -40.83 6.36
C ILE B 641 -23.04 -40.93 4.98
N ILE B 642 -21.77 -40.56 4.90
CA ILE B 642 -21.04 -40.68 3.64
C ILE B 642 -20.99 -42.12 3.18
N ALA B 643 -20.65 -43.03 4.08
CA ALA B 643 -20.61 -44.46 3.74
C ALA B 643 -21.97 -44.99 3.35
N GLN B 644 -23.02 -44.60 4.07
CA GLN B 644 -24.36 -45.08 3.73
C GLN B 644 -24.81 -44.57 2.37
N LEU B 645 -24.49 -43.31 2.05
CA LEU B 645 -24.82 -42.77 0.74
C LEU B 645 -24.04 -43.50 -0.36
N PHE B 646 -22.75 -43.77 -0.12
CA PHE B 646 -21.97 -44.51 -1.10
C PHE B 646 -22.55 -45.90 -1.33
N GLY B 647 -22.96 -46.58 -0.25
CA GLY B 647 -23.63 -47.87 -0.40
C GLY B 647 -24.96 -47.78 -1.11
N GLN B 648 -25.70 -46.70 -0.87
CA GLN B 648 -26.94 -46.47 -1.61
C GLN B 648 -26.70 -46.35 -3.10
N TYR B 649 -25.64 -45.63 -3.48
CA TYR B 649 -25.43 -45.25 -4.87
C TYR B 649 -24.09 -45.79 -5.36
N ALA B 650 -24.12 -47.03 -5.84
CA ALA B 650 -22.93 -47.60 -6.48
C ALA B 650 -22.88 -47.25 -7.96
N ALA B 651 -24.03 -47.32 -8.64
CA ALA B 651 -24.10 -46.96 -10.05
C ALA B 651 -25.55 -46.67 -10.42
N ASP B 652 -25.83 -45.42 -10.78
CA ASP B 652 -27.12 -45.02 -11.33
C ASP B 652 -26.86 -44.36 -12.67
N ARG B 653 -27.49 -44.89 -13.72
CA ARG B 653 -27.18 -44.51 -15.11
C ARG B 653 -25.68 -44.71 -15.28
N ASN B 654 -24.93 -43.75 -15.81
CA ASN B 654 -23.48 -43.81 -15.85
C ASN B 654 -22.85 -42.74 -14.97
N ALA B 655 -23.63 -42.08 -14.12
CA ALA B 655 -23.12 -40.97 -13.32
C ALA B 655 -22.15 -41.46 -12.26
N LEU B 656 -21.09 -40.67 -12.05
CA LEU B 656 -20.12 -40.93 -11.00
C LEU B 656 -20.36 -39.92 -9.88
N SER B 657 -20.97 -40.38 -8.79
CA SER B 657 -21.32 -39.52 -7.67
C SER B 657 -20.31 -39.73 -6.56
N TYR B 658 -19.60 -38.68 -6.20
CA TYR B 658 -18.65 -38.69 -5.09
C TYR B 658 -19.18 -37.78 -3.99
N PHE B 659 -19.36 -38.34 -2.80
CA PHE B 659 -19.83 -37.59 -1.65
C PHE B 659 -18.63 -37.30 -0.74
N LEU B 660 -18.33 -36.01 -0.55
CA LEU B 660 -17.17 -35.60 0.21
C LEU B 660 -17.58 -34.62 1.31
N ASN B 661 -16.73 -34.50 2.31
CA ASN B 661 -16.93 -33.58 3.41
C ASN B 661 -16.16 -32.28 3.16
N LEU B 662 -16.64 -31.21 3.79
CA LEU B 662 -15.97 -29.92 3.68
C LEU B 662 -14.58 -29.98 4.33
N PRO B 663 -13.65 -29.16 3.86
CA PRO B 663 -12.36 -29.09 4.53
C PRO B 663 -12.51 -28.56 5.93
N PRO B 664 -11.69 -29.03 6.88
CA PRO B 664 -11.74 -28.46 8.23
C PRO B 664 -11.45 -26.97 8.23
N ILE B 665 -10.42 -26.54 7.51
CA ILE B 665 -10.12 -25.12 7.34
C ILE B 665 -10.99 -24.62 6.20
N PRO B 666 -11.83 -23.59 6.42
CA PRO B 666 -12.76 -23.18 5.36
C PRO B 666 -12.07 -22.67 4.10
N GLY B 667 -10.84 -22.16 4.21
CA GLY B 667 -10.26 -21.43 3.10
C GLY B 667 -9.30 -22.24 2.25
N LEU B 668 -8.66 -23.25 2.84
CA LEU B 668 -7.59 -23.97 2.17
C LEU B 668 -8.02 -24.64 0.87
N SER B 669 -9.12 -25.38 0.91
CA SER B 669 -9.54 -26.17 -0.25
C SER B 669 -11.04 -26.03 -0.44
N LEU B 670 -11.49 -26.37 -1.65
CA LEU B 670 -12.93 -26.39 -1.92
C LEU B 670 -13.58 -27.61 -1.27
N THR B 671 -12.85 -28.72 -1.17
CA THR B 671 -13.35 -29.92 -0.55
C THR B 671 -12.26 -30.58 0.27
N GLY B 672 -12.66 -31.36 1.26
CA GLY B 672 -11.70 -32.09 2.06
C GLY B 672 -11.04 -33.19 1.25
N GLY B 673 -9.77 -33.47 1.57
CA GLY B 673 -9.02 -34.47 0.85
C GLY B 673 -7.64 -33.99 0.47
N PHE B 674 -7.19 -34.32 -0.73
CA PHE B 674 -5.90 -33.85 -1.22
C PHE B 674 -6.03 -33.48 -2.69
N GLU B 675 -5.29 -32.45 -3.09
CA GLU B 675 -5.28 -31.95 -4.45
C GLU B 675 -3.92 -32.21 -5.06
N MET B 676 -3.89 -32.89 -6.21
CA MET B 676 -2.66 -33.24 -6.88
C MET B 676 -2.71 -32.80 -8.33
N TYR B 677 -1.60 -32.27 -8.83
CA TYR B 677 -1.49 -31.79 -10.21
C TYR B 677 -0.33 -32.54 -10.87
N ALA B 678 -0.66 -33.53 -11.70
CA ALA B 678 0.36 -34.30 -12.41
C ALA B 678 0.88 -33.46 -13.56
N GLN B 679 1.82 -32.58 -13.26
CA GLN B 679 2.43 -31.73 -14.28
C GLN B 679 3.16 -32.59 -15.32
N ASN B 680 3.10 -32.17 -16.57
CA ASN B 680 3.72 -32.88 -17.67
C ASN B 680 4.87 -32.07 -18.22
N LYS B 681 6.08 -32.61 -18.12
CA LYS B 681 7.27 -32.00 -18.69
C LYS B 681 7.63 -32.56 -20.06
N SER B 682 6.85 -33.52 -20.56
CA SER B 682 7.17 -34.16 -21.83
C SER B 682 6.68 -33.35 -23.03
N GLY B 683 5.92 -32.29 -22.80
CA GLY B 683 5.28 -31.60 -23.90
C GLY B 683 4.23 -32.41 -24.60
N LYS B 684 3.64 -33.39 -23.92
CA LYS B 684 2.73 -34.34 -24.55
C LYS B 684 1.33 -33.75 -24.69
N ASP B 685 0.58 -34.29 -25.65
CA ASP B 685 -0.78 -33.86 -25.87
C ASP B 685 -1.66 -34.31 -24.72
N TYR B 686 -2.78 -33.60 -24.53
CA TYR B 686 -3.60 -33.81 -23.35
C TYR B 686 -4.30 -35.17 -23.36
N ASP B 687 -4.51 -35.75 -24.54
CA ASP B 687 -5.19 -37.05 -24.59
C ASP B 687 -4.29 -38.19 -24.10
N ALA B 688 -3.03 -38.22 -24.55
CA ALA B 688 -2.09 -39.20 -24.01
C ALA B 688 -1.82 -38.91 -22.54
N ILE B 689 -1.90 -37.65 -22.14
CA ILE B 689 -1.83 -37.29 -20.73
C ILE B 689 -2.98 -37.94 -19.97
N GLN B 690 -4.18 -37.91 -20.54
CA GLN B 690 -5.32 -38.56 -19.92
C GLN B 690 -5.11 -40.07 -19.82
N GLN B 691 -4.52 -40.66 -20.85
CA GLN B 691 -4.21 -42.09 -20.79
C GLN B 691 -3.23 -42.41 -19.65
N ASP B 692 -2.17 -41.62 -19.52
CA ASP B 692 -1.20 -41.87 -18.45
C ASP B 692 -1.81 -41.66 -17.07
N VAL B 693 -2.62 -40.60 -16.90
CA VAL B 693 -3.28 -40.40 -15.62
C VAL B 693 -4.33 -41.46 -15.35
N ASN B 694 -4.91 -42.06 -16.38
CA ASN B 694 -5.77 -43.22 -16.18
C ASN B 694 -5.00 -44.42 -15.66
N LYS B 695 -3.80 -44.67 -16.21
CA LYS B 695 -2.96 -45.73 -15.65
C LYS B 695 -2.64 -45.46 -14.18
N MET B 696 -2.28 -44.20 -13.88
CA MET B 696 -2.10 -43.81 -12.48
C MET B 696 -3.37 -44.07 -11.68
N LEU B 697 -4.53 -43.83 -12.30
CA LEU B 697 -5.80 -43.99 -11.59
C LEU B 697 -6.05 -45.44 -11.22
N GLU B 698 -5.81 -46.38 -12.13
CA GLU B 698 -5.93 -47.79 -11.76
C GLU B 698 -4.96 -48.14 -10.64
N LEU B 699 -3.70 -47.75 -10.79
CA LEU B 699 -2.72 -48.16 -9.78
C LEU B 699 -3.00 -47.52 -8.42
N ALA B 700 -3.64 -46.34 -8.42
CA ALA B 700 -3.97 -45.68 -7.17
C ALA B 700 -5.23 -46.26 -6.55
N ARG B 701 -6.21 -46.63 -7.38
CA ARG B 701 -7.39 -47.31 -6.88
C ARG B 701 -7.04 -48.65 -6.28
N THR B 702 -5.95 -49.27 -6.76
CA THR B 702 -5.47 -50.50 -6.14
C THR B 702 -5.03 -50.26 -4.70
N ARG B 703 -4.38 -49.13 -4.42
CA ARG B 703 -3.82 -48.87 -3.11
C ARG B 703 -4.91 -48.81 -2.04
N LYS B 704 -4.56 -49.26 -0.83
CA LYS B 704 -5.53 -49.32 0.26
C LYS B 704 -5.81 -47.94 0.84
N GLU B 705 -4.76 -47.12 1.02
CA GLU B 705 -4.94 -45.87 1.74
C GLU B 705 -5.73 -44.84 0.94
N LEU B 706 -5.63 -44.89 -0.39
CA LEU B 706 -6.37 -43.95 -1.21
C LEU B 706 -7.80 -44.42 -1.44
N ALA B 707 -8.70 -43.45 -1.57
CA ALA B 707 -10.10 -43.72 -1.88
C ALA B 707 -10.66 -42.53 -2.64
N ASN B 708 -11.63 -42.80 -3.51
CA ASN B 708 -12.27 -41.77 -4.33
C ASN B 708 -11.24 -41.00 -5.15
N VAL B 709 -10.29 -41.73 -5.73
CA VAL B 709 -9.25 -41.12 -6.55
C VAL B 709 -9.78 -40.95 -7.96
N ARG B 710 -9.72 -39.72 -8.47
CA ARG B 710 -10.26 -39.40 -9.78
C ARG B 710 -9.45 -38.25 -10.36
N THR B 711 -9.56 -38.08 -11.68
CA THR B 711 -8.97 -36.94 -12.37
C THR B 711 -10.11 -36.11 -12.97
N THR B 712 -9.97 -34.78 -12.87
CA THR B 712 -10.99 -33.90 -13.44
C THR B 712 -10.82 -33.77 -14.94
N LEU B 713 -9.58 -33.87 -15.44
CA LEU B 713 -9.32 -33.69 -16.86
C LEU B 713 -9.92 -34.84 -17.65
N ASP B 714 -10.76 -34.51 -18.63
CA ASP B 714 -11.43 -35.49 -19.48
C ASP B 714 -11.28 -35.07 -20.93
N THR B 715 -10.91 -36.02 -21.78
CA THR B 715 -10.72 -35.76 -23.20
C THR B 715 -11.73 -36.49 -24.08
N SER B 716 -12.83 -36.98 -23.50
CA SER B 716 -13.82 -37.74 -24.25
C SER B 716 -15.03 -36.91 -24.65
N PHE B 717 -14.98 -35.59 -24.47
CA PHE B 717 -16.12 -34.76 -24.84
C PHE B 717 -16.32 -34.82 -26.35
N PRO B 718 -17.52 -35.17 -26.82
CA PRO B 718 -17.76 -35.18 -28.28
C PRO B 718 -17.58 -33.78 -28.85
N GLN B 719 -16.97 -33.71 -30.02
CA GLN B 719 -16.71 -32.44 -30.68
C GLN B 719 -16.92 -32.60 -32.18
N TYR B 720 -17.17 -31.47 -32.83
CA TYR B 720 -17.31 -31.43 -34.28
C TYR B 720 -16.33 -30.42 -34.85
N LYS B 721 -15.57 -30.85 -35.86
CA LYS B 721 -14.64 -29.98 -36.54
C LYS B 721 -15.14 -29.71 -37.95
N LEU B 722 -15.37 -28.44 -38.26
CA LEU B 722 -15.84 -28.02 -39.57
C LEU B 722 -14.63 -27.59 -40.40
N ILE B 723 -14.34 -28.33 -41.46
CA ILE B 723 -13.16 -28.11 -42.27
C ILE B 723 -13.55 -27.28 -43.49
N ILE B 724 -12.85 -26.17 -43.69
CA ILE B 724 -13.13 -25.26 -44.79
C ILE B 724 -12.26 -25.63 -45.98
N ASP B 725 -12.89 -25.84 -47.13
CA ASP B 725 -12.18 -26.08 -48.38
C ASP B 725 -12.05 -24.73 -49.09
N ARG B 726 -10.89 -24.10 -48.97
CA ARG B 726 -10.73 -22.72 -49.43
C ARG B 726 -10.85 -22.62 -50.94
N ASP B 727 -10.46 -23.67 -51.67
CA ASP B 727 -10.53 -23.62 -53.12
C ASP B 727 -11.98 -23.48 -53.59
N LYS B 728 -12.87 -24.35 -53.11
CA LYS B 728 -14.26 -24.29 -53.52
C LYS B 728 -14.91 -22.99 -53.05
N MET B 729 -14.60 -22.58 -51.82
CA MET B 729 -15.16 -21.35 -51.28
C MET B 729 -14.80 -20.15 -52.16
N LYS B 730 -13.52 -20.00 -52.49
CA LYS B 730 -13.10 -18.87 -53.32
C LYS B 730 -13.64 -19.00 -54.73
N TYR B 731 -13.81 -20.24 -55.22
CA TYR B 731 -14.46 -20.44 -56.49
C TYR B 731 -15.92 -19.99 -56.45
N TYR B 732 -16.53 -19.99 -55.27
CA TYR B 732 -17.89 -19.52 -55.08
C TYR B 732 -17.95 -18.05 -54.69
N ASN B 733 -16.81 -17.38 -54.59
CA ASN B 733 -16.74 -15.94 -54.31
C ASN B 733 -17.34 -15.60 -52.95
N LEU B 734 -16.88 -16.28 -51.90
CA LEU B 734 -17.32 -16.03 -50.54
C LEU B 734 -16.13 -15.68 -49.66
N ASN B 735 -16.29 -14.66 -48.83
CA ASN B 735 -15.23 -14.27 -47.92
C ASN B 735 -15.21 -15.16 -46.68
N MET B 736 -14.03 -15.31 -46.08
CA MET B 736 -13.90 -16.09 -44.85
C MET B 736 -14.75 -15.52 -43.73
N GLN B 737 -14.72 -14.18 -43.59
CA GLN B 737 -15.38 -13.53 -42.47
C GLN B 737 -16.90 -13.72 -42.53
N ASP B 738 -17.47 -13.68 -43.74
CA ASP B 738 -18.90 -13.91 -43.87
C ASP B 738 -19.27 -15.33 -43.45
N VAL B 739 -18.48 -16.32 -43.85
CA VAL B 739 -18.74 -17.70 -43.45
C VAL B 739 -18.67 -17.82 -41.92
N PHE B 740 -17.65 -17.21 -41.31
CA PHE B 740 -17.56 -17.23 -39.86
C PHE B 740 -18.74 -16.54 -39.18
N ASN B 741 -19.19 -15.40 -39.69
CA ASN B 741 -20.33 -14.72 -39.09
C ASN B 741 -21.59 -15.58 -39.19
N THR B 742 -21.83 -16.18 -40.36
CA THR B 742 -23.01 -17.02 -40.52
C THR B 742 -22.97 -18.22 -39.59
N ILE B 743 -21.80 -18.88 -39.48
CA ILE B 743 -21.69 -20.04 -38.59
C ILE B 743 -21.86 -19.62 -37.14
N SER B 744 -21.23 -18.53 -36.73
CA SER B 744 -21.30 -18.09 -35.36
C SER B 744 -22.67 -17.52 -34.98
N ALA B 745 -23.48 -17.16 -35.97
CA ALA B 745 -24.82 -16.65 -35.70
C ALA B 745 -25.89 -17.73 -35.75
N THR B 746 -25.76 -18.69 -36.66
CA THR B 746 -26.78 -19.73 -36.76
C THR B 746 -26.56 -20.82 -35.71
N ILE B 747 -25.36 -21.41 -35.68
CA ILE B 747 -25.10 -22.50 -34.75
C ILE B 747 -25.04 -21.97 -33.32
N GLY B 748 -24.32 -20.87 -33.11
CA GLY B 748 -24.17 -20.31 -31.78
C GLY B 748 -24.85 -18.95 -31.68
N THR B 749 -24.98 -18.48 -30.44
CA THR B 749 -25.56 -17.17 -30.21
C THR B 749 -24.56 -16.09 -30.61
N TYR B 750 -25.07 -15.04 -31.25
CA TYR B 750 -24.26 -13.90 -31.65
C TYR B 750 -24.76 -12.65 -30.92
N TYR B 751 -23.89 -12.04 -30.13
CA TYR B 751 -24.24 -10.87 -29.33
C TYR B 751 -24.10 -9.63 -30.22
N VAL B 752 -25.22 -9.08 -30.66
CA VAL B 752 -25.20 -7.96 -31.59
C VAL B 752 -25.03 -6.64 -30.86
N ASN B 753 -26.00 -6.28 -30.02
CA ASN B 753 -25.92 -5.04 -29.25
C ASN B 753 -26.87 -5.15 -28.07
N ASP B 754 -26.87 -4.11 -27.24
CA ASP B 754 -27.68 -4.08 -26.04
C ASP B 754 -29.07 -3.50 -26.36
N PHE B 755 -30.04 -3.84 -25.52
CA PHE B 755 -31.36 -3.26 -25.60
C PHE B 755 -31.86 -2.95 -24.19
N PRO B 756 -32.66 -1.89 -24.02
CA PRO B 756 -33.06 -1.47 -22.67
C PRO B 756 -34.31 -2.17 -22.18
N MET B 757 -34.23 -2.79 -21.00
CA MET B 757 -35.39 -3.39 -20.35
C MET B 757 -35.22 -3.25 -18.84
N LEU B 758 -36.26 -2.77 -18.18
CA LEU B 758 -36.26 -2.59 -16.73
C LEU B 758 -35.08 -1.74 -16.27
N GLY B 759 -34.75 -0.73 -17.08
CA GLY B 759 -33.66 0.17 -16.76
C GLY B 759 -32.30 -0.34 -17.22
N LYS B 760 -31.92 -1.53 -16.76
CA LYS B 760 -30.62 -2.07 -17.09
C LYS B 760 -30.56 -2.51 -18.56
N ASN B 761 -29.37 -2.43 -19.14
CA ASN B 761 -29.19 -2.90 -20.52
C ASN B 761 -29.06 -4.41 -20.56
N PHE B 762 -29.67 -5.02 -21.58
CA PHE B 762 -29.65 -6.46 -21.75
C PHE B 762 -29.25 -6.79 -23.18
N GLN B 763 -28.70 -7.99 -23.36
CA GLN B 763 -28.13 -8.39 -24.64
C GLN B 763 -29.23 -8.72 -25.65
N VAL B 764 -28.84 -8.74 -26.92
CA VAL B 764 -29.66 -9.24 -28.01
C VAL B 764 -28.86 -10.32 -28.71
N ASN B 765 -29.42 -11.52 -28.80
CA ASN B 765 -28.73 -12.68 -29.36
C ASN B 765 -29.49 -13.20 -30.57
N ILE B 766 -28.75 -13.70 -31.55
CA ILE B 766 -29.33 -14.25 -32.78
C ILE B 766 -28.91 -15.71 -32.89
N ARG B 767 -29.89 -16.59 -33.10
CA ARG B 767 -29.60 -18.00 -33.29
C ARG B 767 -30.66 -18.60 -34.20
N ALA B 768 -30.32 -19.72 -34.83
CA ALA B 768 -31.20 -20.41 -35.76
C ALA B 768 -32.00 -21.46 -35.01
N LEU B 769 -33.32 -21.35 -35.08
CA LEU B 769 -34.22 -22.27 -34.39
C LEU B 769 -34.56 -23.43 -35.32
N GLY B 770 -33.93 -24.58 -35.09
CA GLY B 770 -34.20 -25.76 -35.89
C GLY B 770 -33.61 -26.98 -35.24
N ASP B 771 -34.20 -28.13 -35.60
CA ASP B 771 -33.74 -29.42 -35.07
C ASP B 771 -32.58 -29.93 -35.93
N PHE B 772 -31.44 -29.27 -35.77
CA PHE B 772 -30.25 -29.69 -36.50
C PHE B 772 -29.76 -31.01 -35.94
N ARG B 773 -29.70 -31.10 -34.61
CA ARG B 773 -29.29 -32.35 -33.97
C ARG B 773 -28.11 -33.02 -34.65
N ASN B 774 -27.01 -32.29 -34.82
CA ASN B 774 -25.80 -32.89 -35.38
C ASN B 774 -25.99 -33.62 -36.70
N THR B 775 -26.46 -32.92 -37.73
CA THR B 775 -26.58 -33.51 -39.04
C THR B 775 -25.98 -32.60 -40.10
N GLN B 776 -25.40 -33.23 -41.13
CA GLN B 776 -24.83 -32.49 -42.25
C GLN B 776 -25.91 -31.82 -43.08
N ASP B 777 -27.06 -32.49 -43.25
CA ASP B 777 -28.16 -31.88 -43.98
C ASP B 777 -28.61 -30.58 -43.33
N ALA B 778 -28.49 -30.49 -42.01
CA ALA B 778 -28.79 -29.23 -41.32
C ALA B 778 -27.83 -28.14 -41.75
N LEU B 779 -26.55 -28.48 -41.89
CA LEU B 779 -25.59 -27.51 -42.42
C LEU B 779 -25.92 -27.14 -43.85
N LYS B 780 -26.51 -28.07 -44.60
CA LYS B 780 -26.85 -27.79 -45.99
C LYS B 780 -27.93 -26.71 -46.09
N ASN B 781 -28.80 -26.61 -45.09
CA ASN B 781 -29.92 -25.68 -45.16
C ASN B 781 -29.51 -24.22 -45.04
N ILE B 782 -28.33 -23.95 -44.45
CA ILE B 782 -27.89 -22.57 -44.27
C ILE B 782 -27.25 -22.09 -45.58
N TYR B 783 -27.50 -20.83 -45.93
CA TYR B 783 -27.02 -20.26 -47.19
C TYR B 783 -26.29 -18.96 -46.93
N ILE B 784 -25.28 -18.68 -47.75
CA ILE B 784 -24.50 -17.44 -47.68
C ILE B 784 -24.52 -16.77 -49.03
N ARG B 785 -24.74 -15.45 -49.04
CA ARG B 785 -24.70 -14.70 -50.28
C ARG B 785 -23.26 -14.53 -50.76
N SER B 786 -23.04 -14.79 -52.04
CA SER B 786 -21.73 -14.60 -52.64
C SER B 786 -21.55 -13.15 -53.07
N SER B 787 -20.36 -12.85 -53.61
CA SER B 787 -20.12 -11.51 -54.15
C SER B 787 -20.90 -11.25 -55.43
N ASP B 788 -21.46 -12.29 -56.04
CA ASP B 788 -22.31 -12.16 -57.22
C ASP B 788 -23.79 -12.26 -56.87
N ASN B 789 -24.13 -12.13 -55.59
CA ASN B 789 -25.51 -12.20 -55.10
C ASN B 789 -26.15 -13.54 -55.41
N LYS B 790 -25.42 -14.63 -55.21
CA LYS B 790 -25.93 -15.97 -55.37
C LYS B 790 -25.90 -16.69 -54.03
N MET B 791 -27.04 -17.20 -53.60
CA MET B 791 -27.11 -17.94 -52.35
C MET B 791 -26.42 -19.29 -52.51
N ILE B 792 -25.52 -19.60 -51.57
CA ILE B 792 -24.67 -20.78 -51.65
C ILE B 792 -24.80 -21.54 -50.34
N PRO B 793 -25.15 -22.82 -50.36
CA PRO B 793 -25.27 -23.59 -49.12
C PRO B 793 -23.91 -23.85 -48.49
N LEU B 794 -23.94 -24.08 -47.17
CA LEU B 794 -22.71 -24.35 -46.43
C LEU B 794 -22.14 -25.72 -46.79
N ASN B 795 -22.98 -26.62 -47.31
CA ASN B 795 -22.51 -27.97 -47.61
C ASN B 795 -21.47 -27.97 -48.71
N SER B 796 -21.50 -26.95 -49.58
CA SER B 796 -20.61 -26.94 -50.74
C SER B 796 -19.14 -26.89 -50.32
N PHE B 797 -18.81 -26.06 -49.33
CA PHE B 797 -17.42 -25.81 -48.98
C PHE B 797 -17.07 -26.21 -47.55
N LEU B 798 -18.02 -26.71 -46.77
CA LEU B 798 -17.76 -27.13 -45.40
C LEU B 798 -18.07 -28.61 -45.26
N THR B 799 -17.23 -29.31 -44.50
CA THR B 799 -17.44 -30.72 -44.20
C THR B 799 -17.30 -30.95 -42.71
N LEU B 800 -18.19 -31.77 -42.16
CA LEU B 800 -18.24 -32.03 -40.72
C LEU B 800 -17.47 -33.30 -40.41
N VAL B 801 -16.56 -33.22 -39.45
CA VAL B 801 -15.75 -34.35 -39.03
C VAL B 801 -15.94 -34.55 -37.53
N ARG B 802 -16.38 -35.75 -37.15
CA ARG B 802 -16.52 -36.06 -35.73
C ARG B 802 -15.16 -36.16 -35.07
N SER B 803 -15.09 -35.77 -33.80
CA SER B 803 -13.82 -35.75 -33.08
C SER B 803 -14.10 -35.83 -31.59
N ALA B 804 -13.04 -36.13 -30.84
CA ALA B 804 -13.09 -36.17 -29.38
C ALA B 804 -11.97 -35.30 -28.84
N GLY B 805 -12.32 -34.38 -27.96
CA GLY B 805 -11.35 -33.47 -27.39
C GLY B 805 -11.76 -32.98 -26.00
N PRO B 806 -10.79 -32.50 -25.24
CA PRO B 806 -11.09 -32.05 -23.87
C PRO B 806 -11.84 -30.74 -23.87
N ASP B 807 -12.94 -30.70 -23.12
CA ASP B 807 -13.69 -29.45 -22.97
C ASP B 807 -12.95 -28.48 -22.07
N ASP B 808 -12.34 -28.98 -20.99
CA ASP B 808 -11.55 -28.17 -20.08
C ASP B 808 -10.09 -28.61 -20.11
N VAL B 809 -9.19 -27.64 -20.04
CA VAL B 809 -7.75 -27.90 -20.03
C VAL B 809 -7.16 -27.15 -18.85
N LYS B 810 -6.34 -27.84 -18.07
CA LYS B 810 -5.77 -27.30 -16.85
C LYS B 810 -4.25 -27.21 -16.98
N ARG B 811 -3.68 -26.09 -16.57
CA ARG B 811 -2.24 -25.89 -16.50
C ARG B 811 -1.85 -25.47 -15.09
N PHE B 812 -0.83 -26.12 -14.55
CA PHE B 812 -0.38 -25.86 -13.19
C PHE B 812 1.11 -25.55 -13.20
N ASN B 813 1.49 -24.41 -12.61
CA ASN B 813 2.88 -24.01 -12.47
C ASN B 813 3.63 -24.08 -13.80
N LEU B 814 3.05 -23.44 -14.81
CA LEU B 814 3.60 -23.38 -16.17
C LEU B 814 3.86 -24.76 -16.77
N PHE B 815 3.04 -25.75 -16.41
CA PHE B 815 3.11 -27.06 -17.03
C PHE B 815 1.69 -27.57 -17.29
N PRO B 816 1.46 -28.24 -18.42
CA PRO B 816 0.18 -28.94 -18.58
C PRO B 816 0.02 -30.00 -17.51
N ALA B 817 -1.18 -30.07 -16.95
CA ALA B 817 -1.41 -30.96 -15.81
C ALA B 817 -2.86 -31.40 -15.78
N ALA B 818 -3.10 -32.51 -15.07
CA ALA B 818 -4.44 -33.02 -14.82
C ALA B 818 -4.64 -33.11 -13.32
N LEU B 819 -5.64 -32.39 -12.82
CA LEU B 819 -5.91 -32.37 -11.38
C LEU B 819 -6.45 -33.72 -10.93
N ILE B 820 -5.84 -34.26 -9.88
CA ILE B 820 -6.23 -35.54 -9.31
C ILE B 820 -6.81 -35.28 -7.92
N GLN B 821 -8.06 -35.65 -7.74
CA GLN B 821 -8.76 -35.46 -6.47
C GLN B 821 -8.97 -36.82 -5.82
N GLY B 822 -8.65 -36.90 -4.53
CA GLY B 822 -8.84 -38.13 -3.79
C GLY B 822 -9.07 -37.81 -2.31
N ASP B 823 -9.56 -38.82 -1.59
CA ASP B 823 -9.80 -38.71 -0.17
C ASP B 823 -9.08 -39.83 0.55
N PRO B 824 -8.57 -39.57 1.76
CA PRO B 824 -8.00 -40.66 2.55
C PRO B 824 -9.06 -41.71 2.86
N ALA B 825 -8.70 -42.98 2.69
CA ALA B 825 -9.62 -44.05 3.01
C ALA B 825 -9.89 -44.06 4.51
N PRO B 826 -11.05 -44.54 4.94
CA PRO B 826 -11.35 -44.57 6.38
C PRO B 826 -10.27 -45.32 7.16
N GLY B 827 -9.86 -44.73 8.27
CA GLY B 827 -8.77 -45.27 9.05
C GLY B 827 -7.39 -44.80 8.65
N TYR B 828 -7.29 -43.81 7.77
CA TYR B 828 -6.00 -43.29 7.32
C TYR B 828 -6.03 -41.78 7.36
N THR B 829 -4.91 -41.18 7.76
CA THR B 829 -4.83 -39.74 7.88
C THR B 829 -4.47 -39.11 6.53
N SER B 830 -4.48 -37.78 6.50
CA SER B 830 -4.15 -37.07 5.27
C SER B 830 -2.69 -37.32 4.87
N GLY B 831 -1.79 -37.43 5.85
CA GLY B 831 -0.40 -37.68 5.52
C GLY B 831 -0.18 -39.02 4.86
N GLN B 832 -0.85 -40.06 5.37
CA GLN B 832 -0.72 -41.38 4.76
C GLN B 832 -1.22 -41.38 3.32
N ALA B 833 -2.38 -40.75 3.09
CA ALA B 833 -2.90 -40.66 1.73
C ALA B 833 -1.97 -39.88 0.83
N ILE B 834 -1.42 -38.76 1.32
CA ILE B 834 -0.53 -37.93 0.51
C ILE B 834 0.71 -38.72 0.11
N ASP B 835 1.33 -39.39 1.07
CA ASP B 835 2.52 -40.18 0.78
C ASP B 835 2.22 -41.32 -0.19
N ALA B 836 1.09 -42.00 0.01
CA ALA B 836 0.74 -43.11 -0.87
C ALA B 836 0.47 -42.64 -2.29
N ILE B 837 -0.27 -41.54 -2.47
CA ILE B 837 -0.57 -41.08 -3.81
C ILE B 837 0.71 -40.57 -4.48
N ALA B 838 1.61 -39.96 -3.69
CA ALA B 838 2.88 -39.54 -4.25
C ALA B 838 3.69 -40.73 -4.76
N GLU B 839 3.77 -41.80 -3.96
CA GLU B 839 4.51 -42.97 -4.41
C GLU B 839 3.86 -43.62 -5.65
N VAL B 840 2.54 -43.75 -5.65
CA VAL B 840 1.88 -44.42 -6.77
C VAL B 840 2.00 -43.57 -8.04
N ALA B 841 2.07 -42.24 -7.88
CA ALA B 841 2.27 -41.38 -9.04
C ALA B 841 3.70 -41.49 -9.56
N LYS B 842 4.68 -41.51 -8.66
CA LYS B 842 6.06 -41.68 -9.10
C LYS B 842 6.29 -43.04 -9.72
N GLN B 843 5.48 -44.05 -9.35
CA GLN B 843 5.62 -45.37 -9.95
C GLN B 843 4.93 -45.44 -11.31
N SER B 844 3.65 -45.07 -11.35
CA SER B 844 2.89 -45.16 -12.61
C SER B 844 3.45 -44.22 -13.66
N LEU B 845 3.80 -43.00 -13.27
CA LEU B 845 4.28 -41.98 -14.19
C LEU B 845 5.78 -41.84 -14.03
N GLY B 846 6.50 -41.90 -15.15
CA GLY B 846 7.94 -41.84 -15.14
C GLY B 846 8.47 -40.45 -14.83
N ASP B 847 9.71 -40.22 -15.25
CA ASP B 847 10.35 -38.92 -15.02
C ASP B 847 9.73 -37.83 -15.88
N GLU B 848 8.88 -38.19 -16.85
CA GLU B 848 8.29 -37.18 -17.72
C GLU B 848 7.34 -36.27 -16.96
N TYR B 849 6.76 -36.77 -15.87
CA TYR B 849 5.78 -36.02 -15.09
C TYR B 849 6.32 -35.72 -13.71
N SER B 850 6.13 -34.50 -13.24
CA SER B 850 6.48 -34.08 -11.90
C SER B 850 5.21 -33.80 -11.10
N ILE B 851 5.32 -33.94 -9.79
CA ILE B 851 4.17 -33.81 -8.90
C ILE B 851 4.12 -32.41 -8.32
N ALA B 852 2.93 -31.99 -7.90
CA ALA B 852 2.71 -30.70 -7.28
C ALA B 852 1.40 -30.75 -6.50
N TRP B 853 1.34 -29.97 -5.43
CA TRP B 853 0.21 -29.99 -4.51
C TRP B 853 -0.44 -28.62 -4.40
N SER B 854 -1.69 -28.61 -3.95
CA SER B 854 -2.43 -27.38 -3.74
C SER B 854 -3.28 -27.48 -2.49
N GLY B 855 -3.58 -26.33 -1.90
CA GLY B 855 -4.46 -26.30 -0.75
C GLY B 855 -3.87 -27.00 0.45
N SER B 856 -4.70 -27.83 1.11
CA SER B 856 -4.29 -28.49 2.34
C SER B 856 -3.10 -29.40 2.09
N ALA B 857 -3.08 -30.08 0.94
CA ALA B 857 -1.94 -30.92 0.60
C ALA B 857 -0.65 -30.12 0.54
N TYR B 858 -0.70 -28.95 -0.12
CA TYR B 858 0.50 -28.13 -0.23
C TYR B 858 0.94 -27.61 1.13
N GLN B 859 -0.01 -27.17 1.96
CA GLN B 859 0.35 -26.69 3.30
C GLN B 859 0.99 -27.80 4.11
N GLU B 860 0.43 -29.01 4.05
CA GLU B 860 0.99 -30.14 4.78
C GLU B 860 2.40 -30.45 4.30
N VAL B 861 2.61 -30.46 2.98
CA VAL B 861 3.94 -30.76 2.46
C VAL B 861 4.95 -29.70 2.89
N SER B 862 4.55 -28.43 2.83
CA SER B 862 5.46 -27.34 3.16
C SER B 862 5.72 -27.21 4.65
N SER B 863 4.85 -27.75 5.51
CA SER B 863 5.03 -27.62 6.95
C SER B 863 5.57 -28.89 7.60
N LYS B 864 6.52 -29.57 6.96
CA LYS B 864 7.00 -30.85 7.50
C LYS B 864 7.99 -30.64 8.64
N GLY B 865 8.94 -29.71 8.47
CA GLY B 865 9.99 -29.54 9.46
C GLY B 865 9.74 -28.55 10.56
N ALA B 866 8.74 -27.68 10.40
CA ALA B 866 8.46 -26.67 11.40
C ALA B 866 7.96 -27.26 12.71
N GLY B 867 7.49 -28.51 12.71
CA GLY B 867 7.11 -29.14 13.96
C GLY B 867 8.29 -29.35 14.89
N ALA B 868 9.43 -29.74 14.34
CA ALA B 868 10.63 -29.94 15.14
C ALA B 868 11.46 -28.68 15.28
N TYR B 869 11.40 -27.78 14.29
CA TYR B 869 12.17 -26.54 14.36
C TYR B 869 11.75 -25.72 15.57
N ALA B 870 10.44 -25.51 15.73
CA ALA B 870 9.93 -24.78 16.89
C ALA B 870 10.23 -25.52 18.19
N PHE B 871 10.13 -26.85 18.16
CA PHE B 871 10.43 -27.65 19.36
C PHE B 871 11.85 -27.39 19.84
N VAL B 872 12.84 -27.51 18.95
CA VAL B 872 14.22 -27.36 19.36
C VAL B 872 14.54 -25.92 19.74
N LEU B 873 14.00 -24.92 19.02
CA LEU B 873 14.27 -23.54 19.42
C LEU B 873 13.62 -23.21 20.77
N GLY B 874 12.42 -23.73 21.02
CA GLY B 874 11.82 -23.53 22.33
C GLY B 874 12.66 -24.14 23.44
N MET B 875 13.14 -25.37 23.23
CA MET B 875 14.00 -26.00 24.23
C MET B 875 15.26 -25.18 24.48
N ILE B 876 15.90 -24.72 23.40
CA ILE B 876 17.14 -23.96 23.55
C ILE B 876 16.89 -22.65 24.28
N PHE B 877 15.81 -21.95 23.93
CA PHE B 877 15.51 -20.67 24.56
C PHE B 877 15.18 -20.87 26.04
N VAL B 878 14.46 -21.93 26.38
CA VAL B 878 14.18 -22.21 27.79
C VAL B 878 15.49 -22.46 28.53
N PHE B 879 16.38 -23.25 27.94
CA PHE B 879 17.67 -23.51 28.57
C PHE B 879 18.43 -22.21 28.82
N LEU B 880 18.46 -21.33 27.82
CA LEU B 880 19.18 -20.07 27.95
C LEU B 880 18.57 -19.16 29.01
N ILE B 881 17.25 -19.05 29.04
CA ILE B 881 16.61 -18.19 30.05
C ILE B 881 16.86 -18.73 31.46
N LEU B 882 16.80 -20.05 31.62
CA LEU B 882 17.05 -20.62 32.95
C LEU B 882 18.50 -20.42 33.37
N ALA B 883 19.43 -20.58 32.43
CA ALA B 883 20.83 -20.29 32.74
C ALA B 883 21.02 -18.83 33.12
N ALA B 884 20.30 -17.93 32.45
CA ALA B 884 20.36 -16.51 32.78
C ALA B 884 19.90 -16.28 34.21
N GLN B 885 18.74 -16.84 34.56
CA GLN B 885 18.14 -16.52 35.85
C GLN B 885 18.89 -17.18 37.01
N TYR B 886 19.25 -18.46 36.87
CA TYR B 886 19.83 -19.19 37.99
C TYR B 886 21.36 -19.15 38.03
N GLU B 887 21.99 -18.47 37.08
CA GLU B 887 23.44 -18.24 37.09
C GLU B 887 24.24 -19.55 37.08
N ARG B 888 23.60 -20.66 36.73
CA ARG B 888 24.28 -21.95 36.64
C ARG B 888 23.82 -22.66 35.37
N TRP B 889 24.70 -23.46 34.77
CA TRP B 889 24.39 -24.06 33.47
C TRP B 889 23.65 -25.37 33.63
N LEU B 890 24.04 -26.20 34.60
CA LEU B 890 23.65 -27.60 34.58
C LEU B 890 22.19 -27.81 35.01
N MET B 891 21.70 -27.03 35.98
CA MET B 891 20.30 -27.12 36.37
C MET B 891 19.35 -26.86 35.20
N PRO B 892 19.57 -25.87 34.33
CA PRO B 892 18.77 -25.81 33.10
C PRO B 892 18.84 -27.10 32.28
N LEU B 893 19.99 -27.76 32.23
CA LEU B 893 20.09 -29.03 31.51
C LEU B 893 19.21 -30.11 32.15
N ALA B 894 19.18 -30.16 33.48
CA ALA B 894 18.30 -31.11 34.15
C ALA B 894 16.84 -30.80 33.84
N VAL B 895 16.49 -29.51 33.84
CA VAL B 895 15.12 -29.11 33.53
C VAL B 895 14.77 -29.53 32.11
N ILE B 896 15.72 -29.38 31.18
CA ILE B 896 15.49 -29.76 29.80
C ILE B 896 15.28 -31.28 29.68
N THR B 897 16.14 -32.06 30.35
CA THR B 897 16.00 -33.51 30.23
C THR B 897 14.78 -34.02 31.00
N ALA B 898 14.14 -33.16 31.79
CA ALA B 898 12.83 -33.51 32.34
C ALA B 898 11.77 -33.63 31.25
N VAL B 899 11.92 -32.87 30.15
CA VAL B 899 10.88 -32.83 29.12
C VAL B 899 10.61 -34.19 28.47
N PRO B 900 11.61 -35.01 28.13
CA PRO B 900 11.32 -36.26 27.42
C PRO B 900 10.27 -37.13 28.09
N PHE B 901 10.13 -37.10 29.41
CA PHE B 901 9.08 -37.89 30.05
C PHE B 901 7.70 -37.40 29.62
N ALA B 902 7.50 -36.08 29.62
CA ALA B 902 6.22 -35.52 29.17
C ALA B 902 5.99 -35.82 27.70
N VAL B 903 7.02 -35.70 26.88
CA VAL B 903 6.88 -36.03 25.46
C VAL B 903 6.47 -37.48 25.29
N PHE B 904 7.10 -38.37 26.06
CA PHE B 904 6.76 -39.80 26.00
C PHE B 904 5.31 -40.04 26.38
N GLY B 905 4.85 -39.39 27.44
CA GLY B 905 3.46 -39.57 27.84
C GLY B 905 2.47 -39.10 26.78
N SER B 906 2.73 -37.92 26.21
CA SER B 906 1.83 -37.41 25.17
C SER B 906 1.81 -38.35 23.97
N ILE B 907 2.99 -38.76 23.50
CA ILE B 907 3.05 -39.60 22.30
C ILE B 907 2.44 -40.97 22.58
N LEU B 908 2.64 -41.51 23.79
CA LEU B 908 2.06 -42.80 24.11
C LEU B 908 0.54 -42.74 24.15
N LEU B 909 -0.01 -41.68 24.75
CA LEU B 909 -1.46 -41.59 24.81
C LEU B 909 -2.07 -41.38 23.43
N VAL B 910 -1.46 -40.53 22.59
CA VAL B 910 -2.02 -40.32 21.26
C VAL B 910 -1.84 -41.56 20.40
N ALA B 911 -0.83 -42.39 20.69
CA ALA B 911 -0.67 -43.62 19.95
C ALA B 911 -1.71 -44.66 20.37
N LEU B 912 -1.96 -44.77 21.67
CA LEU B 912 -2.97 -45.73 22.15
C LEU B 912 -4.35 -45.33 21.67
N ARG B 913 -4.70 -44.05 21.76
CA ARG B 913 -6.03 -43.61 21.35
C ARG B 913 -6.21 -43.73 19.85
N GLY B 914 -5.12 -43.74 19.09
CA GLY B 914 -5.18 -43.76 17.64
C GLY B 914 -5.21 -42.39 17.01
N PHE B 915 -5.24 -41.32 17.81
CA PHE B 915 -5.22 -39.96 17.26
C PHE B 915 -3.90 -39.72 16.55
N ASP B 916 -3.97 -38.96 15.45
CA ASP B 916 -2.82 -38.73 14.59
C ASP B 916 -1.95 -37.59 15.12
N ASN B 917 -0.76 -37.49 14.55
CA ASN B 917 0.16 -36.40 14.85
C ASN B 917 -0.16 -35.21 13.96
N ASP B 918 -0.79 -34.18 14.54
CA ASP B 918 -1.21 -33.01 13.80
C ASP B 918 -0.57 -31.78 14.42
N ILE B 919 -0.98 -30.60 13.93
CA ILE B 919 -0.43 -29.36 14.47
C ILE B 919 -0.79 -29.20 15.93
N TYR B 920 -2.06 -29.46 16.27
CA TYR B 920 -2.49 -29.33 17.67
C TYR B 920 -1.64 -30.17 18.60
N PHE B 921 -1.22 -31.36 18.15
CA PHE B 921 -0.35 -32.18 18.97
C PHE B 921 1.00 -31.51 19.20
N GLN B 922 1.53 -30.81 18.20
CA GLN B 922 2.83 -30.15 18.36
C GLN B 922 2.71 -28.91 19.24
N THR B 923 1.60 -28.16 19.13
CA THR B 923 1.35 -27.09 20.08
C THR B 923 1.26 -27.62 21.49
N GLY B 924 0.60 -28.78 21.64
CA GLY B 924 0.58 -29.42 22.94
C GLY B 924 1.97 -29.83 23.41
N LEU B 925 2.83 -30.25 22.46
CA LEU B 925 4.20 -30.59 22.82
C LEU B 925 4.96 -29.36 23.35
N LEU B 926 4.75 -28.21 22.72
CA LEU B 926 5.39 -26.99 23.21
C LEU B 926 4.87 -26.62 24.61
N LEU B 927 3.55 -26.65 24.79
CA LEU B 927 3.00 -26.39 26.11
C LEU B 927 3.51 -27.39 27.14
N LEU B 928 3.76 -28.63 26.69
CA LEU B 928 4.25 -29.65 27.59
C LEU B 928 5.71 -29.40 27.95
N ILE B 929 6.50 -28.88 27.00
CA ILE B 929 7.84 -28.41 27.35
C ILE B 929 7.74 -27.40 28.47
N GLY B 930 6.85 -26.42 28.31
CA GLY B 930 6.69 -25.40 29.35
C GLY B 930 6.29 -25.98 30.69
N LEU B 931 5.35 -26.94 30.68
CA LEU B 931 4.79 -27.46 31.92
C LEU B 931 5.78 -28.36 32.64
N SER B 932 6.45 -29.26 31.91
CA SER B 932 7.48 -30.09 32.51
C SER B 932 8.63 -29.25 33.01
N ALA B 933 8.95 -28.15 32.31
CA ALA B 933 9.95 -27.22 32.81
C ALA B 933 9.49 -26.57 34.10
N LYS B 934 8.19 -26.27 34.21
CA LYS B 934 7.67 -25.74 35.47
C LYS B 934 7.90 -26.72 36.61
N ASN B 935 7.55 -27.99 36.40
CA ASN B 935 7.76 -28.99 37.45
C ASN B 935 9.23 -29.12 37.81
N ALA B 936 10.09 -29.20 36.79
CA ALA B 936 11.51 -29.37 37.03
C ALA B 936 12.10 -28.18 37.75
N ILE B 937 11.62 -26.97 37.44
CA ILE B 937 12.01 -25.79 38.22
C ILE B 937 11.57 -25.94 39.67
N LEU B 938 10.31 -26.31 39.87
CA LEU B 938 9.76 -26.35 41.22
C LEU B 938 10.56 -27.29 42.12
N ILE B 939 11.12 -28.35 41.54
CA ILE B 939 11.98 -29.22 42.34
C ILE B 939 13.43 -28.75 42.39
N ILE B 940 14.02 -28.38 41.23
CA ILE B 940 15.44 -28.07 41.13
C ILE B 940 15.80 -26.83 41.94
N GLU B 941 14.97 -25.80 41.90
CA GLU B 941 15.28 -24.57 42.61
C GLU B 941 15.39 -24.82 44.10
N PHE B 942 14.42 -25.57 44.66
CA PHE B 942 14.51 -25.89 46.08
C PHE B 942 15.69 -26.78 46.39
N ALA B 943 16.02 -27.72 45.49
CA ALA B 943 17.20 -28.54 45.72
C ALA B 943 18.47 -27.70 45.81
N MET B 944 18.69 -26.80 44.84
CA MET B 944 19.85 -25.92 44.92
C MET B 944 19.82 -25.03 46.15
N GLU B 945 18.65 -24.45 46.46
CA GLU B 945 18.60 -23.51 47.58
C GLU B 945 18.95 -24.21 48.87
N GLU B 946 18.37 -25.39 49.09
CA GLU B 946 18.70 -26.16 50.28
C GLU B 946 20.19 -26.49 50.33
N ARG B 947 20.72 -27.07 49.25
CA ARG B 947 22.12 -27.48 49.24
C ARG B 947 23.05 -26.31 49.51
N LEU B 948 22.91 -25.22 48.74
CA LEU B 948 23.82 -24.09 48.83
C LEU B 948 23.67 -23.35 50.16
N LYS B 949 22.45 -23.25 50.69
CA LYS B 949 22.23 -22.37 51.83
C LYS B 949 22.42 -23.10 53.16
N LYS B 950 22.27 -24.43 53.16
CA LYS B 950 22.46 -25.19 54.39
C LYS B 950 23.70 -26.08 54.36
N GLY B 951 24.46 -26.06 53.27
CA GLY B 951 25.61 -26.93 53.16
C GLY B 951 25.20 -28.38 53.19
N LYS B 952 24.03 -28.68 52.64
CA LYS B 952 23.48 -30.02 52.65
C LYS B 952 24.20 -30.90 51.63
N SER B 953 24.16 -32.21 51.88
CA SER B 953 24.63 -33.18 50.91
C SER B 953 23.65 -33.28 49.75
N ILE B 954 24.16 -33.70 48.60
CA ILE B 954 23.32 -33.78 47.40
C ILE B 954 22.18 -34.75 47.62
N PHE B 955 22.46 -35.90 48.23
CA PHE B 955 21.41 -36.87 48.51
C PHE B 955 20.35 -36.28 49.46
N GLU B 956 20.79 -35.68 50.56
CA GLU B 956 19.87 -35.09 51.52
C GLU B 956 19.11 -33.92 50.92
N ALA B 957 19.80 -33.07 50.15
CA ALA B 957 19.13 -31.95 49.51
C ALA B 957 18.06 -32.44 48.53
N ALA B 958 18.38 -33.45 47.74
CA ALA B 958 17.42 -33.97 46.77
C ALA B 958 16.20 -34.56 47.47
N ILE B 959 16.42 -35.36 48.51
CA ILE B 959 15.27 -35.99 49.18
C ILE B 959 14.42 -34.95 49.91
N ASN B 960 15.04 -33.97 50.56
CA ASN B 960 14.27 -32.93 51.23
C ASN B 960 13.50 -32.08 50.22
N ALA B 961 14.12 -31.76 49.09
CA ALA B 961 13.44 -31.00 48.06
C ALA B 961 12.25 -31.75 47.51
N ALA B 962 12.41 -33.05 47.25
CA ALA B 962 11.29 -33.85 46.79
C ALA B 962 10.16 -33.87 47.80
N LYS B 963 10.49 -34.09 49.08
CA LYS B 963 9.46 -34.14 50.12
C LYS B 963 8.72 -32.82 50.22
N LEU B 964 9.45 -31.70 50.15
CA LEU B 964 8.82 -30.40 50.33
C LEU B 964 8.01 -30.00 49.11
N ARG B 965 8.49 -30.33 47.90
CA ARG B 965 7.90 -29.82 46.67
C ARG B 965 6.96 -30.81 46.00
N PHE B 966 6.73 -31.99 46.58
CA PHE B 966 5.76 -32.91 45.98
C PHE B 966 4.37 -32.31 45.95
N ARG B 967 3.95 -31.66 47.04
CA ARG B 967 2.58 -31.14 47.11
C ARG B 967 2.30 -30.08 46.05
N PRO B 968 3.08 -29.00 45.89
CA PRO B 968 2.77 -28.05 44.82
C PRO B 968 2.83 -28.68 43.44
N ILE B 969 3.75 -29.62 43.23
CA ILE B 969 3.86 -30.26 41.92
C ILE B 969 2.55 -30.96 41.56
N ILE B 970 2.06 -31.81 42.46
CA ILE B 970 0.86 -32.57 42.16
C ILE B 970 -0.35 -31.65 42.09
N MET B 971 -0.39 -30.62 42.95
CA MET B 971 -1.52 -29.70 42.92
C MET B 971 -1.63 -29.00 41.57
N THR B 972 -0.52 -28.42 41.10
CA THR B 972 -0.53 -27.75 39.80
C THR B 972 -0.78 -28.73 38.66
N SER B 973 -0.16 -29.91 38.72
CA SER B 973 -0.32 -30.87 37.64
C SER B 973 -1.76 -31.35 37.53
N LEU B 974 -2.39 -31.65 38.66
CA LEU B 974 -3.79 -32.06 38.64
C LEU B 974 -4.71 -30.92 38.25
N ALA B 975 -4.39 -29.69 38.64
CA ALA B 975 -5.17 -28.55 38.18
C ALA B 975 -5.14 -28.46 36.66
N PHE B 976 -3.95 -28.57 36.06
CA PHE B 976 -3.86 -28.54 34.61
C PHE B 976 -4.56 -29.73 33.97
N THR B 977 -4.42 -30.91 34.57
CA THR B 977 -5.04 -32.11 34.01
C THR B 977 -6.55 -31.97 33.98
N PHE B 978 -7.15 -31.48 35.06
CA PHE B 978 -8.61 -31.34 35.09
C PHE B 978 -9.06 -30.12 34.28
N GLY B 979 -8.18 -29.15 34.08
CA GLY B 979 -8.48 -28.07 33.14
C GLY B 979 -8.56 -28.57 31.71
N VAL B 980 -7.69 -29.52 31.36
CA VAL B 980 -7.69 -30.10 30.02
C VAL B 980 -8.74 -31.19 29.85
N LEU B 981 -9.17 -31.81 30.95
CA LEU B 981 -10.07 -32.96 30.89
C LEU B 981 -11.33 -32.75 30.05
N PRO B 982 -12.02 -31.60 30.09
CA PRO B 982 -13.22 -31.47 29.26
C PRO B 982 -12.99 -31.67 27.77
N MET B 983 -11.78 -31.39 27.27
CA MET B 983 -11.53 -31.56 25.85
C MET B 983 -11.65 -33.02 25.41
N ILE B 984 -11.10 -33.94 26.21
CA ILE B 984 -11.13 -35.34 25.80
C ILE B 984 -12.55 -35.90 25.89
N PHE B 985 -13.40 -35.27 26.68
CA PHE B 985 -14.80 -35.67 26.83
C PHE B 985 -15.76 -34.79 26.03
N ALA B 986 -15.23 -33.90 25.20
CA ALA B 986 -16.07 -32.97 24.47
C ALA B 986 -16.82 -33.69 23.35
N THR B 987 -17.98 -33.14 22.97
CA THR B 987 -18.81 -33.68 21.91
C THR B 987 -19.47 -32.53 21.15
N GLY B 988 -19.82 -32.81 19.90
CA GLY B 988 -20.47 -31.84 19.06
C GLY B 988 -19.56 -31.34 17.95
N ALA B 989 -19.85 -30.12 17.49
CA ALA B 989 -19.08 -29.53 16.41
C ALA B 989 -17.64 -29.26 16.84
N GLY B 990 -16.71 -29.55 15.93
CA GLY B 990 -15.30 -29.37 16.24
C GLY B 990 -14.76 -30.28 17.30
N SER B 991 -15.29 -31.50 17.43
CA SER B 991 -14.91 -32.37 18.53
C SER B 991 -13.55 -33.01 18.32
N ALA B 992 -13.18 -33.32 17.08
CA ALA B 992 -11.96 -34.09 16.84
C ALA B 992 -10.71 -33.32 17.23
N SER B 993 -10.66 -32.03 16.89
CA SER B 993 -9.49 -31.22 17.25
C SER B 993 -9.32 -31.12 18.76
N ARG B 994 -10.43 -30.88 19.46
CA ARG B 994 -10.38 -30.84 20.92
C ARG B 994 -9.95 -32.18 21.48
N HIS B 995 -10.46 -33.27 20.91
CA HIS B 995 -10.08 -34.60 21.39
C HIS B 995 -8.59 -34.81 21.25
N SER B 996 -8.02 -34.48 20.09
CA SER B 996 -6.59 -34.66 19.88
C SER B 996 -5.78 -33.81 20.86
N LEU B 997 -6.11 -32.52 20.96
CA LEU B 997 -5.35 -31.64 21.82
C LEU B 997 -5.43 -32.08 23.29
N GLY B 998 -6.64 -32.40 23.75
CA GLY B 998 -6.81 -32.82 25.13
C GLY B 998 -6.14 -34.14 25.43
N THR B 999 -6.20 -35.08 24.50
CA THR B 999 -5.54 -36.37 24.71
C THR B 999 -4.04 -36.20 24.82
N GLY B 1000 -3.44 -35.43 23.91
CA GLY B 1000 -2.01 -35.17 24.00
C GLY B 1000 -1.63 -34.50 25.31
N LEU B 1001 -2.38 -33.45 25.69
CA LEU B 1001 -2.06 -32.72 26.92
C LEU B 1001 -2.21 -33.62 28.13
N ILE B 1002 -3.26 -34.43 28.19
CA ILE B 1002 -3.51 -35.28 29.34
C ILE B 1002 -2.42 -36.34 29.47
N GLY B 1003 -2.05 -36.98 28.35
CA GLY B 1003 -0.98 -37.96 28.41
C GLY B 1003 0.33 -37.35 28.86
N GLY B 1004 0.70 -36.21 28.28
CA GLY B 1004 1.93 -35.56 28.69
C GLY B 1004 1.93 -35.16 30.15
N MET B 1005 0.80 -34.63 30.62
CA MET B 1005 0.70 -34.19 32.01
C MET B 1005 0.76 -35.37 32.97
N ILE B 1006 0.12 -36.47 32.63
CA ILE B 1006 0.19 -37.66 33.47
C ILE B 1006 1.62 -38.15 33.56
N ALA B 1007 2.32 -38.20 32.43
CA ALA B 1007 3.72 -38.61 32.46
C ALA B 1007 4.56 -37.66 33.29
N ALA B 1008 4.34 -36.35 33.14
CA ALA B 1008 5.15 -35.38 33.86
C ALA B 1008 4.90 -35.46 35.36
N SER B 1009 3.66 -35.73 35.77
CA SER B 1009 3.34 -35.81 37.19
C SER B 1009 3.68 -37.17 37.78
N THR B 1010 3.93 -38.18 36.94
CA THR B 1010 4.27 -39.48 37.49
C THR B 1010 5.76 -39.78 37.43
N LEU B 1011 6.37 -39.73 36.24
CA LEU B 1011 7.74 -40.19 36.09
C LEU B 1011 8.74 -39.05 36.15
N ALA B 1012 8.33 -37.86 35.68
CA ALA B 1012 9.29 -36.76 35.57
C ALA B 1012 9.80 -36.31 36.94
N ILE B 1013 8.90 -36.19 37.91
CA ILE B 1013 9.33 -35.72 39.23
C ILE B 1013 10.05 -36.84 39.98
N PHE B 1014 9.84 -38.08 39.55
CA PHE B 1014 10.61 -39.18 40.11
C PHE B 1014 12.04 -39.17 39.58
N PHE B 1015 12.21 -38.77 38.32
CA PHE B 1015 13.52 -38.89 37.68
C PHE B 1015 14.37 -37.64 37.85
N VAL B 1016 13.72 -36.47 37.98
CA VAL B 1016 14.48 -35.21 38.03
C VAL B 1016 15.47 -35.17 39.19
N PRO B 1017 15.13 -35.57 40.41
CA PRO B 1017 16.15 -35.58 41.48
C PRO B 1017 17.36 -36.44 41.15
N LEU B 1018 17.18 -37.53 40.40
CA LEU B 1018 18.32 -38.34 39.97
C LEU B 1018 19.24 -37.53 39.06
N PHE B 1019 18.66 -36.80 38.10
CA PHE B 1019 19.46 -35.96 37.22
C PHE B 1019 20.16 -34.87 38.01
N PHE B 1020 19.47 -34.28 38.98
CA PHE B 1020 20.09 -33.26 39.81
C PHE B 1020 21.27 -33.84 40.59
N TYR B 1021 21.11 -35.03 41.15
CA TYR B 1021 22.20 -35.67 41.87
C TYR B 1021 23.38 -35.92 40.96
N LEU B 1022 23.14 -36.46 39.76
CA LEU B 1022 24.24 -36.73 38.84
C LEU B 1022 24.96 -35.44 38.47
N LEU B 1023 24.20 -34.40 38.15
CA LEU B 1023 24.81 -33.15 37.71
C LEU B 1023 25.59 -32.47 38.84
N GLU B 1024 25.06 -32.48 40.05
CA GLU B 1024 25.77 -31.87 41.17
C GLU B 1024 26.98 -32.69 41.58
N ASN B 1025 26.90 -34.02 41.47
CA ASN B 1025 28.09 -34.84 41.71
C ASN B 1025 29.17 -34.53 40.68
N PHE B 1026 28.78 -34.35 39.42
CA PHE B 1026 29.74 -33.94 38.40
C PHE B 1026 30.34 -32.58 38.72
N ASN B 1027 29.51 -31.63 39.15
CA ASN B 1027 30.00 -30.29 39.48
C ASN B 1027 31.00 -30.34 40.64
N GLU B 1028 30.70 -31.14 41.67
CA GLU B 1028 31.66 -31.32 42.75
C GLU B 1028 32.94 -31.98 42.25
N TRP B 1029 32.80 -32.93 41.33
CA TRP B 1029 33.97 -33.57 40.74
C TRP B 1029 34.80 -32.58 39.94
N LEU B 1030 34.13 -31.65 39.25
CA LEU B 1030 34.85 -30.66 38.45
C LEU B 1030 35.71 -29.75 39.32
N ASP B 1031 35.20 -29.36 40.49
CA ASP B 1031 35.98 -28.53 41.40
C ASP B 1031 37.22 -29.28 41.90
N LYS B 1032 37.05 -30.57 42.21
CA LYS B 1032 38.17 -31.39 42.67
C LYS B 1032 39.17 -31.64 41.55
N MET C 1 24.18 -0.52 39.74
CA MET C 1 24.58 -0.04 38.43
C MET C 1 24.35 -1.11 37.37
N PHE C 2 24.09 -0.69 36.14
CA PHE C 2 23.83 -1.62 35.04
C PHE C 2 25.03 -2.51 34.76
N SER C 3 26.24 -1.95 34.73
CA SER C 3 27.44 -2.77 34.56
C SER C 3 27.65 -3.69 35.75
N LYS C 4 27.30 -3.23 36.96
CA LYS C 4 27.41 -4.08 38.13
C LYS C 4 26.49 -5.29 38.03
N PHE C 5 25.32 -5.11 37.41
CA PHE C 5 24.39 -6.23 37.28
C PHE C 5 24.99 -7.35 36.44
N PHE C 6 25.74 -7.00 35.39
CA PHE C 6 26.34 -8.03 34.55
C PHE C 6 27.66 -8.52 35.11
N ILE C 7 28.33 -7.69 35.92
CA ILE C 7 29.63 -8.08 36.46
C ILE C 7 29.47 -9.18 37.50
N GLU C 8 28.35 -9.16 38.23
CA GLU C 8 28.15 -10.16 39.29
C GLU C 8 27.75 -11.50 38.70
N ARG C 9 27.02 -11.48 37.58
CA ARG C 9 26.50 -12.70 36.97
C ARG C 9 27.12 -12.91 35.60
N PRO C 10 28.18 -13.70 35.48
CA PRO C 10 28.75 -13.97 34.15
C PRO C 10 27.80 -14.67 33.21
N ILE C 11 26.92 -15.52 33.75
CA ILE C 11 26.04 -16.31 32.90
C ILE C 11 25.03 -15.41 32.19
N PHE C 12 24.58 -14.35 32.86
CA PHE C 12 23.65 -13.43 32.21
C PHE C 12 24.29 -12.77 30.99
N ALA C 13 25.52 -12.28 31.13
CA ALA C 13 26.22 -11.71 30.00
C ALA C 13 26.46 -12.75 28.91
N SER C 14 26.82 -13.97 29.31
CA SER C 14 27.05 -15.01 28.33
C SER C 14 25.80 -15.32 27.52
N VAL C 15 24.65 -15.44 28.19
CA VAL C 15 23.42 -15.81 27.49
C VAL C 15 22.93 -14.65 26.64
N VAL C 16 23.10 -13.41 27.10
CA VAL C 16 22.69 -12.28 26.27
C VAL C 16 23.57 -12.20 25.03
N ALA C 17 24.85 -12.54 25.18
CA ALA C 17 25.74 -12.60 24.02
C ALA C 17 25.31 -13.70 23.06
N ILE C 18 24.92 -14.86 23.60
CA ILE C 18 24.47 -15.96 22.74
C ILE C 18 23.20 -15.58 21.99
N ILE C 19 22.25 -14.92 22.67
CA ILE C 19 21.03 -14.50 22.01
C ILE C 19 21.33 -13.48 20.92
N ILE C 20 22.21 -12.52 21.20
CA ILE C 20 22.59 -11.54 20.19
C ILE C 20 23.24 -12.22 19.00
N SER C 21 24.12 -13.20 19.25
CA SER C 21 24.79 -13.91 18.17
C SER C 21 23.80 -14.72 17.34
N ILE C 22 22.81 -15.34 17.99
CA ILE C 22 21.81 -16.12 17.27
C ILE C 22 20.98 -15.20 16.38
N ALA C 23 20.54 -14.06 16.92
CA ALA C 23 19.82 -13.10 16.10
C ALA C 23 20.68 -12.61 14.94
N GLY C 24 21.97 -12.42 15.19
CA GLY C 24 22.87 -12.01 14.13
C GLY C 24 23.02 -13.06 13.04
N ILE C 25 23.09 -14.33 13.43
CA ILE C 25 23.26 -15.38 12.43
C ILE C 25 21.98 -15.53 11.61
N ILE C 26 20.81 -15.40 12.22
CA ILE C 26 19.59 -15.49 11.44
C ILE C 26 19.45 -14.29 10.51
N GLY C 27 19.84 -13.11 10.99
CA GLY C 27 19.82 -11.93 10.13
C GLY C 27 20.77 -12.07 8.96
N LEU C 28 21.98 -12.58 9.20
CA LEU C 28 22.93 -12.81 8.13
C LEU C 28 22.41 -13.83 7.13
N ALA C 29 21.71 -14.86 7.64
CA ALA C 29 21.08 -15.83 6.74
C ALA C 29 20.02 -15.18 5.87
N ASN C 30 19.23 -14.27 6.44
CA ASN C 30 18.12 -13.66 5.72
C ASN C 30 18.45 -12.31 5.10
N LEU C 31 19.70 -11.86 5.17
CA LEU C 31 20.06 -10.57 4.61
C LEU C 31 20.04 -10.62 3.08
N PRO C 32 19.32 -9.73 2.41
CA PRO C 32 19.41 -9.66 0.95
C PRO C 32 20.80 -9.27 0.50
N VAL C 33 21.23 -9.85 -0.62
CA VAL C 33 22.56 -9.63 -1.17
C VAL C 33 22.40 -9.09 -2.59
N GLU C 34 23.08 -7.98 -2.88
CA GLU C 34 22.91 -7.27 -4.13
C GLU C 34 24.03 -6.26 -4.29
N GLN C 35 24.30 -5.86 -5.53
CA GLN C 35 25.48 -5.04 -5.80
C GLN C 35 25.32 -3.64 -5.21
N TYR C 36 24.27 -2.93 -5.59
CA TYR C 36 24.01 -1.60 -5.05
C TYR C 36 22.51 -1.44 -4.84
N PRO C 37 22.10 -0.56 -3.92
CA PRO C 37 20.66 -0.36 -3.68
C PRO C 37 20.03 0.58 -4.69
N SER C 38 18.74 0.86 -4.51
CA SER C 38 18.00 1.72 -5.44
C SER C 38 18.28 3.19 -5.10
N LEU C 39 19.51 3.60 -5.43
CA LEU C 39 19.92 4.98 -5.18
C LEU C 39 19.08 5.96 -5.98
N THR C 40 18.84 5.66 -7.25
CA THR C 40 18.12 6.57 -8.12
C THR C 40 16.63 6.57 -7.77
N PRO C 41 15.91 7.64 -8.11
CA PRO C 41 14.46 7.65 -7.88
C PRO C 41 13.78 6.63 -8.76
N PRO C 42 12.62 6.12 -8.35
CA PRO C 42 11.92 5.11 -9.16
C PRO C 42 11.53 5.68 -10.52
N THR C 43 11.56 4.82 -11.53
CA THR C 43 11.27 5.21 -12.90
C THR C 43 10.26 4.25 -13.50
N VAL C 44 9.48 4.76 -14.46
CA VAL C 44 8.53 3.97 -15.21
C VAL C 44 8.78 4.21 -16.69
N GLN C 45 8.99 3.13 -17.44
CA GLN C 45 9.27 3.21 -18.86
C GLN C 45 8.04 2.80 -19.66
N VAL C 46 7.69 3.61 -20.66
CA VAL C 46 6.53 3.36 -21.51
C VAL C 46 7.03 3.20 -22.94
N SER C 47 6.65 2.09 -23.58
CA SER C 47 7.09 1.78 -24.93
C SER C 47 5.88 1.59 -25.83
N ALA C 48 5.95 2.15 -27.04
CA ALA C 48 4.94 1.97 -28.05
C ALA C 48 5.62 1.69 -29.39
N THR C 49 4.92 0.97 -30.26
CA THR C 49 5.47 0.56 -31.54
C THR C 49 4.55 1.02 -32.65
N TYR C 50 5.09 1.82 -33.57
CA TYR C 50 4.39 2.24 -34.78
C TYR C 50 5.27 1.81 -35.96
N THR C 51 4.99 0.64 -36.51
CA THR C 51 5.87 0.06 -37.52
C THR C 51 5.96 0.93 -38.76
N GLY C 52 7.18 1.19 -39.19
CA GLY C 52 7.42 1.93 -40.41
C GLY C 52 6.88 3.35 -40.41
N ALA C 53 7.08 4.08 -39.31
CA ALA C 53 6.69 5.47 -39.22
C ALA C 53 7.88 6.31 -38.79
N ASP C 54 8.08 7.44 -39.45
CA ASP C 54 9.21 8.30 -39.14
C ASP C 54 9.07 8.88 -37.74
N ALA C 55 10.15 9.50 -37.27
CA ALA C 55 10.22 9.91 -35.87
C ALA C 55 9.19 10.99 -35.55
N GLN C 56 9.03 11.98 -36.43
CA GLN C 56 8.16 13.11 -36.13
C GLN C 56 6.70 12.69 -36.02
N THR C 57 6.22 11.85 -36.93
CA THR C 57 4.82 11.44 -36.87
C THR C 57 4.57 10.57 -35.64
N ILE C 58 5.52 9.69 -35.31
CA ILE C 58 5.37 8.91 -34.09
C ILE C 58 5.27 9.83 -32.89
N ALA C 59 6.17 10.81 -32.78
CA ALA C 59 6.08 11.77 -31.70
C ALA C 59 4.69 12.39 -31.63
N SER C 60 4.29 13.09 -32.71
CA SER C 60 3.08 13.89 -32.68
C SER C 60 1.83 13.04 -32.43
N THR C 61 1.80 11.82 -32.97
CA THR C 61 0.56 11.04 -32.93
C THR C 61 0.47 10.14 -31.71
N VAL C 62 1.61 9.66 -31.20
CA VAL C 62 1.63 8.70 -30.11
C VAL C 62 2.11 9.33 -28.81
N ALA C 63 3.25 10.00 -28.84
CA ALA C 63 3.81 10.54 -27.60
C ALA C 63 2.91 11.62 -27.01
N THR C 64 2.37 12.48 -27.86
CA THR C 64 1.53 13.57 -27.36
C THR C 64 0.29 13.09 -26.62
N PRO C 65 -0.52 12.16 -27.15
CA PRO C 65 -1.66 11.67 -26.35
C PRO C 65 -1.24 10.99 -25.06
N ILE C 66 -0.22 10.14 -25.12
CA ILE C 66 0.24 9.43 -23.93
C ILE C 66 0.81 10.42 -22.91
N GLU C 67 1.59 11.38 -23.39
CA GLU C 67 2.15 12.40 -22.50
C GLU C 67 1.05 13.24 -21.86
N ASP C 68 0.01 13.58 -22.63
CA ASP C 68 -1.12 14.32 -22.08
C ASP C 68 -1.83 13.52 -21.00
N ALA C 69 -2.06 12.23 -21.26
CA ALA C 69 -2.83 11.42 -20.33
C ALA C 69 -2.04 11.10 -19.06
N ILE C 70 -0.72 10.97 -19.19
CA ILE C 70 0.11 10.52 -18.07
C ILE C 70 0.35 11.69 -17.13
N ASN C 71 0.25 12.90 -17.65
CA ASN C 71 0.47 14.10 -16.86
C ASN C 71 -0.46 14.14 -15.65
N GLY C 72 0.10 14.58 -14.53
CA GLY C 72 -0.63 14.62 -13.28
C GLY C 72 -0.58 13.37 -12.44
N VAL C 73 0.20 12.36 -12.86
CA VAL C 73 0.33 11.16 -12.04
C VAL C 73 1.06 11.49 -10.74
N ASP C 74 0.69 10.79 -9.67
CA ASP C 74 1.12 11.14 -8.33
C ASP C 74 2.64 11.09 -8.22
N ASN C 75 3.22 12.15 -7.65
CA ASN C 75 4.66 12.25 -7.38
C ASN C 75 5.49 11.99 -8.64
N MET C 76 5.19 12.73 -9.70
CA MET C 76 5.99 12.68 -10.93
C MET C 76 6.77 13.98 -11.02
N ILE C 77 8.09 13.86 -11.06
CA ILE C 77 8.95 15.04 -11.07
C ILE C 77 9.05 15.63 -12.47
N TYR C 78 9.32 14.77 -13.46
CA TYR C 78 9.36 15.21 -14.85
C TYR C 78 9.21 14.00 -15.76
N MET C 79 9.11 14.27 -17.06
CA MET C 79 8.83 13.24 -18.05
C MET C 79 9.76 13.42 -19.24
N ASP C 80 10.40 12.33 -19.67
CA ASP C 80 11.31 12.35 -20.81
C ASP C 80 10.87 11.30 -21.81
N SER C 81 10.67 11.70 -23.06
CA SER C 81 10.24 10.81 -24.12
C SER C 81 11.10 11.02 -25.35
N THR C 82 11.47 9.92 -26.02
CA THR C 82 12.19 9.98 -27.28
C THR C 82 11.40 9.20 -28.32
N SER C 83 11.44 9.63 -29.57
CA SER C 83 10.62 8.98 -30.59
C SER C 83 11.42 8.55 -31.80
N SER C 84 12.21 7.50 -31.65
CA SER C 84 13.05 7.04 -32.75
C SER C 84 12.21 6.40 -33.84
N PRO C 85 12.80 6.18 -35.02
CA PRO C 85 12.00 5.65 -36.12
C PRO C 85 11.32 4.36 -35.72
N GLY C 86 10.01 4.30 -35.84
CA GLY C 86 9.29 3.07 -35.56
C GLY C 86 8.97 2.78 -34.11
N GLN C 87 9.42 3.63 -33.19
CA GLN C 87 9.20 3.36 -31.78
C GLN C 87 9.15 4.63 -30.95
N MET C 88 8.42 4.59 -29.84
CA MET C 88 8.32 5.76 -28.98
C MET C 88 8.44 5.36 -27.53
N LYS C 89 9.58 5.67 -26.92
CA LYS C 89 9.75 5.37 -25.50
C LYS C 89 9.51 6.58 -24.62
N LEU C 90 8.74 6.41 -23.56
CA LEU C 90 8.44 7.52 -22.66
C LEU C 90 8.79 7.14 -21.24
N THR C 91 9.81 7.76 -20.69
CA THR C 91 10.25 7.47 -19.33
C THR C 91 9.59 8.47 -18.40
N VAL C 92 8.86 7.97 -17.41
CA VAL C 92 8.20 8.86 -16.46
C VAL C 92 8.87 8.80 -15.11
N TYR C 93 9.74 9.78 -14.84
CA TYR C 93 10.48 9.78 -13.59
C TYR C 93 9.59 10.22 -12.43
N PHE C 94 9.84 9.68 -11.25
CA PHE C 94 9.02 10.01 -10.09
C PHE C 94 9.86 10.48 -8.90
N ASN C 95 9.19 10.92 -7.84
CA ASN C 95 9.89 11.41 -6.66
C ASN C 95 10.49 10.26 -5.88
N ILE C 96 11.63 10.52 -5.24
CA ILE C 96 12.31 9.48 -4.48
C ILE C 96 11.46 9.03 -3.32
N GLY C 97 11.43 7.73 -3.07
CA GLY C 97 10.63 7.14 -2.03
C GLY C 97 9.26 6.65 -2.47
N THR C 98 8.83 7.01 -3.67
CA THR C 98 7.56 6.51 -4.18
C THR C 98 7.65 5.02 -4.47
N ASP C 99 6.58 4.30 -4.15
CA ASP C 99 6.57 2.86 -4.38
C ASP C 99 6.57 2.58 -5.87
N PRO C 100 7.55 1.84 -6.40
CA PRO C 100 7.61 1.61 -7.85
C PRO C 100 6.36 0.93 -8.41
N ASP C 101 5.80 -0.04 -7.69
CA ASP C 101 4.60 -0.73 -8.18
C ASP C 101 3.42 0.24 -8.25
N GLN C 102 3.29 1.13 -7.28
CA GLN C 102 2.24 2.13 -7.31
C GLN C 102 2.40 3.05 -8.52
N ALA C 103 3.62 3.53 -8.77
CA ALA C 103 3.85 4.37 -9.93
C ALA C 103 3.48 3.63 -11.21
N ALA C 104 3.86 2.35 -11.30
CA ALA C 104 3.55 1.55 -12.47
C ALA C 104 2.05 1.42 -12.68
N ILE C 105 1.30 1.16 -11.61
CA ILE C 105 -0.14 0.90 -11.79
C ILE C 105 -0.88 2.19 -12.12
N ASP C 106 -0.49 3.31 -11.51
CA ASP C 106 -1.08 4.59 -11.91
C ASP C 106 -0.76 4.94 -13.36
N VAL C 107 0.48 4.69 -13.79
CA VAL C 107 0.82 4.91 -15.19
C VAL C 107 -0.04 4.02 -16.09
N ASN C 108 -0.25 2.76 -15.67
CA ASN C 108 -1.13 1.86 -16.41
C ASN C 108 -2.51 2.44 -16.56
N ASN C 109 -3.09 2.95 -15.47
CA ASN C 109 -4.44 3.49 -15.52
C ASN C 109 -4.51 4.68 -16.46
N ARG C 110 -3.54 5.59 -16.36
CA ARG C 110 -3.55 6.78 -17.21
C ARG C 110 -3.43 6.41 -18.68
N ILE C 111 -2.57 5.44 -19.00
CA ILE C 111 -2.42 5.06 -20.41
C ILE C 111 -3.63 4.27 -20.90
N SER C 112 -4.25 3.46 -20.04
CA SER C 112 -5.47 2.75 -20.44
C SER C 112 -6.61 3.72 -20.70
N ALA C 113 -6.56 4.88 -20.05
CA ALA C 113 -7.55 5.91 -20.32
C ALA C 113 -7.47 6.40 -21.76
N ALA C 114 -6.25 6.61 -22.27
CA ALA C 114 -6.05 7.21 -23.58
C ALA C 114 -5.63 6.22 -24.66
N THR C 115 -5.70 4.91 -24.39
CA THR C 115 -5.34 3.92 -25.39
C THR C 115 -6.10 4.13 -26.69
N ALA C 116 -7.37 4.55 -26.62
CA ALA C 116 -8.20 4.63 -27.82
C ALA C 116 -7.72 5.72 -28.77
N LYS C 117 -7.10 6.78 -28.25
CA LYS C 117 -6.71 7.90 -29.10
C LYS C 117 -5.56 7.54 -30.02
N LEU C 118 -4.79 6.51 -29.66
CA LEU C 118 -3.60 6.13 -30.41
C LEU C 118 -3.97 5.58 -31.78
N PRO C 119 -3.07 5.64 -32.77
CA PRO C 119 -3.40 5.12 -34.10
C PRO C 119 -3.67 3.62 -34.07
N GLU C 120 -4.14 3.12 -35.22
CA GLU C 120 -4.57 1.73 -35.30
C GLU C 120 -3.42 0.77 -35.05
N ALA C 121 -2.26 1.03 -35.64
CA ALA C 121 -1.12 0.12 -35.46
C ALA C 121 -0.65 0.10 -34.02
N VAL C 122 -0.59 1.26 -33.38
CA VAL C 122 -0.14 1.32 -31.98
C VAL C 122 -1.16 0.64 -31.08
N LYS C 123 -2.45 0.78 -31.38
CA LYS C 123 -3.46 0.05 -30.62
C LYS C 123 -3.31 -1.45 -30.82
N LYS C 124 -2.98 -1.88 -32.03
CA LYS C 124 -2.78 -3.30 -32.30
C LYS C 124 -1.61 -3.84 -31.50
N LEU C 125 -0.51 -3.09 -31.45
CA LEU C 125 0.66 -3.46 -30.66
C LEU C 125 0.61 -2.68 -29.36
N GLY C 126 -0.05 -3.25 -28.35
CA GLY C 126 -0.35 -2.50 -27.14
C GLY C 126 0.89 -1.97 -26.45
N VAL C 127 0.69 -0.88 -25.73
CA VAL C 127 1.76 -0.19 -25.01
C VAL C 127 2.16 -1.01 -23.80
N THR C 128 3.47 -1.10 -23.56
CA THR C 128 4.01 -1.85 -22.44
C THR C 128 4.49 -0.89 -21.36
N VAL C 129 4.09 -1.15 -20.13
CA VAL C 129 4.48 -0.34 -18.98
C VAL C 129 5.31 -1.21 -18.03
N ARG C 130 6.54 -0.79 -17.76
CA ARG C 130 7.42 -1.53 -16.88
C ARG C 130 8.10 -0.55 -15.93
N LYS C 131 8.53 -1.09 -14.78
CA LYS C 131 9.35 -0.34 -13.85
C LYS C 131 10.80 -0.45 -14.30
N SER C 132 11.35 0.63 -14.85
CA SER C 132 12.68 0.61 -15.44
C SER C 132 13.79 0.65 -14.41
N SER C 133 13.46 0.79 -13.13
CA SER C 133 14.47 0.84 -12.07
C SER C 133 14.95 -0.58 -11.81
N SER C 134 15.90 -1.04 -12.62
CA SER C 134 16.43 -2.39 -12.48
C SER C 134 17.86 -2.40 -12.98
N THR C 135 18.72 -3.14 -12.31
CA THR C 135 20.12 -3.26 -12.75
C THR C 135 20.35 -4.66 -13.29
N ILE C 136 21.44 -4.85 -14.02
CA ILE C 136 21.70 -6.14 -14.62
C ILE C 136 22.56 -7.03 -13.73
N LEU C 137 22.00 -8.13 -13.25
CA LEU C 137 22.78 -9.06 -12.44
C LEU C 137 23.87 -9.66 -13.30
N GLU C 138 23.52 -10.13 -14.48
CA GLU C 138 24.50 -10.72 -15.39
C GLU C 138 23.95 -10.84 -16.80
N VAL C 139 24.85 -11.01 -17.76
CA VAL C 139 24.43 -11.16 -19.14
C VAL C 139 24.95 -12.47 -19.71
N VAL C 140 24.04 -13.34 -20.13
CA VAL C 140 24.44 -14.62 -20.71
C VAL C 140 24.33 -14.57 -22.22
N SER C 141 25.44 -14.84 -22.90
CA SER C 141 25.47 -14.82 -24.36
C SER C 141 25.50 -16.23 -24.89
N VAL C 142 24.55 -16.56 -25.76
CA VAL C 142 24.46 -17.86 -26.40
C VAL C 142 24.91 -17.69 -27.84
N TYR C 143 26.04 -18.31 -28.20
CA TYR C 143 26.65 -18.12 -29.50
C TYR C 143 26.79 -19.46 -30.20
N SER C 144 26.60 -19.45 -31.53
CA SER C 144 26.83 -20.62 -32.36
C SER C 144 28.26 -20.56 -32.89
N GLU C 145 29.17 -21.29 -32.24
CA GLU C 145 30.59 -21.21 -32.61
C GLU C 145 30.82 -21.70 -34.03
N ASP C 146 30.17 -22.79 -34.42
CA ASP C 146 30.35 -23.31 -35.77
C ASP C 146 29.53 -22.56 -36.81
N SER C 147 28.74 -21.58 -36.39
CA SER C 147 27.86 -20.82 -37.29
C SER C 147 26.88 -21.73 -38.00
N SER C 148 26.47 -22.82 -37.34
CA SER C 148 25.46 -23.69 -37.90
C SER C 148 24.12 -22.97 -38.02
N MET C 149 23.78 -22.17 -37.02
CA MET C 149 22.51 -21.44 -37.00
C MET C 149 22.78 -19.95 -37.10
N ASN C 150 21.93 -19.26 -37.86
CA ASN C 150 22.00 -17.82 -37.93
C ASN C 150 21.45 -17.20 -36.64
N ASP C 151 21.45 -15.86 -36.59
CA ASP C 151 21.05 -15.18 -35.37
C ASP C 151 19.57 -15.41 -35.05
N ILE C 152 18.74 -15.51 -36.09
CA ILE C 152 17.30 -15.68 -35.88
C ILE C 152 17.02 -16.99 -35.17
N ASP C 153 17.65 -18.08 -35.61
CA ASP C 153 17.44 -19.38 -34.98
C ASP C 153 17.93 -19.36 -33.53
N ILE C 154 19.08 -18.73 -33.28
CA ILE C 154 19.60 -18.65 -31.92
C ILE C 154 18.63 -17.91 -31.02
N TYR C 155 18.11 -16.77 -31.50
CA TYR C 155 17.19 -15.98 -30.67
C TYR C 155 15.91 -16.76 -30.41
N ASN C 156 15.36 -17.41 -31.42
CA ASN C 156 14.12 -18.13 -31.23
C ASN C 156 14.31 -19.30 -30.27
N TYR C 157 15.42 -20.02 -30.40
CA TYR C 157 15.68 -21.13 -29.48
C TYR C 157 15.86 -20.62 -28.06
N VAL C 158 16.57 -19.50 -27.89
CA VAL C 158 16.77 -18.94 -26.55
C VAL C 158 15.44 -18.53 -25.95
N SER C 159 14.59 -17.87 -26.74
CA SER C 159 13.31 -17.40 -26.22
C SER C 159 12.41 -18.58 -25.85
N LEU C 160 12.38 -19.63 -26.68
CA LEU C 160 11.47 -20.73 -26.42
C LEU C 160 11.96 -21.61 -25.27
N ASN C 161 13.27 -21.85 -25.17
CA ASN C 161 13.78 -22.82 -24.23
C ASN C 161 14.53 -22.18 -23.05
N ILE C 162 15.49 -21.30 -23.32
CA ILE C 162 16.39 -20.84 -22.27
C ILE C 162 15.67 -19.93 -21.29
N LEU C 163 14.87 -18.98 -21.80
CA LEU C 163 14.33 -17.92 -20.95
C LEU C 163 13.38 -18.47 -19.90
N ASP C 164 12.58 -19.49 -20.25
CA ASP C 164 11.61 -20.02 -19.31
C ASP C 164 12.29 -20.63 -18.08
N GLU C 165 13.38 -21.37 -18.30
CA GLU C 165 14.15 -21.89 -17.17
C GLU C 165 14.74 -20.75 -16.34
N LEU C 166 15.17 -19.66 -16.98
CA LEU C 166 15.69 -18.52 -16.23
C LEU C 166 14.62 -17.92 -15.34
N LYS C 167 13.38 -17.85 -15.83
CA LYS C 167 12.30 -17.37 -14.99
C LYS C 167 12.03 -18.32 -13.83
N ARG C 168 12.40 -19.61 -13.99
CA ARG C 168 12.18 -20.57 -12.92
C ARG C 168 13.21 -20.40 -11.81
N ILE C 169 14.38 -19.82 -12.12
CA ILE C 169 15.43 -19.69 -11.11
C ILE C 169 14.99 -18.67 -10.07
N PRO C 170 14.97 -19.04 -8.78
CA PRO C 170 14.55 -18.06 -7.75
C PRO C 170 15.50 -16.87 -7.70
N GLY C 171 14.91 -15.70 -7.48
CA GLY C 171 15.65 -14.46 -7.47
C GLY C 171 15.81 -13.80 -8.82
N VAL C 172 15.42 -14.48 -9.90
CA VAL C 172 15.50 -13.90 -11.25
C VAL C 172 14.15 -13.24 -11.50
N GLY C 173 14.05 -11.98 -11.09
CA GLY C 173 12.80 -11.26 -11.28
C GLY C 173 12.49 -11.01 -12.75
N ASP C 174 13.50 -10.60 -13.52
CA ASP C 174 13.33 -10.28 -14.92
C ASP C 174 14.37 -11.03 -15.74
N ALA C 175 13.92 -11.70 -16.80
CA ALA C 175 14.80 -12.33 -17.77
C ALA C 175 14.39 -11.87 -19.16
N SER C 176 15.35 -11.32 -19.90
CA SER C 176 15.06 -10.74 -21.20
C SER C 176 16.20 -11.05 -22.16
N ALA C 177 15.90 -10.98 -23.46
CA ALA C 177 16.93 -11.18 -24.47
C ALA C 177 17.07 -9.90 -25.27
N ILE C 178 18.28 -9.41 -25.44
CA ILE C 178 18.49 -8.15 -26.12
C ILE C 178 17.89 -8.11 -27.52
N GLY C 179 18.01 -9.19 -28.27
CA GLY C 179 17.53 -9.22 -29.63
C GLY C 179 16.05 -8.95 -29.82
N ASN C 180 15.64 -8.73 -31.07
CA ASN C 180 14.23 -8.51 -31.37
C ASN C 180 13.83 -9.28 -32.63
N LYS C 181 14.21 -10.55 -32.69
CA LYS C 181 13.94 -11.40 -33.84
C LYS C 181 13.02 -12.55 -33.45
N ASN C 182 11.71 -12.28 -33.43
CA ASN C 182 10.76 -13.36 -33.28
C ASN C 182 10.41 -13.94 -34.64
N TYR C 183 10.11 -15.24 -34.65
CA TYR C 183 9.68 -15.88 -35.88
C TYR C 183 8.45 -15.18 -36.44
N SER C 184 8.48 -14.88 -37.73
CA SER C 184 7.39 -14.15 -38.36
C SER C 184 7.25 -14.62 -39.81
N MET C 185 6.01 -14.69 -40.27
CA MET C 185 5.71 -15.14 -41.62
C MET C 185 5.86 -13.96 -42.57
N ARG C 186 6.95 -13.97 -43.34
CA ARG C 186 7.28 -12.85 -44.22
C ARG C 186 6.82 -13.16 -45.64
N ILE C 187 6.03 -12.26 -46.20
CA ILE C 187 5.54 -12.37 -47.58
C ILE C 187 6.29 -11.34 -48.41
N TRP C 188 7.28 -11.80 -49.17
CA TRP C 188 8.15 -10.92 -49.95
C TRP C 188 7.50 -10.65 -51.30
N LEU C 189 6.83 -9.51 -51.41
CA LEU C 189 6.16 -9.13 -52.64
C LEU C 189 7.17 -8.72 -53.69
N GLU C 190 7.00 -9.23 -54.91
CA GLU C 190 7.81 -8.80 -56.04
C GLU C 190 7.01 -7.85 -56.89
N PRO C 191 7.35 -6.56 -56.95
CA PRO C 191 6.54 -5.62 -57.73
C PRO C 191 6.37 -5.99 -59.19
N ASP C 192 7.41 -6.55 -59.82
CA ASP C 192 7.30 -6.94 -61.22
C ASP C 192 6.25 -8.04 -61.40
N LEU C 193 6.27 -9.05 -60.54
CA LEU C 193 5.27 -10.11 -60.63
C LEU C 193 3.88 -9.58 -60.33
N LEU C 194 3.76 -8.69 -59.35
CA LEU C 194 2.46 -8.12 -59.02
C LEU C 194 1.89 -7.34 -60.21
N ASN C 195 2.74 -6.57 -60.88
CA ASN C 195 2.29 -5.86 -62.08
C ASN C 195 1.94 -6.83 -63.20
N LYS C 196 2.72 -7.91 -63.33
CA LYS C 196 2.46 -8.88 -64.39
C LYS C 196 1.09 -9.54 -64.22
N PHE C 197 0.75 -9.91 -62.98
CA PHE C 197 -0.54 -10.54 -62.72
C PHE C 197 -1.63 -9.53 -62.35
N GLY C 198 -1.31 -8.24 -62.33
CA GLY C 198 -2.30 -7.22 -62.07
C GLY C 198 -2.91 -7.29 -60.68
N VAL C 199 -2.08 -7.51 -59.66
CA VAL C 199 -2.52 -7.58 -58.27
C VAL C 199 -1.75 -6.55 -57.47
N THR C 200 -2.47 -5.73 -56.71
CA THR C 200 -1.85 -4.72 -55.87
C THR C 200 -1.54 -5.29 -54.49
N ALA C 201 -0.71 -4.56 -53.74
CA ALA C 201 -0.40 -4.97 -52.38
C ALA C 201 -1.63 -4.94 -51.48
N ASN C 202 -2.59 -4.07 -51.78
CA ASN C 202 -3.83 -4.04 -51.03
C ASN C 202 -4.59 -5.35 -51.16
N ASP C 203 -4.59 -5.93 -52.36
CA ASP C 203 -5.21 -7.24 -52.55
C ASP C 203 -4.55 -8.29 -51.68
N VAL C 204 -3.22 -8.27 -51.61
CA VAL C 204 -2.50 -9.24 -50.78
C VAL C 204 -2.87 -9.05 -49.31
N ILE C 205 -2.90 -7.79 -48.86
CA ILE C 205 -3.24 -7.52 -47.46
C ILE C 205 -4.64 -8.03 -47.15
N ASN C 206 -5.60 -7.71 -48.02
CA ASN C 206 -6.98 -8.13 -47.78
C ASN C 206 -7.11 -9.65 -47.79
N ALA C 207 -6.44 -10.32 -48.73
CA ALA C 207 -6.53 -11.77 -48.81
C ALA C 207 -5.94 -12.43 -47.58
N VAL C 208 -4.75 -11.98 -47.16
CA VAL C 208 -4.10 -12.61 -46.02
C VAL C 208 -4.95 -12.40 -44.79
N ASN C 209 -5.55 -11.23 -44.68
CA ASN C 209 -6.37 -10.92 -43.52
C ASN C 209 -7.57 -11.85 -43.48
N ASP C 210 -8.16 -12.12 -44.63
CA ASP C 210 -9.35 -12.96 -44.67
C ASP C 210 -9.03 -14.43 -44.44
N GLN C 211 -8.06 -14.96 -45.15
CA GLN C 211 -7.75 -16.39 -45.04
C GLN C 211 -7.20 -16.80 -43.67
N ASN C 212 -6.29 -16.03 -43.11
CA ASN C 212 -5.76 -16.34 -41.78
C ASN C 212 -6.79 -15.88 -40.77
N ALA C 213 -7.96 -16.52 -40.78
CA ALA C 213 -9.03 -16.09 -39.89
C ALA C 213 -8.94 -16.65 -38.49
N GLN C 214 -9.70 -16.08 -37.58
CA GLN C 214 -9.71 -16.56 -36.21
C GLN C 214 -10.66 -17.72 -36.08
N TYR C 215 -11.24 -17.90 -34.90
CA TYR C 215 -12.10 -19.07 -34.68
C TYR C 215 -13.57 -18.76 -34.44
N ALA C 216 -14.45 -19.60 -34.97
CA ALA C 216 -15.87 -19.44 -34.73
C ALA C 216 -16.39 -20.75 -34.18
N THR C 217 -17.38 -20.70 -33.29
CA THR C 217 -17.83 -21.93 -32.66
C THR C 217 -19.26 -21.88 -32.17
N GLY C 218 -19.82 -23.04 -31.88
CA GLY C 218 -21.18 -23.12 -31.37
C GLY C 218 -21.44 -24.52 -30.89
N LYS C 219 -22.56 -24.68 -30.18
CA LYS C 219 -22.95 -25.96 -29.61
C LYS C 219 -24.19 -26.47 -30.31
N ILE C 220 -24.12 -27.70 -30.83
CA ILE C 220 -25.27 -28.30 -31.49
C ILE C 220 -26.09 -29.09 -30.46
N GLY C 221 -27.36 -29.31 -30.78
CA GLY C 221 -28.22 -30.05 -29.87
C GLY C 221 -28.23 -29.38 -28.52
N GLU C 222 -28.46 -28.06 -28.51
CA GLU C 222 -28.47 -27.32 -27.25
C GLU C 222 -29.81 -26.64 -27.05
N GLU C 223 -30.30 -26.63 -25.82
CA GLU C 223 -31.56 -25.99 -25.52
C GLU C 223 -31.42 -24.49 -25.72
N PRO C 224 -32.51 -23.82 -26.13
CA PRO C 224 -33.73 -24.43 -26.64
C PRO C 224 -33.74 -24.52 -28.16
N VAL C 225 -32.57 -24.52 -28.77
CA VAL C 225 -32.48 -24.65 -30.22
C VAL C 225 -33.16 -25.93 -30.64
N VAL C 226 -32.93 -26.99 -29.88
CA VAL C 226 -33.55 -28.28 -30.19
C VAL C 226 -34.49 -28.70 -29.07
N ASN C 227 -35.66 -29.21 -29.44
CA ASN C 227 -36.63 -29.66 -28.43
C ASN C 227 -36.12 -30.85 -27.65
N LYS C 228 -35.51 -31.80 -28.34
CA LYS C 228 -34.99 -32.99 -27.67
C LYS C 228 -33.49 -33.18 -27.91
N SER C 229 -32.73 -33.30 -26.84
CA SER C 229 -31.28 -33.46 -26.97
C SER C 229 -30.72 -34.40 -25.93
N PRO C 230 -30.01 -35.45 -26.37
CA PRO C 230 -29.37 -36.37 -25.43
C PRO C 230 -27.93 -35.99 -25.18
N GLN C 231 -27.22 -35.59 -26.24
CA GLN C 231 -25.83 -35.18 -26.09
C GLN C 231 -25.60 -33.84 -26.75
N VAL C 232 -24.63 -33.09 -26.25
CA VAL C 232 -24.32 -31.81 -26.84
C VAL C 232 -22.93 -31.85 -27.42
N ILE C 233 -22.83 -31.64 -28.74
CA ILE C 233 -21.54 -31.69 -29.39
C ILE C 233 -21.10 -30.31 -29.85
N SER C 234 -20.03 -29.79 -29.27
CA SER C 234 -19.52 -28.50 -29.68
C SER C 234 -18.97 -28.58 -31.10
N ILE C 235 -19.20 -27.52 -31.87
CA ILE C 235 -18.75 -27.44 -33.25
C ILE C 235 -17.61 -26.42 -33.33
N THR C 236 -16.47 -26.86 -33.85
CA THR C 236 -15.27 -26.04 -33.95
C THR C 236 -14.89 -25.89 -35.42
N MET C 237 -14.56 -24.67 -35.82
CA MET C 237 -14.18 -24.38 -37.19
C MET C 237 -13.12 -23.28 -37.18
N GLN C 238 -11.86 -23.67 -37.37
CA GLN C 238 -10.72 -22.83 -37.02
C GLN C 238 -10.35 -21.81 -38.10
N GLY C 239 -10.12 -22.27 -39.32
CA GLY C 239 -9.72 -21.37 -40.39
C GLY C 239 -8.48 -20.54 -40.09
N ARG C 240 -7.43 -21.15 -39.57
CA ARG C 240 -6.19 -20.43 -39.32
C ARG C 240 -5.00 -21.21 -39.86
N LEU C 241 -4.13 -20.55 -40.62
CA LEU C 241 -3.00 -21.22 -41.22
C LEU C 241 -1.80 -21.20 -40.28
N GLN C 242 -0.85 -22.11 -40.48
CA GLN C 242 0.31 -22.17 -39.62
C GLN C 242 1.61 -22.51 -40.35
N THR C 243 1.55 -22.90 -41.61
CA THR C 243 2.75 -23.29 -42.33
C THR C 243 2.95 -22.43 -43.58
N PRO C 244 4.20 -22.24 -44.03
CA PRO C 244 4.42 -21.41 -45.22
C PRO C 244 3.71 -21.93 -46.46
N GLN C 245 3.56 -23.25 -46.60
CA GLN C 245 2.84 -23.80 -47.74
C GLN C 245 1.37 -23.44 -47.72
N GLU C 246 0.78 -23.23 -46.54
CA GLU C 246 -0.60 -22.76 -46.48
C GLU C 246 -0.72 -21.30 -46.86
N PHE C 247 0.23 -20.48 -46.44
CA PHE C 247 0.20 -19.07 -46.79
C PHE C 247 0.41 -18.90 -48.30
N GLU C 248 1.30 -19.69 -48.87
CA GLU C 248 1.51 -19.63 -50.31
C GLU C 248 0.24 -19.95 -51.08
N ASN C 249 -0.61 -20.80 -50.50
CA ASN C 249 -1.83 -21.23 -51.19
C ASN C 249 -2.98 -20.25 -51.02
N ILE C 250 -2.77 -19.12 -50.34
CA ILE C 250 -3.84 -18.14 -50.20
C ILE C 250 -4.25 -17.64 -51.57
N ILE C 251 -5.55 -17.63 -51.82
CA ILE C 251 -6.09 -17.31 -53.14
C ILE C 251 -6.32 -15.81 -53.22
N LEU C 252 -5.47 -15.11 -53.97
CA LEU C 252 -5.65 -13.68 -54.16
C LEU C 252 -6.84 -13.39 -55.06
N ARG C 253 -6.96 -14.13 -56.17
CA ARG C 253 -8.01 -13.89 -57.15
C ARG C 253 -8.35 -15.20 -57.83
N VAL C 254 -9.56 -15.27 -58.37
CA VAL C 254 -10.04 -16.42 -59.11
C VAL C 254 -10.13 -16.02 -60.58
N ASN C 255 -9.39 -16.73 -61.44
CA ASN C 255 -9.37 -16.42 -62.85
C ASN C 255 -10.67 -16.87 -63.52
N GLU C 256 -10.80 -16.52 -64.80
CA GLU C 256 -11.93 -17.00 -65.59
C GLU C 256 -11.92 -18.52 -65.71
N ASP C 257 -10.73 -19.10 -65.75
CA ASP C 257 -10.60 -20.55 -65.67
C ASP C 257 -10.72 -21.00 -64.21
N LYS C 258 -10.79 -22.31 -64.02
CA LYS C 258 -10.91 -22.84 -62.66
C LYS C 258 -9.61 -22.70 -61.89
N SER C 259 -8.50 -22.44 -62.57
CA SER C 259 -7.24 -22.19 -61.87
C SER C 259 -7.31 -20.87 -61.12
N PHE C 260 -6.63 -20.84 -59.97
CA PHE C 260 -6.65 -19.68 -59.08
C PHE C 260 -5.27 -19.04 -59.03
N LEU C 261 -5.24 -17.72 -59.03
CA LEU C 261 -4.00 -17.01 -58.74
C LEU C 261 -3.76 -17.02 -57.24
N ARG C 262 -2.53 -17.36 -56.85
CA ARG C 262 -2.19 -17.53 -55.44
C ARG C 262 -0.99 -16.67 -55.09
N ILE C 263 -0.75 -16.54 -53.79
CA ILE C 263 0.36 -15.73 -53.29
C ILE C 263 1.70 -16.30 -53.77
N LYS C 264 1.78 -17.62 -53.96
CA LYS C 264 3.01 -18.24 -54.42
C LYS C 264 3.43 -17.67 -55.77
N ASP C 265 2.47 -17.26 -56.60
CA ASP C 265 2.80 -16.75 -57.92
C ASP C 265 3.41 -15.36 -57.86
N VAL C 266 2.97 -14.53 -56.91
CA VAL C 266 3.39 -13.13 -56.87
C VAL C 266 4.35 -12.81 -55.74
N ALA C 267 4.57 -13.73 -54.80
CA ALA C 267 5.42 -13.44 -53.66
C ALA C 267 6.06 -14.72 -53.15
N LYS C 268 7.14 -14.56 -52.39
CA LYS C 268 7.85 -15.67 -51.76
C LYS C 268 7.59 -15.62 -50.26
N VAL C 269 7.19 -16.75 -49.69
CA VAL C 269 6.83 -16.84 -48.28
C VAL C 269 7.88 -17.66 -47.55
N GLU C 270 8.35 -17.12 -46.42
CA GLU C 270 9.34 -17.80 -45.59
C GLU C 270 9.18 -17.30 -44.17
N ILE C 271 9.72 -18.07 -43.22
CA ILE C 271 9.66 -17.70 -41.81
C ILE C 271 10.93 -16.91 -41.49
N GLY C 272 10.77 -15.60 -41.34
CA GLY C 272 11.87 -14.71 -41.01
C GLY C 272 11.60 -13.94 -39.73
N ALA C 273 12.59 -13.16 -39.33
CA ALA C 273 12.46 -12.34 -38.13
C ALA C 273 11.53 -11.16 -38.36
N GLU C 274 10.98 -10.64 -37.27
CA GLU C 274 10.18 -9.42 -37.36
C GLU C 274 11.04 -8.24 -37.77
N GLN C 275 12.25 -8.14 -37.22
CA GLN C 275 13.11 -6.98 -37.40
C GLN C 275 14.52 -7.44 -37.75
N TYR C 276 15.14 -6.77 -38.72
CA TYR C 276 16.52 -7.03 -39.11
C TYR C 276 17.45 -5.85 -38.79
N ASN C 277 17.01 -4.94 -37.93
CA ASN C 277 17.81 -3.75 -37.66
C ASN C 277 18.99 -4.07 -36.74
N SER C 278 18.86 -5.07 -35.88
CA SER C 278 19.88 -5.41 -34.91
C SER C 278 20.56 -6.72 -35.27
N THR C 279 21.68 -6.98 -34.62
CA THR C 279 22.41 -8.23 -34.75
C THR C 279 23.47 -8.31 -33.67
N GLY C 280 23.59 -9.47 -33.04
CA GLY C 280 24.54 -9.65 -31.97
C GLY C 280 25.64 -10.65 -32.29
N ARG C 281 26.89 -10.24 -32.12
CA ARG C 281 28.03 -11.11 -32.35
C ARG C 281 28.94 -11.12 -31.13
N LEU C 282 29.34 -12.32 -30.70
CA LEU C 282 30.32 -12.51 -29.65
C LEU C 282 31.53 -13.21 -30.25
N ASN C 283 32.70 -12.57 -30.18
CA ASN C 283 33.94 -13.12 -30.71
C ASN C 283 33.81 -13.49 -32.19
N THR C 284 33.24 -12.59 -32.98
CA THR C 284 32.96 -12.79 -34.41
C THR C 284 32.09 -14.00 -34.68
N SER C 285 31.25 -14.39 -33.72
CA SER C 285 30.30 -15.47 -33.89
C SER C 285 28.91 -14.97 -33.51
N ALA C 286 27.91 -15.37 -34.30
CA ALA C 286 26.55 -14.93 -34.06
C ALA C 286 26.10 -15.35 -32.66
N ALA C 287 25.47 -14.41 -31.95
CA ALA C 287 25.08 -14.66 -30.57
C ALA C 287 23.87 -13.81 -30.23
N VAL C 288 23.22 -14.18 -29.13
CA VAL C 288 22.08 -13.43 -28.60
C VAL C 288 22.34 -13.20 -27.11
N PRO C 289 22.54 -11.95 -26.68
CA PRO C 289 22.73 -11.70 -25.25
C PRO C 289 21.43 -11.89 -24.49
N ILE C 290 21.54 -12.20 -23.20
CA ILE C 290 20.36 -12.35 -22.36
C ILE C 290 20.61 -11.58 -21.08
N ILE C 291 19.61 -10.86 -20.59
CA ILE C 291 19.78 -10.06 -19.39
C ILE C 291 18.97 -10.63 -18.23
N ILE C 292 19.55 -10.61 -17.03
CA ILE C 292 18.86 -11.15 -15.87
C ILE C 292 18.86 -10.14 -14.74
N ASN C 293 17.74 -9.43 -14.57
CA ASN C 293 17.64 -8.44 -13.50
C ASN C 293 17.32 -9.13 -12.18
N LEU C 294 18.12 -8.83 -11.16
CA LEU C 294 17.97 -9.48 -9.87
C LEU C 294 16.67 -9.02 -9.21
N GLN C 295 15.88 -9.98 -8.73
CA GLN C 295 14.64 -9.64 -8.04
C GLN C 295 14.93 -8.92 -6.73
N SER C 296 14.05 -8.01 -6.35
CA SER C 296 14.21 -7.28 -5.11
C SER C 296 14.12 -8.22 -3.91
N GLY C 297 14.94 -7.96 -2.89
CA GLY C 297 14.94 -8.78 -1.70
C GLY C 297 15.42 -10.20 -1.91
N ALA C 298 16.49 -10.39 -2.67
CA ALA C 298 17.04 -11.70 -2.93
C ALA C 298 18.55 -11.69 -2.70
N ASN C 299 19.17 -12.85 -2.85
CA ASN C 299 20.60 -13.03 -2.66
C ASN C 299 21.27 -13.12 -4.02
N ALA C 300 22.25 -12.24 -4.26
CA ALA C 300 22.91 -12.20 -5.56
C ALA C 300 23.77 -13.43 -5.80
N VAL C 301 24.52 -13.87 -4.78
CA VAL C 301 25.46 -14.97 -4.97
C VAL C 301 24.71 -16.28 -5.24
N ASN C 302 23.68 -16.57 -4.45
CA ASN C 302 22.91 -17.80 -4.66
C ASN C 302 22.23 -17.78 -6.02
N THR C 303 21.66 -16.64 -6.41
CA THR C 303 21.01 -16.55 -7.71
C THR C 303 22.00 -16.75 -8.84
N ALA C 304 23.19 -16.15 -8.72
CA ALA C 304 24.21 -16.34 -9.76
C ALA C 304 24.64 -17.79 -9.86
N LYS C 305 24.85 -18.45 -8.73
CA LYS C 305 25.22 -19.86 -8.76
C LYS C 305 24.12 -20.71 -9.38
N LEU C 306 22.87 -20.46 -9.01
CA LEU C 306 21.76 -21.21 -9.61
C LEU C 306 21.69 -20.97 -11.11
N ILE C 307 21.90 -19.72 -11.55
CA ILE C 307 21.88 -19.42 -12.98
C ILE C 307 22.98 -20.18 -13.70
N ASN C 308 24.18 -20.22 -13.12
CA ASN C 308 25.28 -20.93 -13.77
C ASN C 308 24.98 -22.43 -13.88
N GLU C 309 24.47 -23.03 -12.80
CA GLU C 309 24.17 -24.46 -12.85
C GLU C 309 23.05 -24.76 -13.84
N LYS C 310 22.02 -23.91 -13.87
CA LYS C 310 20.92 -24.11 -14.82
C LYS C 310 21.41 -23.94 -16.26
N MET C 311 22.31 -22.98 -16.49
CA MET C 311 22.89 -22.83 -17.82
C MET C 311 23.68 -24.06 -18.22
N GLN C 312 24.44 -24.64 -17.29
CA GLN C 312 25.17 -25.85 -17.62
C GLN C 312 24.21 -26.99 -17.96
N GLU C 313 23.14 -27.14 -17.17
CA GLU C 313 22.17 -28.19 -17.42
C GLU C 313 21.51 -28.02 -18.79
N LEU C 314 21.16 -26.78 -19.14
CA LEU C 314 20.57 -26.53 -20.45
C LEU C 314 21.59 -26.74 -21.56
N SER C 315 22.85 -26.41 -21.29
CA SER C 315 23.90 -26.60 -22.30
C SER C 315 24.16 -28.06 -22.57
N LYS C 316 23.82 -28.94 -21.62
CA LYS C 316 23.88 -30.37 -21.92
C LYS C 316 22.95 -30.73 -23.08
N ASN C 317 21.83 -30.01 -23.22
CA ASN C 317 20.86 -30.26 -24.26
C ASN C 317 20.94 -29.25 -25.41
N PHE C 318 22.01 -28.46 -25.47
CA PHE C 318 22.14 -27.47 -26.53
C PHE C 318 22.29 -28.13 -27.89
N PRO C 319 21.79 -27.49 -28.94
CA PRO C 319 22.08 -27.96 -30.30
C PRO C 319 23.56 -27.87 -30.60
N GLN C 320 24.01 -28.71 -31.52
CA GLN C 320 25.42 -28.78 -31.84
C GLN C 320 25.94 -27.42 -32.30
N GLY C 321 27.07 -27.00 -31.72
CA GLY C 321 27.66 -25.72 -32.01
C GLY C 321 27.22 -24.58 -31.13
N LEU C 322 26.18 -24.78 -30.31
CA LEU C 322 25.70 -23.74 -29.41
C LEU C 322 26.42 -23.84 -28.07
N LYS C 323 27.04 -22.74 -27.66
CA LYS C 323 27.75 -22.67 -26.39
C LYS C 323 27.37 -21.37 -25.70
N TYR C 324 27.47 -21.36 -24.37
CA TYR C 324 27.07 -20.23 -23.55
C TYR C 324 28.29 -19.63 -22.87
N GLN C 325 28.19 -18.34 -22.56
CA GLN C 325 29.21 -17.65 -21.78
C GLN C 325 28.54 -16.55 -20.96
N ILE C 326 29.18 -16.17 -19.86
CA ILE C 326 28.67 -15.11 -18.99
C ILE C 326 29.73 -14.02 -18.87
N PRO C 327 29.68 -13.04 -19.78
CA PRO C 327 30.66 -11.96 -19.76
C PRO C 327 30.53 -11.06 -18.55
N TYR C 328 29.31 -10.68 -18.16
CA TYR C 328 29.15 -9.74 -17.06
C TYR C 328 28.40 -10.34 -15.88
N ASP C 329 28.98 -10.24 -14.69
CA ASP C 329 28.35 -10.79 -13.50
C ASP C 329 28.68 -9.96 -12.28
N THR C 330 27.79 -9.04 -11.92
CA THR C 330 28.02 -8.18 -10.76
C THR C 330 28.28 -8.99 -9.50
N THR C 331 28.01 -10.29 -9.53
CA THR C 331 28.28 -11.13 -8.37
C THR C 331 29.78 -11.24 -8.12
N ILE C 332 30.61 -11.07 -9.14
CA ILE C 332 32.06 -11.11 -8.94
C ILE C 332 32.49 -9.97 -8.03
N PHE C 333 31.96 -8.76 -8.26
CA PHE C 333 32.32 -7.62 -7.44
C PHE C 333 31.92 -7.84 -5.98
N VAL C 334 30.69 -8.30 -5.76
CA VAL C 334 30.23 -8.49 -4.38
C VAL C 334 30.98 -9.64 -3.71
N LYS C 335 31.32 -10.70 -4.43
CA LYS C 335 32.10 -11.78 -3.84
C LYS C 335 33.50 -11.31 -3.47
N ALA C 336 34.14 -10.51 -4.33
CA ALA C 336 35.44 -9.95 -4.00
C ALA C 336 35.36 -9.05 -2.78
N SER C 337 34.31 -8.22 -2.71
CA SER C 337 34.16 -7.33 -1.56
C SER C 337 33.92 -8.11 -0.28
N ILE C 338 33.12 -9.19 -0.36
CA ILE C 338 32.87 -10.01 0.83
C ILE C 338 34.16 -10.68 1.29
N LYS C 339 34.94 -11.23 0.34
CA LYS C 339 36.21 -11.83 0.71
C LYS C 339 37.14 -10.80 1.36
N GLU C 340 37.17 -9.58 0.81
CA GLU C 340 38.06 -8.56 1.35
C GLU C 340 37.60 -8.10 2.73
N VAL C 341 36.28 -8.02 2.95
CA VAL C 341 35.78 -7.63 4.27
C VAL C 341 36.09 -8.72 5.29
N ILE C 342 36.01 -10.00 4.88
CA ILE C 342 36.37 -11.07 5.79
C ILE C 342 37.86 -11.01 6.13
N LYS C 343 38.69 -10.77 5.12
CA LYS C 343 40.13 -10.67 5.38
C LYS C 343 40.44 -9.47 6.27
N THR C 344 39.76 -8.34 6.06
CA THR C 344 39.97 -7.18 6.90
C THR C 344 39.56 -7.46 8.34
N PHE C 345 38.43 -8.14 8.54
CA PHE C 345 38.00 -8.50 9.88
C PHE C 345 39.01 -9.41 10.56
N VAL C 346 39.50 -10.42 9.84
CA VAL C 346 40.48 -11.34 10.42
C VAL C 346 41.77 -10.63 10.77
N GLU C 347 42.25 -9.76 9.87
CA GLU C 347 43.47 -9.02 10.13
C GLU C 347 43.31 -8.08 11.31
N ALA C 348 42.16 -7.42 11.40
CA ALA C 348 41.92 -6.51 12.53
C ALA C 348 41.86 -7.27 13.84
N LEU C 349 41.21 -8.44 13.86
CA LEU C 349 41.16 -9.24 15.08
C LEU C 349 42.55 -9.72 15.48
N ALA C 350 43.34 -10.18 14.50
CA ALA C 350 44.71 -10.61 14.80
C ALA C 350 45.55 -9.46 15.32
N LEU C 351 45.41 -8.27 14.71
CA LEU C 351 46.15 -7.12 15.18
C LEU C 351 45.73 -6.71 16.59
N VAL C 352 44.43 -6.84 16.90
CA VAL C 352 43.96 -6.53 18.25
C VAL C 352 44.59 -7.49 19.24
N LEU C 353 44.60 -8.79 18.91
CA LEU C 353 45.22 -9.77 19.80
C LEU C 353 46.69 -9.45 20.00
N VAL C 354 47.40 -9.10 18.92
CA VAL C 354 48.83 -8.83 19.02
C VAL C 354 49.09 -7.57 19.85
N VAL C 355 48.33 -6.50 19.60
CA VAL C 355 48.59 -5.24 20.30
C VAL C 355 48.26 -5.38 21.79
N MET C 356 47.23 -6.15 22.12
CA MET C 356 46.90 -6.34 23.52
C MET C 356 47.86 -7.31 24.22
N TYR C 357 48.36 -8.32 23.52
CA TYR C 357 49.47 -9.11 24.06
C TYR C 357 50.75 -8.31 24.24
N LEU C 358 50.98 -7.30 23.41
CA LEU C 358 52.19 -6.50 23.56
C LEU C 358 52.07 -5.53 24.73
N PHE C 359 51.07 -4.64 24.69
CA PHE C 359 50.95 -3.64 25.76
C PHE C 359 50.48 -4.26 27.07
N LEU C 360 49.42 -5.07 27.04
CA LEU C 360 48.90 -5.59 28.30
C LEU C 360 49.73 -6.74 28.86
N LYS C 361 50.54 -7.40 28.03
CA LYS C 361 51.47 -8.44 28.46
C LYS C 361 50.77 -9.65 29.09
N ASN C 362 49.51 -9.89 28.75
CA ASN C 362 48.75 -11.01 29.29
C ASN C 362 48.12 -11.81 28.16
N PHE C 363 48.13 -13.13 28.31
CA PHE C 363 47.61 -14.02 27.27
C PHE C 363 46.12 -14.31 27.45
N LYS C 364 45.67 -14.47 28.69
CA LYS C 364 44.26 -14.78 28.92
C LYS C 364 43.38 -13.59 28.54
N SER C 365 43.95 -12.38 28.49
CA SER C 365 43.18 -11.20 28.14
C SER C 365 42.82 -11.16 26.66
N THR C 366 43.57 -11.86 25.81
CA THR C 366 43.31 -11.79 24.37
C THR C 366 41.96 -12.39 24.01
N ILE C 367 41.41 -13.26 24.87
CA ILE C 367 40.15 -13.92 24.55
C ILE C 367 39.00 -12.91 24.56
N ILE C 368 39.11 -11.86 25.39
CA ILE C 368 38.00 -10.94 25.57
C ILE C 368 37.59 -10.25 24.28
N PRO C 369 38.50 -9.64 23.51
CA PRO C 369 38.07 -9.12 22.19
C PRO C 369 37.54 -10.22 21.29
N MET C 370 38.13 -11.41 21.34
CA MET C 370 37.77 -12.50 20.45
C MET C 370 36.29 -12.87 20.57
N ILE C 371 35.70 -12.61 21.73
CA ILE C 371 34.28 -12.86 21.90
C ILE C 371 33.49 -11.57 21.71
N ALA C 372 34.01 -10.45 22.24
CA ALA C 372 33.26 -9.21 22.25
C ALA C 372 33.00 -8.69 20.83
N VAL C 373 34.03 -8.70 19.98
CA VAL C 373 33.88 -8.15 18.63
C VAL C 373 32.86 -8.94 17.79
N PRO C 374 32.98 -10.27 17.65
CA PRO C 374 32.00 -10.99 16.81
C PRO C 374 30.57 -10.83 17.28
N VAL C 375 30.35 -10.76 18.59
CA VAL C 375 28.99 -10.60 19.10
C VAL C 375 28.39 -9.29 18.62
N SER C 376 29.16 -8.20 18.70
CA SER C 376 28.64 -6.90 18.29
C SER C 376 28.45 -6.84 16.78
N LEU C 377 29.37 -7.44 16.00
CA LEU C 377 29.14 -7.49 14.56
C LEU C 377 27.89 -8.29 14.21
N LEU C 378 27.66 -9.41 14.89
CA LEU C 378 26.45 -10.18 14.63
C LEU C 378 25.20 -9.38 15.01
N GLY C 379 25.25 -8.67 16.14
CA GLY C 379 24.13 -7.81 16.49
C GLY C 379 23.88 -6.74 15.44
N THR C 380 24.96 -6.17 14.90
CA THR C 380 24.82 -5.19 13.83
C THR C 380 24.15 -5.81 12.62
N PHE C 381 24.55 -7.03 12.26
CA PHE C 381 23.89 -7.73 11.15
C PHE C 381 22.41 -7.92 11.43
N ALA C 382 22.07 -8.35 12.64
CA ALA C 382 20.67 -8.61 12.96
C ALA C 382 19.83 -7.34 12.88
N VAL C 383 20.31 -6.26 13.48
CA VAL C 383 19.55 -5.01 13.47
C VAL C 383 19.49 -4.45 12.05
N LEU C 384 20.55 -4.63 11.27
CA LEU C 384 20.52 -4.23 9.87
C LEU C 384 19.43 -4.98 9.11
N TYR C 385 19.32 -6.29 9.34
CA TYR C 385 18.27 -7.07 8.69
C TYR C 385 16.88 -6.65 9.16
N VAL C 386 16.73 -6.31 10.44
CA VAL C 386 15.44 -5.86 10.94
C VAL C 386 15.02 -4.57 10.23
N LEU C 387 15.94 -3.63 10.06
CA LEU C 387 15.62 -2.38 9.39
C LEU C 387 15.37 -2.59 7.90
N GLY C 388 15.68 -3.77 7.38
CA GLY C 388 15.47 -4.07 5.98
C GLY C 388 16.63 -3.72 5.07
N PHE C 389 17.76 -3.28 5.62
CA PHE C 389 18.90 -2.94 4.79
C PHE C 389 19.47 -4.19 4.13
N SER C 390 20.10 -3.99 2.98
CA SER C 390 20.61 -5.09 2.17
C SER C 390 22.13 -5.06 2.13
N ILE C 391 22.73 -6.24 2.00
CA ILE C 391 24.18 -6.34 1.86
C ILE C 391 24.58 -5.84 0.48
N ASN C 392 25.50 -4.88 0.44
CA ASN C 392 25.97 -4.32 -0.82
C ASN C 392 27.38 -3.80 -0.59
N LEU C 393 27.99 -3.30 -1.67
CA LEU C 393 29.37 -2.84 -1.57
C LEU C 393 29.48 -1.68 -0.57
N LEU C 394 28.54 -0.73 -0.63
CA LEU C 394 28.57 0.37 0.34
C LEU C 394 28.42 -0.14 1.77
N THR C 395 27.53 -1.10 1.98
CA THR C 395 27.35 -1.67 3.31
C THR C 395 28.61 -2.38 3.78
N LEU C 396 29.30 -3.09 2.86
CA LEU C 396 30.53 -3.77 3.25
C LEU C 396 31.64 -2.78 3.58
N PHE C 397 31.71 -1.67 2.83
CA PHE C 397 32.66 -0.61 3.18
C PHE C 397 32.36 -0.07 4.58
N ALA C 398 31.08 0.17 4.87
CA ALA C 398 30.72 0.69 6.18
C ALA C 398 30.99 -0.33 7.28
N LEU C 399 30.90 -1.62 6.94
CA LEU C 399 31.29 -2.66 7.89
C LEU C 399 32.78 -2.62 8.18
N VAL C 400 33.59 -2.43 7.13
CA VAL C 400 35.02 -2.22 7.33
C VAL C 400 35.25 -1.05 8.27
N LEU C 401 34.47 0.01 8.10
CA LEU C 401 34.56 1.15 9.01
C LEU C 401 34.21 0.75 10.44
N ALA C 402 33.05 0.12 10.63
CA ALA C 402 32.53 -0.25 11.95
C ALA C 402 33.44 -1.22 12.70
N ILE C 403 34.27 -1.97 11.98
CA ILE C 403 35.25 -2.83 12.64
C ILE C 403 36.09 -2.00 13.60
N GLY C 404 36.54 -0.82 13.16
CA GLY C 404 37.34 0.03 14.02
C GLY C 404 36.61 0.49 15.26
N ILE C 405 35.34 0.88 15.11
CA ILE C 405 34.56 1.31 16.26
C ILE C 405 34.47 0.19 17.29
N VAL C 406 34.15 -1.02 16.83
CA VAL C 406 33.95 -2.13 17.76
C VAL C 406 35.26 -2.49 18.45
N VAL C 407 36.36 -2.57 17.69
CA VAL C 407 37.62 -2.97 18.31
C VAL C 407 38.06 -1.89 19.28
N ASP C 408 37.86 -0.62 18.93
CA ASP C 408 38.26 0.46 19.82
C ASP C 408 37.48 0.43 21.13
N ASP C 409 36.17 0.16 21.06
CA ASP C 409 35.39 0.05 22.29
C ASP C 409 35.91 -1.07 23.19
N ALA C 410 36.20 -2.24 22.58
CA ALA C 410 36.75 -3.34 23.36
C ALA C 410 38.09 -2.94 23.99
N ILE C 411 38.93 -2.25 23.22
CA ILE C 411 40.22 -1.78 23.74
C ILE C 411 40.03 -0.88 24.94
N ILE C 412 39.14 0.11 24.84
CA ILE C 412 38.97 1.01 25.98
C ILE C 412 38.54 0.24 27.21
N VAL C 413 37.55 -0.63 27.09
CA VAL C 413 37.05 -1.32 28.27
C VAL C 413 38.16 -2.18 28.89
N VAL C 414 38.81 -3.02 28.08
CA VAL C 414 39.79 -3.96 28.62
C VAL C 414 40.99 -3.21 29.18
N GLU C 415 41.43 -2.15 28.49
CA GLU C 415 42.58 -1.39 28.96
C GLU C 415 42.27 -0.70 30.28
N ASN C 416 41.05 -0.18 30.43
CA ASN C 416 40.69 0.43 31.71
C ASN C 416 40.71 -0.61 32.83
N ILE C 417 40.17 -1.80 32.56
CA ILE C 417 40.21 -2.85 33.59
C ILE C 417 41.66 -3.15 33.98
N ASP C 418 42.54 -3.31 32.99
CA ASP C 418 43.92 -3.64 33.29
C ASP C 418 44.63 -2.51 34.04
N ARG C 419 44.36 -1.26 33.63
CA ARG C 419 45.01 -0.12 34.28
C ARG C 419 44.60 -0.03 35.74
N ILE C 420 43.31 -0.22 36.04
CA ILE C 420 42.89 -0.18 37.43
C ILE C 420 43.44 -1.38 38.19
N LEU C 421 43.50 -2.56 37.56
CA LEU C 421 44.10 -3.72 38.22
C LEU C 421 45.55 -3.49 38.58
N HIS C 422 46.32 -2.81 37.72
CA HIS C 422 47.72 -2.55 38.01
C HIS C 422 47.95 -1.31 38.85
N GLU C 423 46.94 -0.45 39.02
CA GLU C 423 47.10 0.68 39.93
C GLU C 423 47.15 0.24 41.38
N ASP C 424 46.32 -0.71 41.77
CA ASP C 424 46.28 -1.20 43.15
C ASP C 424 46.54 -2.69 43.15
N SER C 425 47.47 -3.13 44.01
CA SER C 425 47.72 -4.56 44.17
C SER C 425 46.62 -5.22 44.99
N ASN C 426 46.07 -4.49 45.96
CA ASN C 426 45.06 -5.06 46.85
C ASN C 426 43.75 -5.31 46.14
N ILE C 427 43.44 -4.49 45.12
CA ILE C 427 42.14 -4.58 44.47
C ILE C 427 42.01 -5.91 43.75
N SER C 428 40.79 -6.46 43.74
CA SER C 428 40.52 -7.72 43.08
C SER C 428 40.07 -7.47 41.64
N VAL C 429 40.08 -8.54 40.85
CA VAL C 429 39.73 -8.42 39.43
C VAL C 429 38.29 -7.94 39.27
N LYS C 430 37.37 -8.51 40.03
CA LYS C 430 35.98 -8.06 39.96
C LYS C 430 35.84 -6.63 40.47
N ASP C 431 36.54 -6.29 41.55
CA ASP C 431 36.45 -4.94 42.08
C ASP C 431 37.09 -3.93 41.13
N ALA C 432 38.22 -4.29 40.51
CA ALA C 432 38.81 -3.41 39.51
C ALA C 432 37.86 -3.22 38.33
N ALA C 433 37.22 -4.30 37.89
CA ALA C 433 36.27 -4.20 36.79
C ALA C 433 35.10 -3.30 37.13
N ILE C 434 34.53 -3.45 38.33
CA ILE C 434 33.38 -2.63 38.70
C ILE C 434 33.79 -1.18 38.87
N LYS C 435 35.00 -0.92 39.40
CA LYS C 435 35.46 0.45 39.51
C LYS C 435 35.65 1.09 38.15
N ALA C 436 36.27 0.37 37.21
CA ALA C 436 36.45 0.91 35.86
C ALA C 436 35.11 1.16 35.19
N MET C 437 34.17 0.23 35.35
CA MET C 437 32.85 0.40 34.75
C MET C 437 32.12 1.59 35.36
N ASN C 438 32.26 1.79 36.68
CA ASN C 438 31.67 2.96 37.30
C ASN C 438 32.29 4.24 36.75
N GLU C 439 33.61 4.21 36.49
CA GLU C 439 34.27 5.39 35.93
C GLU C 439 33.77 5.70 34.53
N VAL C 440 33.64 4.68 33.66
CA VAL C 440 33.40 4.96 32.24
C VAL C 440 32.03 4.49 31.75
N SER C 441 31.04 4.32 32.64
CA SER C 441 29.70 3.97 32.18
C SER C 441 29.04 5.14 31.47
N SER C 442 28.81 6.23 32.19
CA SER C 442 28.21 7.40 31.57
C SER C 442 29.03 7.94 30.40
N PRO C 443 30.37 7.96 30.44
CA PRO C 443 31.10 8.35 29.22
C PRO C 443 30.73 7.52 28.01
N VAL C 444 30.62 6.20 28.14
CA VAL C 444 30.33 5.36 26.98
C VAL C 444 28.96 5.69 26.40
N ILE C 445 27.97 5.89 27.27
CA ILE C 445 26.65 6.30 26.81
C ILE C 445 26.74 7.64 26.09
N SER C 446 27.57 8.56 26.62
CA SER C 446 27.74 9.84 25.97
C SER C 446 28.36 9.70 24.58
N ILE C 447 29.38 8.85 24.42
CA ILE C 447 29.94 8.62 23.09
C ILE C 447 28.90 8.01 22.16
N VAL C 448 28.14 7.04 22.65
CA VAL C 448 27.16 6.39 21.78
C VAL C 448 26.13 7.41 21.28
N LEU C 449 25.59 8.23 22.19
CA LEU C 449 24.62 9.23 21.80
C LEU C 449 25.23 10.29 20.88
N VAL C 450 26.46 10.71 21.18
CA VAL C 450 27.12 11.72 20.36
C VAL C 450 27.34 11.20 18.95
N LEU C 451 27.82 9.95 18.82
CA LEU C 451 28.07 9.40 17.50
C LEU C 451 26.77 9.21 16.72
N CYS C 452 25.71 8.78 17.40
CA CYS C 452 24.44 8.65 16.71
C CYS C 452 23.94 10.02 16.23
N ALA C 453 24.09 11.05 17.07
CA ALA C 453 23.64 12.38 16.70
C ALA C 453 24.52 12.98 15.60
N VAL C 454 25.77 12.52 15.49
CA VAL C 454 26.62 12.93 14.38
C VAL C 454 26.18 12.24 13.09
N PHE C 455 25.88 10.94 13.17
CA PHE C 455 25.60 10.18 11.95
C PHE C 455 24.20 10.48 11.40
N ILE C 456 23.25 10.82 12.26
CA ILE C 456 21.87 11.01 11.83
C ILE C 456 21.71 12.10 10.77
N PRO C 457 22.28 13.31 10.93
CA PRO C 457 22.07 14.34 9.90
C PRO C 457 22.55 13.92 8.52
N VAL C 458 23.59 13.10 8.44
CA VAL C 458 24.07 12.62 7.16
C VAL C 458 22.99 11.81 6.46
N SER C 459 22.23 11.02 7.22
CA SER C 459 21.12 10.27 6.63
C SER C 459 20.03 11.19 6.09
N PHE C 460 19.86 12.36 6.71
CA PHE C 460 18.81 13.27 6.29
C PHE C 460 19.10 13.88 4.93
N ILE C 461 20.36 13.85 4.50
CA ILE C 461 20.73 14.45 3.22
C ILE C 461 20.05 13.70 2.08
N SER C 462 19.46 14.46 1.16
CA SER C 462 18.71 13.91 0.04
C SER C 462 19.62 13.74 -1.17
N GLY C 463 19.08 13.19 -2.26
CA GLY C 463 19.85 12.92 -3.45
C GLY C 463 20.45 11.52 -3.45
N PHE C 464 21.01 11.15 -4.60
CA PHE C 464 21.70 9.87 -4.70
C PHE C 464 22.93 9.85 -3.79
N VAL C 465 23.69 10.94 -3.77
CA VAL C 465 24.80 11.05 -2.83
C VAL C 465 24.28 11.03 -1.40
N GLY C 466 23.10 11.61 -1.18
CA GLY C 466 22.51 11.56 0.15
C GLY C 466 22.19 10.15 0.59
N GLU C 467 21.66 9.32 -0.32
CA GLU C 467 21.34 7.94 0.02
C GLU C 467 22.61 7.12 0.23
N ILE C 468 23.64 7.37 -0.60
CA ILE C 468 24.91 6.68 -0.40
C ILE C 468 25.50 7.03 0.95
N GLN C 469 25.43 8.31 1.32
CA GLN C 469 25.82 8.73 2.67
C GLN C 469 24.98 8.05 3.74
N ARG C 470 23.67 7.93 3.49
CA ARG C 470 22.76 7.37 4.49
C ARG C 470 23.12 5.93 4.80
N GLN C 471 23.46 5.15 3.78
CA GLN C 471 23.87 3.77 4.03
C GLN C 471 25.03 3.70 5.03
N PHE C 472 26.15 4.34 4.70
CA PHE C 472 27.31 4.34 5.58
C PHE C 472 26.95 4.83 6.97
N ALA C 473 26.27 5.99 7.05
CA ALA C 473 26.00 6.59 8.35
C ALA C 473 25.09 5.72 9.19
N LEU C 474 24.07 5.11 8.59
CA LEU C 474 23.11 4.34 9.37
C LEU C 474 23.72 3.04 9.88
N THR C 475 24.47 2.33 9.03
CA THR C 475 25.12 1.13 9.54
C THR C 475 26.19 1.48 10.56
N LEU C 476 26.88 2.61 10.37
CA LEU C 476 27.86 3.05 11.36
C LEU C 476 27.20 3.33 12.70
N ALA C 477 26.06 4.03 12.69
CA ALA C 477 25.34 4.32 13.92
C ALA C 477 24.82 3.05 14.60
N ILE C 478 24.28 2.13 13.81
CA ILE C 478 23.85 0.84 14.35
C ILE C 478 25.01 0.15 15.05
N SER C 479 26.16 0.10 14.39
CA SER C 479 27.32 -0.60 14.93
C SER C 479 27.83 0.08 16.19
N VAL C 480 27.90 1.41 16.22
CA VAL C 480 28.45 2.07 17.40
C VAL C 480 27.50 1.89 18.58
N ALA C 481 26.19 1.99 18.34
CA ALA C 481 25.25 1.78 19.43
C ALA C 481 25.36 0.38 20.00
N ILE C 482 25.40 -0.63 19.13
CA ILE C 482 25.44 -2.00 19.62
C ILE C 482 26.78 -2.29 20.28
N SER C 483 27.87 -1.75 19.73
CA SER C 483 29.18 -1.93 20.35
C SER C 483 29.26 -1.26 21.70
N GLY C 484 28.63 -0.09 21.85
CA GLY C 484 28.57 0.55 23.15
C GLY C 484 27.81 -0.28 24.16
N PHE C 485 26.66 -0.83 23.76
CA PHE C 485 25.92 -1.71 24.66
C PHE C 485 26.74 -2.94 25.04
N VAL C 486 27.43 -3.54 24.07
CA VAL C 486 28.23 -4.73 24.34
C VAL C 486 29.37 -4.41 25.28
N ALA C 487 30.10 -3.32 25.02
CA ALA C 487 31.18 -2.92 25.90
C ALA C 487 30.66 -2.55 27.28
N LEU C 488 29.42 -2.10 27.36
CA LEU C 488 28.84 -1.76 28.65
C LEU C 488 28.48 -3.00 29.46
N THR C 489 28.02 -4.06 28.78
CA THR C 489 27.43 -5.19 29.48
C THR C 489 28.29 -6.45 29.42
N LEU C 490 28.62 -6.94 28.23
CA LEU C 490 29.27 -8.24 28.10
C LEU C 490 30.77 -8.14 28.38
N THR C 491 31.42 -7.12 27.83
CA THR C 491 32.87 -7.00 27.97
C THR C 491 33.35 -6.93 29.42
N PRO C 492 32.74 -6.16 30.33
CA PRO C 492 33.26 -6.15 31.71
C PRO C 492 33.23 -7.50 32.39
N SER C 493 32.19 -8.31 32.14
CA SER C 493 32.12 -9.62 32.78
C SER C 493 33.26 -10.53 32.32
N LEU C 494 33.50 -10.57 31.00
CA LEU C 494 34.60 -11.35 30.48
C LEU C 494 35.94 -10.80 30.97
N SER C 495 36.02 -9.48 31.14
CA SER C 495 37.24 -8.88 31.68
C SER C 495 37.49 -9.36 33.10
N ALA C 496 36.45 -9.37 33.94
CA ALA C 496 36.61 -9.82 35.32
C ALA C 496 36.97 -11.30 35.38
N LEU C 497 36.38 -12.09 34.48
CA LEU C 497 36.66 -13.53 34.49
C LEU C 497 38.07 -13.83 34.01
N PHE C 498 38.36 -13.47 32.75
CA PHE C 498 39.59 -13.93 32.12
C PHE C 498 40.82 -13.21 32.67
N LEU C 499 40.74 -11.89 32.84
CA LEU C 499 41.89 -11.14 33.35
C LEU C 499 42.23 -11.58 34.77
N THR C 500 43.54 -11.68 35.02
CA THR C 500 44.05 -12.01 36.35
C THR C 500 45.19 -11.04 36.65
N ARG C 501 45.85 -11.24 37.79
CA ARG C 501 47.03 -10.49 38.16
C ARG C 501 48.25 -11.22 37.62
N ASN C 502 48.93 -10.61 36.65
CA ASN C 502 50.06 -11.26 36.00
C ASN C 502 51.15 -11.58 37.00
N GLU C 503 51.65 -12.81 36.97
CA GLU C 503 52.69 -13.24 37.90
C GLU C 503 54.07 -12.89 37.35
N SER C 504 54.27 -11.64 36.98
CA SER C 504 55.55 -11.13 36.46
C SER C 504 55.93 -11.99 35.26
N LYS C 505 57.13 -12.61 35.26
CA LYS C 505 57.68 -13.43 34.18
C LYS C 505 57.44 -12.85 32.79
N PRO C 506 57.69 -11.55 32.57
CA PRO C 506 57.42 -10.98 31.25
C PRO C 506 58.46 -11.43 30.24
N PHE C 507 58.00 -11.69 29.02
CA PHE C 507 58.91 -12.04 27.94
C PHE C 507 59.83 -10.86 27.62
N TYR C 508 61.06 -11.18 27.21
CA TYR C 508 62.06 -10.14 27.01
C TYR C 508 61.63 -9.15 25.94
N PHE C 509 60.92 -9.62 24.92
CA PHE C 509 60.43 -8.72 23.89
C PHE C 509 59.30 -7.84 24.41
N ILE C 510 58.33 -8.44 25.10
CA ILE C 510 57.21 -7.66 25.61
C ILE C 510 57.68 -6.74 26.74
N GLN C 511 58.73 -7.14 27.46
CA GLN C 511 59.28 -6.25 28.47
C GLN C 511 60.00 -5.06 27.83
N LYS C 512 60.84 -5.32 26.83
CA LYS C 512 61.55 -4.24 26.15
C LYS C 512 60.57 -3.28 25.49
N PHE C 513 59.54 -3.81 24.85
CA PHE C 513 58.51 -2.96 24.26
C PHE C 513 57.79 -2.17 25.34
N ASN C 514 57.61 -2.77 26.53
CA ASN C 514 56.99 -2.06 27.64
C ASN C 514 57.83 -0.88 28.09
N ASP C 515 59.15 -1.07 28.20
CA ASP C 515 60.01 0.05 28.58
C ASP C 515 60.02 1.12 27.49
N PHE C 516 60.01 0.71 26.23
CA PHE C 516 59.95 1.68 25.14
C PHE C 516 58.67 2.50 25.22
N PHE C 517 57.54 1.86 25.48
CA PHE C 517 56.28 2.58 25.58
C PHE C 517 56.26 3.48 26.82
N ASP C 518 56.87 3.04 27.91
CA ASP C 518 56.99 3.90 29.09
C ASP C 518 57.83 5.14 28.79
N TRP C 519 58.94 4.98 28.08
CA TRP C 519 59.74 6.12 27.68
C TRP C 519 58.95 7.07 26.77
N SER C 520 58.18 6.50 25.84
CA SER C 520 57.36 7.33 24.96
C SER C 520 56.29 8.07 25.75
N THR C 521 55.70 7.41 26.75
CA THR C 521 54.71 8.07 27.59
C THR C 521 55.33 9.22 28.38
N SER C 522 56.54 9.01 28.91
CA SER C 522 57.23 10.09 29.63
C SER C 522 57.54 11.25 28.69
N VAL C 523 57.98 10.95 27.46
CA VAL C 523 58.26 12.00 26.49
C VAL C 523 57.00 12.77 26.16
N PHE C 524 55.88 12.06 25.98
CA PHE C 524 54.62 12.73 25.69
C PHE C 524 54.17 13.60 26.85
N SER C 525 54.36 13.13 28.08
CA SER C 525 54.03 13.94 29.25
C SER C 525 54.87 15.21 29.28
N SER C 526 56.17 15.09 28.98
CA SER C 526 57.02 16.27 28.91
C SER C 526 56.52 17.23 27.84
N GLY C 527 56.14 16.71 26.67
CA GLY C 527 55.67 17.57 25.60
C GLY C 527 54.36 18.26 25.95
N VAL C 528 53.44 17.54 26.59
CA VAL C 528 52.16 18.15 26.95
C VAL C 528 52.36 19.19 28.05
N ALA C 529 53.31 18.96 28.97
CA ALA C 529 53.65 20.00 29.93
C ALA C 529 54.21 21.22 29.23
N TYR C 530 55.06 21.00 28.22
CA TYR C 530 55.62 22.09 27.44
C TYR C 530 54.52 22.92 26.77
N ILE C 531 53.57 22.25 26.13
CA ILE C 531 52.53 22.97 25.41
C ILE C 531 51.57 23.66 26.39
N LEU C 532 51.37 23.06 27.56
CA LEU C 532 50.53 23.71 28.57
C LEU C 532 51.20 24.98 29.09
N LYS C 533 52.50 24.93 29.34
CA LYS C 533 53.20 26.14 29.78
C LYS C 533 53.17 27.21 28.71
N ARG C 534 53.28 26.82 27.44
CA ARG C 534 53.15 27.78 26.33
C ARG C 534 51.74 27.70 25.74
N THR C 535 50.82 28.39 26.42
CA THR C 535 49.40 28.20 26.16
C THR C 535 48.85 29.06 25.03
N ILE C 536 49.57 30.08 24.57
CA ILE C 536 49.05 30.98 23.54
C ILE C 536 49.62 30.65 22.18
N ARG C 537 50.91 30.33 22.14
CA ARG C 537 51.55 29.97 20.87
C ARG C 537 50.84 28.80 20.22
N PHE C 538 50.44 27.80 21.01
CA PHE C 538 49.89 26.59 20.44
C PHE C 538 48.45 26.77 19.98
N VAL C 539 47.67 27.62 20.67
CA VAL C 539 46.34 27.90 20.14
C VAL C 539 46.43 28.73 18.86
N LEU C 540 47.41 29.65 18.78
CA LEU C 540 47.65 30.32 17.51
C LEU C 540 48.06 29.33 16.42
N VAL C 541 48.87 28.33 16.77
CA VAL C 541 49.24 27.29 15.82
C VAL C 541 48.00 26.51 15.38
N PHE C 542 47.06 26.28 16.31
CA PHE C 542 45.82 25.60 15.95
C PHE C 542 45.00 26.43 14.97
N CYS C 543 44.95 27.74 15.16
CA CYS C 543 44.29 28.60 14.19
C CYS C 543 44.99 28.53 12.83
N ILE C 544 46.31 28.53 12.83
CA ILE C 544 47.06 28.37 11.58
C ILE C 544 46.71 27.04 10.94
N MET C 545 46.53 25.99 11.74
CA MET C 545 46.25 24.67 11.20
C MET C 545 44.85 24.60 10.58
N ILE C 546 43.87 25.24 11.21
CA ILE C 546 42.53 25.22 10.60
C ILE C 546 42.52 26.08 9.33
N GLY C 547 43.31 27.16 9.30
CA GLY C 547 43.50 27.87 8.05
C GLY C 547 44.11 26.99 6.97
N PHE C 548 45.09 26.18 7.35
CA PHE C 548 45.67 25.22 6.41
C PHE C 548 44.65 24.17 5.99
N ILE C 549 43.72 23.84 6.88
CA ILE C 549 42.62 22.95 6.52
C ILE C 549 41.81 23.57 5.39
N ALA C 550 41.47 24.85 5.54
CA ALA C 550 40.73 25.54 4.49
C ALA C 550 41.51 25.55 3.18
N TYR C 551 42.82 25.84 3.25
CA TYR C 551 43.64 25.85 2.05
C TYR C 551 43.67 24.48 1.39
N LEU C 552 43.86 23.42 2.17
CA LEU C 552 43.95 22.07 1.61
C LEU C 552 42.62 21.63 1.02
N PHE C 553 41.51 22.03 1.64
CA PHE C 553 40.20 21.73 1.07
C PHE C 553 40.02 22.46 -0.26
N LYS C 554 40.47 23.72 -0.32
CA LYS C 554 40.34 24.47 -1.57
C LYS C 554 41.18 23.87 -2.69
N ILE C 555 42.42 23.48 -2.38
CA ILE C 555 43.31 23.00 -3.43
C ILE C 555 42.89 21.62 -3.95
N VAL C 556 42.30 20.78 -3.10
CA VAL C 556 41.96 19.41 -3.50
C VAL C 556 40.81 19.44 -4.50
N PRO C 557 40.85 18.62 -5.54
CA PRO C 557 39.71 18.52 -6.45
C PRO C 557 38.55 17.80 -5.79
N SER C 558 37.34 18.10 -6.28
CA SER C 558 36.12 17.48 -5.77
C SER C 558 35.43 16.72 -6.90
N SER C 559 35.27 15.41 -6.70
CA SER C 559 34.57 14.56 -7.65
C SER C 559 33.62 13.65 -6.89
N LEU C 560 32.60 13.14 -7.58
CA LEU C 560 31.57 12.37 -6.89
C LEU C 560 32.04 10.94 -6.62
N VAL C 561 32.48 10.23 -7.64
CA VAL C 561 32.89 8.82 -7.49
C VAL C 561 34.14 8.55 -8.30
N PRO C 562 35.16 7.91 -7.72
CA PRO C 562 36.38 7.63 -8.49
C PRO C 562 36.13 6.60 -9.57
N SER C 563 36.91 6.70 -10.65
CA SER C 563 36.80 5.75 -11.75
C SER C 563 37.52 4.45 -11.40
N GLU C 564 36.81 3.34 -11.57
CA GLU C 564 37.33 2.02 -11.23
C GLU C 564 37.17 1.08 -12.41
N ASP C 565 38.19 0.25 -12.63
CA ASP C 565 38.13 -0.78 -13.65
C ASP C 565 37.05 -1.80 -13.30
N GLN C 566 36.04 -1.93 -14.16
CA GLN C 566 34.96 -2.89 -13.97
C GLN C 566 35.23 -4.21 -14.70
N GLY C 567 36.42 -4.36 -15.28
CA GLY C 567 36.81 -5.62 -15.87
C GLY C 567 36.34 -5.83 -17.30
N VAL C 568 35.57 -4.88 -17.83
CA VAL C 568 35.15 -4.89 -19.23
C VAL C 568 35.27 -3.47 -19.76
N ILE C 569 35.33 -3.30 -21.07
CA ILE C 569 35.53 -1.97 -21.65
C ILE C 569 34.48 -1.66 -22.71
N MET C 570 33.62 -0.69 -22.43
CA MET C 570 32.55 -0.36 -23.35
C MET C 570 33.06 0.41 -24.55
N SER C 571 32.86 -0.14 -25.75
CA SER C 571 33.26 0.57 -26.95
C SER C 571 32.04 1.02 -27.72
N ILE C 572 31.97 2.32 -28.01
CA ILE C 572 30.84 2.85 -28.75
C ILE C 572 31.27 3.21 -30.16
N ILE C 573 30.70 2.54 -31.14
CA ILE C 573 31.06 2.80 -32.53
C ILE C 573 29.93 3.50 -33.26
N ASN C 574 30.24 4.65 -33.85
CA ASN C 574 29.23 5.43 -34.56
C ASN C 574 29.74 5.74 -35.95
N LEU C 575 29.14 5.12 -36.95
CA LEU C 575 29.39 5.45 -38.35
C LEU C 575 28.68 6.74 -38.70
N PRO C 576 29.00 7.36 -39.84
CA PRO C 576 28.30 8.57 -40.24
C PRO C 576 26.80 8.32 -40.33
N SER C 577 26.03 9.38 -40.03
CA SER C 577 24.59 9.27 -39.90
C SER C 577 23.96 8.69 -41.16
N GLY C 578 23.09 7.70 -40.97
CA GLY C 578 22.43 7.05 -42.08
C GLY C 578 23.21 5.93 -42.74
N SER C 579 24.37 5.56 -42.20
CA SER C 579 25.15 4.49 -42.80
C SER C 579 24.42 3.16 -42.66
N SER C 580 24.58 2.31 -43.67
CA SER C 580 23.88 1.03 -43.69
C SER C 580 24.44 0.09 -42.62
N ILE C 581 23.63 -0.91 -42.26
CA ILE C 581 24.03 -1.84 -41.21
C ILE C 581 25.20 -2.72 -41.65
N HIS C 582 25.25 -3.07 -42.93
CA HIS C 582 26.33 -3.95 -43.39
C HIS C 582 27.70 -3.28 -43.24
N ARG C 583 27.77 -1.97 -43.49
CA ARG C 583 29.01 -1.25 -43.26
C ARG C 583 29.37 -1.27 -41.78
N THR C 584 28.38 -1.11 -40.90
CA THR C 584 28.65 -1.18 -39.46
C THR C 584 29.15 -2.56 -39.05
N ILE C 585 28.58 -3.61 -39.63
CA ILE C 585 29.04 -4.96 -39.35
C ILE C 585 30.47 -5.18 -39.83
N GLU C 586 30.82 -4.69 -41.02
CA GLU C 586 32.20 -4.78 -41.46
C GLU C 586 33.12 -4.03 -40.52
N GLU C 587 32.72 -2.82 -40.09
CA GLU C 587 33.53 -2.04 -39.16
C GLU C 587 33.76 -2.80 -37.86
N VAL C 588 32.69 -3.31 -37.25
CA VAL C 588 32.85 -3.99 -35.96
C VAL C 588 33.60 -5.30 -36.11
N ASP C 589 33.49 -5.96 -37.26
CA ASP C 589 34.33 -7.12 -37.52
C ASP C 589 35.81 -6.76 -37.52
N THR C 590 36.16 -5.68 -38.23
CA THR C 590 37.54 -5.20 -38.17
C THR C 590 37.92 -4.78 -36.75
N ILE C 591 36.96 -4.24 -36.01
CA ILE C 591 37.24 -3.76 -34.65
C ILE C 591 37.65 -4.95 -33.78
N ASN C 592 36.84 -6.00 -33.80
CA ASN C 592 37.13 -7.19 -33.01
C ASN C 592 38.42 -7.86 -33.49
N LYS C 593 38.64 -7.89 -34.81
CA LYS C 593 39.87 -8.49 -35.31
C LYS C 593 41.11 -7.76 -34.80
N ASN C 594 41.08 -6.42 -34.81
CA ASN C 594 42.22 -5.66 -34.31
C ASN C 594 42.33 -5.78 -32.80
N ALA C 595 41.20 -5.95 -32.10
CA ALA C 595 41.26 -6.14 -30.66
C ALA C 595 41.70 -7.54 -30.26
N THR C 596 41.72 -8.47 -31.21
CA THR C 596 42.10 -9.85 -30.88
C THR C 596 43.58 -9.97 -30.54
N GLN C 597 44.45 -9.17 -31.16
CA GLN C 597 45.88 -9.34 -30.97
C GLN C 597 46.30 -9.10 -29.52
N MET C 598 45.82 -8.03 -28.89
CA MET C 598 46.30 -7.68 -27.56
C MET C 598 45.83 -8.71 -26.54
N LYS C 599 46.75 -9.14 -25.67
CA LYS C 599 46.49 -10.27 -24.80
C LYS C 599 45.59 -9.90 -23.63
N GLU C 600 45.39 -8.61 -23.38
CA GLU C 600 44.67 -8.18 -22.19
C GLU C 600 43.17 -8.51 -22.27
N ILE C 601 42.57 -8.35 -23.45
CA ILE C 601 41.16 -8.68 -23.63
C ILE C 601 41.03 -10.18 -23.86
N SER C 602 40.04 -10.79 -23.19
CA SER C 602 39.78 -12.20 -23.40
C SER C 602 38.71 -12.41 -24.46
N SER C 603 37.55 -11.78 -24.30
CA SER C 603 36.41 -11.97 -25.19
C SER C 603 35.81 -10.62 -25.55
N SER C 604 35.07 -10.61 -26.66
CA SER C 604 34.40 -9.41 -27.15
C SER C 604 32.93 -9.70 -27.34
N VAL C 605 32.08 -8.81 -26.82
CA VAL C 605 30.64 -8.88 -26.99
C VAL C 605 30.19 -7.64 -27.75
N SER C 606 29.48 -7.85 -28.85
CA SER C 606 29.02 -6.72 -29.66
C SER C 606 27.52 -6.72 -29.82
N LEU C 607 26.95 -5.52 -30.00
CA LEU C 607 25.52 -5.41 -30.21
C LEU C 607 25.27 -4.51 -31.40
N ILE C 608 25.57 -5.01 -32.59
CA ILE C 608 25.42 -4.20 -33.80
C ILE C 608 24.01 -3.68 -33.95
N GLY C 609 23.87 -2.45 -34.42
CA GLY C 609 22.54 -1.89 -34.66
C GLY C 609 21.87 -1.26 -33.46
N PHE C 610 22.64 -0.93 -32.42
CA PHE C 610 22.07 -0.27 -31.26
C PHE C 610 22.94 0.88 -30.76
N ASP C 611 22.32 1.90 -30.17
CA ASP C 611 23.08 3.01 -29.63
C ASP C 611 22.91 3.03 -28.13
N LEU C 612 23.97 2.68 -27.40
CA LEU C 612 23.86 2.62 -25.95
C LEU C 612 23.64 4.00 -25.37
N PHE C 613 24.24 5.03 -25.96
CA PHE C 613 24.09 6.39 -25.44
C PHE C 613 22.64 6.85 -25.53
N THR C 614 22.03 6.66 -26.69
CA THR C 614 20.62 7.02 -26.84
C THR C 614 19.89 5.76 -27.23
N SER C 615 19.30 5.09 -26.26
CA SER C 615 18.64 3.83 -26.55
C SER C 615 17.91 3.94 -27.88
N SER C 616 18.35 3.15 -28.86
CA SER C 616 17.74 3.21 -30.18
C SER C 616 18.28 2.09 -31.03
N LEU C 617 17.77 1.97 -32.24
CA LEU C 617 18.26 0.94 -33.14
C LEU C 617 18.89 1.57 -34.37
N LYS C 618 19.48 2.75 -34.21
CA LYS C 618 20.15 3.40 -35.32
C LYS C 618 21.11 2.39 -35.93
N GLU C 619 21.01 2.17 -37.23
CA GLU C 619 21.86 1.17 -37.86
C GLU C 619 23.27 1.67 -38.08
N ASN C 620 23.50 2.95 -37.80
CA ASN C 620 24.83 3.52 -37.95
C ASN C 620 25.65 3.44 -36.66
N ALA C 621 25.07 2.94 -35.57
CA ALA C 621 25.74 2.88 -34.29
C ALA C 621 25.75 1.46 -33.75
N ALA C 622 26.91 1.02 -33.28
CA ALA C 622 27.06 -0.31 -32.70
C ALA C 622 27.88 -0.21 -31.43
N ALA C 623 27.48 -0.98 -30.42
CA ALA C 623 28.18 -1.02 -29.14
C ALA C 623 28.92 -2.34 -29.01
N VAL C 624 30.22 -2.28 -28.80
CA VAL C 624 31.01 -3.50 -28.66
C VAL C 624 31.77 -3.52 -27.34
N PHE C 625 31.24 -4.24 -26.36
CA PHE C 625 31.89 -4.34 -25.06
C PHE C 625 32.98 -5.39 -25.08
N PHE C 626 34.19 -5.03 -24.65
CA PHE C 626 35.28 -6.00 -24.57
C PHE C 626 35.35 -6.54 -23.17
N ILE C 627 35.82 -7.78 -23.03
CA ILE C 627 35.88 -8.41 -21.72
C ILE C 627 37.35 -8.60 -21.36
N LEU C 628 37.82 -7.85 -20.37
CA LEU C 628 39.20 -7.98 -19.95
C LEU C 628 39.44 -9.36 -19.34
N LYS C 629 40.70 -9.82 -19.45
CA LYS C 629 41.01 -11.20 -19.07
C LYS C 629 40.74 -11.45 -17.59
N ASP C 630 41.29 -10.62 -16.71
CA ASP C 630 41.10 -10.74 -15.27
C ASP C 630 41.81 -9.58 -14.60
N TRP C 631 41.51 -9.38 -13.31
CA TRP C 631 42.23 -8.37 -12.54
C TRP C 631 43.61 -8.86 -12.14
N SER C 632 43.76 -10.17 -11.89
CA SER C 632 45.02 -10.69 -11.40
C SER C 632 45.94 -11.10 -12.54
N GLN C 633 45.38 -11.76 -13.56
CA GLN C 633 46.19 -12.27 -14.66
C GLN C 633 46.61 -11.19 -15.66
N ARG C 634 46.09 -9.98 -15.54
CA ARG C 634 46.37 -8.90 -16.47
C ARG C 634 47.27 -7.87 -15.81
N GLU C 635 48.40 -7.57 -16.45
CA GLU C 635 49.38 -6.67 -15.85
C GLU C 635 48.99 -5.21 -16.03
N ALA C 636 48.14 -4.91 -17.01
CA ALA C 636 47.79 -3.53 -17.30
C ALA C 636 46.42 -3.17 -16.75
N SER C 637 46.30 -1.96 -16.23
CA SER C 637 45.01 -1.46 -15.78
C SER C 637 44.14 -1.10 -16.97
N SER C 638 42.86 -0.81 -16.69
CA SER C 638 41.92 -0.53 -17.76
C SER C 638 42.30 0.74 -18.51
N ASP C 639 42.93 1.71 -17.84
CA ASP C 639 43.26 2.97 -18.48
C ASP C 639 44.30 2.79 -19.58
N GLN C 640 45.30 1.95 -19.36
CA GLN C 640 46.29 1.69 -20.39
C GLN C 640 45.67 1.00 -21.60
N ILE C 641 44.73 0.09 -21.36
CA ILE C 641 44.00 -0.54 -22.46
C ILE C 641 43.20 0.51 -23.22
N ILE C 642 42.58 1.44 -22.52
CA ILE C 642 41.85 2.54 -23.16
C ILE C 642 42.80 3.34 -24.04
N ALA C 643 43.99 3.66 -23.52
CA ALA C 643 44.96 4.44 -24.28
C ALA C 643 45.42 3.69 -25.53
N GLN C 644 45.70 2.40 -25.41
CA GLN C 644 46.14 1.63 -26.58
C GLN C 644 45.05 1.57 -27.64
N LEU C 645 43.81 1.31 -27.22
CA LEU C 645 42.71 1.26 -28.19
C LEU C 645 42.43 2.61 -28.81
N PHE C 646 42.57 3.70 -28.04
CA PHE C 646 42.44 5.04 -28.60
C PHE C 646 43.52 5.31 -29.63
N GLY C 647 44.77 4.95 -29.33
CA GLY C 647 45.87 5.19 -30.23
C GLY C 647 45.84 4.37 -31.49
N GLN C 648 45.26 3.16 -31.43
CA GLN C 648 45.15 2.35 -32.64
C GLN C 648 44.24 3.02 -33.68
N TYR C 649 43.31 3.86 -33.23
CA TYR C 649 42.09 4.11 -33.98
C TYR C 649 41.84 5.57 -34.30
N ALA C 650 42.79 6.47 -34.00
CA ALA C 650 42.61 7.87 -34.36
C ALA C 650 42.84 8.10 -35.84
N ALA C 651 43.66 7.26 -36.47
CA ALA C 651 44.09 7.53 -37.84
C ALA C 651 42.98 7.29 -38.85
N ASP C 652 42.26 6.17 -38.73
CA ASP C 652 41.34 5.75 -39.80
C ASP C 652 40.20 6.75 -39.97
N ARG C 653 39.60 7.18 -38.87
CA ARG C 653 38.48 8.14 -38.86
C ARG C 653 37.29 7.66 -39.71
N ASN C 654 37.23 6.36 -40.02
CA ASN C 654 36.08 5.81 -40.71
C ASN C 654 34.99 5.34 -39.75
N ALA C 655 35.37 4.78 -38.62
CA ALA C 655 34.43 4.38 -37.56
C ALA C 655 34.82 5.14 -36.29
N LEU C 656 33.93 6.01 -35.84
CA LEU C 656 34.21 6.79 -34.63
C LEU C 656 34.32 5.86 -33.42
N SER C 657 35.32 6.10 -32.60
CA SER C 657 35.63 5.23 -31.47
C SER C 657 35.36 5.96 -30.15
N TYR C 658 34.63 5.30 -29.27
CA TYR C 658 34.36 5.80 -27.93
C TYR C 658 34.66 4.69 -26.93
N PHE C 659 35.84 4.74 -26.32
CA PHE C 659 36.22 3.69 -25.39
C PHE C 659 36.05 4.20 -23.99
N LEU C 660 35.02 3.73 -23.30
CA LEU C 660 34.75 4.24 -21.97
C LEU C 660 34.59 3.12 -20.95
N ASN C 661 35.22 3.27 -19.79
CA ASN C 661 35.06 2.26 -18.74
C ASN C 661 33.63 2.28 -18.25
N LEU C 662 33.11 1.12 -17.86
CA LEU C 662 31.73 1.03 -17.41
C LEU C 662 31.51 1.87 -16.16
N PRO C 663 30.30 2.42 -16.01
CA PRO C 663 30.04 3.28 -14.86
C PRO C 663 30.19 2.53 -13.56
N PRO C 664 30.95 3.09 -12.60
CA PRO C 664 31.16 2.43 -11.32
C PRO C 664 29.85 1.86 -10.80
N ILE C 665 28.86 2.72 -10.61
CA ILE C 665 27.55 2.28 -10.13
C ILE C 665 26.54 2.60 -11.22
N PRO C 666 25.41 1.89 -11.23
CA PRO C 666 24.44 2.09 -12.32
C PRO C 666 23.67 3.39 -12.16
N GLY C 667 23.20 3.95 -13.27
CA GLY C 667 22.43 5.18 -13.21
C GLY C 667 23.14 6.22 -12.39
N LEU C 668 24.43 6.38 -12.62
CA LEU C 668 25.20 7.34 -11.83
C LEU C 668 25.56 8.56 -12.66
N SER C 669 25.00 9.72 -12.31
CA SER C 669 25.37 10.94 -13.00
C SER C 669 26.85 11.15 -12.77
N LEU C 670 27.56 11.58 -13.79
CA LEU C 670 29.00 11.75 -13.67
C LEU C 670 29.41 13.20 -13.65
N THR C 671 30.42 13.53 -12.84
CA THR C 671 30.91 14.91 -12.76
C THR C 671 29.82 15.93 -12.47
N GLY C 672 28.68 15.48 -11.96
CA GLY C 672 27.64 16.42 -11.60
C GLY C 672 27.24 17.35 -12.73
N GLY C 673 27.10 16.80 -13.93
CA GLY C 673 26.70 17.60 -15.09
C GLY C 673 25.23 17.95 -15.04
N PHE C 674 24.90 19.07 -15.68
CA PHE C 674 23.51 19.52 -15.72
C PHE C 674 22.83 19.00 -16.98
N GLU C 675 21.55 18.64 -16.83
CA GLU C 675 20.72 18.18 -17.94
C GLU C 675 19.69 19.26 -18.26
N MET C 676 20.03 20.13 -19.20
CA MET C 676 19.11 21.17 -19.63
C MET C 676 18.21 20.66 -20.74
N TYR C 677 16.93 21.03 -20.68
CA TYR C 677 15.97 20.74 -21.74
C TYR C 677 15.42 22.07 -22.24
N ALA C 678 15.67 22.37 -23.52
CA ALA C 678 15.19 23.62 -24.11
C ALA C 678 13.82 23.36 -24.74
N GLN C 679 12.79 23.43 -23.90
CA GLN C 679 11.43 23.17 -24.33
C GLN C 679 10.97 24.29 -25.25
N ASN C 680 10.90 24.01 -26.55
CA ASN C 680 10.37 24.99 -27.48
C ASN C 680 8.87 25.16 -27.24
N LYS C 681 8.42 26.41 -27.17
CA LYS C 681 7.04 26.71 -26.84
C LYS C 681 6.28 27.32 -28.02
N SER C 682 6.97 27.64 -29.11
CA SER C 682 6.35 28.26 -30.26
C SER C 682 5.94 27.28 -31.34
N GLY C 683 6.22 25.99 -31.17
CA GLY C 683 5.91 25.00 -32.17
C GLY C 683 6.78 25.01 -33.40
N LYS C 684 8.01 25.53 -33.28
CA LYS C 684 8.90 25.60 -34.44
C LYS C 684 9.36 24.20 -34.83
N ASP C 685 9.77 24.08 -36.09
CA ASP C 685 10.31 22.82 -36.59
C ASP C 685 11.62 22.49 -35.87
N TYR C 686 11.89 21.20 -35.72
CA TYR C 686 13.10 20.76 -35.05
C TYR C 686 14.36 21.23 -35.78
N ASP C 687 14.29 21.46 -37.08
CA ASP C 687 15.43 22.02 -37.79
C ASP C 687 15.75 23.43 -37.33
N ALA C 688 14.74 24.27 -37.13
CA ALA C 688 14.96 25.60 -36.58
C ALA C 688 15.35 25.55 -35.12
N ILE C 689 14.79 24.59 -34.38
CA ILE C 689 15.20 24.38 -32.99
C ILE C 689 16.68 24.07 -32.93
N GLN C 690 17.18 23.30 -33.90
CA GLN C 690 18.60 22.97 -33.93
C GLN C 690 19.47 24.20 -34.11
N GLN C 691 19.09 25.10 -35.02
CA GLN C 691 19.89 26.32 -35.19
C GLN C 691 19.83 27.23 -33.97
N ASP C 692 18.64 27.38 -33.37
CA ASP C 692 18.55 28.20 -32.16
C ASP C 692 19.38 27.61 -31.03
N VAL C 693 19.31 26.29 -30.83
CA VAL C 693 20.10 25.64 -29.80
C VAL C 693 21.59 25.75 -30.10
N ASN C 694 21.97 25.66 -31.37
CA ASN C 694 23.38 25.82 -31.74
C ASN C 694 23.87 27.23 -31.45
N LYS C 695 23.05 28.25 -31.70
CA LYS C 695 23.39 29.60 -31.27
C LYS C 695 23.56 29.65 -29.76
N MET C 696 22.69 28.94 -29.03
CA MET C 696 22.83 28.89 -27.58
C MET C 696 24.17 28.30 -27.16
N LEU C 697 24.58 27.18 -27.79
CA LEU C 697 25.87 26.59 -27.45
C LEU C 697 27.01 27.53 -27.81
N GLU C 698 26.91 28.20 -28.96
CA GLU C 698 27.99 29.10 -29.38
C GLU C 698 28.15 30.24 -28.38
N LEU C 699 27.03 30.75 -27.85
CA LEU C 699 27.12 31.73 -26.77
C LEU C 699 27.69 31.12 -25.50
N ALA C 700 27.30 29.88 -25.17
CA ALA C 700 27.68 29.27 -23.90
C ALA C 700 29.15 28.87 -23.85
N ARG C 701 29.75 28.56 -24.99
CA ARG C 701 31.15 28.14 -25.01
C ARG C 701 32.05 29.25 -24.47
N THR C 702 31.70 30.51 -24.74
CA THR C 702 32.50 31.63 -24.27
C THR C 702 32.42 31.77 -22.76
N ARG C 703 31.36 31.26 -22.15
CA ARG C 703 31.16 31.43 -20.72
C ARG C 703 32.19 30.64 -19.93
N LYS C 704 32.68 31.26 -18.84
CA LYS C 704 33.78 30.68 -18.09
C LYS C 704 33.31 29.66 -17.06
N GLU C 705 32.05 29.73 -16.66
CA GLU C 705 31.53 28.86 -15.61
C GLU C 705 31.53 27.39 -16.02
N LEU C 706 31.25 27.13 -17.29
CA LEU C 706 31.00 25.80 -17.79
C LEU C 706 31.92 25.47 -18.97
N ALA C 707 31.98 24.19 -19.30
CA ALA C 707 32.80 23.70 -20.40
C ALA C 707 32.25 22.37 -20.89
N ASN C 708 32.62 22.01 -22.13
CA ASN C 708 32.21 20.75 -22.75
C ASN C 708 30.69 20.61 -22.79
N VAL C 709 30.04 21.49 -23.55
CA VAL C 709 28.60 21.37 -23.76
C VAL C 709 28.34 20.53 -25.02
N ARG C 710 27.37 19.63 -24.91
CA ARG C 710 26.97 18.78 -26.03
C ARG C 710 25.46 18.71 -26.11
N THR C 711 24.96 18.57 -27.33
CA THR C 711 23.53 18.48 -27.61
C THR C 711 23.24 17.17 -28.31
N THR C 712 22.31 16.40 -27.75
CA THR C 712 21.98 15.10 -28.32
C THR C 712 21.23 15.25 -29.64
N LEU C 713 20.42 16.30 -29.76
CA LEU C 713 19.64 16.50 -30.97
C LEU C 713 20.55 16.66 -32.19
N ASP C 714 20.26 15.89 -33.24
CA ASP C 714 21.04 15.91 -34.47
C ASP C 714 20.07 15.82 -35.65
N THR C 715 20.30 16.64 -36.67
CA THR C 715 19.48 16.67 -37.86
C THR C 715 20.21 16.23 -39.11
N SER C 716 21.38 15.62 -38.98
CA SER C 716 22.19 15.27 -40.14
C SER C 716 21.62 14.07 -40.89
N PHE C 717 20.78 13.28 -40.22
CA PHE C 717 20.28 12.04 -40.79
C PHE C 717 19.47 12.30 -42.05
N PRO C 718 19.83 11.68 -43.17
CA PRO C 718 19.07 11.90 -44.41
C PRO C 718 17.66 11.31 -44.30
N GLN C 719 16.71 11.99 -44.93
CA GLN C 719 15.31 11.58 -44.86
C GLN C 719 14.61 11.99 -46.15
N TYR C 720 14.12 11.01 -46.91
CA TYR C 720 13.32 11.33 -48.07
C TYR C 720 11.97 11.90 -47.64
N LYS C 721 11.60 13.03 -48.23
CA LYS C 721 10.36 13.70 -47.92
C LYS C 721 9.33 13.37 -48.99
N LEU C 722 8.23 12.74 -48.58
CA LEU C 722 7.16 12.39 -49.50
C LEU C 722 6.25 13.59 -49.70
N ILE C 723 6.32 14.19 -50.89
CA ILE C 723 5.45 15.30 -51.25
C ILE C 723 4.25 14.74 -52.00
N ILE C 724 3.06 14.99 -51.48
CA ILE C 724 1.83 14.42 -52.00
C ILE C 724 1.09 15.51 -52.77
N ASP C 725 0.87 15.28 -54.05
CA ASP C 725 0.06 16.17 -54.87
C ASP C 725 -1.39 15.70 -54.78
N ARG C 726 -2.13 16.26 -53.82
CA ARG C 726 -3.49 15.82 -53.55
C ARG C 726 -4.41 15.97 -54.76
N ASP C 727 -4.18 16.97 -55.61
CA ASP C 727 -5.04 17.15 -56.78
C ASP C 727 -4.95 15.96 -57.72
N LYS C 728 -3.75 15.47 -57.99
CA LYS C 728 -3.60 14.32 -58.87
C LYS C 728 -4.16 13.04 -58.24
N MET C 729 -3.96 12.87 -56.94
CA MET C 729 -4.41 11.65 -56.27
C MET C 729 -5.93 11.59 -56.19
N LYS C 730 -6.58 12.74 -55.94
CA LYS C 730 -8.04 12.79 -56.03
C LYS C 730 -8.51 12.66 -57.47
N TYR C 731 -7.71 13.17 -58.42
CA TYR C 731 -8.08 13.08 -59.82
C TYR C 731 -8.14 11.62 -60.26
N TYR C 732 -7.16 10.83 -59.84
CA TYR C 732 -7.14 9.39 -60.14
C TYR C 732 -8.11 8.60 -59.26
N ASN C 733 -8.99 9.27 -58.53
CA ASN C 733 -10.01 8.61 -57.71
C ASN C 733 -9.40 7.66 -56.69
N LEU C 734 -8.30 8.09 -56.07
CA LEU C 734 -7.65 7.33 -55.02
C LEU C 734 -8.00 7.88 -53.65
N ASN C 735 -7.60 7.14 -52.63
CA ASN C 735 -7.69 7.56 -51.24
C ASN C 735 -6.30 7.56 -50.62
N MET C 736 -6.03 8.56 -49.79
CA MET C 736 -4.71 8.66 -49.17
C MET C 736 -4.44 7.42 -48.30
N GLN C 737 -5.48 6.91 -47.65
CA GLN C 737 -5.31 5.79 -46.73
C GLN C 737 -4.88 4.54 -47.51
N ASP C 738 -5.46 4.33 -48.69
CA ASP C 738 -5.11 3.16 -49.50
C ASP C 738 -3.69 3.26 -50.07
N VAL C 739 -3.30 4.43 -50.58
CA VAL C 739 -1.97 4.57 -51.15
C VAL C 739 -0.91 4.43 -50.05
N PHE C 740 -1.21 4.93 -48.86
CA PHE C 740 -0.24 4.76 -47.79
C PHE C 740 -0.24 3.35 -47.21
N ASN C 741 -1.36 2.62 -47.28
CA ASN C 741 -1.31 1.20 -47.02
C ASN C 741 -0.44 0.47 -48.02
N THR C 742 -0.51 0.84 -49.30
CA THR C 742 0.36 0.23 -50.30
C THR C 742 1.83 0.54 -50.00
N ILE C 743 2.13 1.78 -49.62
CA ILE C 743 3.50 2.15 -49.29
C ILE C 743 3.98 1.36 -48.07
N SER C 744 3.15 1.29 -47.03
CA SER C 744 3.54 0.58 -45.83
C SER C 744 3.68 -0.92 -46.09
N ALA C 745 2.93 -1.45 -47.05
CA ALA C 745 3.04 -2.86 -47.38
C ALA C 745 4.31 -3.16 -48.17
N THR C 746 4.66 -2.29 -49.12
CA THR C 746 5.79 -2.55 -49.99
C THR C 746 7.12 -2.08 -49.39
N ILE C 747 7.25 -0.78 -49.13
CA ILE C 747 8.50 -0.26 -48.61
C ILE C 747 8.67 -0.61 -47.14
N GLY C 748 7.62 -0.41 -46.34
CA GLY C 748 7.66 -0.72 -44.92
C GLY C 748 7.23 -2.14 -44.64
N THR C 749 7.06 -2.42 -43.35
CA THR C 749 6.58 -3.72 -42.88
C THR C 749 5.14 -3.56 -42.43
N TYR C 750 4.23 -4.30 -43.06
CA TYR C 750 2.83 -4.27 -42.68
C TYR C 750 2.49 -5.56 -41.94
N TYR C 751 1.94 -5.43 -40.75
CA TYR C 751 1.62 -6.55 -39.88
C TYR C 751 0.11 -6.73 -39.87
N VAL C 752 -0.36 -7.87 -40.40
CA VAL C 752 -1.79 -8.09 -40.62
C VAL C 752 -2.41 -8.95 -39.51
N ASN C 753 -1.98 -10.20 -39.40
CA ASN C 753 -2.56 -11.11 -38.41
C ASN C 753 -1.50 -11.91 -37.70
N ASP C 754 -1.90 -12.99 -37.04
CA ASP C 754 -0.96 -13.83 -36.33
C ASP C 754 -1.10 -15.27 -36.77
N PHE C 755 0.02 -15.97 -36.87
CA PHE C 755 -0.02 -17.38 -37.22
C PHE C 755 0.69 -18.15 -36.13
N PRO C 756 0.14 -19.29 -35.74
CA PRO C 756 0.74 -20.02 -34.62
C PRO C 756 1.84 -20.99 -35.03
N MET C 757 2.99 -20.93 -34.35
CA MET C 757 4.03 -21.93 -34.49
C MET C 757 4.56 -22.27 -33.09
N LEU C 758 4.82 -23.55 -32.85
CA LEU C 758 5.22 -24.05 -31.54
C LEU C 758 4.27 -23.60 -30.44
N GLY C 759 2.99 -23.45 -30.79
CA GLY C 759 1.99 -23.03 -29.84
C GLY C 759 2.02 -21.58 -29.45
N LYS C 760 2.89 -20.77 -30.05
CA LYS C 760 2.99 -19.35 -29.74
C LYS C 760 2.51 -18.53 -30.91
N ASN C 761 1.81 -17.44 -30.62
CA ASN C 761 1.19 -16.63 -31.65
C ASN C 761 2.21 -15.65 -32.24
N PHE C 762 2.50 -15.81 -33.52
CA PHE C 762 3.59 -15.07 -34.17
C PHE C 762 3.05 -14.20 -35.29
N GLN C 763 3.73 -13.07 -35.50
CA GLN C 763 3.27 -12.06 -36.44
C GLN C 763 3.40 -12.53 -37.89
N VAL C 764 2.59 -11.91 -38.75
CA VAL C 764 2.68 -12.16 -40.19
C VAL C 764 3.00 -10.79 -40.74
N ASN C 765 4.08 -10.64 -41.47
CA ASN C 765 4.55 -9.36 -41.97
C ASN C 765 4.63 -9.36 -43.49
N ILE C 766 4.27 -8.24 -44.09
CA ILE C 766 4.27 -8.07 -45.55
C ILE C 766 5.26 -6.97 -45.90
N ARG C 767 6.23 -7.29 -46.74
CA ARG C 767 7.18 -6.31 -47.24
C ARG C 767 7.61 -6.71 -48.65
N ALA C 768 7.92 -5.71 -49.47
CA ALA C 768 8.43 -5.97 -50.80
C ALA C 768 9.86 -6.51 -50.71
N LEU C 769 10.27 -7.19 -51.78
CA LEU C 769 11.62 -7.71 -51.83
C LEU C 769 12.63 -6.58 -51.74
N GLY C 770 13.70 -6.80 -50.98
CA GLY C 770 14.69 -5.76 -50.77
C GLY C 770 15.37 -5.28 -52.04
N ASP C 771 15.34 -6.09 -53.10
CA ASP C 771 15.98 -5.70 -54.35
C ASP C 771 15.28 -4.50 -54.97
N PHE C 772 13.98 -4.36 -54.75
CA PHE C 772 13.20 -3.33 -55.43
C PHE C 772 13.08 -2.04 -54.62
N ARG C 773 13.07 -2.14 -53.30
CA ARG C 773 12.89 -0.94 -52.47
C ARG C 773 14.21 -0.27 -52.10
N ASN C 774 15.35 -0.81 -52.52
CA ASN C 774 16.62 -0.20 -52.15
C ASN C 774 16.85 1.12 -52.87
N THR C 775 16.39 1.22 -54.11
CA THR C 775 16.62 2.40 -54.93
C THR C 775 15.70 3.54 -54.48
N GLN C 776 16.18 4.77 -54.66
CA GLN C 776 15.37 5.94 -54.33
C GLN C 776 14.08 5.97 -55.14
N ASP C 777 14.16 5.65 -56.42
CA ASP C 777 12.96 5.64 -57.28
C ASP C 777 12.27 4.29 -57.25
N ALA C 778 11.99 3.80 -56.05
CA ALA C 778 11.25 2.55 -55.89
C ALA C 778 9.74 2.74 -55.98
N LEU C 779 9.28 4.00 -56.03
CA LEU C 779 7.84 4.25 -56.10
C LEU C 779 7.27 3.82 -57.44
N LYS C 780 8.03 4.01 -58.52
CA LYS C 780 7.51 3.75 -59.86
C LYS C 780 7.12 2.30 -60.09
N ASN C 781 7.75 1.36 -59.38
CA ASN C 781 7.34 -0.03 -59.49
C ASN C 781 6.11 -0.36 -58.66
N ILE C 782 5.74 0.51 -57.73
CA ILE C 782 4.57 0.28 -56.89
C ILE C 782 3.33 0.77 -57.63
N TYR C 783 2.29 -0.07 -57.66
CA TYR C 783 1.06 0.24 -58.38
C TYR C 783 -0.12 0.08 -57.45
N ILE C 784 -1.08 1.00 -57.56
CA ILE C 784 -2.27 1.01 -56.71
C ILE C 784 -3.50 1.11 -57.60
N ARG C 785 -4.49 0.27 -57.32
CA ARG C 785 -5.75 0.34 -58.04
C ARG C 785 -6.47 1.65 -57.73
N SER C 786 -7.13 2.22 -58.73
CA SER C 786 -7.67 3.57 -58.63
C SER C 786 -9.17 3.58 -58.35
N SER C 787 -9.75 2.47 -57.91
CA SER C 787 -11.19 2.27 -57.67
C SER C 787 -11.96 2.31 -58.98
N ASP C 788 -11.30 2.56 -60.11
CA ASP C 788 -11.90 2.49 -61.44
C ASP C 788 -11.37 1.31 -62.24
N ASN C 789 -10.83 0.30 -61.54
CA ASN C 789 -10.22 -0.87 -62.16
C ASN C 789 -9.10 -0.48 -63.12
N LYS C 790 -8.29 0.51 -62.73
CA LYS C 790 -7.15 0.95 -63.51
C LYS C 790 -5.92 1.01 -62.62
N MET C 791 -4.81 0.44 -63.09
CA MET C 791 -3.55 0.53 -62.36
C MET C 791 -2.97 1.94 -62.53
N ILE C 792 -2.83 2.64 -61.41
CA ILE C 792 -2.24 3.97 -61.38
C ILE C 792 -0.85 3.85 -60.76
N PRO C 793 0.21 4.27 -61.46
CA PRO C 793 1.54 4.21 -60.86
C PRO C 793 1.65 5.12 -59.65
N LEU C 794 2.42 4.68 -58.66
CA LEU C 794 2.55 5.46 -57.43
C LEU C 794 3.40 6.71 -57.64
N ASN C 795 4.27 6.69 -58.65
CA ASN C 795 5.16 7.83 -58.87
C ASN C 795 4.44 8.96 -59.58
N SER C 796 3.22 8.74 -60.06
CA SER C 796 2.48 9.79 -60.73
C SER C 796 2.14 10.93 -59.79
N PHE C 797 1.71 10.61 -58.57
CA PHE C 797 1.28 11.62 -57.61
C PHE C 797 2.18 11.72 -56.39
N LEU C 798 3.27 10.96 -56.34
CA LEU C 798 4.20 10.99 -55.21
C LEU C 798 5.62 11.17 -55.74
N THR C 799 6.46 11.80 -54.93
CA THR C 799 7.83 12.09 -55.33
C THR C 799 8.72 12.11 -54.10
N LEU C 800 9.86 11.43 -54.18
CA LEU C 800 10.85 11.42 -53.11
C LEU C 800 11.89 12.51 -53.38
N VAL C 801 12.08 13.39 -52.41
CA VAL C 801 13.10 14.43 -52.48
C VAL C 801 14.03 14.24 -51.28
N ARG C 802 15.33 14.43 -51.51
CA ARG C 802 16.30 14.23 -50.45
C ARG C 802 16.28 15.38 -49.46
N SER C 803 16.24 15.05 -48.18
CA SER C 803 16.22 16.05 -47.12
C SER C 803 16.88 15.47 -45.88
N ALA C 804 17.26 16.34 -44.96
CA ALA C 804 17.89 15.96 -43.71
C ALA C 804 16.92 16.22 -42.57
N GLY C 805 16.74 15.20 -41.72
CA GLY C 805 15.84 15.31 -40.59
C GLY C 805 16.40 14.63 -39.36
N PRO C 806 15.81 14.92 -38.20
CA PRO C 806 16.30 14.31 -36.97
C PRO C 806 15.82 12.87 -36.83
N ASP C 807 16.74 11.97 -36.50
CA ASP C 807 16.39 10.57 -36.40
C ASP C 807 15.54 10.32 -35.17
N ASP C 808 15.94 10.90 -34.04
CA ASP C 808 15.19 10.72 -32.81
C ASP C 808 14.70 12.05 -32.26
N VAL C 809 13.40 12.14 -31.97
CA VAL C 809 12.85 13.36 -31.41
C VAL C 809 12.76 13.26 -29.90
N LYS C 810 12.67 14.39 -29.20
CA LYS C 810 12.67 14.37 -27.74
C LYS C 810 11.63 15.36 -27.24
N ARG C 811 10.74 14.87 -26.38
CA ARG C 811 9.74 15.70 -25.73
C ARG C 811 9.95 15.65 -24.22
N PHE C 812 10.08 16.82 -23.60
CA PHE C 812 10.25 16.94 -22.16
C PHE C 812 9.06 17.71 -21.61
N ASN C 813 8.32 17.09 -20.69
CA ASN C 813 7.14 17.70 -20.08
C ASN C 813 6.14 18.17 -21.15
N LEU C 814 5.71 17.25 -21.99
CA LEU C 814 4.69 17.44 -23.02
C LEU C 814 5.08 18.52 -24.04
N PHE C 815 6.36 18.86 -24.15
CA PHE C 815 6.78 19.96 -25.02
C PHE C 815 8.05 19.56 -25.76
N PRO C 816 8.15 19.83 -27.06
CA PRO C 816 9.36 19.50 -27.80
C PRO C 816 10.58 20.20 -27.21
N ALA C 817 11.68 19.47 -27.12
CA ALA C 817 12.88 20.01 -26.50
C ALA C 817 14.10 19.31 -27.06
N ALA C 818 15.25 19.96 -26.89
CA ALA C 818 16.55 19.41 -27.29
C ALA C 818 17.42 19.36 -26.05
N LEU C 819 17.69 18.16 -25.55
CA LEU C 819 18.45 17.99 -24.33
C LEU C 819 19.86 18.54 -24.50
N ILE C 820 20.31 19.31 -23.51
CA ILE C 820 21.65 19.90 -23.49
C ILE C 820 22.36 19.42 -22.24
N GLN C 821 23.51 18.79 -22.41
CA GLN C 821 24.36 18.39 -21.30
C GLN C 821 25.60 19.26 -21.25
N GLY C 822 26.18 19.36 -20.06
CA GLY C 822 27.40 20.12 -19.88
C GLY C 822 27.99 19.85 -18.52
N ASP C 823 29.30 20.08 -18.42
CA ASP C 823 30.02 19.86 -17.18
C ASP C 823 30.58 21.18 -16.67
N PRO C 824 30.59 21.39 -15.36
CA PRO C 824 31.15 22.63 -14.81
C PRO C 824 32.64 22.74 -15.12
N ALA C 825 33.09 23.96 -15.40
CA ALA C 825 34.50 24.20 -15.61
C ALA C 825 35.26 24.00 -14.29
N PRO C 826 36.54 23.64 -14.37
CA PRO C 826 37.31 23.44 -13.13
C PRO C 826 37.34 24.71 -12.29
N GLY C 827 37.26 24.51 -10.97
CA GLY C 827 37.18 25.62 -10.04
C GLY C 827 35.81 26.24 -9.90
N TYR C 828 34.76 25.57 -10.38
CA TYR C 828 33.40 26.10 -10.34
C TYR C 828 32.45 25.02 -9.87
N THR C 829 31.49 25.40 -9.03
CA THR C 829 30.52 24.45 -8.51
C THR C 829 29.50 24.10 -9.59
N SER C 830 28.80 22.99 -9.36
CA SER C 830 27.75 22.56 -10.30
C SER C 830 26.63 23.59 -10.36
N GLY C 831 26.22 24.13 -9.21
CA GLY C 831 25.17 25.11 -9.20
C GLY C 831 25.51 26.37 -9.98
N GLN C 832 26.76 26.84 -9.85
CA GLN C 832 27.16 28.03 -10.58
C GLN C 832 27.03 27.81 -12.08
N ALA C 833 27.45 26.64 -12.56
CA ALA C 833 27.26 26.29 -13.96
C ALA C 833 25.77 26.22 -14.30
N ILE C 834 24.95 25.79 -13.35
CA ILE C 834 23.51 25.71 -13.60
C ILE C 834 22.92 27.08 -13.88
N ASP C 835 23.17 28.05 -12.99
CA ASP C 835 22.67 29.41 -13.27
C ASP C 835 23.33 30.02 -14.49
N ALA C 836 24.61 29.69 -14.75
CA ALA C 836 25.26 30.23 -15.94
C ALA C 836 24.57 29.77 -17.22
N ILE C 837 24.30 28.46 -17.32
CA ILE C 837 23.65 27.94 -18.52
C ILE C 837 22.21 28.41 -18.59
N ALA C 838 21.55 28.60 -17.43
CA ALA C 838 20.20 29.14 -17.43
C ALA C 838 20.18 30.57 -17.99
N GLU C 839 21.15 31.38 -17.57
CA GLU C 839 21.25 32.74 -18.10
C GLU C 839 21.55 32.74 -19.59
N VAL C 840 22.42 31.83 -20.02
CA VAL C 840 22.74 31.73 -21.45
C VAL C 840 21.48 31.37 -22.24
N ALA C 841 20.71 30.41 -21.74
CA ALA C 841 19.48 30.02 -22.43
C ALA C 841 18.48 31.16 -22.46
N LYS C 842 18.36 31.90 -21.36
CA LYS C 842 17.43 33.04 -21.32
C LYS C 842 17.84 34.10 -22.32
N GLN C 843 19.14 34.37 -22.44
CA GLN C 843 19.61 35.38 -23.39
C GLN C 843 19.37 34.91 -24.83
N SER C 844 19.77 33.69 -25.15
CA SER C 844 19.67 33.20 -26.53
C SER C 844 18.22 33.00 -26.93
N LEU C 845 17.43 32.37 -26.06
CA LEU C 845 16.03 32.07 -26.33
C LEU C 845 15.16 32.83 -25.35
N GLY C 846 14.25 33.64 -25.87
CA GLY C 846 13.38 34.44 -25.03
C GLY C 846 11.92 34.32 -25.36
N ASP C 847 11.12 33.82 -24.41
CA ASP C 847 9.67 33.65 -24.48
C ASP C 847 9.25 32.61 -25.52
N GLU C 848 10.18 32.01 -26.25
CA GLU C 848 9.88 30.93 -27.17
C GLU C 848 10.38 29.58 -26.70
N TYR C 849 11.40 29.54 -25.85
CA TYR C 849 11.91 28.30 -25.27
C TYR C 849 11.90 28.45 -23.76
N SER C 850 11.46 27.40 -23.07
CA SER C 850 11.43 27.37 -21.61
C SER C 850 12.46 26.38 -21.10
N ILE C 851 13.22 26.80 -20.09
CA ILE C 851 14.28 25.97 -19.54
C ILE C 851 13.68 24.85 -18.69
N ALA C 852 14.41 23.74 -18.59
CA ALA C 852 13.99 22.62 -17.78
C ALA C 852 15.22 21.92 -17.22
N TRP C 853 15.01 21.16 -16.15
CA TRP C 853 16.08 20.49 -15.44
C TRP C 853 15.72 19.03 -15.23
N SER C 854 16.73 18.16 -15.23
CA SER C 854 16.54 16.73 -15.05
C SER C 854 17.71 16.14 -14.29
N GLY C 855 17.43 15.07 -13.54
CA GLY C 855 18.48 14.36 -12.83
C GLY C 855 19.14 15.22 -11.78
N SER C 856 20.48 15.28 -11.83
CA SER C 856 21.23 16.02 -10.83
C SER C 856 20.89 17.50 -10.86
N ALA C 857 20.74 18.07 -12.06
CA ALA C 857 20.39 19.47 -12.16
C ALA C 857 19.02 19.75 -11.53
N TYR C 858 18.05 18.86 -11.78
CA TYR C 858 16.74 19.04 -11.15
C TYR C 858 16.83 18.92 -9.64
N GLN C 859 17.62 17.97 -9.14
CA GLN C 859 17.78 17.84 -7.70
C GLN C 859 18.38 19.09 -7.08
N GLU C 860 19.40 19.66 -7.74
CA GLU C 860 20.00 20.89 -7.24
C GLU C 860 19.03 22.05 -7.28
N VAL C 861 18.25 22.16 -8.36
CA VAL C 861 17.31 23.27 -8.49
C VAL C 861 16.21 23.16 -7.43
N SER C 862 15.69 21.96 -7.21
CA SER C 862 14.59 21.75 -6.27
C SER C 862 15.07 21.41 -4.87
N SER C 863 16.38 21.48 -4.61
CA SER C 863 16.89 21.15 -3.29
C SER C 863 16.35 22.12 -2.23
N LYS C 864 15.91 21.56 -1.11
CA LYS C 864 15.35 22.34 -0.01
C LYS C 864 16.41 22.72 1.02
N GLY C 865 17.66 22.31 0.82
CA GLY C 865 18.71 22.61 1.78
C GLY C 865 18.50 21.98 3.14
N ALA C 866 17.91 20.79 3.19
CA ALA C 866 17.65 20.14 4.46
C ALA C 866 18.93 19.55 5.06
N GLY C 867 19.93 19.30 4.23
CA GLY C 867 21.16 18.71 4.74
C GLY C 867 21.90 19.60 5.72
N ALA C 868 22.05 20.88 5.36
CA ALA C 868 22.73 21.82 6.25
C ALA C 868 21.93 22.03 7.54
N TYR C 869 20.60 22.12 7.42
CA TYR C 869 19.76 22.27 8.60
C TYR C 869 19.89 21.07 9.53
N ALA C 870 19.91 19.87 8.96
CA ALA C 870 20.10 18.67 9.77
C ALA C 870 21.47 18.65 10.42
N PHE C 871 22.50 19.09 9.68
CA PHE C 871 23.84 19.13 10.26
C PHE C 871 23.90 20.10 11.44
N VAL C 872 23.23 21.26 11.30
CA VAL C 872 23.19 22.22 12.41
C VAL C 872 22.46 21.61 13.60
N LEU C 873 21.36 20.91 13.35
CA LEU C 873 20.64 20.24 14.44
C LEU C 873 21.54 19.22 15.13
N GLY C 874 22.29 18.43 14.36
CA GLY C 874 23.17 17.45 14.96
C GLY C 874 24.28 18.08 15.77
N MET C 875 24.84 19.19 15.27
CA MET C 875 25.86 19.90 16.02
C MET C 875 25.31 20.39 17.35
N ILE C 876 24.10 20.97 17.34
CA ILE C 876 23.50 21.46 18.58
C ILE C 876 23.24 20.30 19.53
N PHE C 877 22.73 19.18 19.02
CA PHE C 877 22.46 18.02 19.88
C PHE C 877 23.74 17.48 20.50
N VAL C 878 24.81 17.42 19.72
CA VAL C 878 26.09 16.94 20.25
C VAL C 878 26.60 17.89 21.34
N PHE C 879 26.53 19.20 21.10
CA PHE C 879 26.90 20.18 22.10
C PHE C 879 26.12 19.96 23.39
N LEU C 880 24.81 19.80 23.26
CA LEU C 880 23.96 19.63 24.44
C LEU C 880 24.30 18.36 25.19
N ILE C 881 24.50 17.25 24.47
CA ILE C 881 24.75 15.97 25.13
C ILE C 881 26.09 15.99 25.85
N LEU C 882 27.11 16.59 25.22
CA LEU C 882 28.40 16.71 25.88
C LEU C 882 28.31 17.60 27.12
N ALA C 883 27.56 18.71 27.01
CA ALA C 883 27.39 19.58 28.17
C ALA C 883 26.69 18.85 29.30
N ALA C 884 25.70 18.03 28.98
CA ALA C 884 25.05 17.19 29.98
C ALA C 884 26.01 16.21 30.62
N GLN C 885 26.86 15.57 29.82
CA GLN C 885 27.82 14.61 30.38
C GLN C 885 28.80 15.29 31.32
N TYR C 886 29.30 16.46 30.94
CA TYR C 886 30.32 17.14 31.73
C TYR C 886 29.73 18.06 32.79
N GLU C 887 28.43 18.28 32.79
CA GLU C 887 27.77 19.17 33.75
C GLU C 887 28.33 20.59 33.67
N ARG C 888 28.75 21.00 32.47
CA ARG C 888 29.29 22.34 32.27
C ARG C 888 29.14 22.71 30.81
N TRP C 889 28.72 23.95 30.55
CA TRP C 889 28.43 24.38 29.19
C TRP C 889 29.70 24.63 28.40
N LEU C 890 30.76 25.06 29.07
CA LEU C 890 31.97 25.48 28.36
C LEU C 890 32.75 24.31 27.79
N MET C 891 32.81 23.20 28.52
CA MET C 891 33.82 22.19 28.24
C MET C 891 33.61 21.43 26.92
N PRO C 892 32.39 21.15 26.46
CA PRO C 892 32.24 20.51 25.14
C PRO C 892 32.95 21.22 24.00
N LEU C 893 33.37 22.48 24.20
CA LEU C 893 34.14 23.17 23.17
C LEU C 893 35.44 22.44 22.88
N ALA C 894 36.08 21.88 23.90
CA ALA C 894 37.30 21.11 23.67
C ALA C 894 37.03 19.88 22.81
N VAL C 895 35.94 19.16 23.10
CA VAL C 895 35.60 17.98 22.31
C VAL C 895 35.34 18.37 20.87
N ILE C 896 34.65 19.48 20.64
CA ILE C 896 34.42 19.94 19.27
C ILE C 896 35.73 20.31 18.60
N THR C 897 36.62 21.01 19.30
CA THR C 897 37.87 21.47 18.70
C THR C 897 38.87 20.33 18.52
N ALA C 898 38.56 19.15 19.07
CA ALA C 898 39.43 18.00 18.84
C ALA C 898 39.39 17.51 17.40
N VAL C 899 38.20 17.54 16.77
CA VAL C 899 38.04 16.89 15.46
C VAL C 899 38.79 17.58 14.33
N PRO C 900 39.06 18.89 14.37
CA PRO C 900 39.85 19.50 13.29
C PRO C 900 41.20 18.83 13.07
N PHE C 901 41.81 18.24 14.09
CA PHE C 901 43.08 17.54 13.88
C PHE C 901 42.90 16.33 12.97
N ALA C 902 41.87 15.53 13.21
CA ALA C 902 41.60 14.39 12.34
C ALA C 902 41.26 14.85 10.93
N VAL C 903 40.44 15.90 10.81
CA VAL C 903 40.10 16.42 9.49
C VAL C 903 41.35 16.90 8.77
N PHE C 904 42.25 17.58 9.50
CA PHE C 904 43.48 18.10 8.92
C PHE C 904 44.36 16.96 8.42
N GLY C 905 44.51 15.91 9.21
CA GLY C 905 45.31 14.78 8.77
C GLY C 905 44.74 14.13 7.53
N SER C 906 43.42 13.90 7.52
CA SER C 906 42.79 13.27 6.37
C SER C 906 42.97 14.11 5.11
N ILE C 907 42.70 15.41 5.20
CA ILE C 907 42.78 16.26 4.01
C ILE C 907 44.23 16.39 3.55
N LEU C 908 45.17 16.45 4.50
CA LEU C 908 46.58 16.55 4.12
C LEU C 908 47.05 15.31 3.37
N LEU C 909 46.71 14.12 3.89
CA LEU C 909 47.16 12.91 3.23
C LEU C 909 46.46 12.71 1.89
N VAL C 910 45.17 13.06 1.81
CA VAL C 910 44.48 12.91 0.54
C VAL C 910 45.02 13.91 -0.49
N ALA C 911 45.50 15.07 -0.03
CA ALA C 911 46.12 16.02 -0.95
C ALA C 911 47.47 15.52 -1.43
N LEU C 912 48.30 15.01 -0.50
CA LEU C 912 49.63 14.53 -0.88
C LEU C 912 49.53 13.32 -1.80
N ARG C 913 48.61 12.41 -1.51
CA ARG C 913 48.48 11.20 -2.33
C ARG C 913 48.00 11.49 -3.75
N GLY C 914 47.48 12.68 -4.01
CA GLY C 914 46.91 13.00 -5.29
C GLY C 914 45.47 12.59 -5.46
N PHE C 915 44.92 11.83 -4.53
CA PHE C 915 43.51 11.45 -4.59
C PHE C 915 42.63 12.68 -4.34
N ASP C 916 41.55 12.77 -5.10
CA ASP C 916 40.63 13.90 -4.99
C ASP C 916 39.57 13.63 -3.93
N ASN C 917 38.86 14.70 -3.56
CA ASN C 917 37.75 14.57 -2.62
C ASN C 917 36.68 13.67 -3.22
N ASP C 918 36.25 12.69 -2.45
CA ASP C 918 35.34 11.65 -2.94
C ASP C 918 34.20 11.46 -1.95
N ILE C 919 33.19 10.72 -2.39
CA ILE C 919 32.12 10.32 -1.47
C ILE C 919 32.70 9.42 -0.37
N TYR C 920 33.59 8.51 -0.76
CA TYR C 920 34.19 7.58 0.20
C TYR C 920 35.10 8.32 1.15
N PHE C 921 35.73 9.40 0.69
CA PHE C 921 36.53 10.23 1.58
C PHE C 921 35.67 10.84 2.68
N GLN C 922 34.48 11.32 2.33
CA GLN C 922 33.58 11.88 3.34
C GLN C 922 33.07 10.80 4.27
N THR C 923 32.79 9.60 3.74
CA THR C 923 32.39 8.50 4.61
C THR C 923 33.48 8.18 5.64
N GLY C 924 34.73 8.13 5.19
CA GLY C 924 35.83 7.91 6.11
C GLY C 924 35.99 9.05 7.11
N LEU C 925 35.77 10.28 6.65
CA LEU C 925 35.84 11.43 7.55
C LEU C 925 34.79 11.33 8.66
N LEU C 926 33.64 10.71 8.35
CA LEU C 926 32.63 10.52 9.38
C LEU C 926 33.16 9.66 10.52
N LEU C 927 33.74 8.50 10.21
CA LEU C 927 34.34 7.66 11.25
C LEU C 927 35.49 8.38 11.93
N LEU C 928 36.26 9.16 11.16
CA LEU C 928 37.36 9.90 11.74
C LEU C 928 36.88 10.85 12.83
N ILE C 929 35.84 11.62 12.51
CA ILE C 929 35.25 12.54 13.48
C ILE C 929 34.71 11.78 14.67
N GLY C 930 34.04 10.65 14.42
CA GLY C 930 33.51 9.87 15.53
C GLY C 930 34.59 9.39 16.48
N LEU C 931 35.67 8.83 15.94
CA LEU C 931 36.74 8.31 16.78
C LEU C 931 37.48 9.42 17.51
N SER C 932 37.73 10.54 16.82
CA SER C 932 38.39 11.66 17.49
C SER C 932 37.52 12.19 18.63
N ALA C 933 36.21 12.31 18.40
CA ALA C 933 35.31 12.74 19.45
C ALA C 933 35.30 11.75 20.61
N LYS C 934 35.32 10.45 20.31
CA LYS C 934 35.33 9.46 21.39
C LYS C 934 36.60 9.57 22.23
N ASN C 935 37.75 9.76 21.58
CA ASN C 935 39.00 9.91 22.33
C ASN C 935 38.95 11.17 23.18
N ALA C 936 38.51 12.29 22.59
CA ALA C 936 38.46 13.55 23.32
C ALA C 936 37.50 13.48 24.50
N ILE C 937 36.37 12.79 24.34
CA ILE C 937 35.39 12.69 25.43
C ILE C 937 36.02 12.02 26.64
N LEU C 938 36.75 10.92 26.40
CA LEU C 938 37.38 10.20 27.50
C LEU C 938 38.48 11.03 28.14
N ILE C 939 39.28 11.72 27.32
CA ILE C 939 40.33 12.59 27.89
C ILE C 939 39.70 13.65 28.78
N ILE C 940 38.66 14.31 28.28
CA ILE C 940 38.00 15.36 29.04
C ILE C 940 37.38 14.80 30.33
N GLU C 941 36.74 13.64 30.24
CA GLU C 941 36.06 13.08 31.41
C GLU C 941 37.07 12.71 32.48
N PHE C 942 38.19 12.10 32.10
CA PHE C 942 39.21 11.76 33.08
C PHE C 942 39.83 13.00 33.70
N ALA C 943 40.10 14.02 32.88
CA ALA C 943 40.64 15.26 33.43
C ALA C 943 39.67 15.89 34.41
N MET C 944 38.38 15.93 34.06
CA MET C 944 37.38 16.49 34.95
C MET C 944 37.27 15.70 36.24
N GLU C 945 37.32 14.37 36.14
CA GLU C 945 37.25 13.53 37.34
C GLU C 945 38.41 13.82 38.27
N GLU C 946 39.62 13.90 37.72
CA GLU C 946 40.79 14.15 38.55
C GLU C 946 40.75 15.54 39.17
N ARG C 947 40.28 16.54 38.40
CA ARG C 947 40.19 17.89 38.94
C ARG C 947 39.15 17.97 40.07
N LEU C 948 37.96 17.41 39.84
CA LEU C 948 36.86 17.60 40.77
C LEU C 948 37.03 16.75 42.03
N LYS C 949 37.41 15.48 41.87
CA LYS C 949 37.42 14.56 43.00
C LYS C 949 38.79 14.37 43.63
N LYS C 950 39.85 14.28 42.82
CA LYS C 950 41.17 14.06 43.37
C LYS C 950 41.84 15.34 43.86
N GLY C 951 41.20 16.50 43.66
CA GLY C 951 41.77 17.74 44.14
C GLY C 951 43.04 18.16 43.43
N LYS C 952 43.32 17.57 42.27
CA LYS C 952 44.51 17.92 41.52
C LYS C 952 44.41 19.35 40.98
N SER C 953 45.57 19.97 40.80
CA SER C 953 45.61 21.24 40.09
C SER C 953 45.27 21.03 38.62
N ILE C 954 44.86 22.10 37.97
CA ILE C 954 44.44 22.05 36.57
C ILE C 954 45.57 21.48 35.72
N PHE C 955 46.78 21.99 35.94
CA PHE C 955 47.94 21.47 35.22
C PHE C 955 48.17 20.00 35.53
N GLU C 956 48.18 19.65 36.81
CA GLU C 956 48.40 18.26 37.20
C GLU C 956 47.29 17.35 36.70
N ALA C 957 46.03 17.82 36.78
CA ALA C 957 44.93 17.01 36.28
C ALA C 957 45.04 16.77 34.79
N ALA C 958 45.40 17.81 34.03
CA ALA C 958 45.56 17.63 32.59
C ALA C 958 46.69 16.67 32.27
N ILE C 959 47.84 16.82 32.95
CA ILE C 959 48.97 15.93 32.70
C ILE C 959 48.59 14.48 33.00
N ASN C 960 47.96 14.25 34.16
CA ASN C 960 47.62 12.89 34.55
C ASN C 960 46.56 12.30 33.61
N ALA C 961 45.58 13.09 33.19
CA ALA C 961 44.58 12.59 32.26
C ALA C 961 45.21 12.20 30.94
N ALA C 962 46.09 13.05 30.41
CA ALA C 962 46.76 12.73 29.15
C ALA C 962 47.59 11.47 29.28
N LYS C 963 48.34 11.35 30.38
CA LYS C 963 49.18 10.18 30.58
C LYS C 963 48.35 8.91 30.72
N LEU C 964 47.24 8.98 31.45
CA LEU C 964 46.39 7.82 31.63
C LEU C 964 45.75 7.39 30.32
N ARG C 965 45.29 8.35 29.52
CA ARG C 965 44.60 8.04 28.27
C ARG C 965 45.56 7.76 27.12
N PHE C 966 46.86 7.98 27.29
CA PHE C 966 47.79 7.78 26.19
C PHE C 966 47.77 6.35 25.67
N ARG C 967 47.77 5.37 26.57
CA ARG C 967 47.89 3.97 26.14
C ARG C 967 46.72 3.49 25.29
N PRO C 968 45.46 3.64 25.70
CA PRO C 968 44.36 3.10 24.87
C PRO C 968 44.29 3.74 23.49
N ILE C 969 44.58 5.04 23.39
CA ILE C 969 44.53 5.70 22.09
C ILE C 969 45.59 5.12 21.16
N ILE C 970 46.81 4.94 21.67
CA ILE C 970 47.85 4.32 20.87
C ILE C 970 47.46 2.91 20.46
N MET C 971 46.87 2.16 21.38
CA MET C 971 46.47 0.78 21.08
C MET C 971 45.46 0.74 19.94
N THR C 972 44.39 1.51 20.05
CA THR C 972 43.35 1.48 19.02
C THR C 972 43.86 2.06 17.70
N SER C 973 44.67 3.12 17.76
CA SER C 973 45.22 3.70 16.54
C SER C 973 46.06 2.69 15.80
N LEU C 974 47.01 2.06 16.50
CA LEU C 974 47.83 1.04 15.86
C LEU C 974 46.96 -0.07 15.28
N ALA C 975 46.02 -0.59 16.08
CA ALA C 975 45.24 -1.75 15.64
C ALA C 975 44.47 -1.43 14.36
N PHE C 976 43.67 -0.36 14.36
CA PHE C 976 42.86 -0.11 13.18
C PHE C 976 43.66 0.46 12.01
N THR C 977 44.71 1.25 12.27
CA THR C 977 45.53 1.75 11.18
C THR C 977 46.22 0.61 10.44
N PHE C 978 46.78 -0.35 11.19
CA PHE C 978 47.37 -1.50 10.53
C PHE C 978 46.32 -2.45 9.96
N GLY C 979 45.10 -2.42 10.48
CA GLY C 979 44.03 -3.18 9.85
C GLY C 979 43.64 -2.63 8.50
N VAL C 980 43.61 -1.30 8.35
CA VAL C 980 43.22 -0.67 7.10
C VAL C 980 44.41 -0.37 6.20
N LEU C 981 45.64 -0.65 6.64
CA LEU C 981 46.78 -0.53 5.75
C LEU C 981 46.66 -1.33 4.47
N PRO C 982 46.16 -2.57 4.46
CA PRO C 982 45.98 -3.28 3.18
C PRO C 982 45.04 -2.56 2.22
N MET C 983 44.18 -1.67 2.72
CA MET C 983 43.28 -0.94 1.83
C MET C 983 44.06 -0.07 0.85
N ILE C 984 45.13 0.57 1.31
CA ILE C 984 45.89 1.48 0.44
C ILE C 984 46.63 0.70 -0.63
N PHE C 985 46.92 -0.58 -0.37
CA PHE C 985 47.59 -1.43 -1.33
C PHE C 985 46.65 -2.40 -2.04
N ALA C 986 45.34 -2.31 -1.79
CA ALA C 986 44.40 -3.25 -2.36
C ALA C 986 44.32 -3.08 -3.88
N THR C 987 44.31 -4.20 -4.59
CA THR C 987 44.18 -4.25 -6.04
C THR C 987 42.91 -5.02 -6.39
N GLY C 988 42.70 -5.29 -7.67
CA GLY C 988 41.52 -6.03 -8.06
C GLY C 988 40.25 -5.19 -8.01
N ALA C 989 39.15 -5.87 -7.69
CA ALA C 989 37.85 -5.21 -7.65
C ALA C 989 37.81 -4.17 -6.55
N GLY C 990 37.25 -3.01 -6.87
CA GLY C 990 37.10 -1.94 -5.90
C GLY C 990 38.37 -1.16 -5.61
N SER C 991 39.46 -1.43 -6.34
CA SER C 991 40.77 -0.93 -5.94
C SER C 991 40.78 0.58 -5.74
N ALA C 992 40.15 1.32 -6.67
CA ALA C 992 40.11 2.77 -6.52
C ALA C 992 39.37 3.18 -5.25
N SER C 993 38.25 2.52 -4.97
CA SER C 993 37.47 2.83 -3.77
C SER C 993 38.25 2.54 -2.50
N ARG C 994 38.89 1.37 -2.43
CA ARG C 994 39.64 1.02 -1.24
C ARG C 994 40.81 1.96 -1.03
N HIS C 995 41.50 2.34 -2.11
CA HIS C 995 42.58 3.30 -2.00
C HIS C 995 42.07 4.64 -1.47
N SER C 996 40.97 5.14 -2.06
CA SER C 996 40.45 6.44 -1.68
C SER C 996 40.02 6.47 -0.22
N LEU C 997 39.38 5.39 0.25
CA LEU C 997 38.95 5.35 1.64
C LEU C 997 40.12 5.19 2.59
N GLY C 998 41.04 4.27 2.26
CA GLY C 998 42.12 3.95 3.18
C GLY C 998 43.11 5.09 3.36
N THR C 999 43.41 5.82 2.27
CA THR C 999 44.35 6.93 2.41
C THR C 999 43.85 7.96 3.42
N GLY C 1000 42.61 8.41 3.25
CA GLY C 1000 42.05 9.36 4.19
C GLY C 1000 41.95 8.81 5.60
N LEU C 1001 41.51 7.56 5.72
CA LEU C 1001 41.37 6.96 7.05
C LEU C 1001 42.72 6.93 7.78
N ILE C 1002 43.76 6.44 7.10
CA ILE C 1002 45.08 6.33 7.72
C ILE C 1002 45.62 7.71 8.09
N GLY C 1003 45.53 8.66 7.17
CA GLY C 1003 46.06 9.99 7.46
C GLY C 1003 45.36 10.64 8.64
N GLY C 1004 44.03 10.64 8.65
CA GLY C 1004 43.31 11.24 9.74
C GLY C 1004 43.53 10.52 11.05
N MET C 1005 43.72 9.20 11.00
CA MET C 1005 43.94 8.45 12.23
C MET C 1005 45.31 8.75 12.83
N ILE C 1006 46.33 8.82 11.99
CA ILE C 1006 47.65 9.21 12.48
C ILE C 1006 47.59 10.62 13.08
N ALA C 1007 46.87 11.51 12.42
CA ALA C 1007 46.71 12.86 12.96
C ALA C 1007 46.02 12.83 14.32
N ALA C 1008 44.93 12.07 14.44
CA ALA C 1008 44.20 12.03 15.71
C ALA C 1008 45.04 11.42 16.81
N SER C 1009 45.82 10.39 16.50
CA SER C 1009 46.65 9.76 17.51
C SER C 1009 47.83 10.64 17.92
N THR C 1010 48.35 11.46 17.02
CA THR C 1010 49.55 12.23 17.37
C THR C 1010 49.23 13.66 17.78
N LEU C 1011 48.63 14.45 16.88
CA LEU C 1011 48.46 15.87 17.14
C LEU C 1011 47.39 16.14 18.18
N ALA C 1012 46.22 15.49 18.05
CA ALA C 1012 45.10 15.80 18.94
C ALA C 1012 45.38 15.34 20.36
N ILE C 1013 46.14 14.26 20.52
CA ILE C 1013 46.41 13.71 21.85
C ILE C 1013 47.14 14.75 22.70
N PHE C 1014 48.08 15.47 22.10
CA PHE C 1014 48.71 16.58 22.81
C PHE C 1014 47.72 17.70 23.08
N PHE C 1015 46.94 18.08 22.06
CA PHE C 1015 46.26 19.37 22.08
C PHE C 1015 45.04 19.37 22.99
N VAL C 1016 44.30 18.27 23.06
CA VAL C 1016 43.07 18.24 23.88
C VAL C 1016 43.34 18.63 25.32
N PRO C 1017 44.42 18.16 25.98
CA PRO C 1017 44.73 18.72 27.31
C PRO C 1017 44.90 20.22 27.32
N LEU C 1018 45.46 20.81 26.26
CA LEU C 1018 45.60 22.27 26.21
C LEU C 1018 44.24 22.95 26.23
N PHE C 1019 43.29 22.46 25.43
CA PHE C 1019 41.96 23.03 25.43
C PHE C 1019 41.29 22.86 26.79
N PHE C 1020 41.45 21.68 27.40
CA PHE C 1020 40.88 21.47 28.72
C PHE C 1020 41.45 22.45 29.74
N TYR C 1021 42.77 22.65 29.72
CA TYR C 1021 43.40 23.56 30.67
C TYR C 1021 42.94 24.99 30.46
N LEU C 1022 42.87 25.42 29.20
CA LEU C 1022 42.42 26.79 28.93
C LEU C 1022 40.97 26.99 29.36
N LEU C 1023 40.10 26.02 29.07
CA LEU C 1023 38.70 26.15 29.46
C LEU C 1023 38.55 26.12 30.97
N GLU C 1024 39.38 25.33 31.66
CA GLU C 1024 39.33 25.30 33.11
C GLU C 1024 39.80 26.61 33.72
N ASN C 1025 40.84 27.22 33.13
CA ASN C 1025 41.25 28.54 33.59
C ASN C 1025 40.14 29.56 33.38
N PHE C 1026 39.46 29.49 32.23
CA PHE C 1026 38.32 30.37 31.99
C PHE C 1026 37.24 30.15 33.04
N ASN C 1027 36.93 28.89 33.35
CA ASN C 1027 35.92 28.58 34.35
C ASN C 1027 36.32 29.11 35.72
N GLU C 1028 37.60 29.00 36.07
CA GLU C 1028 38.08 29.57 37.32
C GLU C 1028 37.92 31.09 37.33
N TRP C 1029 38.18 31.74 36.20
CA TRP C 1029 37.98 33.17 36.10
C TRP C 1029 36.50 33.51 36.33
N LEU C 1030 35.59 32.75 35.72
CA LEU C 1030 34.17 33.04 35.87
C LEU C 1030 33.72 32.88 37.32
N ASP C 1031 34.33 31.94 38.05
CA ASP C 1031 33.97 31.75 39.44
C ASP C 1031 34.41 32.92 40.31
N LYS C 1032 35.54 33.53 39.97
CA LYS C 1032 36.06 34.66 40.75
C LYS C 1032 35.17 35.89 40.60
#